data_3A2C
#
_entry.id   3A2C
#
_cell.length_a   139.157
_cell.length_b   180.956
_cell.length_c   216.096
_cell.angle_alpha   90.00
_cell.angle_beta   90.00
_cell.angle_gamma   90.00
#
_symmetry.space_group_name_H-M   'P 21 21 21'
#
loop_
_entity.id
_entity.type
_entity.pdbx_description
1 polymer 'MAP kinase-activated protein kinase 2'
2 non-polymer N~7~-(4-ethoxyphenyl)-6-methyl-N~5~-[(3S)-piperidin-3-yl]pyrazolo[1,5-a]pyrimidine-5,7-diamine
3 non-polymer 'SULFATE ION'
#
_entity_poly.entity_id   1
_entity_poly.type   'polypeptide(L)'
_entity_poly.pdbx_seq_one_letter_code
;QQFPQFHVKSGLQIKKNAIIDDYKVTSQVLGLGINGKVLQIFNKRTQEKFALKMLQDCPKARREVELHWRASQCPHIVRI
VDVYENLYAGRKCLLIVMECLDGGELFSRIQDRGDQAFTEREASEIMKSIGEAIQYLHSINIAHRDVKPENLLYTSKRPN
AILKLTDFGFAKETTSHNSLTTPCYTPYYVAPEVLGPEKYDKSCDMWSLGVIMYILLCGYPPFYSNHGLAISPGMKTRIR
MGQYEFPNPEWSEVSEEVKMLIRNLLKTEPTQRMTITEFMNHPWIMQSTKVPQTPLHTSRVLKEDKERWEDVKEEMTSAL
ATMR
;
_entity_poly.pdbx_strand_id   A,B,C,D,E,F,G,H,I,J,K,L
#
# COMPACT_ATOMS: atom_id res chain seq x y z
N HIS A 7 8.20 33.73 33.82
CA HIS A 7 7.54 34.96 33.31
C HIS A 7 7.68 35.14 31.80
N VAL A 8 6.68 35.78 31.19
CA VAL A 8 6.48 35.76 29.75
C VAL A 8 7.36 36.71 28.94
N LYS A 9 7.91 36.20 27.84
CA LYS A 9 8.76 37.01 26.97
C LYS A 9 8.10 37.17 25.61
N SER A 10 8.46 38.24 24.90
CA SER A 10 7.86 38.54 23.62
C SER A 10 8.33 37.56 22.54
N GLY A 11 7.42 37.16 21.66
CA GLY A 11 7.78 36.25 20.59
C GLY A 11 8.64 36.91 19.52
N LEU A 12 9.05 36.14 18.53
CA LEU A 12 10.03 36.60 17.55
C LEU A 12 9.41 37.35 16.38
N GLN A 13 9.69 38.65 16.30
CA GLN A 13 9.16 39.48 15.23
C GLN A 13 10.18 39.77 14.12
N ILE A 14 10.16 38.94 13.07
CA ILE A 14 11.02 39.13 11.92
C ILE A 14 10.71 40.41 11.13
N LYS A 15 11.72 41.27 10.99
CA LYS A 15 11.56 42.57 10.36
C LYS A 15 11.63 42.44 8.84
N LYS A 16 10.84 43.24 8.14
CA LYS A 16 10.67 43.11 6.70
C LYS A 16 11.33 44.25 5.91
N ASN A 17 11.59 45.36 6.58
CA ASN A 17 12.28 46.45 5.92
C ASN A 17 13.70 46.03 5.61
N ALA A 18 14.36 46.79 4.75
CA ALA A 18 15.69 46.41 4.30
C ALA A 18 16.67 46.67 5.43
N ILE A 19 17.56 45.71 5.63
CA ILE A 19 18.43 45.74 6.79
C ILE A 19 19.24 47.01 6.71
N ILE A 20 19.52 47.44 5.47
CA ILE A 20 20.33 48.63 5.29
C ILE A 20 19.60 49.91 5.72
N ASP A 21 18.29 49.84 5.91
CA ASP A 21 17.58 50.96 6.51
C ASP A 21 18.12 51.20 7.91
N ASP A 22 18.55 50.12 8.56
CA ASP A 22 18.84 50.13 9.99
C ASP A 22 20.33 50.02 10.29
N TYR A 23 21.08 49.34 9.43
CA TYR A 23 22.49 49.15 9.68
C TYR A 23 23.27 49.47 8.43
N LYS A 24 24.59 49.64 8.59
CA LYS A 24 25.48 49.75 7.45
C LYS A 24 25.98 48.37 7.07
N VAL A 25 25.12 47.63 6.39
CA VAL A 25 25.57 46.44 5.72
C VAL A 25 26.02 46.92 4.35
N THR A 26 27.02 46.27 3.78
CA THR A 26 27.57 46.73 2.52
C THR A 26 27.60 45.57 1.54
N SER A 27 27.73 45.89 0.25
CA SER A 27 27.75 44.87 -0.78
C SER A 27 28.86 43.86 -0.47
N GLN A 28 30.00 44.36 -0.01
CA GLN A 28 31.12 43.50 0.34
C GLN A 28 30.71 42.46 1.39
N VAL A 29 30.00 42.91 2.42
CA VAL A 29 29.63 42.02 3.51
C VAL A 29 28.46 41.11 3.16
N LEU A 30 27.49 41.64 2.42
CA LEU A 30 26.36 40.85 1.99
C LEU A 30 26.82 39.69 1.10
N GLY A 31 27.92 39.91 0.39
CA GLY A 31 28.47 38.85 -0.44
C GLY A 31 29.11 37.78 0.42
N LEU A 32 29.84 38.21 1.44
CA LEU A 32 30.57 37.26 2.29
C LEU A 32 29.59 36.55 3.22
N GLY A 33 28.65 37.30 3.76
CA GLY A 33 27.68 36.73 4.65
C GLY A 33 26.98 35.56 4.01
N ILE A 34 26.55 35.73 2.76
CA ILE A 34 25.80 34.69 2.07
C ILE A 34 26.62 33.42 1.97
N ASN A 35 27.94 33.57 2.05
CA ASN A 35 28.84 32.43 1.99
C ASN A 35 29.16 31.88 3.37
N GLY A 36 28.50 32.42 4.39
CA GLY A 36 28.61 31.85 5.72
C GLY A 36 29.56 32.52 6.69
N LYS A 37 30.16 33.64 6.28
CA LYS A 37 30.99 34.40 7.20
C LYS A 37 30.11 35.19 8.14
N VAL A 38 30.51 35.28 9.39
CA VAL A 38 29.85 36.19 10.31
C VAL A 38 30.60 37.51 10.29
N LEU A 39 29.91 38.57 9.94
CA LEU A 39 30.56 39.85 9.75
C LEU A 39 30.14 40.86 10.82
N GLN A 40 30.89 41.95 10.91
CA GLN A 40 30.62 42.99 11.89
C GLN A 40 29.95 44.16 11.19
N ILE A 41 28.94 44.74 11.84
CA ILE A 41 28.23 45.85 11.25
C ILE A 41 27.87 46.87 12.32
N PHE A 42 27.31 47.99 11.92
CA PHE A 42 27.05 49.04 12.88
C PHE A 42 25.66 49.61 12.69
N ASN A 43 24.99 49.87 13.80
CA ASN A 43 23.67 50.50 13.82
C ASN A 43 23.80 51.97 13.39
N LYS A 44 23.01 52.40 12.43
CA LYS A 44 23.12 53.78 11.93
C LYS A 44 22.70 54.81 12.98
N ARG A 45 21.61 54.54 13.68
CA ARG A 45 21.13 55.44 14.71
C ARG A 45 22.21 55.68 15.77
N THR A 46 22.92 54.61 16.12
CA THR A 46 23.70 54.57 17.35
C THR A 46 25.18 54.39 17.10
N GLN A 47 25.52 54.00 15.88
CA GLN A 47 26.90 53.69 15.50
C GLN A 47 27.54 52.61 16.39
N GLU A 48 26.72 51.96 17.20
CA GLU A 48 27.17 50.84 18.01
C GLU A 48 27.32 49.61 17.11
N LYS A 49 28.14 48.64 17.53
CA LYS A 49 28.50 47.55 16.64
C LYS A 49 27.85 46.20 16.98
N PHE A 50 27.65 45.39 15.94
CA PHE A 50 26.92 44.11 16.02
C PHE A 50 27.46 43.13 15.02
N ALA A 51 27.03 41.88 15.13
CA ALA A 51 27.43 40.82 14.21
C ALA A 51 26.24 40.37 13.36
N LEU A 52 26.51 40.06 12.09
CA LEU A 52 25.48 39.61 11.17
C LEU A 52 25.84 38.23 10.64
N LYS A 53 24.86 37.33 10.64
CA LYS A 53 24.98 36.10 9.88
C LYS A 53 23.77 35.92 8.95
N MET A 54 24.02 35.46 7.73
CA MET A 54 22.98 35.38 6.70
C MET A 54 22.63 33.93 6.36
N LEU A 55 21.35 33.64 6.28
CA LEU A 55 20.92 32.34 5.81
C LEU A 55 19.94 32.53 4.65
N GLN A 56 19.96 31.60 3.71
CA GLN A 56 18.92 31.55 2.69
C GLN A 56 17.67 31.05 3.36
N ASP A 57 16.58 31.80 3.22
CA ASP A 57 15.36 31.50 3.96
C ASP A 57 14.81 30.18 3.50
N CYS A 58 14.63 29.26 4.45
CA CYS A 58 14.20 27.91 4.14
C CYS A 58 13.90 27.21 5.46
N PRO A 59 13.28 26.02 5.40
CA PRO A 59 12.66 25.54 6.63
C PRO A 59 13.69 25.39 7.75
N LYS A 60 14.86 24.91 7.40
CA LYS A 60 15.92 24.67 8.36
C LYS A 60 16.40 25.99 8.97
N ALA A 61 16.66 26.97 8.10
CA ALA A 61 17.01 28.29 8.57
C ALA A 61 15.94 28.83 9.52
N ARG A 62 14.67 28.63 9.17
CA ARG A 62 13.56 29.08 10.01
C ARG A 62 13.58 28.43 11.38
N ARG A 63 14.07 27.19 11.43
CA ARG A 63 14.09 26.45 12.67
C ARG A 63 15.19 27.01 13.56
N GLU A 64 16.32 27.30 12.93
CA GLU A 64 17.49 27.80 13.63
C GLU A 64 17.11 29.11 14.29
N VAL A 65 16.41 29.94 13.55
CA VAL A 65 16.06 31.25 14.06
C VAL A 65 15.10 31.18 15.24
N GLU A 66 14.14 30.28 15.20
CA GLU A 66 13.20 30.14 16.30
C GLU A 66 13.86 29.56 17.55
N LEU A 67 14.51 28.42 17.42
CA LEU A 67 15.15 27.83 18.59
C LEU A 67 16.13 28.82 19.22
N HIS A 68 16.88 29.53 18.38
CA HIS A 68 17.88 30.45 18.88
C HIS A 68 17.24 31.64 19.61
N TRP A 69 16.24 32.25 18.97
CA TRP A 69 15.52 33.34 19.59
C TRP A 69 15.07 32.95 21.00
N ARG A 70 14.62 31.70 21.14
CA ARG A 70 14.13 31.21 22.41
C ARG A 70 15.27 30.99 23.40
N ALA A 71 16.40 30.51 22.89
CA ALA A 71 17.54 30.24 23.73
C ALA A 71 18.15 31.54 24.22
N SER A 72 17.76 32.64 23.57
CA SER A 72 18.42 33.90 23.80
C SER A 72 18.11 34.54 25.14
N GLN A 73 17.06 34.08 25.80
CA GLN A 73 16.80 34.49 27.19
C GLN A 73 18.05 34.28 28.06
N CYS A 74 18.60 33.07 28.04
CA CYS A 74 19.80 32.77 28.81
C CYS A 74 20.94 33.66 28.33
N PRO A 75 21.70 34.26 29.25
CA PRO A 75 22.78 35.12 28.77
C PRO A 75 24.07 34.38 28.39
N HIS A 76 24.13 33.08 28.62
CA HIS A 76 25.29 32.30 28.18
C HIS A 76 25.19 31.93 26.71
N ILE A 77 24.09 32.35 26.09
CA ILE A 77 23.80 32.08 24.70
C ILE A 77 23.80 33.44 24.04
N VAL A 78 24.35 33.54 22.83
CA VAL A 78 24.57 34.85 22.20
C VAL A 78 23.24 35.50 21.86
N ARG A 79 23.13 36.81 22.03
CA ARG A 79 21.83 37.42 21.87
C ARG A 79 21.54 37.77 20.43
N ILE A 80 20.40 37.29 19.95
CA ILE A 80 19.83 37.80 18.70
C ILE A 80 19.25 39.15 19.04
N VAL A 81 19.62 40.17 18.27
CA VAL A 81 19.13 41.52 18.50
C VAL A 81 17.92 41.81 17.64
N ASP A 82 18.02 41.54 16.34
CA ASP A 82 16.84 41.22 15.56
C ASP A 82 17.09 40.46 14.27
N VAL A 83 16.00 40.00 13.67
CA VAL A 83 16.04 39.12 12.51
C VAL A 83 15.29 39.76 11.32
N TYR A 84 15.94 39.82 10.15
CA TYR A 84 15.26 40.37 8.97
C TYR A 84 14.99 39.27 7.99
N GLU A 85 13.85 39.36 7.31
CA GLU A 85 13.64 38.64 6.06
C GLU A 85 13.77 39.65 4.93
N ASN A 86 14.79 39.46 4.10
CA ASN A 86 15.07 40.42 3.03
C ASN A 86 15.32 39.68 1.72
N LEU A 87 15.05 40.37 0.62
CA LEU A 87 15.35 39.84 -0.71
C LEU A 87 16.82 40.13 -0.98
N TYR A 88 17.60 39.09 -1.20
CA TYR A 88 18.98 39.26 -1.68
C TYR A 88 19.25 38.34 -2.86
N ALA A 89 19.69 38.93 -3.97
CA ALA A 89 20.00 38.16 -5.16
C ALA A 89 18.75 37.43 -5.66
N GLY A 90 17.60 38.11 -5.61
CA GLY A 90 16.38 37.51 -6.06
C GLY A 90 15.82 36.44 -5.13
N ARG A 91 16.70 35.76 -4.39
CA ARG A 91 16.28 34.81 -3.37
C ARG A 91 15.83 35.50 -2.09
N LYS A 92 15.12 34.75 -1.27
CA LYS A 92 14.58 35.23 0.00
C LYS A 92 15.45 34.73 1.16
N CYS A 93 16.11 35.63 1.85
CA CYS A 93 17.03 35.19 2.89
C CYS A 93 16.83 35.82 4.26
N LEU A 94 17.30 35.12 5.29
CA LEU A 94 17.14 35.52 6.67
C LEU A 94 18.43 36.13 7.19
N LEU A 95 18.35 37.39 7.62
CA LEU A 95 19.52 38.08 8.16
C LEU A 95 19.41 38.21 9.68
N ILE A 96 20.29 37.50 10.38
CA ILE A 96 20.26 37.49 11.84
C ILE A 96 21.28 38.45 12.43
N VAL A 97 20.81 39.46 13.16
CA VAL A 97 21.70 40.39 13.85
C VAL A 97 21.86 39.99 15.32
N MET A 98 23.10 39.70 15.73
CA MET A 98 23.39 39.39 17.14
C MET A 98 24.34 40.38 17.81
N GLU A 99 24.31 40.41 19.14
CA GLU A 99 25.37 41.04 19.91
C GLU A 99 26.69 40.53 19.36
N CYS A 100 27.70 41.41 19.27
CA CYS A 100 28.97 41.03 18.69
C CYS A 100 29.90 40.46 19.75
N LEU A 101 30.42 39.26 19.54
CA LEU A 101 31.25 38.61 20.54
C LEU A 101 32.73 38.78 20.17
N ASP A 102 33.35 39.81 20.72
CA ASP A 102 34.67 40.24 20.31
C ASP A 102 35.80 39.64 21.13
N GLY A 103 35.46 38.80 22.08
CA GLY A 103 36.47 38.31 23.00
C GLY A 103 37.30 37.18 22.46
N GLY A 104 36.91 36.60 21.33
CA GLY A 104 37.66 35.48 20.81
C GLY A 104 37.09 34.12 21.19
N GLU A 105 37.52 33.09 20.48
CA GLU A 105 37.16 31.71 20.80
C GLU A 105 37.68 31.23 22.17
N LEU A 106 36.90 30.38 22.84
CA LEU A 106 37.28 29.88 24.15
C LEU A 106 38.74 29.46 24.25
N PHE A 107 39.22 28.63 23.32
CA PHE A 107 40.57 28.07 23.46
C PHE A 107 41.65 28.98 22.92
N SER A 108 41.31 29.98 22.12
CA SER A 108 42.32 30.95 21.72
C SER A 108 42.71 31.85 22.88
N ARG A 109 41.78 32.14 23.78
CA ARG A 109 42.13 32.91 24.96
C ARG A 109 43.09 32.14 25.85
N ILE A 110 42.73 30.92 26.20
CA ILE A 110 43.55 30.15 27.12
C ILE A 110 44.92 29.97 26.51
N GLN A 111 44.96 29.94 25.18
CA GLN A 111 46.18 29.66 24.45
C GLN A 111 47.13 30.86 24.49
N ASP A 112 46.56 32.05 24.39
CA ASP A 112 47.36 33.27 24.41
C ASP A 112 47.46 33.75 25.85
N ARG A 113 47.87 32.83 26.71
CA ARG A 113 47.93 33.06 28.14
C ARG A 113 49.38 33.16 28.58
N GLY A 114 50.13 32.08 28.37
CA GLY A 114 51.34 31.84 29.15
C GLY A 114 52.05 33.12 29.54
N ASP A 115 52.81 33.08 30.62
CA ASP A 115 53.09 31.84 31.32
C ASP A 115 52.51 31.89 32.72
N GLN A 116 51.33 32.49 32.82
CA GLN A 116 50.54 32.42 34.03
C GLN A 116 49.92 31.04 34.09
N ALA A 117 49.66 30.55 35.30
CA ALA A 117 49.00 29.26 35.46
C ALA A 117 47.61 29.31 34.87
N PHE A 118 47.11 28.14 34.50
CA PHE A 118 45.72 27.94 34.12
C PHE A 118 45.33 26.71 34.93
N THR A 119 44.47 26.88 35.93
CA THR A 119 44.31 25.83 36.94
C THR A 119 43.04 25.04 36.75
N GLU A 120 43.00 23.84 37.33
CA GLU A 120 41.82 23.01 37.35
C GLU A 120 40.58 23.79 37.81
N ARG A 121 40.77 24.66 38.79
CA ARG A 121 39.64 25.40 39.32
C ARG A 121 39.08 26.38 38.29
N GLU A 122 39.93 26.96 37.47
CA GLU A 122 39.42 27.80 36.40
C GLU A 122 38.71 26.94 35.35
N ALA A 123 39.21 25.73 35.13
CA ALA A 123 38.61 24.79 34.18
C ALA A 123 37.20 24.44 34.64
N SER A 124 37.05 24.23 35.93
CA SER A 124 35.75 23.96 36.51
C SER A 124 34.81 25.15 36.29
N GLU A 125 35.29 26.36 36.51
CA GLU A 125 34.43 27.53 36.42
C GLU A 125 33.95 27.70 35.00
N ILE A 126 34.84 27.51 34.04
CA ILE A 126 34.52 27.58 32.62
C ILE A 126 33.48 26.52 32.27
N MET A 127 33.74 25.28 32.66
CA MET A 127 32.83 24.18 32.39
C MET A 127 31.44 24.38 32.97
N LYS A 128 31.34 25.08 34.09
CA LYS A 128 30.03 25.33 34.66
C LYS A 128 29.32 26.39 33.85
N SER A 129 30.10 27.17 33.14
CA SER A 129 29.56 28.30 32.39
C SER A 129 28.84 27.79 31.15
N ILE A 130 29.51 26.90 30.42
CA ILE A 130 28.88 26.22 29.30
C ILE A 130 27.67 25.41 29.76
N GLY A 131 27.84 24.65 30.83
CA GLY A 131 26.75 23.83 31.34
C GLY A 131 25.53 24.66 31.73
N GLU A 132 25.75 25.93 31.99
CA GLU A 132 24.66 26.83 32.29
C GLU A 132 23.88 27.06 30.99
N ALA A 133 24.60 27.18 29.89
CA ALA A 133 23.95 27.31 28.59
C ALA A 133 23.15 26.04 28.29
N ILE A 134 23.80 24.88 28.42
CA ILE A 134 23.11 23.64 28.08
C ILE A 134 21.93 23.40 29.03
N GLN A 135 22.16 23.59 30.32
CA GLN A 135 21.07 23.38 31.25
C GLN A 135 19.84 24.20 30.85
N TYR A 136 20.06 25.41 30.34
CA TYR A 136 18.89 26.22 30.00
C TYR A 136 18.21 25.67 28.77
N LEU A 137 19.01 25.20 27.81
CA LEU A 137 18.45 24.68 26.58
C LEU A 137 17.63 23.46 26.88
N HIS A 138 18.28 22.42 27.40
CA HIS A 138 17.58 21.18 27.67
C HIS A 138 16.30 21.40 28.49
N SER A 139 16.27 22.41 29.35
CA SER A 139 15.09 22.64 30.17
C SER A 139 13.93 23.24 29.36
N ILE A 140 14.21 23.73 28.17
CA ILE A 140 13.13 24.12 27.28
C ILE A 140 13.14 23.23 26.05
N ASN A 141 13.80 22.08 26.18
CA ASN A 141 13.71 21.03 25.18
C ASN A 141 14.35 21.35 23.85
N ILE A 142 15.46 22.06 23.89
CA ILE A 142 16.27 22.19 22.71
C ILE A 142 17.56 21.44 23.00
N ALA A 143 18.02 20.67 22.03
CA ALA A 143 19.38 20.14 22.09
C ALA A 143 20.19 20.93 21.09
N HIS A 144 21.35 21.42 21.52
CA HIS A 144 22.14 22.24 20.63
C HIS A 144 22.75 21.39 19.53
N ARG A 145 23.40 20.29 19.94
CA ARG A 145 23.94 19.31 18.99
C ARG A 145 25.18 19.73 18.23
N ASP A 146 25.72 20.92 18.53
CA ASP A 146 26.96 21.35 17.90
C ASP A 146 27.82 22.14 18.89
N VAL A 147 27.86 21.66 20.13
CA VAL A 147 28.66 22.28 21.16
C VAL A 147 30.10 21.85 20.99
N LYS A 148 30.85 22.68 20.27
CA LYS A 148 32.28 22.50 20.10
C LYS A 148 32.95 23.84 20.35
N PRO A 149 34.30 23.87 20.38
CA PRO A 149 35.08 25.06 20.74
C PRO A 149 34.78 26.27 19.86
N GLU A 150 34.70 26.00 18.57
CA GLU A 150 34.49 27.04 17.58
C GLU A 150 33.19 27.79 17.87
N ASN A 151 32.28 27.16 18.61
CA ASN A 151 31.02 27.81 18.95
C ASN A 151 30.92 28.34 20.38
N LEU A 152 32.06 28.47 21.06
CA LEU A 152 32.11 29.15 22.35
C LEU A 152 33.02 30.38 22.29
N LEU A 153 32.42 31.57 22.34
CA LEU A 153 33.16 32.84 22.21
C LEU A 153 32.89 33.79 23.36
N TYR A 154 33.88 34.63 23.64
CA TYR A 154 33.84 35.58 24.75
C TYR A 154 33.25 36.91 24.27
N THR A 155 32.46 37.54 25.12
CA THR A 155 31.89 38.81 24.75
C THR A 155 32.98 39.80 24.36
N SER A 156 34.06 39.84 25.13
CA SER A 156 35.14 40.80 24.92
C SER A 156 36.37 40.30 25.62
N LYS A 157 37.45 41.07 25.56
CA LYS A 157 38.70 40.63 26.16
C LYS A 157 38.89 41.20 27.55
N ARG A 158 37.90 41.94 28.02
CA ARG A 158 37.95 42.50 29.37
C ARG A 158 37.92 41.39 30.43
N PRO A 159 38.24 41.73 31.68
CA PRO A 159 38.39 40.70 32.71
C PRO A 159 37.05 40.07 33.06
N ASN A 160 35.97 40.78 32.76
CA ASN A 160 34.65 40.30 33.13
C ASN A 160 33.88 39.76 31.92
N ALA A 161 34.58 39.38 30.85
CA ALA A 161 33.90 38.95 29.64
C ALA A 161 33.13 37.67 29.95
N ILE A 162 31.89 37.56 29.48
CA ILE A 162 31.22 36.29 29.69
C ILE A 162 31.29 35.44 28.43
N LEU A 163 31.24 34.13 28.60
CA LEU A 163 31.46 33.18 27.52
C LEU A 163 30.12 32.65 27.08
N LYS A 164 29.92 32.58 25.76
CA LYS A 164 28.60 32.28 25.23
C LYS A 164 28.58 31.21 24.14
N LEU A 165 27.45 30.47 24.06
CA LEU A 165 27.27 29.43 23.06
C LEU A 165 26.67 30.04 21.83
N THR A 166 27.28 29.78 20.68
CA THR A 166 26.78 30.32 19.42
C THR A 166 26.31 29.19 18.50
N ASP A 167 25.79 29.57 17.35
CA ASP A 167 25.53 28.66 16.23
C ASP A 167 24.50 27.57 16.44
N PHE A 168 23.24 27.95 16.27
CA PHE A 168 22.13 27.04 16.51
C PHE A 168 21.59 26.37 15.25
N GLY A 169 22.45 26.16 14.27
CA GLY A 169 21.99 25.57 13.04
C GLY A 169 21.87 24.06 12.99
N PHE A 170 22.14 23.36 14.10
CA PHE A 170 21.89 21.92 14.19
C PHE A 170 20.93 21.63 15.33
N ALA A 171 20.37 22.68 15.94
CA ALA A 171 19.59 22.54 17.16
C ALA A 171 18.25 21.88 16.86
N LYS A 172 17.89 20.87 17.65
CA LYS A 172 16.57 20.23 17.51
C LYS A 172 15.72 20.41 18.76
N GLU A 173 14.43 20.66 18.55
CA GLU A 173 13.45 20.51 19.63
C GLU A 173 13.39 19.04 20.01
N THR A 174 13.62 18.77 21.29
CA THR A 174 13.73 17.40 21.76
C THR A 174 12.38 16.73 21.86
N THR A 175 11.34 17.52 22.13
CA THR A 175 10.01 16.95 22.33
C THR A 175 9.18 16.96 21.03
N SER A 176 8.17 16.08 20.97
CA SER A 176 7.22 16.10 19.86
C SER A 176 6.13 17.13 20.15
N VAL A 190 4.22 10.63 37.82
CA VAL A 190 4.29 10.11 36.46
C VAL A 190 5.67 10.35 35.86
N ALA A 191 6.29 9.29 35.37
CA ALA A 191 7.65 9.36 34.87
C ALA A 191 7.78 10.36 33.74
N PRO A 192 8.97 10.96 33.59
CA PRO A 192 9.26 11.93 32.53
C PRO A 192 9.24 11.28 31.16
N GLU A 193 9.52 9.98 31.12
CA GLU A 193 9.56 9.22 29.88
C GLU A 193 8.20 9.22 29.22
N VAL A 194 7.21 9.76 29.93
CA VAL A 194 5.84 9.84 29.43
C VAL A 194 5.49 11.30 29.24
N LEU A 195 6.49 12.15 29.42
CA LEU A 195 6.31 13.60 29.34
C LEU A 195 7.37 14.25 28.44
N TYR A 200 19.35 9.77 21.38
CA TYR A 200 18.80 11.00 21.94
C TYR A 200 19.80 12.16 21.88
N ASP A 201 19.27 13.37 21.72
CA ASP A 201 20.05 14.52 21.27
C ASP A 201 20.68 15.28 22.41
N LYS A 202 19.96 15.33 23.54
CA LYS A 202 20.48 15.96 24.76
C LYS A 202 21.76 15.30 25.20
N SER A 203 21.81 13.98 25.07
CA SER A 203 22.97 13.27 25.56
C SER A 203 24.13 13.48 24.61
N CYS A 204 23.84 14.01 23.44
CA CYS A 204 24.90 14.37 22.51
C CYS A 204 25.59 15.61 23.06
N ASP A 205 24.79 16.53 23.60
CA ASP A 205 25.33 17.72 24.22
C ASP A 205 26.24 17.37 25.38
N MET A 206 26.02 16.21 25.99
CA MET A 206 26.71 15.85 27.21
C MET A 206 28.03 15.18 26.88
N TRP A 207 28.08 14.56 25.72
CA TRP A 207 29.30 13.97 25.23
C TRP A 207 30.23 15.11 24.84
N SER A 208 29.67 16.12 24.19
CA SER A 208 30.43 17.33 23.86
C SER A 208 31.06 17.98 25.11
N LEU A 209 30.26 18.15 26.15
CA LEU A 209 30.75 18.74 27.38
C LEU A 209 31.92 17.88 27.91
N GLY A 210 31.79 16.58 27.77
CA GLY A 210 32.86 15.73 28.22
C GLY A 210 34.12 15.93 27.40
N VAL A 211 33.96 16.19 26.11
CA VAL A 211 35.10 16.28 25.22
C VAL A 211 35.80 17.61 25.44
N ILE A 212 34.99 18.68 25.48
CA ILE A 212 35.50 20.01 25.78
C ILE A 212 36.21 20.00 27.12
N MET A 213 35.59 19.41 28.12
CA MET A 213 36.17 19.34 29.45
C MET A 213 37.53 18.67 29.40
N TYR A 214 37.60 17.55 28.68
CA TYR A 214 38.85 16.82 28.50
C TYR A 214 39.98 17.72 27.98
N ILE A 215 39.73 18.41 26.88
CA ILE A 215 40.70 19.35 26.31
C ILE A 215 41.10 20.43 27.32
N LEU A 216 40.13 21.15 27.85
CA LEU A 216 40.40 22.14 28.89
C LEU A 216 41.43 21.70 29.92
N LEU A 217 41.50 20.41 30.20
CA LEU A 217 42.36 19.94 31.28
C LEU A 217 43.76 19.56 30.84
N CYS A 218 43.98 19.38 29.54
CA CYS A 218 45.31 18.93 29.12
C CYS A 218 45.84 19.55 27.83
N GLY A 219 44.95 20.12 27.02
CA GLY A 219 45.39 20.77 25.81
C GLY A 219 45.07 20.01 24.54
N TYR A 220 44.88 18.69 24.63
CA TYR A 220 44.50 17.92 23.45
C TYR A 220 43.18 17.17 23.67
N PRO A 221 42.50 16.79 22.57
CA PRO A 221 41.22 16.05 22.59
C PRO A 221 41.36 14.58 22.99
N PRO A 222 40.28 13.97 23.51
CA PRO A 222 40.32 12.60 24.02
C PRO A 222 40.46 11.57 22.90
N PHE A 223 39.94 11.88 21.72
CA PHE A 223 40.09 10.98 20.58
C PHE A 223 40.72 11.74 19.42
N TYR A 224 41.95 11.36 19.07
CA TYR A 224 42.70 12.06 18.05
C TYR A 224 43.29 11.06 17.08
N SER A 232 39.43 9.19 9.29
CA SER A 232 40.41 8.33 9.93
C SER A 232 39.73 7.15 10.60
N PRO A 233 40.06 5.92 10.16
CA PRO A 233 39.40 4.68 10.59
C PRO A 233 39.75 4.32 12.03
N GLY A 234 41.03 4.48 12.38
CA GLY A 234 41.45 4.18 13.72
C GLY A 234 40.76 5.10 14.72
N MET A 235 40.70 6.38 14.39
CA MET A 235 40.10 7.35 15.29
C MET A 235 38.62 7.02 15.45
N LYS A 236 37.97 6.75 14.33
CA LYS A 236 36.58 6.36 14.33
C LYS A 236 36.37 5.12 15.20
N THR A 237 37.35 4.22 15.20
CA THR A 237 37.23 2.97 15.94
C THR A 237 37.29 3.25 17.43
N ARG A 238 38.27 4.04 17.83
CA ARG A 238 38.49 4.38 19.22
C ARG A 238 37.28 5.08 19.81
N ILE A 239 36.63 5.93 19.04
CA ILE A 239 35.44 6.60 19.55
C ILE A 239 34.35 5.58 19.81
N ARG A 240 34.00 4.81 18.78
CA ARG A 240 33.06 3.71 18.91
C ARG A 240 33.40 2.82 20.09
N MET A 241 34.66 2.40 20.18
CA MET A 241 35.11 1.58 21.29
C MET A 241 35.24 2.38 22.57
N GLY A 242 35.37 3.70 22.43
CA GLY A 242 35.64 4.52 23.58
C GLY A 242 36.98 4.20 24.23
N GLN A 243 38.01 4.03 23.42
CA GLN A 243 39.34 3.87 23.98
C GLN A 243 40.06 5.20 23.97
N TYR A 244 40.51 5.61 25.15
CA TYR A 244 41.25 6.85 25.32
C TYR A 244 41.88 6.77 26.70
N GLU A 245 43.02 7.42 26.90
CA GLU A 245 43.68 7.37 28.20
C GLU A 245 43.68 8.75 28.87
N PHE A 246 44.09 8.79 30.14
CA PHE A 246 44.48 10.03 30.80
C PHE A 246 46.01 10.06 30.95
N PRO A 247 46.73 10.25 29.85
CA PRO A 247 48.19 10.13 29.78
C PRO A 247 48.93 10.94 30.82
N ASN A 248 50.21 10.66 30.98
CA ASN A 248 51.11 11.59 31.64
C ASN A 248 52.05 12.10 30.54
N PRO A 249 52.73 13.22 30.79
CA PRO A 249 52.80 13.91 32.07
C PRO A 249 51.54 14.68 32.46
N GLU A 250 50.72 15.05 31.49
CA GLU A 250 49.73 16.09 31.72
C GLU A 250 48.54 15.78 32.65
N TRP A 251 48.09 14.52 32.73
CA TRP A 251 46.93 14.23 33.58
C TRP A 251 47.29 13.86 35.01
N SER A 252 48.58 13.80 35.30
CA SER A 252 49.06 13.13 36.50
C SER A 252 48.62 13.78 37.80
N GLU A 253 48.65 15.11 37.85
CA GLU A 253 48.26 15.82 39.07
C GLU A 253 46.83 16.37 38.95
N VAL A 254 46.09 15.90 37.94
CA VAL A 254 44.67 16.23 37.78
C VAL A 254 43.85 15.25 38.58
N SER A 255 42.89 15.76 39.35
CA SER A 255 42.20 14.98 40.36
C SER A 255 41.49 13.80 39.78
N GLU A 256 41.29 12.75 40.58
CA GLU A 256 40.68 11.53 40.12
C GLU A 256 39.21 11.72 39.84
N GLU A 257 38.60 12.67 40.55
CA GLU A 257 37.16 12.83 40.52
C GLU A 257 36.67 13.54 39.27
N VAL A 258 37.55 14.22 38.55
CA VAL A 258 37.18 14.76 37.25
C VAL A 258 37.33 13.69 36.19
N LYS A 259 38.33 12.84 36.34
CA LYS A 259 38.55 11.74 35.42
C LYS A 259 37.33 10.83 35.41
N MET A 260 36.70 10.69 36.58
CA MET A 260 35.44 9.98 36.66
C MET A 260 34.33 10.77 35.97
N LEU A 261 34.21 12.05 36.28
CA LEU A 261 33.21 12.89 35.63
C LEU A 261 33.33 12.74 34.12
N ILE A 262 34.55 12.82 33.62
CA ILE A 262 34.78 12.69 32.21
C ILE A 262 34.45 11.27 31.73
N ARG A 263 34.80 10.27 32.54
CA ARG A 263 34.55 8.89 32.16
C ARG A 263 33.06 8.60 32.05
N ASN A 264 32.25 9.35 32.80
CA ASN A 264 30.83 9.21 32.66
C ASN A 264 30.40 9.89 31.37
N LEU A 265 30.74 11.15 31.22
CA LEU A 265 30.31 11.90 30.06
C LEU A 265 30.71 11.17 28.76
N LEU A 266 31.90 10.59 28.75
CA LEU A 266 32.39 9.99 27.52
C LEU A 266 31.81 8.61 27.26
N LYS A 267 30.84 8.22 28.09
CA LYS A 267 30.16 6.96 27.88
C LYS A 267 29.71 6.77 26.43
N THR A 268 30.22 5.71 25.82
CA THR A 268 29.74 5.20 24.54
C THR A 268 28.24 5.10 24.45
N GLU A 269 27.64 4.47 25.45
CA GLU A 269 26.21 4.26 25.48
C GLU A 269 25.52 5.54 25.95
N PRO A 270 24.72 6.16 25.08
CA PRO A 270 24.06 7.41 25.44
C PRO A 270 23.31 7.35 26.78
N THR A 271 22.40 6.40 26.92
CA THR A 271 21.61 6.33 28.14
C THR A 271 22.47 6.18 29.40
N GLN A 272 23.73 5.84 29.23
CA GLN A 272 24.63 5.68 30.36
C GLN A 272 25.18 7.03 30.78
N ARG A 273 25.28 7.96 29.86
CA ARG A 273 25.79 9.27 30.18
C ARG A 273 24.92 9.99 31.19
N MET A 274 25.52 10.97 31.85
CA MET A 274 24.88 11.69 32.94
C MET A 274 24.03 12.80 32.33
N THR A 275 23.02 13.28 33.04
CA THR A 275 22.23 14.41 32.53
C THR A 275 22.76 15.77 32.99
N ILE A 276 22.34 16.84 32.33
CA ILE A 276 22.89 18.18 32.61
C ILE A 276 22.53 18.61 34.03
N THR A 277 21.43 18.13 34.56
CA THR A 277 21.11 18.43 35.94
C THR A 277 22.06 17.73 36.88
N GLU A 278 22.38 16.48 36.58
CA GLU A 278 23.35 15.75 37.38
C GLU A 278 24.76 16.36 37.22
N PHE A 279 25.02 17.01 36.09
CA PHE A 279 26.32 17.56 35.79
C PHE A 279 26.50 18.87 36.56
N MET A 280 25.48 19.73 36.49
CA MET A 280 25.47 20.99 37.23
C MET A 280 25.52 20.74 38.73
N ASN A 281 25.12 19.55 39.16
CA ASN A 281 25.11 19.24 40.58
C ASN A 281 26.30 18.41 41.00
N HIS A 282 27.18 18.11 40.05
CA HIS A 282 28.33 17.31 40.41
C HIS A 282 29.24 18.19 41.22
N PRO A 283 29.84 17.66 42.29
CA PRO A 283 30.53 18.62 43.15
C PRO A 283 31.72 19.32 42.49
N TRP A 284 32.30 18.75 41.43
CA TRP A 284 33.41 19.40 40.78
C TRP A 284 32.90 20.70 40.17
N ILE A 285 31.72 20.62 39.55
CA ILE A 285 31.16 21.78 38.92
C ILE A 285 30.57 22.72 39.96
N MET A 286 29.82 22.15 40.88
CA MET A 286 29.02 22.93 41.80
C MET A 286 29.89 23.68 42.80
N GLN A 287 30.71 22.91 43.51
CA GLN A 287 31.60 23.44 44.51
C GLN A 287 32.99 23.67 43.93
N SER A 288 33.17 24.74 43.18
CA SER A 288 34.44 24.98 42.52
C SER A 288 35.51 25.42 43.51
N THR A 289 35.13 26.27 44.46
CA THR A 289 36.08 26.80 45.42
C THR A 289 36.75 25.74 46.28
N LYS A 290 36.41 24.47 46.06
CA LYS A 290 37.17 23.40 46.69
C LYS A 290 37.67 22.38 45.69
N VAL A 291 37.83 22.82 44.45
CA VAL A 291 38.70 22.11 43.53
C VAL A 291 40.03 22.86 43.43
N PRO A 292 41.13 22.12 43.51
CA PRO A 292 42.47 22.69 43.67
C PRO A 292 42.85 23.62 42.55
N GLN A 293 43.72 24.57 42.86
CA GLN A 293 44.29 25.46 41.85
C GLN A 293 45.48 24.79 41.19
N THR A 294 45.36 23.50 40.95
CA THR A 294 46.51 22.77 40.42
C THR A 294 46.74 23.16 38.98
N PRO A 295 47.98 23.50 38.65
CA PRO A 295 48.36 23.97 37.32
C PRO A 295 48.25 22.90 36.26
N LEU A 296 47.64 23.29 35.13
CA LEU A 296 47.39 22.41 34.00
C LEU A 296 48.34 22.73 32.85
N HIS A 297 48.63 21.74 32.01
CA HIS A 297 49.51 21.94 30.85
C HIS A 297 48.76 22.56 29.67
N THR A 298 47.46 22.79 29.86
CA THR A 298 46.56 23.09 28.77
C THR A 298 47.08 24.17 27.85
N SER A 299 47.34 25.36 28.40
CA SER A 299 47.79 26.49 27.58
C SER A 299 49.13 26.22 26.91
N ARG A 300 50.04 25.64 27.68
CA ARG A 300 51.34 25.28 27.11
C ARG A 300 51.11 24.35 25.92
N VAL A 301 50.30 23.34 26.12
CA VAL A 301 50.06 22.37 25.06
C VAL A 301 49.37 23.01 23.86
N LEU A 302 48.23 23.68 24.10
CA LEU A 302 47.50 24.33 23.02
C LEU A 302 48.48 25.07 22.13
N LYS A 303 49.44 25.74 22.76
CA LYS A 303 50.43 26.55 22.04
C LYS A 303 51.31 25.73 21.12
N GLU A 304 51.86 24.64 21.64
CA GLU A 304 52.91 23.93 20.90
C GLU A 304 52.44 23.43 19.53
N HIS B 7 1.19 -23.35 43.27
CA HIS B 7 1.85 -23.64 41.97
C HIS B 7 0.85 -23.57 40.81
N VAL B 8 -0.24 -24.29 40.92
CA VAL B 8 -1.31 -24.16 39.94
C VAL B 8 -2.48 -23.40 40.57
N LYS B 9 -3.03 -22.45 39.82
CA LYS B 9 -4.12 -21.64 40.35
C LYS B 9 -5.34 -21.56 39.44
N SER B 10 -6.51 -21.49 40.07
CA SER B 10 -7.77 -21.40 39.36
C SER B 10 -7.74 -20.21 38.40
N GLY B 11 -8.31 -20.42 37.22
CA GLY B 11 -8.37 -19.35 36.23
C GLY B 11 -9.63 -18.53 36.43
N LEU B 12 -9.70 -17.38 35.77
CA LEU B 12 -10.83 -16.47 35.94
C LEU B 12 -12.06 -16.99 35.23
N GLN B 13 -13.14 -17.07 35.98
CA GLN B 13 -14.36 -17.66 35.51
C GLN B 13 -15.47 -16.66 35.74
N ILE B 14 -15.95 -16.06 34.65
CA ILE B 14 -16.88 -14.96 34.79
C ILE B 14 -18.32 -15.42 34.95
N LYS B 15 -18.85 -15.23 36.15
CA LYS B 15 -20.23 -15.58 36.45
C LYS B 15 -21.20 -14.81 35.55
N LYS B 16 -22.15 -15.52 34.94
CA LYS B 16 -23.14 -14.89 34.07
C LYS B 16 -24.44 -14.47 34.76
N ASN B 17 -24.66 -14.95 35.98
CA ASN B 17 -25.92 -14.69 36.69
C ASN B 17 -26.01 -13.30 37.30
N ALA B 18 -27.22 -12.95 37.76
CA ALA B 18 -27.48 -11.61 38.32
C ALA B 18 -26.77 -11.42 39.65
N ILE B 19 -25.83 -10.46 39.68
CA ILE B 19 -25.05 -10.24 40.88
C ILE B 19 -25.99 -9.89 42.03
N ILE B 20 -27.10 -9.26 41.69
CA ILE B 20 -28.08 -8.87 42.69
C ILE B 20 -28.69 -10.09 43.36
N ASP B 21 -28.54 -11.26 42.75
CA ASP B 21 -28.83 -12.52 43.42
C ASP B 21 -27.98 -12.63 44.68
N ASP B 22 -26.71 -12.24 44.56
CA ASP B 22 -25.74 -12.52 45.61
C ASP B 22 -25.37 -11.32 46.45
N TYR B 23 -25.62 -10.12 45.95
CA TYR B 23 -25.27 -8.90 46.68
C TYR B 23 -26.42 -7.89 46.70
N LYS B 24 -26.56 -7.18 47.81
CA LYS B 24 -27.52 -6.10 47.87
C LYS B 24 -26.91 -4.88 47.16
N VAL B 25 -27.04 -4.87 45.84
CA VAL B 25 -26.51 -3.76 45.06
C VAL B 25 -27.66 -2.84 44.69
N THR B 26 -27.74 -1.69 45.34
CA THR B 26 -28.83 -0.75 45.09
C THR B 26 -28.83 -0.30 43.63
N SER B 27 -29.87 0.44 43.23
CA SER B 27 -29.93 0.92 41.86
C SER B 27 -29.03 2.14 41.68
N GLN B 28 -28.77 2.85 42.77
CA GLN B 28 -27.99 4.08 42.69
C GLN B 28 -26.54 3.89 43.09
N VAL B 29 -26.20 2.71 43.58
CA VAL B 29 -24.80 2.32 43.60
C VAL B 29 -24.42 2.00 42.16
N LEU B 30 -25.20 1.13 41.52
CA LEU B 30 -25.06 0.90 40.08
C LEU B 30 -25.03 2.24 39.36
N GLY B 31 -25.88 3.16 39.80
CA GLY B 31 -25.89 4.48 39.20
C GLY B 31 -24.56 5.17 39.35
N LEU B 32 -23.91 4.97 40.50
CA LEU B 32 -22.58 5.54 40.72
C LEU B 32 -21.51 4.56 40.27
N GLY B 33 -21.87 3.29 40.18
CA GLY B 33 -20.93 2.27 39.74
C GLY B 33 -20.39 2.57 38.36
N ILE B 34 -21.25 2.44 37.34
CA ILE B 34 -20.83 2.69 35.96
C ILE B 34 -20.16 4.04 35.78
N ASN B 35 -20.29 4.91 36.78
CA ASN B 35 -19.72 6.24 36.69
C ASN B 35 -18.34 6.35 37.35
N GLY B 36 -17.87 5.25 37.93
CA GLY B 36 -16.49 5.21 38.38
C GLY B 36 -16.35 5.10 39.88
N LYS B 37 -17.45 5.21 40.61
CA LYS B 37 -17.42 5.03 42.05
C LYS B 37 -17.09 3.57 42.37
N VAL B 38 -16.19 3.36 43.33
CA VAL B 38 -16.08 2.07 43.97
C VAL B 38 -17.04 2.06 45.15
N LEU B 39 -18.03 1.19 45.10
CA LEU B 39 -19.12 1.25 46.05
C LEU B 39 -19.11 0.10 47.02
N GLN B 40 -19.61 0.34 48.22
CA GLN B 40 -19.76 -0.69 49.21
C GLN B 40 -21.06 -1.44 48.92
N ILE B 41 -20.97 -2.76 48.87
CA ILE B 41 -22.15 -3.59 48.71
C ILE B 41 -22.04 -4.69 49.73
N PHE B 42 -23.17 -5.32 50.04
CA PHE B 42 -23.11 -6.43 50.98
C PHE B 42 -23.48 -7.74 50.36
N ASN B 43 -22.76 -8.78 50.78
CA ASN B 43 -23.11 -10.13 50.41
C ASN B 43 -24.43 -10.51 51.09
N LYS B 44 -25.38 -11.00 50.31
CA LYS B 44 -26.68 -11.37 50.85
C LYS B 44 -26.58 -12.59 51.77
N ARG B 45 -25.78 -13.57 51.37
CA ARG B 45 -25.65 -14.77 52.16
C ARG B 45 -25.36 -14.40 53.62
N THR B 46 -24.33 -13.59 53.84
CA THR B 46 -23.88 -13.32 55.20
C THR B 46 -23.79 -11.85 55.59
N GLN B 47 -24.24 -10.96 54.72
CA GLN B 47 -24.39 -9.55 55.10
C GLN B 47 -23.05 -8.91 55.42
N GLU B 48 -22.06 -9.18 54.58
CA GLU B 48 -20.71 -8.66 54.77
C GLU B 48 -20.35 -7.61 53.70
N LYS B 49 -19.42 -6.73 54.03
CA LYS B 49 -19.01 -5.65 53.14
C LYS B 49 -18.05 -6.14 52.05
N PHE B 50 -18.17 -5.53 50.87
CA PHE B 50 -17.29 -5.83 49.75
C PHE B 50 -17.23 -4.60 48.88
N ALA B 51 -16.20 -4.48 48.06
CA ALA B 51 -16.12 -3.35 47.15
C ALA B 51 -16.56 -3.79 45.77
N LEU B 52 -17.46 -3.01 45.17
CA LEU B 52 -17.87 -3.26 43.80
C LEU B 52 -17.28 -2.21 42.86
N LYS B 53 -16.66 -2.70 41.79
CA LYS B 53 -16.15 -1.86 40.71
C LYS B 53 -16.81 -2.29 39.40
N MET B 54 -17.39 -1.34 38.69
CA MET B 54 -18.12 -1.65 37.45
C MET B 54 -17.53 -1.01 36.19
N LEU B 55 -17.18 -1.84 35.22
CA LEU B 55 -16.67 -1.37 33.94
C LEU B 55 -17.68 -1.70 32.86
N GLN B 56 -17.74 -0.89 31.81
CA GLN B 56 -18.58 -1.24 30.67
C GLN B 56 -17.79 -2.23 29.85
N ASP B 57 -18.28 -3.46 29.78
CA ASP B 57 -17.54 -4.51 29.09
C ASP B 57 -17.01 -4.00 27.76
N CYS B 58 -15.70 -4.10 27.59
CA CYS B 58 -15.04 -3.69 26.36
C CYS B 58 -13.63 -4.26 26.41
N PRO B 59 -12.92 -4.30 25.27
CA PRO B 59 -11.63 -4.99 25.22
C PRO B 59 -10.67 -4.66 26.36
N LYS B 60 -10.47 -3.36 26.62
CA LYS B 60 -9.61 -2.96 27.73
C LYS B 60 -10.18 -3.35 29.10
N ALA B 61 -11.50 -3.31 29.23
CA ALA B 61 -12.13 -3.79 30.45
C ALA B 61 -11.76 -5.24 30.71
N ARG B 62 -11.73 -6.04 29.65
CA ARG B 62 -11.38 -7.44 29.79
C ARG B 62 -9.89 -7.60 30.08
N ARG B 63 -9.07 -6.69 29.58
CA ARG B 63 -7.64 -6.77 29.85
C ARG B 63 -7.45 -6.63 31.36
N GLU B 64 -8.16 -5.69 31.97
CA GLU B 64 -7.94 -5.38 33.37
C GLU B 64 -8.33 -6.51 34.31
N VAL B 65 -9.51 -7.08 34.10
CA VAL B 65 -9.96 -8.19 34.91
C VAL B 65 -9.02 -9.39 34.77
N GLU B 66 -8.50 -9.59 33.58
CA GLU B 66 -7.61 -10.71 33.34
C GLU B 66 -6.33 -10.54 34.11
N LEU B 67 -5.67 -9.39 33.93
CA LEU B 67 -4.43 -9.10 34.65
C LEU B 67 -4.66 -9.00 36.16
N HIS B 68 -5.72 -8.33 36.57
CA HIS B 68 -5.97 -8.22 37.99
C HIS B 68 -6.20 -9.60 38.59
N TRP B 69 -6.86 -10.47 37.83
CA TRP B 69 -7.11 -11.83 38.30
C TRP B 69 -5.80 -12.52 38.63
N ARG B 70 -4.86 -12.47 37.71
CA ARG B 70 -3.55 -13.06 37.94
C ARG B 70 -2.83 -12.45 39.13
N ALA B 71 -2.80 -11.13 39.19
CA ALA B 71 -2.08 -10.43 40.24
C ALA B 71 -2.67 -10.83 41.57
N SER B 72 -3.88 -11.34 41.53
CA SER B 72 -4.62 -11.63 42.75
C SER B 72 -3.96 -12.69 43.62
N GLN B 73 -3.15 -13.55 43.02
CA GLN B 73 -2.40 -14.52 43.79
C GLN B 73 -1.65 -13.84 44.95
N CYS B 74 -1.02 -12.70 44.66
CA CYS B 74 -0.26 -11.98 45.66
C CYS B 74 -1.20 -11.27 46.59
N PRO B 75 -1.13 -11.57 47.89
CA PRO B 75 -2.01 -10.97 48.88
C PRO B 75 -1.69 -9.50 49.22
N HIS B 76 -0.72 -8.92 48.54
CA HIS B 76 -0.54 -7.47 48.65
C HIS B 76 -1.35 -6.73 47.59
N ILE B 77 -1.92 -7.51 46.68
CA ILE B 77 -2.78 -7.01 45.62
C ILE B 77 -4.24 -7.28 46.01
N VAL B 78 -5.09 -6.26 45.96
CA VAL B 78 -6.45 -6.44 46.45
C VAL B 78 -7.10 -7.61 45.73
N ARG B 79 -7.93 -8.36 46.46
CA ARG B 79 -8.48 -9.60 45.93
C ARG B 79 -9.78 -9.43 45.19
N ILE B 80 -9.85 -10.04 44.02
CA ILE B 80 -11.12 -10.21 43.35
C ILE B 80 -11.83 -11.44 43.95
N VAL B 81 -13.07 -11.25 44.37
CA VAL B 81 -13.91 -12.35 44.84
C VAL B 81 -14.62 -13.05 43.69
N ASP B 82 -15.48 -12.31 42.99
CA ASP B 82 -16.09 -12.82 41.79
C ASP B 82 -16.02 -11.76 40.71
N VAL B 83 -16.13 -12.17 39.46
CA VAL B 83 -16.38 -11.23 38.37
C VAL B 83 -17.70 -11.58 37.69
N TYR B 84 -18.61 -10.61 37.63
CA TYR B 84 -19.89 -10.82 36.97
C TYR B 84 -19.87 -10.22 35.60
N GLU B 85 -20.62 -10.83 34.70
CA GLU B 85 -21.01 -10.23 33.43
C GLU B 85 -22.54 -10.17 33.38
N ASN B 86 -23.06 -8.96 33.39
CA ASN B 86 -24.49 -8.75 33.50
C ASN B 86 -24.94 -7.74 32.47
N LEU B 87 -26.23 -7.74 32.18
CA LEU B 87 -26.79 -6.68 31.37
C LEU B 87 -27.18 -5.51 32.26
N TYR B 88 -26.69 -4.33 31.90
CA TYR B 88 -27.14 -3.09 32.54
C TYR B 88 -27.45 -2.06 31.46
N ALA B 89 -28.67 -1.53 31.49
CA ALA B 89 -29.16 -0.70 30.40
C ALA B 89 -28.95 -1.44 29.08
N GLY B 90 -29.03 -2.76 29.13
CA GLY B 90 -28.91 -3.56 27.93
C GLY B 90 -27.58 -3.39 27.22
N ARG B 91 -26.62 -2.78 27.91
CA ARG B 91 -25.20 -2.89 27.52
C ARG B 91 -24.54 -3.97 28.39
N LYS B 92 -23.47 -4.56 27.87
CA LYS B 92 -22.68 -5.52 28.64
C LYS B 92 -21.69 -4.80 29.56
N CYS B 93 -21.70 -5.16 30.84
CA CYS B 93 -20.63 -4.71 31.74
C CYS B 93 -20.14 -5.75 32.72
N LEU B 94 -18.82 -5.79 32.89
CA LEU B 94 -18.17 -6.57 33.95
C LEU B 94 -18.38 -5.85 35.29
N LEU B 95 -18.88 -6.58 36.29
CA LEU B 95 -18.90 -6.08 37.65
C LEU B 95 -17.81 -6.83 38.42
N ILE B 96 -16.92 -6.09 39.05
CA ILE B 96 -15.86 -6.71 39.84
C ILE B 96 -16.12 -6.55 41.33
N VAL B 97 -16.22 -7.68 42.03
CA VAL B 97 -16.39 -7.68 43.48
C VAL B 97 -15.05 -7.97 44.15
N MET B 98 -14.60 -7.05 45.01
CA MET B 98 -13.33 -7.24 45.71
C MET B 98 -13.52 -7.33 47.22
N GLU B 99 -12.50 -7.84 47.90
CA GLU B 99 -12.45 -7.69 49.35
C GLU B 99 -12.56 -6.19 49.59
N CYS B 100 -13.42 -5.78 50.51
CA CYS B 100 -13.52 -4.36 50.80
C CYS B 100 -12.33 -3.94 51.64
N LEU B 101 -11.63 -2.91 51.19
CA LEU B 101 -10.53 -2.35 51.93
C LEU B 101 -11.11 -1.13 52.62
N ASP B 102 -11.31 -1.24 53.94
CA ASP B 102 -11.95 -0.17 54.68
C ASP B 102 -10.95 0.61 55.53
N GLY B 103 -9.67 0.33 55.32
CA GLY B 103 -8.64 0.90 56.18
C GLY B 103 -8.17 2.31 55.83
N GLY B 104 -8.57 2.82 54.67
CA GLY B 104 -8.07 4.11 54.22
C GLY B 104 -6.93 4.04 53.23
N GLU B 105 -6.71 5.14 52.52
CA GLU B 105 -5.55 5.28 51.64
C GLU B 105 -4.30 5.45 52.47
N LEU B 106 -3.17 5.05 51.92
CA LEU B 106 -1.93 5.03 52.68
C LEU B 106 -1.66 6.33 53.44
N PHE B 107 -1.60 7.47 52.75
CA PHE B 107 -1.21 8.68 53.45
C PHE B 107 -2.38 9.18 54.24
N SER B 108 -3.57 8.78 53.80
CA SER B 108 -4.79 9.12 54.49
C SER B 108 -4.70 8.65 55.93
N ARG B 109 -4.12 7.48 56.13
CA ARG B 109 -4.01 6.91 57.47
C ARG B 109 -2.82 7.46 58.25
N ILE B 110 -1.64 7.51 57.63
CA ILE B 110 -0.45 8.00 58.31
C ILE B 110 -0.73 9.38 58.89
N GLN B 111 -1.58 10.12 58.21
CA GLN B 111 -1.86 11.51 58.55
C GLN B 111 -2.87 11.61 59.67
N ASP B 112 -3.68 10.58 59.83
CA ASP B 112 -4.70 10.59 60.85
C ASP B 112 -4.26 9.86 62.11
N ARG B 113 -3.00 10.02 62.50
CA ARG B 113 -2.53 9.41 63.73
C ARG B 113 -2.20 10.44 64.80
N GLY B 114 -2.49 11.70 64.48
CA GLY B 114 -2.13 12.80 65.37
C GLY B 114 -2.05 12.42 66.84
N ASP B 115 -0.93 12.79 67.47
CA ASP B 115 0.19 13.39 66.74
C ASP B 115 1.47 12.62 67.05
N GLN B 116 1.57 11.42 66.47
CA GLN B 116 2.70 10.54 66.71
C GLN B 116 3.53 10.32 65.46
N ALA B 117 4.84 10.55 65.57
CA ALA B 117 5.74 10.53 64.43
C ALA B 117 5.82 9.14 63.82
N PHE B 118 5.24 9.01 62.63
CA PHE B 118 5.61 7.97 61.69
C PHE B 118 7.13 7.91 61.71
N THR B 119 7.70 6.71 61.85
CA THR B 119 9.15 6.58 61.87
C THR B 119 9.73 6.12 60.53
N GLU B 120 11.01 6.34 60.35
CA GLU B 120 11.68 5.90 59.15
C GLU B 120 11.51 4.41 58.94
N ARG B 121 11.56 3.65 60.04
CA ARG B 121 11.47 2.19 59.97
C ARG B 121 10.09 1.74 59.50
N GLU B 122 9.06 2.45 59.93
CA GLU B 122 7.75 2.18 59.41
C GLU B 122 7.81 2.35 57.91
N ALA B 123 8.39 3.46 57.48
CA ALA B 123 8.47 3.78 56.07
C ALA B 123 9.07 2.62 55.31
N SER B 124 10.12 2.01 55.86
CA SER B 124 10.81 0.92 55.21
C SER B 124 9.91 -0.30 55.08
N GLU B 125 9.17 -0.59 56.14
CA GLU B 125 8.20 -1.67 56.13
C GLU B 125 7.20 -1.46 55.00
N ILE B 126 6.55 -0.31 54.97
CA ILE B 126 5.57 -0.04 53.93
C ILE B 126 6.15 -0.25 52.53
N MET B 127 7.36 0.24 52.30
CA MET B 127 7.95 0.18 50.98
C MET B 127 8.33 -1.24 50.61
N LYS B 128 8.62 -2.06 51.60
CA LYS B 128 8.96 -3.45 51.36
C LYS B 128 7.68 -4.20 51.03
N SER B 129 6.60 -3.79 51.68
CA SER B 129 5.30 -4.36 51.41
C SER B 129 4.84 -4.04 49.98
N ILE B 130 5.09 -2.81 49.53
CA ILE B 130 4.68 -2.39 48.19
C ILE B 130 5.55 -3.04 47.12
N GLY B 131 6.85 -2.98 47.33
CA GLY B 131 7.78 -3.66 46.43
C GLY B 131 7.45 -5.12 46.23
N GLU B 132 6.85 -5.75 47.23
CA GLU B 132 6.45 -7.15 47.07
C GLU B 132 5.30 -7.30 46.07
N ALA B 133 4.36 -6.36 46.08
CA ALA B 133 3.35 -6.37 45.06
C ALA B 133 4.00 -6.20 43.69
N ILE B 134 4.93 -5.26 43.59
CA ILE B 134 5.54 -4.93 42.31
C ILE B 134 6.49 -6.03 41.82
N GLN B 135 7.22 -6.64 42.74
CA GLN B 135 8.05 -7.78 42.40
C GLN B 135 7.23 -8.96 41.86
N TYR B 136 6.05 -9.19 42.44
CA TYR B 136 5.19 -10.25 41.93
C TYR B 136 4.72 -9.96 40.50
N LEU B 137 4.23 -8.75 40.27
CA LEU B 137 3.73 -8.41 38.95
C LEU B 137 4.84 -8.52 37.91
N HIS B 138 5.96 -7.85 38.14
CA HIS B 138 7.03 -7.95 37.14
C HIS B 138 7.50 -9.39 36.93
N SER B 139 7.52 -10.21 37.98
CA SER B 139 7.91 -11.59 37.78
C SER B 139 6.97 -12.29 36.79
N ILE B 140 5.67 -11.97 36.81
CA ILE B 140 4.77 -12.49 35.79
C ILE B 140 4.49 -11.56 34.61
N ASN B 141 5.41 -10.66 34.31
CA ASN B 141 5.32 -9.80 33.13
C ASN B 141 4.15 -8.84 33.10
N ILE B 142 3.74 -8.37 34.26
CA ILE B 142 2.73 -7.32 34.33
C ILE B 142 3.31 -6.09 34.99
N ALA B 143 3.25 -4.96 34.30
CA ALA B 143 3.50 -3.66 34.93
C ALA B 143 2.13 -3.05 35.25
N HIS B 144 2.01 -2.47 36.44
CA HIS B 144 0.76 -1.90 36.91
C HIS B 144 0.49 -0.55 36.27
N ARG B 145 1.56 0.21 36.07
CA ARG B 145 1.53 1.51 35.39
C ARG B 145 0.65 2.60 36.01
N ASP B 146 0.09 2.35 37.20
CA ASP B 146 -0.67 3.37 37.92
C ASP B 146 -0.52 3.29 39.46
N VAL B 147 0.69 2.96 39.91
CA VAL B 147 1.05 2.89 41.32
C VAL B 147 1.17 4.29 41.87
N LYS B 148 0.12 4.76 42.53
CA LYS B 148 0.09 6.10 43.10
C LYS B 148 -0.56 5.97 44.48
N PRO B 149 -0.44 7.00 45.32
CA PRO B 149 -0.95 6.76 46.67
C PRO B 149 -2.44 6.46 46.66
N GLU B 150 -3.14 6.96 45.66
CA GLU B 150 -4.59 6.86 45.63
C GLU B 150 -5.03 5.40 45.44
N ASN B 151 -4.07 4.53 45.10
CA ASN B 151 -4.37 3.12 44.84
C ASN B 151 -3.62 2.23 45.81
N LEU B 152 -3.32 2.74 46.98
CA LEU B 152 -2.79 1.91 48.06
C LEU B 152 -3.72 2.05 49.25
N LEU B 153 -4.39 0.97 49.59
CA LEU B 153 -5.43 1.00 50.61
C LEU B 153 -5.13 0.02 51.72
N TYR B 154 -5.46 0.41 52.95
CA TYR B 154 -5.39 -0.51 54.08
C TYR B 154 -6.66 -1.37 54.17
N THR B 155 -6.48 -2.64 54.54
CA THR B 155 -7.61 -3.56 54.67
C THR B 155 -8.54 -3.12 55.77
N SER B 156 -8.01 -2.95 56.98
CA SER B 156 -8.83 -2.46 58.09
C SER B 156 -8.17 -1.31 58.84
N LYS B 157 -8.97 -0.56 59.57
CA LYS B 157 -8.45 0.48 60.45
C LYS B 157 -7.70 -0.11 61.65
N ARG B 158 -7.78 -1.41 61.84
CA ARG B 158 -7.02 -2.06 62.89
C ARG B 158 -5.54 -1.82 62.65
N PRO B 159 -4.74 -1.76 63.72
CA PRO B 159 -3.30 -1.51 63.60
C PRO B 159 -2.50 -2.55 62.81
N ASN B 160 -2.90 -3.81 62.88
CA ASN B 160 -2.17 -4.85 62.15
C ASN B 160 -2.72 -5.04 60.73
N ALA B 161 -3.40 -4.01 60.22
CA ALA B 161 -3.98 -4.03 58.88
C ALA B 161 -2.91 -4.06 57.80
N ILE B 162 -3.19 -4.75 56.70
CA ILE B 162 -2.22 -4.79 55.64
C ILE B 162 -2.61 -3.86 54.50
N LEU B 163 -1.60 -3.41 53.76
CA LEU B 163 -1.75 -2.41 52.72
C LEU B 163 -1.78 -3.16 51.41
N LYS B 164 -2.67 -2.78 50.50
CA LYS B 164 -2.76 -3.50 49.25
C LYS B 164 -2.84 -2.59 48.04
N LEU B 165 -2.43 -3.12 46.90
CA LEU B 165 -2.41 -2.34 45.66
C LEU B 165 -3.74 -2.55 44.95
N THR B 166 -4.29 -1.48 44.39
CA THR B 166 -5.57 -1.58 43.72
C THR B 166 -5.46 -1.05 42.29
N ASP B 167 -6.57 -1.09 41.56
CA ASP B 167 -6.73 -0.42 40.27
C ASP B 167 -5.79 -0.85 39.15
N PHE B 168 -6.25 -1.79 38.33
CA PHE B 168 -5.45 -2.30 37.24
C PHE B 168 -5.86 -1.81 35.86
N GLY B 169 -6.57 -0.69 35.83
CA GLY B 169 -7.04 -0.16 34.56
C GLY B 169 -5.93 0.17 33.57
N PHE B 170 -4.71 0.40 34.07
CA PHE B 170 -3.61 0.76 33.20
C PHE B 170 -2.58 -0.36 33.05
N ALA B 171 -2.87 -1.53 33.62
CA ALA B 171 -1.87 -2.62 33.63
C ALA B 171 -1.67 -3.22 32.24
N LYS B 172 -0.45 -3.69 32.00
CA LYS B 172 -0.07 -4.20 30.68
C LYS B 172 0.86 -5.39 30.82
N GLU B 173 0.62 -6.43 30.02
CA GLU B 173 1.53 -7.56 29.92
C GLU B 173 2.75 -7.08 29.17
N THR B 174 3.92 -7.20 29.79
CA THR B 174 5.13 -6.63 29.23
C THR B 174 5.81 -7.52 28.21
N THR B 175 5.14 -8.60 27.82
CA THR B 175 5.70 -9.55 26.87
C THR B 175 5.02 -9.46 25.51
N SER B 176 5.75 -9.86 24.47
CA SER B 176 5.13 -10.14 23.17
C SER B 176 5.60 -11.48 22.62
N VAL B 190 22.02 -17.33 28.60
CA VAL B 190 21.65 -16.48 27.47
C VAL B 190 21.01 -15.17 27.92
N ALA B 191 21.41 -14.07 27.28
CA ALA B 191 20.96 -12.74 27.65
C ALA B 191 19.45 -12.65 27.74
N PRO B 192 18.94 -11.97 28.79
CA PRO B 192 17.49 -11.75 28.93
C PRO B 192 16.96 -10.87 27.81
N GLU B 193 17.81 -9.94 27.36
CA GLU B 193 17.41 -8.97 26.36
C GLU B 193 16.70 -9.65 25.20
N VAL B 194 17.04 -10.92 24.98
CA VAL B 194 16.61 -11.62 23.78
C VAL B 194 15.72 -12.80 24.14
N LEU B 195 15.10 -12.71 25.31
CA LEU B 195 14.10 -13.70 25.72
C LEU B 195 12.70 -13.17 25.46
N TYR B 200 9.63 2.01 28.92
CA TYR B 200 9.33 0.70 29.49
C TYR B 200 8.39 0.82 30.67
N ASP B 201 7.48 -0.13 30.77
CA ASP B 201 6.35 -0.04 31.67
C ASP B 201 6.72 -0.48 33.06
N LYS B 202 7.59 -1.47 33.15
CA LYS B 202 8.05 -1.92 34.45
C LYS B 202 8.74 -0.78 35.17
N SER B 203 9.67 -0.13 34.47
CA SER B 203 10.52 0.87 35.10
C SER B 203 9.70 2.11 35.41
N CYS B 204 8.51 2.16 34.84
CA CYS B 204 7.55 3.20 35.16
C CYS B 204 7.10 2.94 36.59
N ASP B 205 6.89 1.66 36.91
CA ASP B 205 6.49 1.28 38.25
C ASP B 205 7.58 1.66 39.24
N MET B 206 8.84 1.56 38.82
CA MET B 206 9.94 1.81 39.72
C MET B 206 10.08 3.29 40.03
N TRP B 207 9.92 4.11 39.00
CA TRP B 207 9.79 5.54 39.19
C TRP B 207 8.76 5.82 40.28
N SER B 208 7.61 5.18 40.20
CA SER B 208 6.54 5.46 41.12
C SER B 208 6.85 5.03 42.54
N LEU B 209 7.55 3.92 42.68
CA LEU B 209 7.98 3.50 44.00
C LEU B 209 8.89 4.58 44.55
N GLY B 210 9.66 5.20 43.66
CA GLY B 210 10.49 6.32 44.07
C GLY B 210 9.67 7.47 44.65
N VAL B 211 8.69 7.97 43.90
CA VAL B 211 7.89 9.09 44.37
C VAL B 211 7.23 8.75 45.70
N ILE B 212 6.69 7.54 45.82
CA ILE B 212 5.97 7.20 47.03
C ILE B 212 6.92 7.21 48.19
N MET B 213 8.01 6.47 48.07
CA MET B 213 8.99 6.38 49.14
C MET B 213 9.39 7.80 49.60
N TYR B 214 9.65 8.67 48.64
CA TYR B 214 9.95 10.06 48.93
C TYR B 214 8.87 10.73 49.78
N ILE B 215 7.61 10.68 49.34
CA ILE B 215 6.51 11.24 50.13
C ILE B 215 6.45 10.61 51.53
N LEU B 216 6.76 9.32 51.63
CA LEU B 216 6.68 8.63 52.91
C LEU B 216 7.64 9.20 53.93
N LEU B 217 8.80 9.64 53.47
CA LEU B 217 9.84 10.05 54.38
C LEU B 217 9.69 11.50 54.83
N CYS B 218 9.05 12.33 54.01
CA CYS B 218 8.94 13.74 54.36
C CYS B 218 7.52 14.29 54.38
N GLY B 219 6.64 13.70 53.56
CA GLY B 219 5.26 14.12 53.59
C GLY B 219 4.81 14.95 52.41
N TYR B 220 5.64 15.09 51.39
CA TYR B 220 5.24 15.81 50.18
C TYR B 220 6.01 15.28 48.98
N PRO B 221 5.55 15.60 47.76
CA PRO B 221 6.08 14.99 46.54
C PRO B 221 7.48 15.54 46.25
N PRO B 222 8.33 14.74 45.61
CA PRO B 222 9.63 15.26 45.17
C PRO B 222 9.47 16.29 44.05
N PHE B 223 8.40 16.18 43.27
CA PHE B 223 8.07 17.18 42.26
C PHE B 223 6.69 17.74 42.56
N TYR B 224 6.58 19.06 42.61
CA TYR B 224 5.31 19.67 43.04
C TYR B 224 5.04 20.94 42.26
N SER B 225 3.81 21.43 42.36
CA SER B 225 3.45 22.63 41.64
C SER B 225 3.97 23.90 42.29
N ASN B 226 4.72 24.67 41.50
CA ASN B 226 4.84 26.10 41.72
C ASN B 226 3.81 26.74 40.81
N SER B 232 3.18 24.50 37.35
CA SER B 232 2.75 23.22 36.79
C SER B 232 3.45 22.90 35.48
N PRO B 233 3.56 23.88 34.58
CA PRO B 233 4.52 23.69 33.49
C PRO B 233 5.94 23.76 34.06
N GLY B 234 6.10 24.57 35.11
CA GLY B 234 7.33 24.54 35.85
C GLY B 234 7.59 23.15 36.39
N MET B 235 6.54 22.57 36.97
CA MET B 235 6.64 21.25 37.58
C MET B 235 6.91 20.17 36.55
N LYS B 236 6.32 20.30 35.36
CA LYS B 236 6.54 19.34 34.30
C LYS B 236 8.01 19.40 33.90
N THR B 237 8.57 20.59 33.97
CA THR B 237 9.97 20.79 33.60
C THR B 237 10.91 20.13 34.60
N ARG B 238 10.66 20.36 35.88
CA ARG B 238 11.43 19.72 36.92
C ARG B 238 11.39 18.17 36.86
N ILE B 239 10.27 17.58 36.46
CA ILE B 239 10.25 16.13 36.31
C ILE B 239 11.18 15.68 35.17
N ARG B 240 11.07 16.34 34.03
CA ARG B 240 11.90 16.00 32.88
C ARG B 240 13.37 16.19 33.23
N MET B 241 13.68 17.36 33.75
CA MET B 241 15.05 17.69 34.12
C MET B 241 15.50 16.80 35.28
N GLY B 242 14.55 16.33 36.08
CA GLY B 242 14.92 15.61 37.28
C GLY B 242 15.46 16.53 38.36
N GLN B 243 14.95 17.76 38.43
CA GLN B 243 15.31 18.61 39.55
C GLN B 243 14.34 18.49 40.72
N TYR B 244 14.86 17.91 41.79
CA TYR B 244 14.21 17.85 43.10
C TYR B 244 15.30 17.91 44.16
N GLU B 245 14.91 17.97 45.42
CA GLU B 245 15.91 18.08 46.47
C GLU B 245 15.53 17.34 47.75
N PHE B 246 16.46 17.29 48.69
CA PHE B 246 16.19 16.70 50.00
C PHE B 246 16.27 17.75 51.12
N PRO B 247 15.39 18.74 51.09
CA PRO B 247 15.48 19.89 52.03
C PRO B 247 15.35 19.59 53.53
N ASN B 248 15.99 20.43 54.34
CA ASN B 248 15.73 20.48 55.78
C ASN B 248 14.53 21.40 56.05
N PRO B 249 13.82 21.17 57.14
CA PRO B 249 14.07 20.16 58.17
C PRO B 249 13.73 18.71 57.78
N GLU B 250 12.72 18.52 56.93
CA GLU B 250 12.21 17.19 56.63
C GLU B 250 13.31 16.12 56.59
N TRP B 251 14.35 16.36 55.80
CA TRP B 251 15.31 15.31 55.48
C TRP B 251 16.61 15.27 56.31
N SER B 252 16.77 16.20 57.25
CA SER B 252 18.04 16.37 57.96
C SER B 252 18.54 15.12 58.65
N GLU B 253 17.60 14.26 59.06
CA GLU B 253 17.93 13.03 59.76
C GLU B 253 17.71 11.80 58.88
N VAL B 254 17.39 12.03 57.62
CA VAL B 254 17.29 10.93 56.66
C VAL B 254 18.68 10.69 56.11
N SER B 255 19.14 9.44 56.15
CA SER B 255 20.49 9.08 55.75
C SER B 255 20.79 9.11 54.25
N GLU B 256 22.07 9.11 53.94
CA GLU B 256 22.55 9.26 52.59
C GLU B 256 22.19 8.00 51.79
N GLU B 257 22.12 6.88 52.49
CA GLU B 257 21.83 5.61 51.86
C GLU B 257 20.40 5.61 51.36
N VAL B 258 19.49 6.10 52.19
CA VAL B 258 18.11 6.19 51.79
C VAL B 258 17.98 7.16 50.62
N LYS B 259 18.48 8.38 50.81
CA LYS B 259 18.39 9.38 49.75
C LYS B 259 18.97 8.84 48.45
N MET B 260 19.98 7.99 48.56
CA MET B 260 20.69 7.55 47.38
C MET B 260 19.86 6.52 46.65
N LEU B 261 18.98 5.83 47.38
CA LEU B 261 18.13 4.82 46.80
C LEU B 261 16.98 5.49 46.06
N ILE B 262 16.41 6.53 46.68
CA ILE B 262 15.47 7.40 45.97
C ILE B 262 16.11 8.02 44.74
N ARG B 263 17.37 8.42 44.82
CA ARG B 263 18.01 9.00 43.65
C ARG B 263 18.09 8.02 42.50
N ASN B 264 18.14 6.74 42.83
CA ASN B 264 18.33 5.74 41.82
C ASN B 264 17.01 5.24 41.26
N LEU B 265 15.92 5.56 41.95
CA LEU B 265 14.62 5.19 41.45
C LEU B 265 14.07 6.32 40.62
N LEU B 266 14.52 7.54 40.92
CA LEU B 266 14.02 8.72 40.23
C LEU B 266 14.88 9.13 39.04
N LYS B 267 15.77 8.25 38.62
CA LYS B 267 16.57 8.44 37.42
C LYS B 267 15.68 8.79 36.25
N THR B 268 15.99 9.89 35.60
CA THR B 268 15.21 10.42 34.49
C THR B 268 15.18 9.45 33.32
N GLU B 269 16.34 8.86 33.01
CA GLU B 269 16.47 7.89 31.94
C GLU B 269 15.96 6.55 32.45
N PRO B 270 14.91 6.01 31.82
CA PRO B 270 14.38 4.77 32.38
C PRO B 270 15.39 3.63 32.48
N THR B 271 16.29 3.49 31.51
CA THR B 271 17.21 2.35 31.56
C THR B 271 18.29 2.49 32.61
N GLN B 272 18.45 3.67 33.20
CA GLN B 272 19.40 3.84 34.29
C GLN B 272 18.77 3.45 35.62
N ARG B 273 17.46 3.28 35.61
CA ARG B 273 16.68 3.13 36.83
C ARG B 273 16.83 1.73 37.42
N MET B 274 16.54 1.60 38.70
CA MET B 274 16.76 0.36 39.45
C MET B 274 15.61 -0.61 39.20
N THR B 275 15.93 -1.88 38.99
CA THR B 275 14.88 -2.87 38.74
C THR B 275 14.30 -3.34 40.07
N ILE B 276 13.11 -3.95 40.04
CA ILE B 276 12.44 -4.29 41.30
C ILE B 276 13.25 -5.32 42.09
N THR B 277 14.00 -6.15 41.37
CA THR B 277 14.78 -7.18 42.06
C THR B 277 15.88 -6.48 42.81
N GLU B 278 16.58 -5.58 42.12
CA GLU B 278 17.56 -4.74 42.78
C GLU B 278 16.94 -4.05 43.99
N PHE B 279 15.85 -3.34 43.77
CA PHE B 279 15.20 -2.64 44.86
C PHE B 279 14.95 -3.55 46.05
N MET B 280 14.52 -4.78 45.78
CA MET B 280 14.15 -5.71 46.86
C MET B 280 15.35 -6.25 47.63
N ASN B 281 16.50 -6.37 46.97
CA ASN B 281 17.71 -6.78 47.66
C ASN B 281 18.43 -5.62 48.35
N HIS B 282 17.91 -4.40 48.19
CA HIS B 282 18.54 -3.29 48.89
C HIS B 282 18.42 -3.48 50.39
N PRO B 283 19.50 -3.20 51.13
CA PRO B 283 19.57 -3.35 52.59
C PRO B 283 18.49 -2.59 53.34
N TRP B 284 18.11 -1.42 52.82
CA TRP B 284 17.13 -0.60 53.55
C TRP B 284 15.78 -1.30 53.52
N ILE B 285 15.55 -2.11 52.49
CA ILE B 285 14.28 -2.80 52.30
C ILE B 285 14.40 -4.22 52.82
N MET B 286 15.49 -4.86 52.43
CA MET B 286 15.70 -6.25 52.76
C MET B 286 15.81 -6.44 54.26
N GLN B 287 16.13 -5.36 54.98
CA GLN B 287 16.30 -5.48 56.42
C GLN B 287 15.63 -4.38 57.22
N SER B 288 14.36 -4.13 56.89
CA SER B 288 13.57 -3.13 57.59
C SER B 288 13.84 -3.28 59.07
N THR B 289 13.90 -4.53 59.49
CA THR B 289 14.00 -4.89 60.90
C THR B 289 15.10 -4.14 61.64
N LYS B 290 16.08 -3.64 60.91
CA LYS B 290 17.21 -3.01 61.54
C LYS B 290 17.50 -1.60 61.02
N VAL B 291 16.51 -0.97 60.39
CA VAL B 291 16.65 0.45 60.10
C VAL B 291 16.07 1.25 61.25
N PRO B 292 16.78 2.32 61.64
CA PRO B 292 16.55 3.11 62.86
C PRO B 292 15.14 3.64 62.94
N GLN B 293 14.64 3.79 64.16
CA GLN B 293 13.29 4.33 64.38
C GLN B 293 13.27 5.85 64.32
N THR B 294 14.08 6.44 63.46
CA THR B 294 14.18 7.89 63.40
C THR B 294 12.85 8.50 62.99
N PRO B 295 12.38 9.51 63.74
CA PRO B 295 11.07 10.12 63.54
C PRO B 295 11.00 11.06 62.33
N LEU B 296 9.96 10.92 61.54
CA LEU B 296 9.83 11.71 60.34
C LEU B 296 8.81 12.85 60.54
N HIS B 297 8.79 13.81 59.63
CA HIS B 297 7.85 14.93 59.72
C HIS B 297 6.60 14.61 58.96
N THR B 298 6.55 13.40 58.41
CA THR B 298 5.55 13.02 57.42
C THR B 298 4.11 13.33 57.85
N SER B 299 3.73 12.84 59.03
CA SER B 299 2.36 12.98 59.48
C SER B 299 1.96 14.43 59.78
N ARG B 300 2.88 15.19 60.37
CA ARG B 300 2.62 16.60 60.63
C ARG B 300 2.46 17.35 59.31
N VAL B 301 3.41 17.15 58.39
CA VAL B 301 3.35 17.80 57.10
C VAL B 301 2.07 17.45 56.39
N LEU B 302 1.72 16.15 56.38
CA LEU B 302 0.47 15.67 55.79
C LEU B 302 -0.75 16.28 56.47
N LYS B 303 -0.72 16.39 57.80
CA LYS B 303 -1.78 17.03 58.58
C LYS B 303 -2.10 18.47 58.14
N GLU B 304 -1.10 19.17 57.63
CA GLU B 304 -1.35 20.49 57.06
C GLU B 304 -1.76 20.36 55.60
N ASP B 305 -3.06 20.49 55.34
CA ASP B 305 -3.64 20.36 54.01
C ASP B 305 -5.17 20.18 54.11
N VAL C 8 48.30 -5.15 6.92
CA VAL C 8 47.23 -5.61 5.99
C VAL C 8 47.30 -7.12 5.83
N LYS C 9 46.13 -7.75 5.71
CA LYS C 9 46.07 -9.22 5.63
C LYS C 9 45.27 -9.71 4.42
N SER C 10 45.73 -10.83 3.88
CA SER C 10 45.13 -11.43 2.69
C SER C 10 43.65 -11.77 2.85
N GLY C 11 42.88 -11.51 1.81
CA GLY C 11 41.45 -11.74 1.86
C GLY C 11 41.09 -13.22 1.68
N LEU C 12 39.83 -13.55 1.91
CA LEU C 12 39.44 -14.96 1.87
C LEU C 12 39.34 -15.44 0.43
N GLN C 13 39.61 -16.72 0.22
CA GLN C 13 39.57 -17.27 -1.14
C GLN C 13 39.05 -18.71 -1.18
N ILE C 14 37.76 -18.86 -1.38
CA ILE C 14 37.18 -20.19 -1.41
C ILE C 14 37.73 -21.04 -2.56
N LYS C 15 38.58 -22.00 -2.22
CA LYS C 15 39.03 -22.99 -3.20
C LYS C 15 37.84 -23.69 -3.82
N LYS C 16 37.97 -24.07 -5.09
CA LYS C 16 36.87 -24.70 -5.80
C LYS C 16 37.14 -26.15 -6.17
N ASN C 17 38.37 -26.60 -5.97
CA ASN C 17 38.73 -27.97 -6.29
C ASN C 17 38.28 -28.93 -5.19
N ALA C 18 38.01 -30.17 -5.56
CA ALA C 18 37.54 -31.15 -4.60
C ALA C 18 38.52 -31.19 -3.43
N ILE C 19 37.98 -31.21 -2.23
CA ILE C 19 38.78 -31.15 -1.03
C ILE C 19 39.70 -32.37 -0.94
N ILE C 20 39.25 -33.47 -1.53
CA ILE C 20 40.00 -34.73 -1.52
C ILE C 20 41.30 -34.67 -2.32
N ASP C 21 41.51 -33.58 -3.05
CA ASP C 21 42.81 -33.35 -3.67
C ASP C 21 43.85 -33.05 -2.60
N ASP C 22 43.43 -32.38 -1.54
CA ASP C 22 44.37 -31.79 -0.61
C ASP C 22 44.33 -32.45 0.77
N TYR C 23 43.16 -32.97 1.13
CA TYR C 23 42.99 -33.56 2.46
C TYR C 23 42.42 -34.95 2.38
N LYS C 24 43.14 -35.92 2.93
CA LYS C 24 42.61 -37.26 3.03
C LYS C 24 41.31 -37.16 3.82
N VAL C 25 40.22 -37.59 3.21
CA VAL C 25 38.90 -37.42 3.79
C VAL C 25 37.99 -38.60 3.43
N THR C 26 37.69 -39.45 4.40
CA THR C 26 36.86 -40.62 4.14
C THR C 26 35.49 -40.17 3.64
N SER C 27 34.56 -41.11 3.53
CA SER C 27 33.23 -40.80 3.01
C SER C 27 32.19 -40.93 4.11
N VAL C 29 33.54 -39.34 6.12
CA VAL C 29 33.07 -38.54 7.23
C VAL C 29 32.28 -37.32 6.76
N LEU C 30 32.22 -37.12 5.44
CA LEU C 30 31.42 -36.04 4.90
C LEU C 30 30.00 -36.15 5.40
N GLY C 31 29.35 -37.27 5.09
CA GLY C 31 27.96 -37.46 5.49
C GLY C 31 27.79 -37.33 6.99
N LEU C 32 28.89 -37.45 7.72
CA LEU C 32 28.86 -37.27 9.15
C LEU C 32 28.91 -35.77 9.45
N GLY C 33 29.85 -35.08 8.80
CA GLY C 33 30.00 -33.65 8.99
C GLY C 33 28.82 -32.85 8.46
N ILE C 34 28.21 -33.34 7.40
CA ILE C 34 27.07 -32.65 6.80
C ILE C 34 25.94 -32.60 7.81
N ASN C 35 26.00 -33.45 8.83
CA ASN C 35 25.03 -33.40 9.90
C ASN C 35 25.49 -32.47 11.02
N GLY C 36 26.76 -32.09 10.97
CA GLY C 36 27.21 -31.00 11.82
C GLY C 36 28.36 -31.33 12.75
N LYS C 37 29.04 -32.44 12.49
CA LYS C 37 30.16 -32.82 13.33
C LYS C 37 31.47 -32.29 12.78
N VAL C 38 32.22 -31.57 13.61
CA VAL C 38 33.59 -31.22 13.28
C VAL C 38 34.41 -32.49 13.34
N LEU C 39 35.02 -32.84 12.22
CA LEU C 39 35.77 -34.08 12.14
C LEU C 39 37.24 -33.79 11.89
N GLN C 40 38.10 -34.71 12.30
CA GLN C 40 39.52 -34.55 12.02
C GLN C 40 39.76 -35.04 10.61
N ILE C 41 40.68 -34.38 9.92
CA ILE C 41 41.14 -34.85 8.63
C ILE C 41 42.63 -34.61 8.57
N PHE C 42 43.26 -34.97 7.45
CA PHE C 42 44.71 -34.83 7.35
C PHE C 42 45.15 -34.31 5.99
N ASN C 43 46.14 -33.42 6.02
CA ASN C 43 46.83 -33.01 4.79
C ASN C 43 47.37 -34.26 4.09
N LYS C 44 47.16 -34.33 2.78
CA LYS C 44 47.58 -35.49 2.02
C LYS C 44 49.09 -35.52 1.86
N ARG C 45 49.72 -34.36 2.04
CA ARG C 45 51.16 -34.22 1.79
C ARG C 45 51.95 -33.93 3.05
N THR C 46 51.25 -33.58 4.13
CA THR C 46 51.89 -33.37 5.43
C THR C 46 51.43 -34.40 6.46
N GLN C 47 50.18 -34.83 6.32
CA GLN C 47 49.63 -35.90 7.13
C GLN C 47 49.10 -35.38 8.47
N GLU C 48 49.37 -34.11 8.76
CA GLU C 48 48.89 -33.49 9.99
C GLU C 48 47.37 -33.48 10.08
N LYS C 49 46.85 -33.15 11.26
CA LYS C 49 45.41 -33.13 11.48
C LYS C 49 44.86 -31.71 11.47
N PHE C 50 43.68 -31.55 10.87
CA PHE C 50 42.92 -30.33 10.90
C PHE C 50 41.48 -30.70 11.22
N ALA C 51 40.73 -29.77 11.79
CA ALA C 51 39.31 -30.01 11.97
C ALA C 51 38.57 -29.60 10.70
N LEU C 52 37.61 -30.40 10.29
CA LEU C 52 36.80 -30.07 9.13
C LEU C 52 35.38 -29.81 9.57
N LYS C 53 34.77 -28.78 8.98
CA LYS C 53 33.40 -28.43 9.30
C LYS C 53 32.68 -28.19 7.97
N MET C 54 31.43 -28.65 7.87
CA MET C 54 30.72 -28.67 6.59
C MET C 54 29.41 -27.91 6.65
N LEU C 55 29.29 -26.88 5.82
CA LEU C 55 28.05 -26.12 5.74
C LEU C 55 27.42 -26.19 4.37
N GLN C 56 26.10 -26.34 4.33
CA GLN C 56 25.33 -26.29 3.09
C GLN C 56 25.39 -24.87 2.57
N ASP C 57 26.03 -24.67 1.43
CA ASP C 57 26.22 -23.34 0.91
C ASP C 57 24.89 -22.61 0.90
N CYS C 58 24.83 -21.51 1.64
CA CYS C 58 23.64 -20.68 1.74
C CYS C 58 24.11 -19.34 2.26
N PRO C 59 23.29 -18.30 2.12
CA PRO C 59 23.78 -16.95 2.45
C PRO C 59 24.18 -16.85 3.91
N LYS C 60 23.51 -17.66 4.74
CA LYS C 60 23.78 -17.72 6.16
C LYS C 60 25.18 -18.30 6.39
N ALA C 61 25.50 -19.35 5.66
CA ALA C 61 26.80 -19.99 5.75
C ALA C 61 27.91 -19.13 5.16
N ARG C 62 27.60 -18.38 4.12
CA ARG C 62 28.56 -17.45 3.56
C ARG C 62 28.91 -16.38 4.60
N ARG C 63 27.89 -15.89 5.31
CA ARG C 63 28.13 -14.87 6.31
C ARG C 63 29.17 -15.37 7.29
N GLU C 64 28.94 -16.57 7.81
CA GLU C 64 29.82 -17.17 8.81
C GLU C 64 31.27 -17.24 8.34
N VAL C 65 31.48 -17.60 7.09
CA VAL C 65 32.82 -17.77 6.56
C VAL C 65 33.49 -16.42 6.36
N GLU C 66 32.71 -15.44 5.91
CA GLU C 66 33.26 -14.11 5.73
C GLU C 66 33.71 -13.55 7.08
N LEU C 67 32.82 -13.59 8.06
CA LEU C 67 33.07 -13.01 9.38
C LEU C 67 34.15 -13.72 10.17
N HIS C 68 34.15 -15.04 10.11
CA HIS C 68 35.15 -15.83 10.83
C HIS C 68 36.52 -15.66 10.20
N TRP C 69 36.58 -15.66 8.86
CA TRP C 69 37.84 -15.42 8.20
C TRP C 69 38.42 -14.11 8.71
N ARG C 70 37.55 -13.12 8.88
CA ARG C 70 37.97 -11.82 9.37
C ARG C 70 38.45 -11.88 10.81
N ALA C 71 37.76 -12.68 11.61
CA ALA C 71 38.11 -12.79 13.01
C ALA C 71 39.44 -13.53 13.18
N SER C 72 39.78 -14.36 12.19
CA SER C 72 40.88 -15.30 12.34
C SER C 72 42.21 -14.62 12.55
N GLN C 73 42.29 -13.34 12.19
CA GLN C 73 43.53 -12.63 12.43
C GLN C 73 43.86 -12.65 13.92
N CYS C 74 42.86 -12.42 14.76
CA CYS C 74 43.09 -12.61 16.19
C CYS C 74 43.44 -14.05 16.45
N PRO C 75 44.57 -14.28 17.12
CA PRO C 75 45.05 -15.61 17.49
C PRO C 75 44.18 -16.31 18.53
N HIS C 76 43.44 -15.54 19.33
CA HIS C 76 42.54 -16.12 20.31
C HIS C 76 41.30 -16.68 19.65
N ILE C 77 41.35 -16.78 18.33
CA ILE C 77 40.20 -17.24 17.57
C ILE C 77 40.61 -18.39 16.66
N VAL C 78 39.83 -19.46 16.70
CA VAL C 78 40.22 -20.69 16.04
C VAL C 78 40.49 -20.40 14.57
N ARG C 79 41.67 -20.79 14.10
CA ARG C 79 42.18 -20.35 12.81
C ARG C 79 41.57 -21.14 11.65
N ILE C 80 41.19 -20.42 10.59
CA ILE C 80 40.73 -21.08 9.36
C ILE C 80 41.91 -21.29 8.43
N VAL C 81 42.15 -22.53 8.04
CA VAL C 81 43.27 -22.84 7.15
C VAL C 81 42.90 -22.69 5.68
N ASP C 82 41.66 -23.07 5.34
CA ASP C 82 41.05 -22.59 4.12
C ASP C 82 39.67 -23.17 3.86
N VAL C 83 38.97 -22.55 2.93
CA VAL C 83 37.57 -22.83 2.68
C VAL C 83 37.45 -23.44 1.30
N TYR C 84 36.57 -24.43 1.16
CA TYR C 84 36.33 -25.07 -0.13
C TYR C 84 34.88 -24.96 -0.52
N GLU C 85 34.61 -24.64 -1.78
CA GLU C 85 33.28 -24.84 -2.31
C GLU C 85 33.28 -26.11 -3.15
N ASN C 86 32.46 -27.08 -2.74
CA ASN C 86 32.41 -28.35 -3.42
C ASN C 86 30.97 -28.82 -3.60
N LEU C 87 30.76 -29.63 -4.62
CA LEU C 87 29.47 -30.27 -4.80
C LEU C 87 29.42 -31.54 -3.96
N TYR C 88 28.34 -31.70 -3.21
CA TYR C 88 28.08 -32.89 -2.39
C TYR C 88 26.59 -33.22 -2.29
N ALA C 89 26.24 -34.49 -2.45
CA ALA C 89 24.84 -34.88 -2.56
C ALA C 89 24.15 -33.94 -3.54
N GLY C 90 24.84 -33.62 -4.62
CA GLY C 90 24.21 -32.88 -5.70
C GLY C 90 24.09 -31.39 -5.45
N ARG C 91 24.26 -30.96 -4.20
CA ARG C 91 24.13 -29.54 -3.88
C ARG C 91 25.48 -28.91 -3.55
N LYS C 92 25.56 -27.58 -3.67
CA LYS C 92 26.76 -26.83 -3.34
C LYS C 92 26.92 -26.76 -1.84
N CYS C 93 28.15 -26.85 -1.35
CA CYS C 93 28.39 -26.70 0.06
C CYS C 93 29.80 -26.24 0.38
N LEU C 94 29.92 -25.58 1.52
CA LEU C 94 31.17 -24.96 1.94
C LEU C 94 31.84 -25.88 2.94
N LEU C 95 33.12 -26.14 2.73
CA LEU C 95 33.89 -26.97 3.64
C LEU C 95 34.99 -26.15 4.28
N ILE C 96 34.89 -25.95 5.59
CA ILE C 96 35.86 -25.13 6.31
C ILE C 96 36.94 -25.96 7.00
N VAL C 97 38.18 -25.84 6.54
CA VAL C 97 39.32 -26.49 7.20
C VAL C 97 39.96 -25.55 8.23
N MET C 98 39.94 -25.94 9.50
CA MET C 98 40.51 -25.13 10.56
C MET C 98 41.68 -25.82 11.26
N GLU C 99 42.43 -25.06 12.06
CA GLU C 99 43.41 -25.65 12.94
C GLU C 99 42.68 -26.57 13.89
N CYS C 100 43.29 -27.71 14.18
CA CYS C 100 42.68 -28.67 15.06
C CYS C 100 43.01 -28.32 16.49
N LEU C 101 41.99 -28.32 17.35
CA LEU C 101 42.18 -27.99 18.75
C LEU C 101 41.87 -29.22 19.59
N ASP C 102 42.91 -29.86 20.11
CA ASP C 102 42.78 -31.12 20.82
C ASP C 102 42.63 -30.94 22.32
N GLY C 103 42.97 -29.76 22.82
CA GLY C 103 43.02 -29.55 24.25
C GLY C 103 41.70 -29.74 25.00
N GLY C 104 40.58 -29.82 24.28
CA GLY C 104 39.31 -29.98 24.95
C GLY C 104 38.66 -28.67 25.35
N GLU C 105 37.44 -28.74 25.86
CA GLU C 105 36.68 -27.55 26.25
C GLU C 105 37.14 -26.94 27.56
N LEU C 106 37.09 -25.61 27.62
CA LEU C 106 37.57 -24.85 28.77
C LEU C 106 37.33 -25.52 30.13
N PHE C 107 36.10 -25.97 30.36
CA PHE C 107 35.72 -26.42 31.69
C PHE C 107 36.18 -27.82 32.03
N SER C 108 36.12 -28.73 31.06
CA SER C 108 36.55 -30.10 31.32
C SER C 108 38.05 -30.11 31.53
N ARG C 109 38.77 -29.35 30.73
CA ARG C 109 40.16 -29.08 31.04
C ARG C 109 40.28 -28.73 32.52
N ILE C 110 39.45 -27.80 32.99
CA ILE C 110 39.45 -27.43 34.41
C ILE C 110 39.03 -28.61 35.26
N GLN C 111 38.04 -29.35 34.77
CA GLN C 111 37.44 -30.44 35.51
C GLN C 111 38.41 -31.62 35.68
N ASP C 112 39.54 -31.58 34.99
CA ASP C 112 40.50 -32.67 35.07
C ASP C 112 41.90 -32.20 35.48
N ARG C 113 42.04 -31.66 36.69
CA ARG C 113 43.36 -31.24 37.15
C ARG C 113 43.70 -31.74 38.55
N GLY C 114 43.71 -33.06 38.73
CA GLY C 114 43.82 -33.63 40.07
C GLY C 114 45.23 -33.81 40.62
N ASP C 115 45.61 -32.92 41.53
CA ASP C 115 44.76 -31.79 41.90
C ASP C 115 45.58 -30.59 42.37
N GLN C 116 45.73 -29.61 41.48
CA GLN C 116 46.35 -28.35 41.85
C GLN C 116 45.27 -27.28 41.94
N ALA C 117 45.49 -26.29 42.80
CA ALA C 117 44.56 -25.19 42.95
C ALA C 117 44.16 -24.70 41.56
N PHE C 118 42.88 -24.36 41.40
CA PHE C 118 42.46 -23.49 40.32
C PHE C 118 42.10 -22.19 40.99
N THR C 119 42.90 -21.16 40.73
CA THR C 119 42.81 -19.95 41.52
C THR C 119 42.04 -18.86 40.82
N GLU C 120 41.66 -17.84 41.60
CA GLU C 120 41.02 -16.67 41.04
C GLU C 120 42.02 -16.04 40.08
N ARG C 121 43.30 -16.16 40.41
CA ARG C 121 44.35 -15.56 39.59
C ARG C 121 44.31 -16.13 38.18
N GLU C 122 44.18 -17.44 38.05
CA GLU C 122 44.12 -18.05 36.73
C GLU C 122 42.77 -17.81 36.06
N ALA C 123 41.71 -17.66 36.86
CA ALA C 123 40.39 -17.34 36.29
C ALA C 123 40.50 -16.00 35.59
N SER C 124 41.26 -15.09 36.19
CA SER C 124 41.47 -13.80 35.59
C SER C 124 42.26 -13.97 34.31
N GLU C 125 43.32 -14.76 34.36
CA GLU C 125 44.10 -15.00 33.16
C GLU C 125 43.20 -15.51 32.03
N ILE C 126 42.22 -16.34 32.38
CA ILE C 126 41.35 -16.92 31.36
C ILE C 126 40.37 -15.89 30.80
N MET C 127 39.73 -15.12 31.67
CA MET C 127 38.76 -14.13 31.23
C MET C 127 39.43 -13.04 30.38
N LYS C 128 40.63 -12.65 30.77
CA LYS C 128 41.38 -11.70 29.97
C LYS C 128 41.56 -12.30 28.59
N SER C 129 41.77 -13.59 28.56
CA SER C 129 42.06 -14.27 27.32
C SER C 129 40.84 -14.22 26.43
N ILE C 130 39.68 -14.52 27.01
CA ILE C 130 38.46 -14.61 26.23
C ILE C 130 38.09 -13.21 25.81
N GLY C 131 38.26 -12.26 26.73
CA GLY C 131 37.95 -10.87 26.46
C GLY C 131 38.75 -10.28 25.31
N GLU C 132 39.96 -10.75 25.12
CA GLU C 132 40.74 -10.30 23.99
C GLU C 132 40.12 -10.74 22.67
N ALA C 133 39.55 -11.95 22.63
CA ALA C 133 38.88 -12.38 21.41
C ALA C 133 37.73 -11.42 21.13
N ILE C 134 36.97 -11.10 22.17
CA ILE C 134 35.78 -10.28 22.01
C ILE C 134 36.15 -8.85 21.64
N GLN C 135 37.25 -8.37 22.19
CA GLN C 135 37.66 -7.00 21.94
C GLN C 135 38.02 -6.82 20.47
N TYR C 136 38.58 -7.87 19.87
CA TYR C 136 38.91 -7.82 18.44
C TYR C 136 37.65 -7.84 17.57
N LEU C 137 36.66 -8.64 17.98
CA LEU C 137 35.42 -8.73 17.24
C LEU C 137 34.65 -7.42 17.31
N HIS C 138 34.68 -6.78 18.47
CA HIS C 138 33.94 -5.55 18.66
C HIS C 138 34.65 -4.38 18.02
N SER C 139 35.98 -4.43 17.97
CA SER C 139 36.74 -3.37 17.34
C SER C 139 36.66 -3.42 15.82
N ILE C 140 36.09 -4.48 15.27
CA ILE C 140 35.86 -4.52 13.83
C ILE C 140 34.40 -4.81 13.54
N ASN C 141 33.53 -4.54 14.51
CA ASN C 141 32.09 -4.53 14.28
C ASN C 141 31.48 -5.89 13.98
N ILE C 142 32.00 -6.92 14.64
CA ILE C 142 31.41 -8.24 14.61
C ILE C 142 30.94 -8.57 16.02
N ALA C 143 29.80 -9.22 16.13
CA ALA C 143 29.38 -9.79 17.39
C ALA C 143 29.29 -11.30 17.23
N HIS C 144 29.81 -12.03 18.20
CA HIS C 144 29.85 -13.47 18.10
C HIS C 144 28.47 -14.05 18.42
N ARG C 145 27.83 -13.47 19.42
CA ARG C 145 26.47 -13.84 19.75
C ARG C 145 26.26 -15.29 20.13
N ASP C 146 27.31 -16.11 20.12
CA ASP C 146 27.21 -17.44 20.69
C ASP C 146 28.44 -17.86 21.50
N VAL C 147 28.94 -16.96 22.33
CA VAL C 147 30.08 -17.28 23.20
C VAL C 147 29.66 -18.07 24.43
N LYS C 148 29.76 -19.38 24.31
CA LYS C 148 29.46 -20.29 25.40
C LYS C 148 30.58 -21.29 25.56
N PRO C 149 30.62 -22.01 26.68
CA PRO C 149 31.75 -22.89 26.99
C PRO C 149 32.10 -23.90 25.90
N GLU C 150 31.10 -24.53 25.30
CA GLU C 150 31.37 -25.43 24.20
C GLU C 150 32.02 -24.76 22.99
N ASN C 151 32.15 -23.44 23.02
CA ASN C 151 32.75 -22.71 21.90
C ASN C 151 34.09 -22.12 22.31
N LEU C 152 34.57 -22.54 23.48
CA LEU C 152 35.92 -22.22 23.91
C LEU C 152 36.72 -23.52 24.10
N LEU C 153 37.57 -23.84 23.12
CA LEU C 153 38.37 -25.06 23.15
C LEU C 153 39.85 -24.77 23.35
N TYR C 154 40.56 -25.73 23.94
CA TYR C 154 42.01 -25.62 24.07
C TYR C 154 42.72 -26.17 22.85
N THR C 155 43.86 -25.58 22.53
CA THR C 155 44.62 -25.99 21.36
C THR C 155 45.11 -27.41 21.55
N SER C 156 45.96 -27.61 22.55
CA SER C 156 46.50 -28.94 22.86
C SER C 156 46.22 -29.35 24.29
N LYS C 157 46.65 -30.55 24.64
CA LYS C 157 46.58 -31.03 26.01
C LYS C 157 47.65 -30.39 26.89
N ARG C 158 48.75 -29.95 26.27
CA ARG C 158 49.84 -29.32 27.01
C ARG C 158 49.31 -28.25 27.94
N PRO C 159 50.06 -27.96 29.02
CA PRO C 159 49.74 -26.82 29.88
C PRO C 159 50.00 -25.46 29.21
N ASN C 160 50.60 -25.50 28.03
CA ASN C 160 50.83 -24.29 27.25
C ASN C 160 49.66 -23.97 26.32
N ALA C 161 48.75 -24.92 26.19
CA ALA C 161 47.66 -24.76 25.23
C ALA C 161 46.98 -23.42 25.43
N ILE C 162 46.76 -22.69 24.35
CA ILE C 162 45.99 -21.46 24.45
C ILE C 162 44.52 -21.76 24.17
N LEU C 163 43.64 -20.98 24.80
CA LEU C 163 42.20 -21.11 24.60
C LEU C 163 41.77 -20.31 23.37
N LYS C 164 40.74 -20.78 22.67
CA LYS C 164 40.30 -20.13 21.44
C LYS C 164 38.78 -20.15 21.27
N LEU C 165 38.26 -19.13 20.57
CA LEU C 165 36.83 -19.01 20.30
C LEU C 165 36.46 -19.65 18.96
N THR C 166 35.37 -20.41 18.96
CA THR C 166 34.94 -21.16 17.79
C THR C 166 33.49 -20.88 17.45
N ASP C 167 33.05 -21.40 16.31
CA ASP C 167 31.64 -21.36 15.90
C ASP C 167 31.07 -19.96 15.65
N PHE C 168 31.33 -19.43 14.45
CA PHE C 168 30.82 -18.11 14.07
C PHE C 168 29.49 -18.13 13.30
N GLY C 169 28.68 -19.15 13.53
CA GLY C 169 27.42 -19.25 12.81
C GLY C 169 26.29 -18.42 13.38
N PHE C 170 26.56 -17.67 14.45
CA PHE C 170 25.61 -16.66 14.90
C PHE C 170 26.19 -15.25 14.83
N ALA C 171 27.43 -15.15 14.39
CA ALA C 171 28.11 -13.85 14.29
C ALA C 171 27.37 -12.88 13.36
N LYS C 172 27.42 -11.60 13.72
CA LYS C 172 26.72 -10.55 12.99
C LYS C 172 27.57 -9.30 12.95
N GLU C 173 27.59 -8.63 11.79
CA GLU C 173 28.15 -7.29 11.71
C GLU C 173 27.27 -6.34 12.50
N THR C 174 27.90 -5.44 13.25
CA THR C 174 27.19 -4.52 14.11
C THR C 174 26.99 -3.20 13.39
N THR C 175 27.24 -3.20 12.09
CA THR C 175 27.51 -1.97 11.37
C THR C 175 26.68 -1.86 10.10
N SER C 176 26.65 -0.69 9.49
CA SER C 176 26.07 -0.52 8.16
C SER C 176 27.16 -0.47 7.09
N TYR C 189 34.89 15.17 18.81
CA TYR C 189 33.78 16.11 18.93
C TYR C 189 32.49 15.51 18.34
N VAL C 190 32.63 14.45 17.55
CA VAL C 190 31.48 13.66 17.10
C VAL C 190 31.24 12.45 18.01
N ALA C 191 30.03 12.36 18.54
CA ALA C 191 29.68 11.28 19.44
C ALA C 191 29.58 9.94 18.72
N PRO C 192 29.89 8.84 19.42
CA PRO C 192 29.86 7.50 18.83
C PRO C 192 28.48 7.08 18.33
N GLU C 193 27.45 7.77 18.79
CA GLU C 193 26.07 7.43 18.46
C GLU C 193 25.71 7.93 17.06
N VAL C 194 26.24 9.09 16.70
CA VAL C 194 25.91 9.72 15.42
C VAL C 194 27.06 9.47 14.44
N LEU C 195 27.67 8.29 14.57
CA LEU C 195 28.95 8.03 13.94
C LEU C 195 28.99 6.63 13.33
N TYR C 200 20.89 -5.10 21.77
CA TYR C 200 22.08 -4.96 20.94
C TYR C 200 22.97 -6.19 21.07
N ASP C 201 23.75 -6.47 20.03
CA ASP C 201 24.46 -7.72 19.89
C ASP C 201 25.76 -7.74 20.67
N LYS C 202 26.49 -6.63 20.66
CA LYS C 202 27.72 -6.54 21.42
C LYS C 202 27.41 -6.72 22.90
N SER C 203 26.35 -6.07 23.36
CA SER C 203 26.00 -6.10 24.77
C SER C 203 25.59 -7.52 25.16
N CYS C 204 25.34 -8.33 24.14
CA CYS C 204 24.98 -9.73 24.33
C CYS C 204 26.22 -10.59 24.58
N ASP C 205 27.31 -10.29 23.88
CA ASP C 205 28.59 -10.92 24.16
C ASP C 205 29.02 -10.64 25.59
N MET C 206 28.60 -9.50 26.13
CA MET C 206 29.04 -9.11 27.45
C MET C 206 28.32 -9.85 28.57
N TRP C 207 27.01 -10.05 28.43
CA TRP C 207 26.28 -10.93 29.32
C TRP C 207 26.95 -12.29 29.31
N SER C 208 27.32 -12.76 28.12
CA SER C 208 27.95 -14.07 27.98
C SER C 208 29.21 -14.19 28.80
N LEU C 209 30.08 -13.19 28.66
CA LEU C 209 31.31 -13.15 29.43
C LEU C 209 31.03 -13.18 30.93
N GLY C 210 29.92 -12.58 31.33
CA GLY C 210 29.56 -12.62 32.73
C GLY C 210 29.12 -13.99 33.18
N VAL C 211 28.33 -14.67 32.36
CA VAL C 211 27.92 -16.01 32.72
C VAL C 211 29.15 -16.90 32.81
N ILE C 212 30.05 -16.80 31.83
CA ILE C 212 31.21 -17.67 31.82
C ILE C 212 32.09 -17.43 33.04
N MET C 213 32.39 -16.17 33.32
CA MET C 213 33.17 -15.78 34.49
C MET C 213 32.55 -16.38 35.76
N TYR C 214 31.24 -16.24 35.88
CA TYR C 214 30.50 -16.79 37.00
C TYR C 214 30.73 -18.30 37.16
N ILE C 215 30.35 -19.09 36.16
CA ILE C 215 30.67 -20.52 36.18
C ILE C 215 32.14 -20.63 36.57
N LEU C 216 32.97 -19.85 35.90
CA LEU C 216 34.41 -20.01 35.96
C LEU C 216 34.95 -19.82 37.38
N LEU C 217 34.17 -19.22 38.25
CA LEU C 217 34.60 -18.92 39.61
C LEU C 217 34.02 -19.84 40.69
N CYS C 218 32.98 -20.60 40.35
CA CYS C 218 32.36 -21.46 41.35
C CYS C 218 31.92 -22.83 40.83
N GLY C 219 31.79 -22.98 39.53
CA GLY C 219 31.50 -24.30 38.97
C GLY C 219 30.08 -24.53 38.49
N TYR C 220 29.19 -23.56 38.73
CA TYR C 220 27.84 -23.63 38.16
C TYR C 220 27.39 -22.28 37.61
N PRO C 221 26.29 -22.27 36.82
CA PRO C 221 25.67 -21.08 36.24
C PRO C 221 24.99 -20.21 37.29
N PRO C 222 24.87 -18.89 37.03
CA PRO C 222 24.11 -17.99 37.89
C PRO C 222 22.62 -18.21 37.74
N PHE C 223 22.21 -18.78 36.61
CA PHE C 223 20.81 -19.09 36.37
C PHE C 223 20.68 -20.56 35.96
N TYR C 224 19.83 -21.32 36.63
CA TYR C 224 19.69 -22.74 36.30
C TYR C 224 18.30 -23.30 36.60
N SER C 225 18.21 -24.61 36.76
CA SER C 225 16.93 -25.26 37.06
C SER C 225 17.09 -26.39 38.08
N ASN C 226 15.99 -27.08 38.36
CA ASN C 226 16.00 -28.26 39.23
C ASN C 226 16.96 -29.29 38.67
N SER C 232 12.41 -24.77 34.17
CA SER C 232 12.73 -23.92 33.03
C SER C 232 11.97 -22.60 33.07
N PRO C 233 10.63 -22.64 33.02
CA PRO C 233 9.92 -21.36 33.16
C PRO C 233 10.29 -20.64 34.45
N GLY C 234 10.75 -21.40 35.43
CA GLY C 234 11.29 -20.80 36.64
C GLY C 234 12.63 -20.13 36.39
N MET C 235 13.48 -20.78 35.61
CA MET C 235 14.76 -20.20 35.24
C MET C 235 14.56 -19.05 34.27
N LYS C 236 13.78 -19.30 33.22
CA LYS C 236 13.38 -18.23 32.31
C LYS C 236 13.04 -16.98 33.12
N THR C 237 12.16 -17.12 34.11
CA THR C 237 11.80 -15.94 34.89
C THR C 237 13.01 -15.37 35.61
N ARG C 238 13.60 -16.21 36.46
CA ARG C 238 14.79 -15.86 37.22
C ARG C 238 15.80 -15.06 36.38
N ILE C 239 15.90 -15.36 35.10
CA ILE C 239 16.80 -14.62 34.23
C ILE C 239 16.24 -13.23 33.93
N ARG C 240 14.98 -13.16 33.52
CA ARG C 240 14.35 -11.87 33.24
C ARG C 240 14.36 -10.97 34.47
N MET C 241 14.31 -11.60 35.64
CA MET C 241 14.28 -10.88 36.90
C MET C 241 15.67 -10.66 37.47
N GLY C 242 16.70 -10.96 36.69
CA GLY C 242 18.05 -10.93 37.24
C GLY C 242 18.16 -11.54 38.62
N GLN C 243 17.23 -12.41 38.97
CA GLN C 243 17.33 -13.15 40.23
C GLN C 243 18.47 -14.18 40.20
N TYR C 244 19.57 -13.86 40.89
CA TYR C 244 20.66 -14.81 41.12
C TYR C 244 21.47 -14.39 42.34
N GLU C 245 22.52 -15.14 42.68
CA GLU C 245 23.25 -14.93 43.94
C GLU C 245 24.71 -15.38 43.91
N PHE C 246 25.46 -14.98 44.93
CA PHE C 246 26.79 -15.53 45.16
C PHE C 246 26.80 -16.31 46.46
N PRO C 247 26.25 -17.53 46.46
CA PRO C 247 26.08 -18.27 47.71
C PRO C 247 27.43 -18.55 48.36
N ASN C 248 27.43 -19.01 49.61
CA ASN C 248 28.61 -19.69 50.14
C ASN C 248 28.28 -21.19 50.19
N PRO C 249 29.30 -22.04 50.27
CA PRO C 249 30.72 -21.85 50.55
C PRO C 249 31.49 -21.18 49.40
N GLU C 250 31.09 -21.52 48.18
CA GLU C 250 31.94 -21.31 47.03
C GLU C 250 32.27 -19.87 46.73
N TRP C 251 31.48 -18.91 47.21
CA TRP C 251 31.77 -17.51 46.94
C TRP C 251 32.40 -16.73 48.08
N SER C 252 32.33 -17.29 49.28
CA SER C 252 32.68 -16.53 50.49
C SER C 252 34.06 -15.89 50.45
N GLU C 253 35.04 -16.55 49.84
CA GLU C 253 36.39 -15.99 49.84
C GLU C 253 36.79 -15.33 48.53
N VAL C 254 35.86 -15.23 47.57
CA VAL C 254 36.10 -14.50 46.33
C VAL C 254 35.91 -13.00 46.53
N SER C 255 36.70 -12.20 45.83
CA SER C 255 36.62 -10.74 45.93
C SER C 255 35.21 -10.19 45.83
N GLU C 256 35.07 -8.91 46.14
CA GLU C 256 33.83 -8.19 45.89
C GLU C 256 34.08 -7.41 44.61
N GLU C 257 35.35 -7.24 44.29
CA GLU C 257 35.77 -6.51 43.10
C GLU C 257 35.35 -7.32 41.88
N VAL C 258 35.33 -8.64 42.02
CA VAL C 258 34.87 -9.53 40.96
C VAL C 258 33.35 -9.58 40.98
N LYS C 259 32.79 -9.69 42.18
CA LYS C 259 31.34 -9.75 42.34
C LYS C 259 30.66 -8.56 41.67
N MET C 260 31.14 -7.36 41.96
CA MET C 260 30.54 -6.16 41.41
C MET C 260 30.62 -6.21 39.90
N LEU C 261 31.77 -6.65 39.40
CA LEU C 261 32.01 -6.75 37.97
C LEU C 261 30.97 -7.69 37.33
N ILE C 262 30.77 -8.86 37.93
CA ILE C 262 29.77 -9.77 37.41
C ILE C 262 28.40 -9.13 37.57
N ARG C 263 28.18 -8.45 38.69
CA ARG C 263 26.94 -7.72 38.87
C ARG C 263 26.70 -6.74 37.74
N ASN C 264 27.78 -6.22 37.17
CA ASN C 264 27.62 -5.31 36.07
C ASN C 264 27.31 -6.05 34.77
N LEU C 265 28.10 -7.08 34.48
CA LEU C 265 27.94 -7.84 33.25
C LEU C 265 26.56 -8.48 33.13
N LEU C 266 26.00 -8.93 34.25
CA LEU C 266 24.74 -9.66 34.21
C LEU C 266 23.53 -8.76 34.30
N LYS C 267 23.72 -7.48 33.98
CA LYS C 267 22.62 -6.53 34.04
C LYS C 267 21.50 -6.93 33.08
N THR C 268 20.28 -6.92 33.59
CA THR C 268 19.14 -7.18 32.75
C THR C 268 19.08 -6.17 31.62
N GLU C 269 19.11 -4.89 31.98
CA GLU C 269 19.08 -3.84 30.97
C GLU C 269 20.36 -3.94 30.16
N PRO C 270 20.24 -4.23 28.86
CA PRO C 270 21.50 -4.41 28.15
C PRO C 270 22.35 -3.15 28.05
N THR C 271 21.72 -1.99 28.17
CA THR C 271 22.45 -0.75 28.00
C THR C 271 23.26 -0.37 29.24
N GLN C 272 22.97 -1.02 30.36
CA GLN C 272 23.69 -0.79 31.60
C GLN C 272 24.97 -1.60 31.69
N ARG C 273 25.17 -2.53 30.77
CA ARG C 273 26.32 -3.43 30.86
C ARG C 273 27.61 -2.76 30.44
N MET C 274 28.71 -3.30 30.96
CA MET C 274 30.05 -2.89 30.57
C MET C 274 30.26 -3.19 29.11
N THR C 275 31.15 -2.41 28.51
CA THR C 275 31.56 -2.68 27.16
C THR C 275 32.86 -3.47 27.23
N ILE C 276 33.30 -4.08 26.13
CA ILE C 276 34.49 -4.90 26.22
C ILE C 276 35.73 -4.09 26.61
N THR C 277 35.71 -2.80 26.31
CA THR C 277 36.86 -1.96 26.65
C THR C 277 36.94 -1.66 28.13
N GLU C 278 35.80 -1.43 28.77
CA GLU C 278 35.78 -1.23 30.22
C GLU C 278 36.09 -2.54 30.94
N PHE C 279 35.72 -3.65 30.32
CA PHE C 279 36.05 -4.97 30.83
C PHE C 279 37.56 -5.13 30.87
N MET C 280 38.16 -4.93 29.71
CA MET C 280 39.59 -5.09 29.53
C MET C 280 40.43 -4.05 30.28
N ASN C 281 39.80 -2.98 30.75
CA ASN C 281 40.53 -2.02 31.56
C ASN C 281 40.25 -2.23 33.04
N HIS C 282 39.30 -3.11 33.35
CA HIS C 282 38.99 -3.35 34.74
C HIS C 282 40.20 -3.97 35.43
N PRO C 283 40.49 -3.55 36.67
CA PRO C 283 41.72 -3.95 37.35
C PRO C 283 41.82 -5.46 37.47
N TRP C 284 40.71 -6.10 37.78
CA TRP C 284 40.69 -7.56 37.94
C TRP C 284 41.06 -8.32 36.67
N ILE C 285 40.85 -7.68 35.52
CA ILE C 285 41.26 -8.23 34.24
C ILE C 285 42.60 -7.63 33.88
N MET C 286 42.66 -6.31 33.94
CA MET C 286 43.85 -5.56 33.57
C MET C 286 45.06 -6.05 34.36
N GLN C 287 45.12 -5.69 35.65
CA GLN C 287 46.20 -6.11 36.52
C GLN C 287 46.05 -7.57 36.94
N SER C 288 46.08 -8.48 35.98
CA SER C 288 45.82 -9.90 36.22
C SER C 288 46.82 -10.55 37.16
N THR C 289 47.42 -9.77 38.04
CA THR C 289 48.49 -10.24 38.92
C THR C 289 48.36 -9.71 40.34
N LYS C 290 47.79 -8.52 40.48
CA LYS C 290 47.47 -8.01 41.80
C LYS C 290 46.28 -8.80 42.32
N VAL C 291 45.66 -9.57 41.43
CA VAL C 291 44.55 -10.42 41.81
C VAL C 291 45.09 -11.59 42.63
N PRO C 292 44.47 -11.87 43.79
CA PRO C 292 44.98 -12.91 44.70
C PRO C 292 45.09 -14.26 44.03
N GLN C 293 45.29 -15.30 44.83
CA GLN C 293 45.31 -16.66 44.30
C GLN C 293 44.38 -17.53 45.10
N THR C 294 43.34 -16.93 45.67
CA THR C 294 42.46 -17.68 46.53
C THR C 294 41.91 -18.90 45.79
N PRO C 295 41.86 -20.05 46.48
CA PRO C 295 41.38 -21.29 45.86
C PRO C 295 39.90 -21.24 45.53
N LEU C 296 39.55 -21.71 44.33
CA LEU C 296 38.16 -21.76 43.90
C LEU C 296 37.59 -23.16 44.09
N HIS C 297 36.28 -23.27 44.10
CA HIS C 297 35.61 -24.57 44.25
C HIS C 297 35.20 -25.10 42.91
N THR C 298 35.67 -24.43 41.87
CA THR C 298 35.18 -24.64 40.52
C THR C 298 35.41 -26.09 40.12
N SER C 299 36.64 -26.58 40.27
CA SER C 299 36.93 -27.93 39.87
C SER C 299 36.10 -28.94 40.66
N ARG C 300 36.03 -28.74 41.98
CA ARG C 300 35.27 -29.66 42.82
C ARG C 300 33.83 -29.72 42.35
N VAL C 301 33.19 -28.56 42.27
CA VAL C 301 31.81 -28.47 41.85
C VAL C 301 31.59 -29.06 40.46
N LEU C 302 32.54 -28.87 39.57
CA LEU C 302 32.38 -29.43 38.23
C LEU C 302 32.33 -30.96 38.28
N VAL D 8 -41.08 -2.78 -23.39
CA VAL D 8 -39.72 -3.13 -23.87
C VAL D 8 -39.34 -2.26 -25.07
N LYS D 9 -38.21 -1.56 -24.93
CA LYS D 9 -37.77 -0.62 -25.95
C LYS D 9 -36.44 -1.07 -26.51
N SER D 10 -36.12 -0.57 -27.71
CA SER D 10 -34.91 -0.98 -28.42
C SER D 10 -33.64 -0.39 -27.81
N GLY D 11 -32.55 -1.15 -27.93
CA GLY D 11 -31.28 -0.67 -27.47
C GLY D 11 -30.73 0.38 -28.42
N LEU D 12 -29.66 1.05 -28.00
CA LEU D 12 -29.05 2.09 -28.80
C LEU D 12 -28.14 1.42 -29.81
N GLN D 13 -28.35 1.72 -31.09
CA GLN D 13 -27.46 1.23 -32.13
C GLN D 13 -26.76 2.41 -32.77
N ILE D 14 -25.47 2.55 -32.50
CA ILE D 14 -24.73 3.66 -33.07
C ILE D 14 -24.37 3.32 -34.50
N LYS D 15 -24.78 4.18 -35.42
CA LYS D 15 -24.54 3.98 -36.84
C LYS D 15 -23.10 4.36 -37.15
N LYS D 16 -22.46 3.57 -38.02
CA LYS D 16 -21.03 3.73 -38.28
C LYS D 16 -20.76 4.44 -39.59
N ASN D 17 -21.71 4.37 -40.51
CA ASN D 17 -21.56 5.01 -41.81
C ASN D 17 -21.59 6.52 -41.70
N ALA D 18 -21.03 7.20 -42.69
CA ALA D 18 -20.92 8.64 -42.60
C ALA D 18 -22.31 9.26 -42.59
N ILE D 19 -22.49 10.21 -41.69
CA ILE D 19 -23.80 10.81 -41.47
C ILE D 19 -24.30 11.51 -42.73
N ILE D 20 -23.37 12.01 -43.56
CA ILE D 20 -23.76 12.70 -44.79
C ILE D 20 -24.32 11.72 -45.81
N ASP D 21 -24.15 10.42 -45.58
CA ASP D 21 -24.89 9.39 -46.31
C ASP D 21 -26.38 9.71 -46.29
N ASP D 22 -26.81 10.45 -45.28
CA ASP D 22 -28.22 10.47 -44.91
C ASP D 22 -28.77 11.86 -44.66
N TYR D 23 -27.88 12.79 -44.31
CA TYR D 23 -28.30 14.15 -44.01
C TYR D 23 -27.44 15.14 -44.79
N LYS D 24 -28.06 16.17 -45.35
CA LYS D 24 -27.27 17.24 -45.92
C LYS D 24 -26.54 17.92 -44.78
N VAL D 25 -25.34 17.45 -44.48
CA VAL D 25 -24.54 18.10 -43.46
C VAL D 25 -23.42 18.91 -44.11
N THR D 26 -23.48 20.22 -43.94
CA THR D 26 -22.37 21.08 -44.35
C THR D 26 -21.11 20.69 -43.59
N SER D 27 -19.95 20.94 -44.19
CA SER D 27 -18.69 20.75 -43.49
C SER D 27 -18.45 21.87 -42.48
N GLN D 28 -19.18 22.96 -42.61
CA GLN D 28 -18.96 24.12 -41.74
C GLN D 28 -20.00 24.15 -40.64
N VAL D 29 -21.14 23.52 -40.89
CA VAL D 29 -22.05 23.18 -39.79
C VAL D 29 -21.26 22.27 -38.87
N LEU D 30 -20.66 21.24 -39.46
CA LEU D 30 -19.75 20.35 -38.75
C LEU D 30 -18.72 21.12 -37.92
N GLY D 31 -18.34 22.29 -38.41
CA GLY D 31 -17.30 23.05 -37.73
C GLY D 31 -17.81 23.74 -36.49
N LEU D 32 -19.06 24.22 -36.57
CA LEU D 32 -19.75 24.75 -35.40
C LEU D 32 -20.22 23.60 -34.54
N GLY D 33 -20.64 22.52 -35.21
CA GLY D 33 -21.04 21.33 -34.50
C GLY D 33 -20.01 20.90 -33.48
N ILE D 34 -18.73 20.97 -33.86
CA ILE D 34 -17.65 20.60 -32.95
C ILE D 34 -17.50 21.58 -31.80
N ASN D 35 -17.71 22.86 -32.07
CA ASN D 35 -17.58 23.87 -31.04
C ASN D 35 -18.59 23.59 -29.92
N GLY D 36 -19.60 22.79 -30.25
CA GLY D 36 -20.63 22.48 -29.28
C GLY D 36 -21.93 23.22 -29.55
N LYS D 37 -22.23 23.46 -30.82
CA LYS D 37 -23.49 24.08 -31.19
C LYS D 37 -24.48 23.05 -31.69
N VAL D 38 -25.74 23.23 -31.33
CA VAL D 38 -26.79 22.39 -31.89
C VAL D 38 -27.16 23.01 -33.23
N LEU D 39 -27.28 22.17 -34.25
CA LEU D 39 -27.43 22.68 -35.61
C LEU D 39 -28.56 22.01 -36.37
N GLN D 40 -29.27 22.80 -37.16
CA GLN D 40 -30.38 22.29 -37.93
C GLN D 40 -29.80 21.61 -39.16
N ILE D 41 -30.32 20.43 -39.49
CA ILE D 41 -29.85 19.70 -40.66
C ILE D 41 -31.04 19.00 -41.29
N PHE D 42 -30.84 18.45 -42.50
CA PHE D 42 -31.95 17.89 -43.24
C PHE D 42 -31.72 16.49 -43.76
N ASN D 43 -32.78 15.69 -43.75
CA ASN D 43 -32.78 14.38 -44.38
C ASN D 43 -32.62 14.50 -45.91
N LYS D 44 -32.15 13.44 -46.56
CA LYS D 44 -31.97 13.44 -48.00
C LYS D 44 -33.14 12.81 -48.73
N ARG D 45 -33.63 11.69 -48.21
CA ARG D 45 -34.87 11.09 -48.70
C ARG D 45 -36.03 12.02 -48.38
N THR D 46 -36.17 12.33 -47.10
CA THR D 46 -37.37 12.99 -46.59
C THR D 46 -37.33 14.51 -46.75
N GLN D 47 -36.12 15.06 -46.74
CA GLN D 47 -35.96 16.50 -46.61
C GLN D 47 -36.93 17.01 -45.56
N GLU D 48 -36.74 16.52 -44.33
CA GLU D 48 -37.38 17.08 -43.14
C GLU D 48 -36.28 17.46 -42.16
N LYS D 49 -36.54 18.47 -41.33
CA LYS D 49 -35.46 19.05 -40.53
C LYS D 49 -35.24 18.42 -39.14
N PHE D 50 -33.96 18.27 -38.80
CA PHE D 50 -33.55 17.70 -37.53
C PHE D 50 -32.48 18.55 -36.85
N ALA D 51 -32.12 18.17 -35.62
CA ALA D 51 -31.11 18.89 -34.87
C ALA D 51 -29.87 18.00 -34.66
N LEU D 52 -28.70 18.61 -34.77
CA LEU D 52 -27.45 17.90 -34.62
C LEU D 52 -26.59 18.53 -33.53
N LYS D 53 -26.16 17.72 -32.57
CA LYS D 53 -25.06 18.12 -31.71
C LYS D 53 -23.93 17.11 -31.81
N MET D 54 -22.70 17.60 -31.72
CA MET D 54 -21.54 16.77 -31.98
C MET D 54 -20.66 16.67 -30.74
N LEU D 55 -20.26 15.45 -30.42
CA LEU D 55 -19.39 15.23 -29.28
C LEU D 55 -18.19 14.45 -29.73
N GLN D 56 -17.02 14.77 -29.17
CA GLN D 56 -15.86 13.92 -29.28
C GLN D 56 -16.12 12.67 -28.47
N ASP D 57 -15.98 11.51 -29.11
CA ASP D 57 -16.20 10.24 -28.43
C ASP D 57 -15.26 10.09 -27.23
N CYS D 58 -15.84 9.99 -26.04
CA CYS D 58 -15.10 9.68 -24.82
C CYS D 58 -16.09 9.16 -23.78
N PRO D 59 -15.60 8.76 -22.60
CA PRO D 59 -16.49 8.10 -21.65
C PRO D 59 -17.71 8.93 -21.28
N LYS D 60 -17.50 10.24 -21.13
CA LYS D 60 -18.60 11.14 -20.82
C LYS D 60 -19.64 11.19 -21.94
N ALA D 61 -19.18 11.38 -23.18
CA ALA D 61 -20.10 11.41 -24.31
C ALA D 61 -20.82 10.07 -24.44
N ARG D 62 -20.08 8.98 -24.32
CA ARG D 62 -20.71 7.66 -24.35
C ARG D 62 -21.78 7.59 -23.28
N ARG D 63 -21.47 8.10 -22.09
CA ARG D 63 -22.45 8.13 -21.01
C ARG D 63 -23.67 8.95 -21.43
N GLU D 64 -23.42 10.10 -22.05
CA GLU D 64 -24.48 11.02 -22.45
C GLU D 64 -25.42 10.42 -23.47
N VAL D 65 -24.88 9.81 -24.51
CA VAL D 65 -25.75 9.26 -25.52
C VAL D 65 -26.55 8.15 -24.88
N GLU D 66 -25.90 7.44 -23.97
CA GLU D 66 -26.45 6.21 -23.46
C GLU D 66 -27.62 6.53 -22.57
N LEU D 67 -27.43 7.50 -21.67
CA LEU D 67 -28.47 7.89 -20.72
C LEU D 67 -29.57 8.66 -21.42
N HIS D 68 -29.20 9.44 -22.42
CA HIS D 68 -30.19 10.23 -23.14
C HIS D 68 -31.03 9.29 -23.99
N TRP D 69 -30.40 8.27 -24.53
CA TRP D 69 -31.14 7.31 -25.33
C TRP D 69 -32.22 6.61 -24.50
N ARG D 70 -31.88 6.17 -23.29
CA ARG D 70 -32.83 5.49 -22.43
C ARG D 70 -33.97 6.44 -22.04
N ALA D 71 -33.61 7.71 -21.87
CA ALA D 71 -34.56 8.72 -21.45
C ALA D 71 -35.54 8.98 -22.58
N SER D 72 -35.12 8.71 -23.81
CA SER D 72 -35.89 9.07 -25.00
C SER D 72 -37.28 8.47 -25.09
N GLN D 73 -37.52 7.36 -24.41
CA GLN D 73 -38.84 6.77 -24.40
C GLN D 73 -39.84 7.82 -23.92
N CYS D 74 -39.44 8.60 -22.93
CA CYS D 74 -40.33 9.63 -22.41
C CYS D 74 -40.46 10.72 -23.45
N PRO D 75 -41.68 10.93 -23.96
CA PRO D 75 -41.96 11.97 -24.95
C PRO D 75 -41.78 13.39 -24.42
N HIS D 76 -41.59 13.55 -23.12
CA HIS D 76 -41.31 14.87 -22.59
C HIS D 76 -39.83 15.14 -22.68
N ILE D 77 -39.12 14.19 -23.27
CA ILE D 77 -37.69 14.31 -23.43
C ILE D 77 -37.33 14.36 -24.91
N VAL D 78 -36.38 15.22 -25.28
CA VAL D 78 -36.12 15.42 -26.70
C VAL D 78 -35.75 14.09 -27.30
N ARG D 79 -36.32 13.80 -28.48
CA ARG D 79 -36.15 12.50 -29.13
C ARG D 79 -34.86 12.41 -29.93
N ILE D 80 -34.16 11.29 -29.77
CA ILE D 80 -32.99 11.03 -30.59
C ILE D 80 -33.35 10.15 -31.77
N VAL D 81 -33.05 10.62 -32.99
CA VAL D 81 -33.41 9.88 -34.20
C VAL D 81 -32.40 8.79 -34.56
N ASP D 82 -31.14 9.15 -34.76
CA ASP D 82 -30.09 8.18 -34.52
C ASP D 82 -28.76 8.80 -34.18
N VAL D 83 -27.84 7.94 -33.77
CA VAL D 83 -26.53 8.34 -33.27
C VAL D 83 -25.48 7.74 -34.22
N TYR D 84 -24.57 8.59 -34.71
CA TYR D 84 -23.51 8.11 -35.58
C TYR D 84 -22.21 8.23 -34.86
N GLU D 85 -21.33 7.27 -35.11
CA GLU D 85 -19.93 7.35 -34.70
C GLU D 85 -19.09 7.50 -35.96
N ASN D 86 -18.57 8.70 -36.19
CA ASN D 86 -17.82 9.00 -37.39
C ASN D 86 -16.42 9.52 -37.10
N LEU D 87 -15.53 9.38 -38.08
CA LEU D 87 -14.22 10.01 -38.02
C LEU D 87 -14.37 11.44 -38.50
N TYR D 88 -13.84 12.38 -37.72
CA TYR D 88 -13.83 13.79 -38.13
C TYR D 88 -12.60 14.48 -37.61
N ALA D 89 -11.87 15.14 -38.51
CA ALA D 89 -10.60 15.76 -38.16
C ALA D 89 -9.72 14.79 -37.39
N GLY D 90 -9.67 13.54 -37.87
CA GLY D 90 -8.72 12.58 -37.35
C GLY D 90 -9.21 11.75 -36.18
N ARG D 91 -10.24 12.24 -35.50
CA ARG D 91 -10.69 11.64 -34.26
C ARG D 91 -12.01 10.86 -34.41
N LYS D 92 -12.21 9.91 -33.51
CA LYS D 92 -13.47 9.19 -33.39
C LYS D 92 -14.41 10.10 -32.61
N CYS D 93 -15.58 10.41 -33.16
CA CYS D 93 -16.51 11.25 -32.43
C CYS D 93 -17.98 11.07 -32.73
N LEU D 94 -18.81 11.44 -31.75
CA LEU D 94 -20.23 11.08 -31.69
C LEU D 94 -21.13 12.15 -32.29
N LEU D 95 -22.03 11.72 -33.17
CA LEU D 95 -22.95 12.64 -33.82
C LEU D 95 -24.36 12.22 -33.49
N ILE D 96 -25.07 13.08 -32.77
CA ILE D 96 -26.39 12.75 -32.28
C ILE D 96 -27.42 13.54 -33.07
N VAL D 97 -28.27 12.85 -33.82
CA VAL D 97 -29.34 13.54 -34.55
C VAL D 97 -30.65 13.49 -33.77
N MET D 98 -31.23 14.66 -33.54
CA MET D 98 -32.46 14.78 -32.75
C MET D 98 -33.62 15.34 -33.56
N GLU D 99 -34.84 15.09 -33.08
CA GLU D 99 -36.00 15.86 -33.53
C GLU D 99 -35.65 17.31 -33.33
N CYS D 100 -36.11 18.18 -34.22
CA CYS D 100 -35.82 19.59 -34.05
C CYS D 100 -36.87 20.22 -33.15
N LEU D 101 -36.40 20.95 -32.15
CA LEU D 101 -37.30 21.65 -31.27
C LEU D 101 -37.37 23.08 -31.73
N ASP D 102 -38.46 23.42 -32.41
CA ASP D 102 -38.57 24.67 -33.13
C ASP D 102 -39.27 25.79 -32.36
N GLY D 103 -39.67 25.50 -31.13
CA GLY D 103 -40.51 26.42 -30.39
C GLY D 103 -39.75 27.44 -29.58
N GLY D 104 -38.44 27.24 -29.43
CA GLY D 104 -37.69 28.12 -28.56
C GLY D 104 -37.80 27.72 -27.11
N GLU D 105 -37.06 28.41 -26.25
CA GLU D 105 -36.97 28.05 -24.84
C GLU D 105 -38.18 28.44 -24.00
N LEU D 106 -38.38 27.71 -22.91
CA LEU D 106 -39.57 27.87 -22.07
C LEU D 106 -39.97 29.32 -21.82
N PHE D 107 -39.05 30.13 -21.32
CA PHE D 107 -39.38 31.49 -20.92
C PHE D 107 -39.61 32.40 -22.11
N SER D 108 -38.66 32.40 -23.04
CA SER D 108 -38.75 33.33 -24.16
C SER D 108 -40.11 33.18 -24.84
N ARG D 109 -40.62 31.97 -24.95
CA ARG D 109 -41.99 31.80 -25.37
C ARG D 109 -42.95 32.56 -24.47
N ILE D 110 -42.87 32.32 -23.16
CA ILE D 110 -43.82 32.88 -22.21
C ILE D 110 -43.82 34.40 -22.26
N GLN D 111 -42.69 35.00 -22.59
CA GLN D 111 -42.64 36.44 -22.65
C GLN D 111 -43.10 37.02 -23.98
N ASP D 112 -43.15 36.17 -25.02
CA ASP D 112 -43.78 36.55 -26.27
C ASP D 112 -45.28 36.30 -26.12
N ARG D 113 -46.06 37.35 -25.88
CA ARG D 113 -47.40 37.12 -25.38
C ARG D 113 -48.17 38.44 -25.22
N GLY D 114 -49.48 38.35 -25.00
CA GLY D 114 -50.26 39.54 -24.75
C GLY D 114 -51.75 39.33 -24.98
N ASP D 115 -52.08 38.34 -25.81
CA ASP D 115 -53.47 38.02 -26.11
C ASP D 115 -54.23 37.72 -24.83
N GLN D 116 -53.98 36.54 -24.27
CA GLN D 116 -54.60 36.11 -23.03
C GLN D 116 -53.59 36.27 -21.91
N ALA D 117 -54.02 36.01 -20.67
CA ALA D 117 -53.12 36.10 -19.53
C ALA D 117 -52.43 34.76 -19.27
N PHE D 118 -51.10 34.81 -19.11
CA PHE D 118 -50.37 33.67 -18.56
C PHE D 118 -50.81 33.48 -17.13
N THR D 119 -51.48 32.37 -16.85
CA THR D 119 -52.12 32.19 -15.56
C THR D 119 -51.42 31.22 -14.62
N GLU D 120 -51.87 31.19 -13.37
CA GLU D 120 -51.33 30.27 -12.39
C GLU D 120 -51.52 28.86 -12.90
N ARG D 121 -52.55 28.67 -13.70
CA ARG D 121 -52.90 27.34 -14.17
C ARG D 121 -51.96 26.87 -15.25
N GLU D 122 -51.53 27.80 -16.09
CA GLU D 122 -50.53 27.46 -17.09
C GLU D 122 -49.21 27.06 -16.42
N ALA D 123 -48.88 27.72 -15.31
CA ALA D 123 -47.66 27.39 -14.61
C ALA D 123 -47.70 25.94 -14.17
N SER D 124 -48.85 25.53 -13.63
CA SER D 124 -48.99 24.21 -13.07
C SER D 124 -48.89 23.15 -14.17
N GLU D 125 -49.61 23.38 -15.26
CA GLU D 125 -49.57 22.47 -16.40
C GLU D 125 -48.15 22.31 -16.91
N ILE D 126 -47.41 23.41 -16.94
CA ILE D 126 -46.02 23.39 -17.34
C ILE D 126 -45.18 22.60 -16.34
N MET D 127 -45.36 22.90 -15.06
CA MET D 127 -44.57 22.21 -14.04
C MET D 127 -44.93 20.72 -14.02
N LYS D 128 -46.16 20.41 -14.39
CA LYS D 128 -46.59 19.03 -14.43
C LYS D 128 -45.84 18.25 -15.52
N SER D 129 -45.47 18.90 -16.61
CA SER D 129 -44.86 18.17 -17.71
C SER D 129 -43.34 18.05 -17.60
N ILE D 130 -42.71 19.07 -17.00
CA ILE D 130 -41.30 18.96 -16.66
C ILE D 130 -41.17 17.89 -15.59
N GLY D 131 -42.15 17.88 -14.68
CA GLY D 131 -42.20 16.85 -13.65
C GLY D 131 -42.42 15.46 -14.21
N GLU D 132 -43.25 15.35 -15.24
CA GLU D 132 -43.39 14.08 -15.92
C GLU D 132 -42.03 13.58 -16.41
N ALA D 133 -41.28 14.45 -17.09
CA ALA D 133 -39.94 14.09 -17.56
C ALA D 133 -39.04 13.64 -16.41
N ILE D 134 -38.99 14.43 -15.35
CA ILE D 134 -38.11 14.14 -14.23
C ILE D 134 -38.49 12.83 -13.58
N GLN D 135 -39.80 12.59 -13.44
CA GLN D 135 -40.27 11.37 -12.82
C GLN D 135 -39.84 10.13 -13.57
N TYR D 136 -39.83 10.21 -14.90
CA TYR D 136 -39.38 9.09 -15.72
C TYR D 136 -37.88 8.85 -15.54
N LEU D 137 -37.09 9.90 -15.72
CA LEU D 137 -35.66 9.82 -15.44
C LEU D 137 -35.38 9.12 -14.11
N HIS D 138 -35.94 9.63 -13.02
CA HIS D 138 -35.65 9.09 -11.69
C HIS D 138 -36.17 7.67 -11.50
N SER D 139 -37.33 7.36 -12.09
CA SER D 139 -37.86 6.02 -12.01
C SER D 139 -36.99 4.99 -12.73
N ILE D 140 -36.11 5.42 -13.64
CA ILE D 140 -35.15 4.49 -14.19
C ILE D 140 -33.75 4.87 -13.73
N ASN D 141 -33.68 5.65 -12.66
CA ASN D 141 -32.44 5.84 -11.93
C ASN D 141 -31.42 6.68 -12.67
N ILE D 142 -31.91 7.67 -13.41
CA ILE D 142 -31.03 8.67 -14.00
C ILE D 142 -31.38 10.00 -13.37
N ALA D 143 -30.36 10.79 -13.03
CA ALA D 143 -30.58 12.15 -12.57
C ALA D 143 -30.08 13.09 -13.65
N HIS D 144 -30.90 14.06 -14.05
CA HIS D 144 -30.52 14.95 -15.12
C HIS D 144 -29.39 15.91 -14.71
N ARG D 145 -29.54 16.53 -13.56
CA ARG D 145 -28.50 17.38 -13.00
C ARG D 145 -28.19 18.65 -13.78
N ASP D 146 -28.88 18.90 -14.89
CA ASP D 146 -28.74 20.20 -15.54
C ASP D 146 -30.09 20.74 -16.05
N VAL D 147 -31.09 20.69 -15.18
CA VAL D 147 -32.43 21.14 -15.53
C VAL D 147 -32.50 22.61 -15.23
N LYS D 148 -32.22 23.39 -16.27
CA LYS D 148 -32.30 24.83 -16.22
C LYS D 148 -33.16 25.18 -17.41
N PRO D 149 -33.61 26.43 -17.49
CA PRO D 149 -34.49 26.88 -18.56
C PRO D 149 -33.91 26.70 -19.96
N GLU D 150 -32.67 27.09 -20.15
CA GLU D 150 -32.03 26.88 -21.44
C GLU D 150 -32.07 25.43 -21.94
N ASN D 151 -32.57 24.49 -21.12
CA ASN D 151 -32.66 23.10 -21.54
C ASN D 151 -34.09 22.59 -21.59
N LEU D 152 -35.04 23.51 -21.61
CA LEU D 152 -36.43 23.17 -21.84
C LEU D 152 -36.92 23.91 -23.10
N LEU D 153 -37.02 23.19 -24.22
CA LEU D 153 -37.44 23.78 -25.49
C LEU D 153 -38.79 23.27 -25.94
N TYR D 154 -39.54 24.13 -26.62
CA TYR D 154 -40.84 23.77 -27.19
C TYR D 154 -40.70 23.11 -28.56
N THR D 155 -41.53 22.09 -28.82
CA THR D 155 -41.44 21.36 -30.07
C THR D 155 -41.57 22.30 -31.24
N SER D 156 -42.69 23.01 -31.29
CA SER D 156 -43.01 23.85 -32.44
C SER D 156 -43.45 25.21 -31.94
N LYS D 157 -44.04 25.98 -32.84
CA LYS D 157 -44.52 27.30 -32.48
C LYS D 157 -46.03 27.30 -32.36
N ARG D 158 -46.64 26.16 -32.68
CA ARG D 158 -48.07 25.99 -32.41
C ARG D 158 -48.38 26.30 -30.95
N PRO D 159 -49.61 26.70 -30.66
CA PRO D 159 -50.03 26.83 -29.25
C PRO D 159 -49.98 25.46 -28.59
N ASN D 160 -50.25 24.43 -29.37
CA ASN D 160 -50.31 23.06 -28.88
C ASN D 160 -48.92 22.42 -28.95
N ALA D 161 -47.90 23.24 -28.74
CA ALA D 161 -46.53 22.77 -28.69
C ALA D 161 -46.31 22.03 -27.38
N ILE D 162 -45.47 21.01 -27.43
CA ILE D 162 -45.16 20.20 -26.27
C ILE D 162 -43.72 20.42 -25.84
N LEU D 163 -43.54 20.67 -24.54
CA LEU D 163 -42.27 21.11 -23.97
C LEU D 163 -41.42 19.87 -23.74
N LYS D 164 -40.11 19.98 -23.98
CA LYS D 164 -39.22 18.84 -23.82
C LYS D 164 -37.90 19.16 -23.15
N LEU D 165 -37.33 18.19 -22.43
CA LEU D 165 -36.05 18.40 -21.73
C LEU D 165 -34.89 17.95 -22.62
N THR D 166 -33.77 18.66 -22.54
CA THR D 166 -32.64 18.40 -23.43
C THR D 166 -31.33 18.36 -22.64
N ASP D 167 -30.23 18.09 -23.34
CA ASP D 167 -28.90 18.14 -22.77
C ASP D 167 -28.63 17.21 -21.58
N PHE D 168 -28.22 15.99 -21.91
CA PHE D 168 -27.90 15.00 -20.90
C PHE D 168 -26.40 14.89 -20.62
N GLY D 169 -25.70 15.98 -20.85
CA GLY D 169 -24.26 16.00 -20.66
C GLY D 169 -23.83 15.89 -19.21
N PHE D 170 -24.76 16.14 -18.29
CA PHE D 170 -24.46 16.02 -16.87
C PHE D 170 -25.18 14.84 -16.21
N ALA D 171 -26.03 14.16 -16.95
CA ALA D 171 -26.84 13.10 -16.38
C ALA D 171 -25.96 12.00 -15.77
N LYS D 172 -26.47 11.31 -14.75
CA LYS D 172 -25.77 10.21 -14.11
C LYS D 172 -26.74 9.10 -13.69
N GLU D 173 -26.33 7.85 -13.84
CA GLU D 173 -27.08 6.77 -13.19
C GLU D 173 -26.93 6.94 -11.70
N THR D 174 -28.04 6.92 -10.99
CA THR D 174 -28.03 7.11 -9.55
C THR D 174 -27.90 5.77 -8.85
N THR D 175 -28.17 4.70 -9.61
CA THR D 175 -28.04 3.34 -9.09
C THR D 175 -26.58 3.01 -8.89
N SER D 176 -26.34 1.85 -8.29
CA SER D 176 -24.98 1.33 -8.17
C SER D 176 -24.64 0.43 -9.35
N VAL D 190 -38.54 -5.29 1.62
CA VAL D 190 -37.27 -4.57 1.64
C VAL D 190 -37.50 -3.07 1.68
N ALA D 191 -36.58 -2.34 2.32
CA ALA D 191 -36.67 -0.89 2.42
C ALA D 191 -36.06 -0.25 1.18
N PRO D 192 -36.63 0.88 0.74
CA PRO D 192 -36.16 1.47 -0.51
C PRO D 192 -34.66 1.74 -0.51
N GLU D 193 -34.08 1.87 0.68
CA GLU D 193 -32.67 2.22 0.80
C GLU D 193 -31.80 1.01 0.61
N VAL D 194 -32.36 -0.17 0.86
CA VAL D 194 -31.62 -1.42 0.70
C VAL D 194 -31.45 -1.72 -0.78
N LEU D 195 -32.48 -1.41 -1.56
CA LEU D 195 -32.42 -1.56 -3.00
C LEU D 195 -31.61 -0.43 -3.60
N GLU D 198 -28.63 5.30 -3.70
CA GLU D 198 -28.15 6.53 -4.32
C GLU D 198 -28.00 7.64 -3.30
N LYS D 199 -27.54 8.81 -3.75
CA LYS D 199 -27.20 9.88 -2.83
C LYS D 199 -27.10 11.25 -3.49
N TYR D 200 -28.18 12.02 -3.43
CA TYR D 200 -28.11 13.48 -3.57
C TYR D 200 -28.18 14.03 -4.98
N ASP D 201 -27.97 13.20 -5.99
CA ASP D 201 -28.09 13.63 -7.38
C ASP D 201 -29.53 13.86 -7.80
N LYS D 202 -30.38 12.89 -7.50
CA LYS D 202 -31.81 12.98 -7.77
C LYS D 202 -32.40 14.27 -7.18
N SER D 203 -31.83 14.69 -6.05
CA SER D 203 -32.43 15.72 -5.23
C SER D 203 -32.13 17.11 -5.74
N CYS D 204 -31.13 17.24 -6.60
CA CYS D 204 -30.84 18.54 -7.14
C CYS D 204 -31.68 18.78 -8.39
N ASP D 205 -32.16 17.71 -9.01
CA ASP D 205 -33.23 17.85 -9.98
C ASP D 205 -34.44 18.52 -9.34
N MET D 206 -34.69 18.24 -8.06
CA MET D 206 -35.88 18.78 -7.41
C MET D 206 -35.65 20.20 -6.94
N TRP D 207 -34.44 20.50 -6.50
CA TRP D 207 -34.02 21.88 -6.31
C TRP D 207 -34.32 22.71 -7.55
N SER D 208 -33.87 22.20 -8.69
CA SER D 208 -34.02 22.88 -9.96
C SER D 208 -35.47 23.14 -10.27
N LEU D 209 -36.30 22.12 -10.02
CA LEU D 209 -37.74 22.26 -10.22
C LEU D 209 -38.25 23.41 -9.35
N GLY D 210 -37.77 23.43 -8.12
CA GLY D 210 -38.08 24.55 -7.26
C GLY D 210 -37.76 25.88 -7.91
N VAL D 211 -36.54 26.06 -8.38
CA VAL D 211 -36.14 27.36 -8.91
C VAL D 211 -37.00 27.73 -10.11
N ILE D 212 -37.13 26.79 -11.05
CA ILE D 212 -37.94 27.02 -12.24
C ILE D 212 -39.38 27.36 -11.86
N MET D 213 -39.97 26.58 -10.97
CA MET D 213 -41.33 26.87 -10.55
C MET D 213 -41.43 28.26 -9.95
N TYR D 214 -40.45 28.63 -9.14
CA TYR D 214 -40.43 29.96 -8.54
C TYR D 214 -40.48 31.03 -9.62
N ILE D 215 -39.58 30.93 -10.60
CA ILE D 215 -39.58 31.86 -11.73
C ILE D 215 -40.88 31.84 -12.55
N LEU D 216 -41.43 30.66 -12.82
CA LEU D 216 -42.64 30.60 -13.61
C LEU D 216 -43.74 31.46 -12.99
N LEU D 217 -43.70 31.66 -11.68
CA LEU D 217 -44.80 32.32 -10.99
C LEU D 217 -44.66 33.83 -10.84
N CYS D 218 -43.43 34.34 -10.95
CA CYS D 218 -43.22 35.75 -10.71
C CYS D 218 -42.40 36.44 -11.81
N GLY D 219 -41.51 35.69 -12.46
CA GLY D 219 -40.73 36.28 -13.53
C GLY D 219 -39.26 36.48 -13.22
N TYR D 220 -38.86 36.39 -11.95
CA TYR D 220 -37.44 36.44 -11.59
C TYR D 220 -37.09 35.23 -10.73
N PRO D 221 -35.78 34.96 -10.52
CA PRO D 221 -35.33 33.82 -9.71
C PRO D 221 -35.32 34.15 -8.22
N PRO D 222 -35.33 33.13 -7.35
CA PRO D 222 -35.31 33.29 -5.90
C PRO D 222 -33.96 33.73 -5.33
N PHE D 223 -32.88 33.46 -6.05
CA PHE D 223 -31.55 33.88 -5.63
C PHE D 223 -30.87 34.61 -6.79
N TYR D 224 -30.20 35.71 -6.49
CA TYR D 224 -29.59 36.50 -7.56
C TYR D 224 -28.58 37.50 -7.02
N SER D 225 -27.66 37.92 -7.89
CA SER D 225 -26.79 39.05 -7.58
C SER D 225 -27.52 40.37 -7.81
N ASN D 226 -27.45 41.25 -6.82
CA ASN D 226 -28.11 42.54 -6.91
C ASN D 226 -27.25 43.57 -7.62
N HIS D 227 -25.94 43.39 -7.53
CA HIS D 227 -24.98 44.26 -8.21
C HIS D 227 -24.55 43.63 -9.53
N PRO D 233 -21.07 36.46 -4.06
CA PRO D 233 -20.77 35.89 -2.74
C PRO D 233 -21.95 36.10 -1.79
N GLY D 234 -22.60 37.25 -1.92
CA GLY D 234 -23.92 37.40 -1.34
C GLY D 234 -24.84 36.32 -1.89
N MET D 235 -25.00 36.29 -3.19
CA MET D 235 -25.91 35.35 -3.84
C MET D 235 -25.55 33.92 -3.44
N LYS D 236 -24.26 33.64 -3.34
CA LYS D 236 -23.80 32.30 -3.00
C LYS D 236 -24.12 32.03 -1.53
N THR D 237 -24.02 33.07 -0.72
CA THR D 237 -24.38 32.93 0.68
C THR D 237 -25.88 32.74 0.83
N ARG D 238 -26.67 33.56 0.16
CA ARG D 238 -28.11 33.47 0.25
C ARG D 238 -28.63 32.12 -0.21
N ILE D 239 -27.98 31.50 -1.19
CA ILE D 239 -28.39 30.17 -1.60
C ILE D 239 -28.04 29.18 -0.47
N ARG D 240 -26.88 29.39 0.13
CA ARG D 240 -26.33 28.50 1.14
C ARG D 240 -27.16 28.56 2.43
N MET D 241 -27.63 29.76 2.74
CA MET D 241 -28.52 30.01 3.87
C MET D 241 -29.97 29.76 3.49
N GLY D 242 -30.29 29.83 2.20
CA GLY D 242 -31.66 29.67 1.79
C GLY D 242 -32.47 30.91 2.09
N GLN D 243 -31.87 32.10 1.95
CA GLN D 243 -32.61 33.34 2.10
C GLN D 243 -33.26 33.71 0.80
N TYR D 244 -34.58 33.64 0.77
CA TYR D 244 -35.31 34.13 -0.37
C TYR D 244 -36.71 34.55 0.08
N GLU D 245 -37.32 35.45 -0.67
CA GLU D 245 -38.62 36.01 -0.32
C GLU D 245 -39.67 35.47 -1.25
N PHE D 246 -40.92 35.68 -0.89
CA PHE D 246 -42.02 35.72 -1.84
C PHE D 246 -42.58 37.15 -1.89
N PRO D 247 -41.82 38.09 -2.48
CA PRO D 247 -42.15 39.51 -2.36
C PRO D 247 -43.46 39.96 -3.02
N ASN D 248 -44.05 41.04 -2.49
CA ASN D 248 -45.13 41.74 -3.18
C ASN D 248 -44.51 42.73 -4.15
N PRO D 249 -45.22 43.07 -5.23
CA PRO D 249 -46.61 42.74 -5.52
C PRO D 249 -46.83 41.33 -6.04
N GLU D 250 -45.92 40.86 -6.89
CA GLU D 250 -46.21 39.72 -7.75
C GLU D 250 -46.54 38.40 -7.05
N TRP D 251 -46.09 38.20 -5.81
CA TRP D 251 -46.42 36.94 -5.13
C TRP D 251 -47.70 37.01 -4.32
N SER D 252 -48.42 38.13 -4.40
CA SER D 252 -49.46 38.42 -3.43
C SER D 252 -50.72 37.62 -3.69
N GLU D 253 -50.86 37.14 -4.90
CA GLU D 253 -52.06 36.43 -5.32
C GLU D 253 -51.83 34.92 -5.23
N VAL D 254 -50.59 34.53 -4.99
CA VAL D 254 -50.21 33.11 -4.90
C VAL D 254 -50.49 32.56 -3.51
N SER D 255 -51.06 31.35 -3.44
CA SER D 255 -51.47 30.79 -2.15
C SER D 255 -50.31 30.25 -1.35
N GLU D 256 -50.59 29.92 -0.09
CA GLU D 256 -49.55 29.43 0.79
C GLU D 256 -49.27 27.98 0.43
N GLU D 257 -50.26 27.31 -0.14
CA GLU D 257 -50.06 25.96 -0.66
C GLU D 257 -48.92 25.94 -1.67
N VAL D 258 -49.05 26.72 -2.73
CA VAL D 258 -47.97 26.80 -3.71
C VAL D 258 -46.68 27.29 -3.08
N LYS D 259 -46.77 28.23 -2.15
CA LYS D 259 -45.57 28.74 -1.49
C LYS D 259 -44.88 27.64 -0.73
N MET D 260 -45.68 26.75 -0.14
CA MET D 260 -45.14 25.74 0.74
C MET D 260 -44.46 24.68 -0.11
N LEU D 261 -45.01 24.45 -1.30
CA LEU D 261 -44.47 23.48 -2.23
C LEU D 261 -43.10 23.94 -2.73
N ILE D 262 -43.00 25.22 -3.05
CA ILE D 262 -41.71 25.78 -3.43
C ILE D 262 -40.76 25.73 -2.25
N ARG D 263 -41.25 25.96 -1.05
CA ARG D 263 -40.38 25.90 0.12
C ARG D 263 -39.84 24.49 0.30
N ASN D 264 -40.65 23.49 -0.02
CA ASN D 264 -40.19 22.13 0.13
C ASN D 264 -39.10 21.77 -0.87
N LEU D 265 -39.10 22.46 -2.00
CA LEU D 265 -38.18 22.15 -3.07
C LEU D 265 -36.88 22.92 -2.86
N LEU D 266 -36.96 24.14 -2.35
CA LEU D 266 -35.77 24.93 -2.13
C LEU D 266 -35.10 24.61 -0.81
N LYS D 267 -35.49 23.51 -0.19
CA LYS D 267 -34.85 23.11 1.05
C LYS D 267 -33.34 22.98 0.90
N THR D 268 -32.62 23.59 1.83
CA THR D 268 -31.18 23.57 1.84
C THR D 268 -30.58 22.17 1.97
N GLU D 269 -31.07 21.43 2.94
CA GLU D 269 -30.60 20.08 3.21
C GLU D 269 -31.24 19.20 2.16
N PRO D 270 -30.44 18.50 1.35
CA PRO D 270 -31.05 17.78 0.24
C PRO D 270 -32.08 16.78 0.72
N THR D 271 -31.72 15.98 1.73
CA THR D 271 -32.63 14.96 2.26
C THR D 271 -33.99 15.47 2.76
N GLN D 272 -34.09 16.74 3.15
CA GLN D 272 -35.39 17.31 3.51
C GLN D 272 -36.28 17.59 2.30
N ARG D 273 -35.73 17.53 1.10
CA ARG D 273 -36.49 17.90 -0.10
C ARG D 273 -37.51 16.86 -0.50
N MET D 274 -38.47 17.33 -1.28
CA MET D 274 -39.58 16.51 -1.75
C MET D 274 -39.02 15.57 -2.80
N THR D 275 -39.59 14.39 -2.94
CA THR D 275 -39.18 13.55 -4.05
C THR D 275 -40.12 13.76 -5.23
N ILE D 276 -39.67 13.45 -6.44
CA ILE D 276 -40.49 13.72 -7.62
C ILE D 276 -41.86 13.03 -7.53
N THR D 277 -41.95 11.93 -6.80
CA THR D 277 -43.23 11.22 -6.71
C THR D 277 -44.19 12.04 -5.86
N GLU D 278 -43.67 12.62 -4.79
CA GLU D 278 -44.49 13.45 -3.95
C GLU D 278 -44.92 14.69 -4.73
N PHE D 279 -43.97 15.37 -5.35
CA PHE D 279 -44.28 16.47 -6.26
C PHE D 279 -45.43 16.08 -7.20
N MET D 280 -45.26 15.00 -7.95
CA MET D 280 -46.27 14.61 -8.92
C MET D 280 -47.64 14.30 -8.30
N ASN D 281 -47.66 14.03 -7.00
CA ASN D 281 -48.91 13.74 -6.32
C ASN D 281 -49.42 14.89 -5.50
N HIS D 282 -48.72 16.03 -5.58
CA HIS D 282 -49.19 17.25 -4.94
C HIS D 282 -50.39 17.80 -5.71
N PRO D 283 -51.41 18.27 -4.98
CA PRO D 283 -52.70 18.65 -5.55
C PRO D 283 -52.61 19.76 -6.59
N TRP D 284 -51.64 20.66 -6.40
CA TRP D 284 -51.42 21.73 -7.35
C TRP D 284 -50.93 21.20 -8.69
N ILE D 285 -50.21 20.08 -8.64
CA ILE D 285 -49.70 19.44 -9.85
C ILE D 285 -50.69 18.37 -10.33
N MET D 286 -51.21 17.60 -9.39
CA MET D 286 -52.04 16.46 -9.74
C MET D 286 -53.39 16.91 -10.23
N GLN D 287 -53.78 18.12 -9.83
CA GLN D 287 -55.06 18.68 -10.24
C GLN D 287 -54.96 20.05 -10.91
N SER D 288 -54.08 20.19 -11.90
CA SER D 288 -53.93 21.45 -12.61
C SER D 288 -55.30 21.98 -12.98
N THR D 289 -56.10 21.12 -13.61
CA THR D 289 -57.54 21.36 -13.78
C THR D 289 -58.15 22.26 -12.70
N LYS D 290 -57.97 21.91 -11.44
CA LYS D 290 -58.64 22.59 -10.35
C LYS D 290 -57.94 23.87 -9.87
N VAL D 291 -56.83 24.26 -10.51
CA VAL D 291 -56.14 25.45 -10.02
C VAL D 291 -56.64 26.67 -10.77
N PRO D 292 -56.77 27.80 -10.07
CA PRO D 292 -57.40 29.00 -10.60
C PRO D 292 -56.56 29.63 -11.69
N GLN D 293 -57.25 30.18 -12.70
CA GLN D 293 -56.55 30.84 -13.79
C GLN D 293 -56.20 32.26 -13.41
N THR D 294 -55.76 32.48 -12.17
CA THR D 294 -55.43 33.83 -11.76
C THR D 294 -54.15 34.29 -12.47
N PRO D 295 -54.20 35.50 -13.06
CA PRO D 295 -53.09 36.14 -13.76
C PRO D 295 -51.80 36.25 -12.94
N LEU D 296 -50.68 36.07 -13.64
CA LEU D 296 -49.34 36.25 -13.10
C LEU D 296 -48.60 37.43 -13.74
N HIS D 297 -47.66 38.01 -12.99
CA HIS D 297 -46.77 39.06 -13.50
C HIS D 297 -45.61 38.52 -14.32
N THR D 298 -45.53 37.20 -14.45
CA THR D 298 -44.37 36.55 -15.05
C THR D 298 -43.96 37.15 -16.39
N SER D 299 -44.94 37.35 -17.27
CA SER D 299 -44.67 37.72 -18.66
C SER D 299 -44.17 39.15 -18.80
N ARG D 300 -44.72 40.08 -18.02
CA ARG D 300 -44.23 41.46 -17.96
C ARG D 300 -42.79 41.48 -17.48
N VAL D 301 -42.57 40.88 -16.30
CA VAL D 301 -41.25 40.87 -15.70
C VAL D 301 -40.25 40.32 -16.68
N LEU D 302 -40.59 39.21 -17.32
CA LEU D 302 -39.68 38.53 -18.23
C LEU D 302 -39.38 39.38 -19.46
N LYS D 303 -40.43 39.97 -20.05
CA LYS D 303 -40.25 40.87 -21.20
C LYS D 303 -39.30 42.01 -20.88
N GLU D 304 -39.45 42.60 -19.69
CA GLU D 304 -38.77 43.84 -19.36
C GLU D 304 -37.40 43.65 -18.72
N VAL E 8 -30.51 -4.39 36.22
CA VAL E 8 -29.42 -5.38 35.95
C VAL E 8 -29.95 -6.82 35.80
N LYS E 9 -29.65 -7.44 34.67
CA LYS E 9 -30.00 -8.85 34.48
C LYS E 9 -28.81 -9.65 33.96
N SER E 10 -28.90 -10.97 34.11
CA SER E 10 -27.76 -11.86 33.92
C SER E 10 -27.33 -11.99 32.46
N GLY E 11 -26.10 -12.45 32.28
CA GLY E 11 -25.59 -12.61 30.93
C GLY E 11 -25.98 -13.94 30.38
N LEU E 12 -25.75 -14.14 29.09
CA LEU E 12 -26.00 -15.42 28.46
C LEU E 12 -24.94 -16.41 28.89
N GLN E 13 -25.34 -17.40 29.69
CA GLN E 13 -24.49 -18.55 29.98
C GLN E 13 -24.87 -19.71 29.07
N ILE E 14 -24.08 -19.92 28.03
CA ILE E 14 -24.31 -21.00 27.07
C ILE E 14 -23.94 -22.38 27.62
N LYS E 15 -24.94 -23.25 27.72
CA LYS E 15 -24.76 -24.61 28.21
C LYS E 15 -24.02 -25.46 27.19
N LYS E 16 -23.17 -26.36 27.67
CA LYS E 16 -22.33 -27.13 26.77
C LYS E 16 -22.62 -28.62 26.89
N ASN E 17 -23.44 -28.98 27.87
CA ASN E 17 -23.85 -30.37 28.02
C ASN E 17 -24.82 -30.78 26.92
N ALA E 18 -24.98 -32.08 26.74
CA ALA E 18 -25.84 -32.58 25.66
C ALA E 18 -27.26 -32.11 25.93
N ILE E 19 -27.90 -31.56 24.91
CA ILE E 19 -29.20 -30.94 25.12
C ILE E 19 -30.21 -32.04 25.42
N ILE E 20 -29.96 -33.23 24.89
CA ILE E 20 -30.87 -34.32 25.11
C ILE E 20 -30.85 -34.79 26.56
N ASP E 21 -29.82 -34.38 27.32
CA ASP E 21 -29.83 -34.57 28.76
C ASP E 21 -31.00 -33.87 29.41
N ASP E 22 -31.59 -32.91 28.72
CA ASP E 22 -32.51 -32.00 29.37
C ASP E 22 -33.88 -31.98 28.70
N TYR E 23 -33.88 -32.17 27.39
CA TYR E 23 -35.09 -32.13 26.60
C TYR E 23 -35.17 -33.42 25.78
N LYS E 24 -36.38 -33.90 25.55
CA LYS E 24 -36.56 -35.05 24.68
C LYS E 24 -36.52 -34.57 23.24
N VAL E 25 -35.32 -34.54 22.68
CA VAL E 25 -35.14 -34.12 21.29
C VAL E 25 -34.83 -35.37 20.48
N THR E 26 -35.61 -35.61 19.43
CA THR E 26 -35.37 -36.80 18.61
C THR E 26 -34.35 -36.50 17.51
N SER E 27 -33.71 -37.55 17.02
CA SER E 27 -32.71 -37.39 15.98
C SER E 27 -33.35 -36.82 14.73
N GLN E 28 -34.63 -37.08 14.55
CA GLN E 28 -35.32 -36.63 13.35
C GLN E 28 -35.51 -35.12 13.35
N VAL E 29 -35.87 -34.57 14.50
CA VAL E 29 -36.03 -33.13 14.63
C VAL E 29 -34.68 -32.45 14.55
N LEU E 30 -33.66 -33.04 15.15
CA LEU E 30 -32.33 -32.47 15.02
C LEU E 30 -32.00 -32.35 13.54
N GLY E 31 -32.21 -33.42 12.79
CA GLY E 31 -32.01 -33.35 11.35
C GLY E 31 -32.86 -32.28 10.68
N LEU E 32 -34.13 -32.22 11.08
CA LEU E 32 -35.03 -31.17 10.60
C LEU E 32 -34.52 -29.79 11.00
N GLY E 33 -34.24 -29.64 12.29
CA GLY E 33 -33.85 -28.36 12.83
C GLY E 33 -32.57 -27.86 12.22
N ILE E 34 -31.73 -28.76 11.76
CA ILE E 34 -30.53 -28.37 11.04
C ILE E 34 -30.88 -27.58 9.78
N ASN E 35 -32.05 -27.86 9.23
CA ASN E 35 -32.47 -27.24 7.98
C ASN E 35 -33.26 -25.96 8.23
N GLY E 36 -33.08 -25.38 9.40
CA GLY E 36 -33.69 -24.09 9.67
C GLY E 36 -35.15 -24.15 10.08
N LYS E 37 -35.69 -25.35 10.24
CA LYS E 37 -37.04 -25.53 10.74
C LYS E 37 -37.07 -25.27 12.24
N VAL E 38 -38.10 -24.59 12.72
CA VAL E 38 -38.28 -24.43 14.16
C VAL E 38 -39.14 -25.59 14.64
N LEU E 39 -38.72 -26.22 15.73
CA LEU E 39 -39.33 -27.47 16.18
C LEU E 39 -39.78 -27.46 17.62
N GLN E 40 -40.70 -28.34 17.94
CA GLN E 40 -41.20 -28.46 19.30
C GLN E 40 -40.44 -29.54 20.07
N ILE E 41 -40.04 -29.22 21.29
CA ILE E 41 -39.40 -30.19 22.15
C ILE E 41 -40.04 -30.13 23.53
N PHE E 42 -39.61 -31.01 24.43
CA PHE E 42 -40.18 -31.07 25.76
C PHE E 42 -39.13 -31.23 26.83
N ASN E 43 -39.28 -30.49 27.92
CA ASN E 43 -38.39 -30.63 29.06
C ASN E 43 -38.66 -32.02 29.65
N LYS E 44 -37.67 -32.62 30.29
CA LYS E 44 -37.84 -33.97 30.82
C LYS E 44 -38.28 -33.99 32.27
N ARG E 45 -37.77 -33.06 33.06
CA ARG E 45 -38.27 -32.88 34.42
C ARG E 45 -39.75 -32.55 34.39
N THR E 46 -40.13 -31.69 33.46
CA THR E 46 -41.40 -30.99 33.53
C THR E 46 -42.34 -31.46 32.45
N GLN E 47 -41.78 -31.92 31.35
CA GLN E 47 -42.57 -32.30 30.19
C GLN E 47 -43.27 -31.09 29.59
N GLU E 48 -42.86 -29.90 30.03
CA GLU E 48 -43.43 -28.67 29.48
C GLU E 48 -42.82 -28.39 28.11
N LYS E 49 -43.57 -27.67 27.28
CA LYS E 49 -43.34 -27.59 25.84
C LYS E 49 -42.50 -26.38 25.41
N PHE E 50 -41.63 -26.58 24.42
CA PHE E 50 -40.77 -25.50 23.94
C PHE E 50 -40.51 -25.47 22.43
N ALA E 51 -39.78 -24.44 21.99
CA ALA E 51 -39.41 -24.34 20.59
C ALA E 51 -37.90 -24.37 20.48
N LEU E 52 -37.42 -25.06 19.46
CA LEU E 52 -35.98 -25.24 19.26
C LEU E 52 -35.62 -24.74 17.88
N LYS E 53 -34.51 -24.03 17.77
CA LYS E 53 -33.94 -23.77 16.46
C LYS E 53 -32.43 -23.93 16.51
N MET E 54 -31.88 -24.45 15.43
CA MET E 54 -30.50 -24.88 15.39
C MET E 54 -29.70 -24.05 14.41
N LEU E 55 -28.59 -23.52 14.87
CA LEU E 55 -27.67 -22.82 14.01
C LEU E 55 -26.34 -23.53 14.09
N GLN E 56 -25.67 -23.68 12.96
CA GLN E 56 -24.26 -24.06 12.97
C GLN E 56 -23.51 -22.88 13.58
N ASP E 57 -22.70 -23.17 14.58
CA ASP E 57 -22.02 -22.12 15.33
C ASP E 57 -21.02 -21.38 14.45
N CYS E 58 -21.23 -20.07 14.31
CA CYS E 58 -20.32 -19.23 13.56
C CYS E 58 -20.55 -17.78 13.97
N PRO E 59 -19.63 -16.87 13.61
CA PRO E 59 -19.71 -15.58 14.30
C PRO E 59 -21.07 -14.91 14.14
N LYS E 60 -21.74 -15.19 13.02
CA LYS E 60 -23.03 -14.58 12.74
C LYS E 60 -24.10 -15.23 13.61
N ALA E 61 -24.02 -16.55 13.73
CA ALA E 61 -24.89 -17.28 14.65
C ALA E 61 -24.67 -16.80 16.06
N ARG E 62 -23.40 -16.50 16.40
CA ARG E 62 -23.07 -15.98 17.71
C ARG E 62 -23.62 -14.57 17.93
N ARG E 63 -23.65 -13.77 16.88
CA ARG E 63 -24.18 -12.44 17.00
C ARG E 63 -25.64 -12.53 17.37
N GLU E 64 -26.38 -13.33 16.60
CA GLU E 64 -27.82 -13.44 16.76
C GLU E 64 -28.20 -13.85 18.16
N VAL E 65 -27.49 -14.83 18.71
CA VAL E 65 -27.84 -15.33 20.02
C VAL E 65 -27.60 -14.26 21.04
N GLU E 66 -26.52 -13.53 20.87
CA GLU E 66 -26.11 -12.50 21.81
C GLU E 66 -27.13 -11.37 21.84
N LEU E 67 -27.58 -10.95 20.66
CA LEU E 67 -28.56 -9.88 20.55
C LEU E 67 -29.93 -10.34 20.98
N HIS E 68 -30.28 -11.59 20.69
CA HIS E 68 -31.61 -12.06 21.00
C HIS E 68 -31.70 -12.15 22.50
N TRP E 69 -30.63 -12.62 23.13
CA TRP E 69 -30.63 -12.75 24.58
C TRP E 69 -30.87 -11.41 25.24
N ARG E 70 -30.19 -10.38 24.76
CA ARG E 70 -30.36 -9.03 25.28
C ARG E 70 -31.80 -8.55 25.14
N ALA E 71 -32.41 -8.78 23.99
CA ALA E 71 -33.75 -8.29 23.77
C ALA E 71 -34.81 -9.08 24.54
N SER E 72 -34.48 -10.30 24.95
CA SER E 72 -35.45 -11.15 25.62
C SER E 72 -35.91 -10.53 26.91
N GLN E 73 -35.07 -9.66 27.45
CA GLN E 73 -35.47 -8.83 28.58
C GLN E 73 -36.92 -8.40 28.37
N CYS E 74 -37.23 -7.93 27.17
CA CYS E 74 -38.56 -7.40 26.85
C CYS E 74 -39.58 -8.47 26.50
N PRO E 75 -40.75 -8.45 27.17
CA PRO E 75 -41.76 -9.49 26.97
C PRO E 75 -42.50 -9.49 25.62
N HIS E 76 -42.28 -8.48 24.80
CA HIS E 76 -42.84 -8.53 23.45
C HIS E 76 -41.87 -9.18 22.46
N ILE E 77 -40.81 -9.74 23.01
CA ILE E 77 -39.85 -10.48 22.24
C ILE E 77 -39.80 -11.93 22.73
N VAL E 78 -39.80 -12.87 21.80
CA VAL E 78 -39.87 -14.28 22.16
C VAL E 78 -38.75 -14.60 23.15
N ARG E 79 -39.05 -15.37 24.18
CA ARG E 79 -38.07 -15.57 25.24
C ARG E 79 -37.14 -16.74 24.95
N ILE E 80 -35.84 -16.47 24.95
CA ILE E 80 -34.84 -17.53 24.92
C ILE E 80 -34.73 -18.19 26.29
N VAL E 81 -34.85 -19.50 26.35
CA VAL E 81 -34.85 -20.17 27.63
C VAL E 81 -33.52 -20.83 27.97
N ASP E 82 -32.75 -21.15 26.94
CA ASP E 82 -31.44 -21.79 27.09
C ASP E 82 -30.76 -21.77 25.73
N VAL E 83 -29.45 -21.61 25.74
CA VAL E 83 -28.65 -21.78 24.54
C VAL E 83 -27.68 -22.92 24.80
N TYR E 84 -27.56 -23.83 23.84
CA TYR E 84 -26.61 -24.94 23.98
C TYR E 84 -25.61 -24.92 22.86
N GLU E 85 -24.35 -25.18 23.20
CA GLU E 85 -23.35 -25.50 22.20
C GLU E 85 -23.04 -26.99 22.33
N ASN E 86 -23.42 -27.75 21.30
CA ASN E 86 -23.16 -29.18 21.25
C ASN E 86 -22.45 -29.53 19.93
N LEU E 87 -21.79 -30.69 19.89
CA LEU E 87 -21.37 -31.29 18.63
C LEU E 87 -22.55 -31.94 17.91
N TYR E 88 -22.64 -31.68 16.60
CA TYR E 88 -23.59 -32.41 15.76
C TYR E 88 -23.00 -32.58 14.38
N ALA E 89 -23.14 -33.79 13.81
CA ALA E 89 -22.38 -34.18 12.63
C ALA E 89 -20.97 -33.64 12.76
N GLY E 90 -20.37 -33.83 13.93
CA GLY E 90 -19.00 -33.44 14.14
C GLY E 90 -18.70 -31.96 13.93
N ARG E 91 -19.75 -31.16 13.78
CA ARG E 91 -19.59 -29.72 13.77
C ARG E 91 -20.17 -29.11 15.04
N LYS E 92 -19.42 -28.18 15.65
CA LYS E 92 -19.94 -27.34 16.71
C LYS E 92 -21.17 -26.61 16.21
N CYS E 93 -22.24 -26.61 16.99
CA CYS E 93 -23.38 -25.76 16.65
C CYS E 93 -24.22 -25.37 17.84
N LEU E 94 -25.00 -24.32 17.66
CA LEU E 94 -25.79 -23.70 18.73
C LEU E 94 -27.24 -24.14 18.65
N LEU E 95 -27.76 -24.67 19.75
CA LEU E 95 -29.17 -25.02 19.80
C LEU E 95 -29.90 -24.07 20.74
N ILE E 96 -30.89 -23.36 20.22
CA ILE E 96 -31.58 -22.34 21.01
C ILE E 96 -32.96 -22.80 21.46
N VAL E 97 -33.19 -22.84 22.77
CA VAL E 97 -34.50 -23.23 23.30
C VAL E 97 -35.31 -21.98 23.66
N MET E 98 -36.43 -21.76 22.96
CA MET E 98 -37.29 -20.60 23.20
C MET E 98 -38.63 -20.99 23.81
N GLU E 99 -39.31 -20.01 24.40
CA GLU E 99 -40.72 -20.21 24.74
C GLU E 99 -41.45 -20.59 23.47
N CYS E 100 -42.40 -21.51 23.57
CA CYS E 100 -43.04 -21.97 22.35
C CYS E 100 -44.17 -21.01 22.00
N LEU E 101 -44.08 -20.38 20.85
CA LEU E 101 -45.16 -19.51 20.43
C LEU E 101 -46.14 -20.33 19.62
N ASP E 102 -47.36 -20.44 20.15
CA ASP E 102 -48.31 -21.44 19.70
C ASP E 102 -49.60 -20.83 19.14
N GLY E 103 -49.66 -19.51 19.01
CA GLY E 103 -50.89 -18.86 18.60
C GLY E 103 -50.93 -18.49 17.13
N GLY E 104 -49.89 -18.86 16.40
CA GLY E 104 -49.87 -18.56 14.98
C GLY E 104 -49.32 -17.19 14.63
N GLU E 105 -49.18 -16.94 13.34
CA GLU E 105 -48.67 -15.66 12.88
C GLU E 105 -49.79 -14.62 12.97
N LEU E 106 -49.39 -13.40 13.30
CA LEU E 106 -50.31 -12.27 13.35
C LEU E 106 -51.44 -12.33 12.33
N PHE E 107 -51.11 -12.45 11.04
CA PHE E 107 -52.14 -12.32 10.01
C PHE E 107 -52.91 -13.59 9.81
N SER E 108 -52.36 -14.69 10.32
CA SER E 108 -53.07 -15.94 10.25
C SER E 108 -54.26 -15.85 11.20
N ARG E 109 -54.05 -15.29 12.40
CA ARG E 109 -55.12 -15.14 13.38
C ARG E 109 -56.19 -14.18 12.92
N ILE E 110 -55.78 -13.06 12.33
CA ILE E 110 -56.76 -12.09 11.86
C ILE E 110 -57.63 -12.75 10.79
N GLN E 111 -57.03 -13.58 9.95
CA GLN E 111 -57.79 -14.21 8.89
C GLN E 111 -58.36 -15.56 9.30
N ASP E 112 -58.38 -15.84 10.59
CA ASP E 112 -59.18 -16.94 11.10
C ASP E 112 -60.29 -16.33 11.95
N ARG E 113 -60.89 -15.28 11.41
CA ARG E 113 -61.84 -14.49 12.17
C ARG E 113 -63.23 -14.60 11.61
N GLY E 114 -63.42 -14.00 10.43
CA GLY E 114 -64.72 -13.54 9.98
C GLY E 114 -65.92 -14.28 10.51
N ASP E 115 -67.06 -13.62 10.50
CA ASP E 115 -67.15 -12.29 9.91
C ASP E 115 -67.51 -11.28 10.98
N GLN E 116 -66.88 -11.45 12.14
CA GLN E 116 -66.85 -10.38 13.13
C GLN E 116 -65.92 -9.28 12.62
N ALA E 117 -66.24 -8.04 12.98
CA ALA E 117 -65.42 -6.90 12.59
C ALA E 117 -63.96 -7.08 12.99
N PHE E 118 -63.07 -6.49 12.20
CA PHE E 118 -61.71 -6.21 12.63
C PHE E 118 -61.57 -4.69 12.48
N THR E 119 -61.49 -3.96 13.59
CA THR E 119 -61.61 -2.51 13.51
C THR E 119 -60.28 -1.79 13.47
N GLU E 120 -60.31 -0.50 13.13
CA GLU E 120 -59.11 0.31 13.01
C GLU E 120 -58.49 0.48 14.39
N ARG E 121 -59.33 0.41 15.41
CA ARG E 121 -58.88 0.53 16.78
C ARG E 121 -58.08 -0.68 17.21
N GLU E 122 -58.51 -1.86 16.79
CA GLU E 122 -57.76 -3.05 17.09
C GLU E 122 -56.44 -2.96 16.35
N ALA E 123 -56.50 -2.47 15.10
CA ALA E 123 -55.29 -2.25 14.31
C ALA E 123 -54.32 -1.43 15.13
N SER E 124 -54.78 -0.29 15.61
CA SER E 124 -53.96 0.59 16.41
C SER E 124 -53.28 -0.17 17.53
N GLU E 125 -54.04 -1.01 18.22
CA GLU E 125 -53.50 -1.63 19.41
C GLU E 125 -52.44 -2.65 19.03
N ILE E 126 -52.71 -3.45 18.01
CA ILE E 126 -51.69 -4.37 17.53
C ILE E 126 -50.41 -3.61 17.18
N MET E 127 -50.57 -2.47 16.49
CA MET E 127 -49.41 -1.71 16.07
C MET E 127 -48.64 -1.24 17.28
N LYS E 128 -49.35 -0.77 18.29
CA LYS E 128 -48.67 -0.25 19.47
C LYS E 128 -47.90 -1.39 20.06
N SER E 129 -48.35 -2.60 19.81
CA SER E 129 -47.80 -3.72 20.52
C SER E 129 -46.45 -4.06 19.92
N ILE E 130 -46.41 -4.09 18.59
CA ILE E 130 -45.17 -4.30 17.88
C ILE E 130 -44.25 -3.13 18.16
N GLY E 131 -44.82 -1.95 18.23
CA GLY E 131 -44.01 -0.76 18.43
C GLY E 131 -43.23 -0.85 19.71
N GLU E 132 -43.85 -1.48 20.71
CA GLU E 132 -43.27 -1.64 22.03
C GLU E 132 -42.02 -2.51 21.92
N ALA E 133 -42.12 -3.57 21.14
CA ALA E 133 -40.94 -4.41 20.89
C ALA E 133 -39.80 -3.59 20.25
N ILE E 134 -40.13 -2.83 19.21
CA ILE E 134 -39.12 -2.08 18.49
C ILE E 134 -38.49 -0.99 19.36
N GLN E 135 -39.31 -0.36 20.19
CA GLN E 135 -38.83 0.68 21.08
C GLN E 135 -37.79 0.11 22.06
N TYR E 136 -38.02 -1.10 22.56
CA TYR E 136 -37.06 -1.68 23.48
C TYR E 136 -35.73 -1.95 22.79
N LEU E 137 -35.78 -2.63 21.65
CA LEU E 137 -34.59 -2.87 20.85
C LEU E 137 -33.80 -1.58 20.62
N HIS E 138 -34.33 -0.66 19.83
CA HIS E 138 -33.64 0.60 19.55
C HIS E 138 -33.00 1.26 20.78
N SER E 139 -33.69 1.24 21.92
CA SER E 139 -33.20 1.94 23.10
C SER E 139 -32.02 1.23 23.77
N ILE E 140 -31.74 0.02 23.32
CA ILE E 140 -30.51 -0.66 23.71
C ILE E 140 -29.78 -0.92 22.41
N ASN E 141 -29.99 -0.03 21.45
CA ASN E 141 -29.15 0.06 20.27
C ASN E 141 -29.10 -1.15 19.37
N ILE E 142 -30.22 -1.88 19.30
CA ILE E 142 -30.32 -3.03 18.40
C ILE E 142 -31.39 -2.79 17.34
N ALA E 143 -31.04 -3.01 16.08
CA ALA E 143 -32.03 -3.00 15.02
C ALA E 143 -32.34 -4.45 14.66
N HIS E 144 -33.63 -4.77 14.51
CA HIS E 144 -34.02 -6.11 14.18
C HIS E 144 -33.73 -6.35 12.71
N ARG E 145 -34.21 -5.44 11.87
CA ARG E 145 -33.92 -5.49 10.44
C ARG E 145 -34.62 -6.61 9.69
N ASP E 146 -35.58 -7.28 10.34
CA ASP E 146 -36.37 -8.34 9.68
C ASP E 146 -37.81 -8.37 10.17
N VAL E 147 -38.38 -7.20 10.47
CA VAL E 147 -39.74 -7.10 11.01
C VAL E 147 -40.77 -7.29 9.92
N LYS E 148 -41.04 -8.55 9.59
CA LYS E 148 -42.07 -8.88 8.64
C LYS E 148 -43.14 -9.67 9.36
N PRO E 149 -44.27 -9.93 8.69
CA PRO E 149 -45.40 -10.61 9.33
C PRO E 149 -45.10 -11.99 9.90
N GLU E 150 -44.24 -12.76 9.25
CA GLU E 150 -44.01 -14.11 9.69
C GLU E 150 -42.97 -14.18 10.81
N ASN E 151 -42.59 -13.03 11.34
CA ASN E 151 -41.79 -12.98 12.56
C ASN E 151 -42.57 -12.35 13.71
N LEU E 152 -43.87 -12.20 13.48
CA LEU E 152 -44.78 -11.77 14.50
C LEU E 152 -45.76 -12.92 14.82
N LEU E 153 -45.39 -13.75 15.79
CA LEU E 153 -46.23 -14.85 16.25
C LEU E 153 -46.89 -14.59 17.61
N TYR E 154 -48.10 -15.14 17.78
CA TYR E 154 -48.83 -15.03 19.04
C TYR E 154 -48.44 -16.14 20.01
N THR E 155 -48.57 -15.88 21.31
CA THR E 155 -48.19 -16.88 22.30
C THR E 155 -49.09 -18.08 22.25
N SER E 156 -50.38 -17.84 22.09
CA SER E 156 -51.38 -18.89 22.11
C SER E 156 -52.63 -18.37 21.45
N LYS E 157 -53.72 -19.12 21.54
CA LYS E 157 -54.97 -18.67 20.96
C LYS E 157 -55.97 -18.34 22.04
N ARG E 158 -55.54 -18.44 23.30
CA ARG E 158 -56.27 -17.82 24.41
C ARG E 158 -56.55 -16.36 24.08
N PRO E 159 -57.54 -15.73 24.75
CA PRO E 159 -57.94 -14.38 24.38
C PRO E 159 -56.92 -13.34 24.80
N ASN E 160 -56.06 -13.70 25.75
CA ASN E 160 -55.10 -12.73 26.25
C ASN E 160 -53.69 -13.13 25.79
N ALA E 161 -53.60 -13.72 24.61
CA ALA E 161 -52.32 -14.14 24.07
C ALA E 161 -51.57 -12.87 23.70
N ILE E 162 -50.26 -12.83 23.91
CA ILE E 162 -49.53 -11.64 23.48
C ILE E 162 -48.74 -11.85 22.19
N LEU E 163 -48.70 -10.81 21.35
CA LEU E 163 -47.95 -10.85 20.09
C LEU E 163 -46.46 -10.55 20.27
N LYS E 164 -45.60 -11.48 19.86
CA LYS E 164 -44.17 -11.33 20.08
C LYS E 164 -43.36 -11.35 18.80
N LEU E 165 -42.24 -10.63 18.79
CA LEU E 165 -41.35 -10.56 17.63
C LEU E 165 -40.28 -11.62 17.74
N THR E 166 -40.06 -12.34 16.65
CA THR E 166 -39.14 -13.48 16.65
C THR E 166 -38.00 -13.24 15.68
N ASP E 167 -37.05 -14.18 15.66
CA ASP E 167 -36.08 -14.27 14.57
C ASP E 167 -35.10 -13.10 14.48
N PHE E 168 -34.02 -13.18 15.25
CA PHE E 168 -32.99 -12.13 15.29
C PHE E 168 -31.77 -12.50 14.44
N GLY E 169 -32.00 -13.09 13.29
CA GLY E 169 -30.88 -13.46 12.43
C GLY E 169 -30.28 -12.33 11.62
N PHE E 170 -31.00 -11.24 11.40
CA PHE E 170 -30.43 -10.07 10.76
C PHE E 170 -30.18 -8.90 11.73
N ALA E 171 -30.31 -9.13 13.04
CA ALA E 171 -30.19 -8.05 14.02
C ALA E 171 -28.76 -7.49 14.10
N LYS E 172 -28.63 -6.18 14.32
CA LYS E 172 -27.33 -5.52 14.42
C LYS E 172 -27.30 -4.53 15.57
N GLU E 173 -26.14 -4.39 16.19
CA GLU E 173 -25.94 -3.25 17.06
C GLU E 173 -25.88 -2.00 16.20
N THR E 174 -26.77 -1.06 16.49
CA THR E 174 -26.69 0.27 15.93
C THR E 174 -25.86 1.01 16.93
N THR E 175 -24.54 1.06 16.74
CA THR E 175 -23.70 1.62 17.78
C THR E 175 -22.21 1.49 17.49
N SER E 176 -21.45 2.48 17.99
CA SER E 176 -20.01 2.40 17.99
C SER E 176 -19.54 1.33 18.97
N TYR E 189 -26.35 18.93 27.04
CA TYR E 189 -26.36 19.84 25.90
C TYR E 189 -25.50 19.34 24.75
N VAL E 190 -25.41 18.02 24.61
CA VAL E 190 -24.62 17.40 23.54
C VAL E 190 -25.51 16.66 22.56
N ALA E 191 -25.31 16.92 21.27
CA ALA E 191 -26.19 16.39 20.25
C ALA E 191 -26.19 14.88 20.25
N PRO E 192 -27.28 14.27 19.75
CA PRO E 192 -27.46 12.81 19.70
C PRO E 192 -26.48 12.18 18.72
N GLU E 193 -26.18 12.90 17.65
CA GLU E 193 -25.36 12.37 16.58
C GLU E 193 -23.94 12.19 17.04
N VAL E 194 -23.71 12.45 18.33
CA VAL E 194 -22.37 12.42 18.88
C VAL E 194 -22.17 11.25 19.86
N LEU E 195 -23.13 11.06 20.76
CA LEU E 195 -23.01 10.02 21.78
C LEU E 195 -22.77 8.65 21.15
N TYR E 200 -30.16 3.49 6.99
CA TYR E 200 -29.71 3.28 8.37
C TYR E 200 -30.59 2.23 9.03
N ASP E 201 -29.98 1.42 9.92
CA ASP E 201 -30.61 0.21 10.44
C ASP E 201 -31.93 0.41 11.14
N LYS E 202 -31.94 1.22 12.19
CA LYS E 202 -33.18 1.50 12.92
C LYS E 202 -34.26 2.01 11.98
N SER E 203 -33.86 2.77 10.98
CA SER E 203 -34.83 3.48 10.19
C SER E 203 -35.54 2.52 9.25
N CYS E 204 -35.00 1.32 9.07
CA CYS E 204 -35.73 0.41 8.22
C CYS E 204 -36.72 -0.42 9.01
N ASP E 205 -36.41 -0.69 10.27
CA ASP E 205 -37.43 -1.20 11.19
C ASP E 205 -38.71 -0.35 11.03
N MET E 206 -38.55 0.95 11.02
CA MET E 206 -39.69 1.86 10.93
C MET E 206 -40.38 1.84 9.55
N TRP E 207 -39.63 1.55 8.50
CA TRP E 207 -40.22 1.37 7.19
C TRP E 207 -41.10 0.13 7.27
N SER E 208 -40.60 -0.87 8.00
CA SER E 208 -41.31 -2.11 8.24
C SER E 208 -42.62 -1.95 9.02
N LEU E 209 -42.58 -1.20 10.13
CA LEU E 209 -43.81 -0.86 10.82
C LEU E 209 -44.84 -0.33 9.85
N GLY E 210 -44.43 0.58 8.97
CA GLY E 210 -45.31 1.12 7.96
C GLY E 210 -45.89 0.04 7.07
N VAL E 211 -45.05 -0.83 6.53
CA VAL E 211 -45.55 -1.89 5.69
C VAL E 211 -46.60 -2.68 6.45
N ILE E 212 -46.22 -3.20 7.61
CA ILE E 212 -47.13 -4.00 8.41
C ILE E 212 -48.40 -3.24 8.77
N MET E 213 -48.27 -1.97 9.13
CA MET E 213 -49.45 -1.19 9.48
C MET E 213 -50.33 -1.04 8.25
N TYR E 214 -49.72 -0.72 7.12
CA TYR E 214 -50.47 -0.60 5.89
C TYR E 214 -51.29 -1.87 5.65
N ILE E 215 -50.63 -3.03 5.75
CA ILE E 215 -51.33 -4.29 5.52
C ILE E 215 -52.47 -4.46 6.50
N LEU E 216 -52.20 -4.19 7.77
CA LEU E 216 -53.19 -4.34 8.82
C LEU E 216 -54.51 -3.65 8.48
N LEU E 217 -54.44 -2.48 7.87
CA LEU E 217 -55.62 -1.66 7.72
C LEU E 217 -56.42 -1.98 6.47
N CYS E 218 -55.87 -2.80 5.58
CA CYS E 218 -56.61 -3.15 4.37
C CYS E 218 -56.49 -4.59 3.88
N GLY E 219 -55.38 -5.26 4.22
CA GLY E 219 -55.31 -6.68 3.96
C GLY E 219 -54.40 -7.10 2.82
N TYR E 220 -53.76 -6.13 2.18
CA TYR E 220 -52.68 -6.41 1.24
C TYR E 220 -51.58 -5.38 1.48
N PRO E 221 -50.36 -5.65 0.98
CA PRO E 221 -49.18 -4.77 1.08
C PRO E 221 -49.27 -3.52 0.23
N PRO E 222 -48.54 -2.45 0.60
CA PRO E 222 -48.50 -1.19 -0.15
C PRO E 222 -47.75 -1.31 -1.47
N PHE E 223 -46.74 -2.18 -1.50
CA PHE E 223 -46.02 -2.47 -2.72
C PHE E 223 -46.10 -3.97 -2.99
N TYR E 224 -46.13 -4.37 -4.26
CA TYR E 224 -46.37 -5.77 -4.59
C TYR E 224 -46.14 -6.15 -6.04
N SER E 225 -46.28 -7.45 -6.31
CA SER E 225 -45.59 -8.13 -7.41
C SER E 225 -46.15 -7.87 -8.80
N ASN E 226 -45.26 -7.38 -9.68
CA ASN E 226 -45.65 -6.92 -11.00
C ASN E 226 -44.44 -6.35 -11.74
N SER E 232 -41.89 -7.13 -10.50
CA SER E 232 -40.80 -7.31 -9.56
C SER E 232 -39.67 -6.31 -9.80
N PRO E 233 -39.06 -6.33 -10.99
CA PRO E 233 -38.25 -5.14 -11.24
C PRO E 233 -39.18 -3.93 -11.23
N GLY E 234 -40.42 -4.15 -11.65
CA GLY E 234 -41.43 -3.09 -11.60
C GLY E 234 -41.77 -2.72 -10.17
N MET E 235 -41.69 -3.69 -9.26
CA MET E 235 -42.02 -3.47 -7.86
C MET E 235 -40.85 -2.83 -7.10
N LYS E 236 -39.63 -3.21 -7.44
CA LYS E 236 -38.47 -2.52 -6.90
C LYS E 236 -38.54 -1.06 -7.31
N THR E 237 -39.10 -0.81 -8.49
CA THR E 237 -39.27 0.57 -8.93
C THR E 237 -40.25 1.28 -8.01
N ARG E 238 -41.41 0.67 -7.80
CA ARG E 238 -42.45 1.24 -6.97
C ARG E 238 -42.00 1.49 -5.53
N ILE E 239 -41.06 0.66 -5.07
CA ILE E 239 -40.51 0.87 -3.74
C ILE E 239 -39.56 2.06 -3.78
N ARG E 240 -38.57 2.03 -4.67
CA ARG E 240 -37.60 3.10 -4.73
C ARG E 240 -38.30 4.44 -4.92
N MET E 241 -39.32 4.44 -5.77
CA MET E 241 -40.04 5.65 -6.11
C MET E 241 -40.99 6.12 -5.03
N GLY E 242 -41.44 5.19 -4.19
CA GLY E 242 -42.48 5.47 -3.22
C GLY E 242 -43.87 5.37 -3.80
N GLN E 243 -44.03 4.62 -4.88
CA GLN E 243 -45.32 4.58 -5.58
C GLN E 243 -46.34 3.68 -4.89
N TYR E 244 -47.29 4.28 -4.19
CA TYR E 244 -48.38 3.51 -3.63
C TYR E 244 -49.57 4.40 -3.36
N GLU E 245 -50.78 3.87 -3.50
CA GLU E 245 -51.97 4.66 -3.23
C GLU E 245 -52.76 4.10 -2.04
N PHE E 246 -53.80 4.82 -1.62
CA PHE E 246 -54.73 4.30 -0.62
C PHE E 246 -56.08 4.09 -1.29
N PRO E 247 -56.19 3.09 -2.16
CA PRO E 247 -57.35 2.85 -3.02
C PRO E 247 -58.67 2.63 -2.29
N ASN E 248 -59.77 2.68 -3.04
CA ASN E 248 -61.06 2.23 -2.53
C ASN E 248 -61.47 0.96 -3.27
N PRO E 249 -62.38 0.18 -2.66
CA PRO E 249 -63.18 0.50 -1.49
C PRO E 249 -62.38 0.72 -0.21
N GLU E 250 -61.49 -0.22 0.09
CA GLU E 250 -61.04 -0.51 1.46
C GLU E 250 -60.48 0.64 2.30
N TRP E 251 -59.84 1.64 1.70
CA TRP E 251 -59.29 2.73 2.48
C TRP E 251 -60.24 3.90 2.69
N SER E 252 -61.46 3.77 2.17
CA SER E 252 -62.31 4.95 2.07
C SER E 252 -62.80 5.46 3.43
N GLU E 253 -63.07 4.54 4.36
CA GLU E 253 -63.51 4.93 5.68
C GLU E 253 -62.35 5.05 6.68
N VAL E 254 -61.15 4.72 6.23
CA VAL E 254 -59.96 4.78 7.07
C VAL E 254 -59.56 6.21 7.32
N SER E 255 -59.16 6.52 8.56
CA SER E 255 -58.88 7.91 8.91
C SER E 255 -57.63 8.50 8.26
N GLU E 256 -57.70 9.78 7.91
CA GLU E 256 -56.62 10.50 7.25
C GLU E 256 -55.41 10.60 8.15
N GLU E 257 -55.65 10.59 9.46
CA GLU E 257 -54.59 10.68 10.45
C GLU E 257 -53.69 9.46 10.32
N VAL E 258 -54.32 8.33 10.02
CA VAL E 258 -53.57 7.10 9.82
C VAL E 258 -52.78 7.16 8.52
N LYS E 259 -53.42 7.68 7.47
CA LYS E 259 -52.80 7.68 6.16
C LYS E 259 -51.57 8.58 6.19
N MET E 260 -51.70 9.72 6.83
CA MET E 260 -50.54 10.56 7.05
C MET E 260 -49.42 9.81 7.78
N LEU E 261 -49.76 9.13 8.87
CA LEU E 261 -48.76 8.41 9.66
C LEU E 261 -48.06 7.32 8.82
N ILE E 262 -48.83 6.53 8.08
CA ILE E 262 -48.21 5.62 7.13
C ILE E 262 -47.35 6.38 6.13
N ARG E 263 -47.84 7.47 5.58
CA ARG E 263 -47.05 8.28 4.63
C ARG E 263 -45.65 8.65 5.12
N ASN E 264 -45.50 8.84 6.43
CA ASN E 264 -44.21 9.21 6.95
C ASN E 264 -43.35 7.97 7.13
N LEU E 265 -43.92 6.90 7.66
CA LEU E 265 -43.12 5.71 7.90
C LEU E 265 -42.54 5.18 6.59
N LEU E 266 -43.32 5.27 5.52
CA LEU E 266 -42.96 4.68 4.26
C LEU E 266 -42.16 5.62 3.41
N LYS E 267 -41.67 6.70 4.00
CA LYS E 267 -40.88 7.64 3.22
C LYS E 267 -39.59 7.00 2.70
N THR E 268 -39.30 7.31 1.44
CA THR E 268 -38.16 6.76 0.73
C THR E 268 -36.85 7.24 1.32
N GLU E 269 -36.81 8.51 1.69
CA GLU E 269 -35.60 9.05 2.30
C GLU E 269 -35.62 8.57 3.75
N PRO E 270 -34.64 7.73 4.11
CA PRO E 270 -34.68 7.20 5.49
C PRO E 270 -34.70 8.28 6.58
N THR E 271 -33.73 9.18 6.55
CA THR E 271 -33.69 10.29 7.51
C THR E 271 -35.01 11.05 7.60
N GLN E 272 -35.80 11.05 6.54
CA GLN E 272 -37.09 11.71 6.60
C GLN E 272 -38.06 10.94 7.50
N ARG E 273 -37.82 9.65 7.68
CA ARG E 273 -38.77 8.80 8.39
C ARG E 273 -38.89 9.20 9.85
N MET E 274 -40.01 8.81 10.46
CA MET E 274 -40.29 9.08 11.85
C MET E 274 -39.54 8.08 12.73
N THR E 275 -39.30 8.43 13.99
CA THR E 275 -38.57 7.53 14.86
C THR E 275 -39.52 6.72 15.75
N ILE E 276 -39.01 5.69 16.42
CA ILE E 276 -39.88 4.82 17.20
C ILE E 276 -40.51 5.58 18.38
N THR E 277 -39.77 6.48 19.00
CA THR E 277 -40.33 7.33 20.04
C THR E 277 -41.44 8.18 19.46
N GLU E 278 -41.20 8.75 18.29
CA GLU E 278 -42.21 9.58 17.68
C GLU E 278 -43.40 8.74 17.26
N PHE E 279 -43.15 7.47 16.94
CA PHE E 279 -44.22 6.55 16.61
C PHE E 279 -45.10 6.21 17.82
N MET E 280 -44.47 5.95 18.96
CA MET E 280 -45.21 5.56 20.17
C MET E 280 -45.94 6.75 20.80
N ASN E 281 -45.56 7.97 20.42
CA ASN E 281 -46.17 9.15 21.01
C ASN E 281 -47.21 9.71 20.07
N HIS E 282 -47.46 9.01 18.98
CA HIS E 282 -48.42 9.50 18.01
C HIS E 282 -49.81 9.25 18.54
N PRO E 283 -50.69 10.22 18.38
CA PRO E 283 -52.00 10.08 19.01
C PRO E 283 -52.71 8.79 18.59
N TRP E 284 -52.45 8.31 17.39
CA TRP E 284 -53.12 7.11 16.90
C TRP E 284 -52.62 5.84 17.58
N ILE E 285 -51.33 5.84 17.95
CA ILE E 285 -50.72 4.75 18.70
C ILE E 285 -50.87 4.95 20.20
N MET E 286 -50.77 6.20 20.64
CA MET E 286 -50.90 6.49 22.06
C MET E 286 -52.33 6.36 22.56
N GLN E 287 -53.24 7.17 22.01
CA GLN E 287 -54.62 7.18 22.48
C GLN E 287 -55.56 6.31 21.64
N SER E 288 -55.35 5.01 21.64
CA SER E 288 -56.18 4.10 20.84
C SER E 288 -57.68 4.29 21.05
N THR E 289 -58.09 4.37 22.31
CA THR E 289 -59.51 4.53 22.62
C THR E 289 -60.03 5.90 22.23
N LYS E 290 -59.51 6.42 21.13
CA LYS E 290 -60.12 7.55 20.45
C LYS E 290 -59.82 7.41 18.96
N VAL E 291 -59.33 6.24 18.58
CA VAL E 291 -59.39 5.88 17.18
C VAL E 291 -60.69 5.13 17.02
N PRO E 292 -61.45 5.46 15.98
CA PRO E 292 -62.79 4.89 15.84
C PRO E 292 -62.77 3.37 15.72
N GLN E 293 -63.93 2.74 15.90
CA GLN E 293 -64.00 1.29 15.78
C GLN E 293 -64.41 0.93 14.36
N THR E 294 -64.04 1.76 13.41
CA THR E 294 -64.50 1.59 12.05
C THR E 294 -63.98 0.28 11.49
N PRO E 295 -64.88 -0.54 10.94
CA PRO E 295 -64.55 -1.86 10.40
C PRO E 295 -63.77 -1.82 9.08
N LEU E 296 -62.86 -2.77 8.94
CA LEU E 296 -61.83 -2.75 7.93
C LEU E 296 -62.04 -3.96 7.02
N HIS E 297 -61.58 -3.90 5.78
CA HIS E 297 -61.70 -5.03 4.85
C HIS E 297 -60.63 -6.09 5.08
N THR E 298 -59.82 -5.90 6.11
CA THR E 298 -58.61 -6.70 6.29
C THR E 298 -58.81 -8.21 6.31
N SER E 299 -59.71 -8.70 7.15
CA SER E 299 -59.94 -10.14 7.26
C SER E 299 -60.57 -10.71 5.99
N ARG E 300 -61.69 -10.11 5.55
CA ARG E 300 -62.27 -10.41 4.25
C ARG E 300 -61.20 -10.52 3.17
N VAL E 301 -60.34 -9.51 3.06
CA VAL E 301 -59.29 -9.54 2.06
C VAL E 301 -58.24 -10.60 2.32
N LEU E 302 -57.67 -10.61 3.52
CA LEU E 302 -56.62 -11.58 3.83
C LEU E 302 -57.10 -12.96 3.38
N LYS E 303 -58.36 -13.28 3.68
CA LYS E 303 -58.95 -14.57 3.29
C LYS E 303 -58.84 -14.84 1.79
N GLU E 304 -59.27 -13.88 0.97
CA GLU E 304 -59.27 -14.08 -0.47
C GLU E 304 -57.85 -14.05 -1.03
N HIS F 7 -17.84 46.76 4.77
CA HIS F 7 -17.77 45.65 3.78
C HIS F 7 -16.43 44.90 3.82
N VAL F 8 -15.32 45.61 3.88
CA VAL F 8 -14.02 44.96 4.03
C VAL F 8 -13.54 45.09 5.47
N LYS F 9 -13.16 43.95 6.04
CA LYS F 9 -12.86 43.86 7.47
C LYS F 9 -11.37 43.56 7.68
N SER F 10 -10.73 44.34 8.52
CA SER F 10 -9.31 44.12 8.81
C SER F 10 -9.03 42.71 9.34
N GLY F 11 -7.88 42.16 8.98
CA GLY F 11 -7.51 40.85 9.47
C GLY F 11 -6.68 40.86 10.74
N LEU F 12 -6.44 39.66 11.28
CA LEU F 12 -5.78 39.49 12.57
C LEU F 12 -4.28 39.73 12.53
N GLN F 13 -3.82 40.76 13.24
CA GLN F 13 -2.40 41.00 13.43
C GLN F 13 -2.02 40.48 14.82
N ILE F 14 -1.40 39.31 14.88
CA ILE F 14 -0.94 38.78 16.16
C ILE F 14 0.30 39.54 16.62
N LYS F 15 0.23 40.15 17.78
CA LYS F 15 1.35 40.87 18.36
C LYS F 15 2.43 39.92 18.86
N LYS F 16 3.69 40.33 18.75
CA LYS F 16 4.77 39.52 19.28
C LYS F 16 5.45 40.11 20.53
N ASN F 17 5.16 41.37 20.84
CA ASN F 17 5.71 41.98 22.04
C ASN F 17 5.13 41.35 23.30
N ALA F 18 5.79 41.53 24.43
CA ALA F 18 5.34 40.92 25.69
C ALA F 18 4.07 41.59 26.19
N ILE F 19 3.13 40.77 26.63
CA ILE F 19 1.78 41.24 26.92
C ILE F 19 1.81 42.12 28.16
N ILE F 20 2.76 41.84 29.04
CA ILE F 20 2.94 42.60 30.27
C ILE F 20 3.37 44.03 29.97
N ASP F 21 3.86 44.28 28.75
CA ASP F 21 4.04 45.65 28.30
C ASP F 21 2.70 46.37 28.40
N ASP F 22 1.65 45.75 27.85
CA ASP F 22 0.36 46.43 27.69
C ASP F 22 -0.58 46.14 28.84
N TYR F 23 -0.34 45.07 29.57
CA TYR F 23 -1.31 44.66 30.59
C TYR F 23 -0.64 44.17 31.86
N LYS F 24 -1.16 44.59 33.00
CA LYS F 24 -0.66 44.12 34.28
C LYS F 24 -1.05 42.67 34.44
N VAL F 25 -0.22 41.78 33.90
CA VAL F 25 -0.41 40.35 34.08
C VAL F 25 0.56 39.87 35.15
N THR F 26 0.07 39.12 36.12
CA THR F 26 0.93 38.63 37.18
C THR F 26 1.46 37.24 36.83
N SER F 27 2.52 36.83 37.52
CA SER F 27 3.03 35.49 37.38
C SER F 27 2.03 34.53 38.00
N GLN F 28 1.14 35.08 38.81
CA GLN F 28 0.13 34.28 39.50
C GLN F 28 -0.99 33.86 38.55
N VAL F 29 -1.71 34.85 38.04
CA VAL F 29 -2.81 34.58 37.14
C VAL F 29 -2.28 33.85 35.92
N LEU F 30 -1.16 34.35 35.40
CA LEU F 30 -0.60 33.80 34.18
C LEU F 30 -0.49 32.28 34.30
N GLY F 31 -0.19 31.81 35.51
CA GLY F 31 -0.06 30.38 35.74
C GLY F 31 -1.39 29.65 35.76
N LEU F 32 -2.43 30.32 36.25
CA LEU F 32 -3.79 29.78 36.18
C LEU F 32 -4.28 29.76 34.74
N GLY F 33 -3.64 30.58 33.91
CA GLY F 33 -4.04 30.73 32.52
C GLY F 33 -3.82 29.49 31.68
N ILE F 34 -2.59 28.98 31.64
CA ILE F 34 -2.31 27.76 30.91
C ILE F 34 -3.15 26.62 31.46
N ASN F 35 -3.55 26.75 32.72
CA ASN F 35 -4.38 25.75 33.37
C ASN F 35 -5.84 25.94 33.02
N GLY F 36 -6.10 26.75 32.00
CA GLY F 36 -7.42 26.82 31.42
C GLY F 36 -8.26 27.95 32.00
N LYS F 37 -7.86 28.48 33.15
CA LYS F 37 -8.63 29.54 33.76
C LYS F 37 -8.68 30.74 32.83
N VAL F 38 -9.76 31.51 32.93
CA VAL F 38 -9.81 32.80 32.26
C VAL F 38 -9.76 33.91 33.30
N LEU F 39 -8.83 34.82 33.11
CA LEU F 39 -8.40 35.69 34.18
C LEU F 39 -8.71 37.10 33.80
N GLN F 40 -8.99 37.91 34.80
CA GLN F 40 -9.21 39.31 34.58
C GLN F 40 -7.86 40.01 34.72
N ILE F 41 -7.53 40.84 33.76
CA ILE F 41 -6.30 41.62 33.79
C ILE F 41 -6.67 43.04 33.45
N PHE F 42 -5.76 43.98 33.69
CA PHE F 42 -6.06 45.37 33.42
C PHE F 42 -5.13 46.02 32.41
N ASN F 43 -5.69 46.84 31.53
CA ASN F 43 -4.87 47.65 30.67
C ASN F 43 -4.02 48.48 31.61
N LYS F 44 -2.82 48.84 31.18
CA LYS F 44 -1.95 49.68 32.00
C LYS F 44 -2.05 51.17 31.63
N ARG F 45 -2.35 51.47 30.36
CA ARG F 45 -2.63 52.84 29.97
C ARG F 45 -3.90 53.32 30.67
N THR F 46 -5.03 52.73 30.30
CA THR F 46 -6.26 52.89 31.05
C THR F 46 -6.27 51.85 32.16
N GLN F 47 -7.07 52.04 33.19
CA GLN F 47 -7.24 51.01 34.20
C GLN F 47 -8.34 50.03 33.79
N GLU F 48 -8.87 50.24 32.59
CA GLU F 48 -9.93 49.40 32.04
C GLU F 48 -9.62 47.91 32.16
N LYS F 49 -10.64 47.13 32.47
CA LYS F 49 -10.46 45.70 32.71
C LYS F 49 -10.74 44.86 31.47
N PHE F 50 -10.05 43.73 31.36
CA PHE F 50 -10.20 42.82 30.23
C PHE F 50 -10.12 41.39 30.72
N ALA F 51 -10.37 40.45 29.81
CA ALA F 51 -10.19 39.04 30.14
C ALA F 51 -9.11 38.44 29.26
N LEU F 52 -8.33 37.55 29.86
CA LEU F 52 -7.22 36.90 29.20
C LEU F 52 -7.45 35.38 29.16
N LYS F 53 -7.41 34.83 27.95
CA LYS F 53 -7.46 33.39 27.74
C LYS F 53 -6.15 32.96 27.10
N MET F 54 -5.53 31.92 27.65
CA MET F 54 -4.18 31.51 27.25
C MET F 54 -4.17 30.13 26.62
N LEU F 55 -3.65 30.05 25.40
CA LEU F 55 -3.52 28.77 24.73
C LEU F 55 -2.04 28.53 24.46
N GLN F 56 -1.67 27.25 24.33
CA GLN F 56 -0.34 26.93 23.82
C GLN F 56 -0.40 27.01 22.32
N ASP F 57 0.48 27.82 21.73
CA ASP F 57 0.58 27.87 20.29
C ASP F 57 0.61 26.45 19.76
N CYS F 58 -0.49 26.01 19.16
CA CYS F 58 -0.52 24.78 18.39
C CYS F 58 -1.57 24.91 17.30
N PRO F 59 -1.66 23.92 16.40
CA PRO F 59 -2.51 24.14 15.23
C PRO F 59 -3.93 24.51 15.63
N LYS F 60 -4.49 23.72 16.55
CA LYS F 60 -5.87 23.93 16.97
C LYS F 60 -6.06 25.33 17.56
N ALA F 61 -5.15 25.74 18.44
CA ALA F 61 -5.20 27.07 19.03
C ALA F 61 -5.22 28.17 17.96
N ARG F 62 -4.47 27.96 16.89
CA ARG F 62 -4.42 28.94 15.82
C ARG F 62 -5.79 29.03 15.18
N ARG F 63 -6.43 27.88 14.99
CA ARG F 63 -7.72 27.86 14.34
C ARG F 63 -8.73 28.61 15.18
N GLU F 64 -8.62 28.45 16.50
CA GLU F 64 -9.59 29.06 17.37
C GLU F 64 -9.54 30.57 17.21
N VAL F 65 -8.32 31.11 17.23
CA VAL F 65 -8.10 32.53 17.20
C VAL F 65 -8.54 33.10 15.87
N GLU F 66 -8.29 32.35 14.80
CA GLU F 66 -8.63 32.80 13.47
C GLU F 66 -10.15 32.82 13.28
N LEU F 67 -10.84 31.76 13.67
CA LEU F 67 -12.27 31.69 13.53
C LEU F 67 -12.97 32.71 14.44
N HIS F 68 -12.47 32.83 15.66
CA HIS F 68 -13.03 33.77 16.60
C HIS F 68 -12.79 35.20 16.12
N TRP F 69 -11.63 35.44 15.53
CA TRP F 69 -11.36 36.77 14.99
C TRP F 69 -12.38 37.15 13.94
N ARG F 70 -12.66 36.23 13.02
CA ARG F 70 -13.69 36.44 12.01
C ARG F 70 -15.04 36.78 12.62
N ALA F 71 -15.43 36.02 13.63
CA ALA F 71 -16.74 36.13 14.21
C ALA F 71 -16.88 37.38 15.07
N SER F 72 -15.75 37.98 15.41
CA SER F 72 -15.76 39.09 16.35
C SER F 72 -16.48 40.27 15.76
N GLN F 73 -16.56 40.29 14.43
CA GLN F 73 -17.32 41.30 13.74
C GLN F 73 -18.70 41.45 14.35
N CYS F 74 -19.34 40.31 14.59
CA CYS F 74 -20.68 40.30 15.15
C CYS F 74 -20.63 40.59 16.65
N PRO F 75 -21.37 41.62 17.08
CA PRO F 75 -21.39 42.14 18.45
C PRO F 75 -22.13 41.30 19.49
N HIS F 76 -22.76 40.20 19.09
CA HIS F 76 -23.24 39.20 20.06
C HIS F 76 -22.18 38.15 20.34
N ILE F 77 -20.99 38.36 19.82
CA ILE F 77 -19.89 37.46 20.05
C ILE F 77 -18.83 38.24 20.81
N VAL F 78 -18.10 37.59 21.71
CA VAL F 78 -17.21 38.32 22.59
C VAL F 78 -16.06 38.93 21.79
N ARG F 79 -15.69 40.15 22.10
CA ARG F 79 -14.74 40.87 21.26
C ARG F 79 -13.31 40.50 21.59
N ILE F 80 -12.54 40.13 20.58
CA ILE F 80 -11.11 40.00 20.78
C ILE F 80 -10.48 41.37 20.59
N VAL F 81 -9.75 41.82 21.61
CA VAL F 81 -9.02 43.08 21.56
C VAL F 81 -7.63 42.90 20.96
N ASP F 82 -6.90 41.89 21.42
CA ASP F 82 -5.59 41.63 20.85
C ASP F 82 -5.27 40.15 20.97
N VAL F 83 -4.39 39.67 20.12
CA VAL F 83 -3.78 38.37 20.32
C VAL F 83 -2.25 38.52 20.40
N TYR F 84 -1.67 37.91 21.43
CA TYR F 84 -0.22 37.86 21.56
C TYR F 84 0.31 36.48 21.27
N GLU F 85 1.47 36.42 20.65
CA GLU F 85 2.27 35.21 20.63
C GLU F 85 3.54 35.51 21.42
N ASN F 86 3.64 34.98 22.64
CA ASN F 86 4.79 35.24 23.50
C ASN F 86 5.48 33.95 23.90
N LEU F 87 6.60 34.06 24.59
CA LEU F 87 7.20 32.90 25.22
C LEU F 87 6.78 32.88 26.68
N TYR F 88 6.31 31.73 27.14
CA TYR F 88 6.10 31.51 28.56
C TYR F 88 6.54 30.10 28.94
N ALA F 89 7.19 29.99 30.09
CA ALA F 89 7.79 28.74 30.51
C ALA F 89 8.48 28.11 29.31
N GLY F 90 9.32 28.88 28.64
CA GLY F 90 10.07 28.34 27.54
C GLY F 90 9.26 28.05 26.28
N ARG F 91 8.01 27.61 26.46
CA ARG F 91 7.15 27.32 25.30
C ARG F 91 6.46 28.54 24.70
N LYS F 92 6.13 28.43 23.42
CA LYS F 92 5.49 29.51 22.67
C LYS F 92 3.97 29.39 22.75
N CYS F 93 3.29 30.46 23.12
CA CYS F 93 1.83 30.40 23.20
C CYS F 93 1.06 31.66 22.84
N LEU F 94 -0.19 31.44 22.41
CA LEU F 94 -1.14 32.47 22.07
C LEU F 94 -1.84 33.02 23.32
N LEU F 95 -1.86 34.33 23.48
CA LEU F 95 -2.57 34.96 24.61
C LEU F 95 -3.68 35.83 24.06
N ILE F 96 -4.93 35.46 24.30
CA ILE F 96 -6.06 36.18 23.73
C ILE F 96 -6.67 37.11 24.75
N VAL F 97 -6.75 38.40 24.41
CA VAL F 97 -7.28 39.40 25.32
C VAL F 97 -8.66 39.79 24.81
N MET F 98 -9.67 39.61 25.65
CA MET F 98 -11.03 39.91 25.22
C MET F 98 -11.61 41.05 26.03
N GLU F 99 -12.60 41.72 25.47
CA GLU F 99 -13.49 42.56 26.27
C GLU F 99 -13.94 41.72 27.47
N CYS F 100 -13.91 42.29 28.67
CA CYS F 100 -14.27 41.50 29.84
C CYS F 100 -15.78 41.42 30.05
N LEU F 101 -16.34 40.21 29.96
CA LEU F 101 -17.78 40.06 30.21
C LEU F 101 -18.04 39.84 31.69
N ASP F 102 -18.57 40.85 32.37
CA ASP F 102 -18.52 40.86 33.83
C ASP F 102 -19.83 40.59 34.55
N GLY F 103 -20.93 40.56 33.80
CA GLY F 103 -22.23 40.34 34.41
C GLY F 103 -22.63 38.89 34.61
N GLY F 104 -21.72 37.96 34.34
CA GLY F 104 -22.02 36.57 34.65
C GLY F 104 -22.67 35.75 33.55
N GLU F 105 -22.86 34.48 33.83
CA GLU F 105 -23.48 33.56 32.90
C GLU F 105 -24.99 33.79 32.78
N LEU F 106 -25.51 33.56 31.57
CA LEU F 106 -26.92 33.72 31.28
C LEU F 106 -27.86 33.29 32.41
N PHE F 107 -27.73 32.05 32.89
CA PHE F 107 -28.71 31.50 33.83
C PHE F 107 -28.45 31.97 35.24
N SER F 108 -27.23 32.41 35.50
CA SER F 108 -26.94 32.93 36.80
C SER F 108 -27.72 34.21 36.94
N ARG F 109 -27.63 35.09 35.96
CA ARG F 109 -28.39 36.32 36.02
C ARG F 109 -29.84 36.02 36.30
N ILE F 110 -30.45 35.17 35.48
CA ILE F 110 -31.85 34.86 35.61
C ILE F 110 -32.16 34.29 36.98
N GLN F 111 -31.29 33.43 37.49
CA GLN F 111 -31.60 32.72 38.71
C GLN F 111 -31.46 33.59 39.95
N ASP F 112 -30.49 34.49 39.94
CA ASP F 112 -30.33 35.46 41.02
C ASP F 112 -31.02 36.74 40.61
N ARG F 113 -32.32 36.83 40.81
CA ARG F 113 -33.06 38.04 40.43
C ARG F 113 -34.47 38.06 41.01
N GLY F 114 -34.87 36.99 41.67
CA GLY F 114 -36.21 36.95 42.22
C GLY F 114 -36.55 38.13 43.12
N ASP F 115 -37.84 38.29 43.42
CA ASP F 115 -38.85 37.44 42.80
C ASP F 115 -39.40 38.14 41.58
N GLN F 116 -38.54 38.84 40.85
CA GLN F 116 -38.89 39.30 39.52
C GLN F 116 -38.96 38.11 38.56
N ALA F 117 -40.17 37.74 38.18
CA ALA F 117 -40.33 36.59 37.32
C ALA F 117 -39.54 36.82 36.03
N PHE F 118 -39.06 35.71 35.48
CA PHE F 118 -38.62 35.66 34.09
C PHE F 118 -39.91 35.47 33.30
N THR F 119 -40.06 36.16 32.17
CA THR F 119 -41.23 35.92 31.34
C THR F 119 -40.87 35.32 29.98
N GLU F 120 -41.85 34.64 29.39
CA GLU F 120 -41.68 34.01 28.10
C GLU F 120 -41.11 35.00 27.09
N ARG F 121 -41.48 36.26 27.23
CA ARG F 121 -41.00 37.30 26.31
C ARG F 121 -39.52 37.57 26.47
N GLU F 122 -39.04 37.57 27.71
CA GLU F 122 -37.61 37.64 27.93
C GLU F 122 -36.92 36.40 27.38
N ALA F 123 -37.61 35.25 27.43
CA ALA F 123 -37.07 34.05 26.83
C ALA F 123 -36.84 34.29 25.33
N SER F 124 -37.89 34.70 24.63
CA SER F 124 -37.82 35.01 23.21
C SER F 124 -36.74 36.06 22.83
N GLU F 125 -36.62 37.12 23.63
CA GLU F 125 -35.65 38.15 23.31
C GLU F 125 -34.27 37.54 23.40
N ILE F 126 -34.00 36.83 24.51
CA ILE F 126 -32.73 36.18 24.72
C ILE F 126 -32.41 35.19 23.59
N MET F 127 -33.40 34.40 23.16
CA MET F 127 -33.17 33.45 22.06
C MET F 127 -32.99 34.16 20.73
N LYS F 128 -33.58 35.33 20.60
CA LYS F 128 -33.41 36.06 19.37
C LYS F 128 -31.97 36.50 19.20
N SER F 129 -31.28 36.78 20.30
CA SER F 129 -29.96 37.35 20.17
C SER F 129 -28.87 36.28 20.12
N ILE F 130 -29.09 35.14 20.77
CA ILE F 130 -28.21 34.01 20.55
C ILE F 130 -28.27 33.62 19.07
N GLY F 131 -29.48 33.49 18.53
CA GLY F 131 -29.62 33.05 17.17
C GLY F 131 -29.05 34.01 16.15
N GLU F 132 -29.09 35.29 16.46
CA GLU F 132 -28.42 36.28 15.64
C GLU F 132 -26.93 35.96 15.53
N ALA F 133 -26.31 35.67 16.66
CA ALA F 133 -24.92 35.26 16.67
C ALA F 133 -24.69 34.02 15.83
N ILE F 134 -25.59 33.05 15.93
CA ILE F 134 -25.38 31.79 15.24
C ILE F 134 -25.61 32.01 13.75
N GLN F 135 -26.56 32.88 13.45
CA GLN F 135 -26.86 33.20 12.07
C GLN F 135 -25.63 33.82 11.39
N TYR F 136 -24.92 34.67 12.15
CA TYR F 136 -23.70 35.25 11.62
C TYR F 136 -22.63 34.22 11.38
N LEU F 137 -22.44 33.35 12.37
CA LEU F 137 -21.44 32.31 12.23
C LEU F 137 -21.74 31.41 11.03
N HIS F 138 -22.99 30.98 10.87
CA HIS F 138 -23.31 30.10 9.75
C HIS F 138 -23.25 30.84 8.40
N SER F 139 -23.60 32.11 8.37
CA SER F 139 -23.47 32.86 7.14
C SER F 139 -22.03 32.95 6.63
N ILE F 140 -21.06 32.70 7.49
CA ILE F 140 -19.69 32.66 7.03
C ILE F 140 -19.04 31.30 7.22
N ASN F 141 -19.87 30.28 7.40
CA ASN F 141 -19.40 28.90 7.40
C ASN F 141 -18.53 28.53 8.59
N ILE F 142 -18.91 29.03 9.75
CA ILE F 142 -18.34 28.56 10.99
C ILE F 142 -19.48 27.95 11.79
N ALA F 143 -19.25 26.76 12.32
CA ALA F 143 -20.13 26.17 13.33
C ALA F 143 -19.44 26.33 14.67
N HIS F 144 -20.14 26.89 15.65
CA HIS F 144 -19.53 27.09 16.96
C HIS F 144 -19.32 25.77 17.68
N ARG F 145 -20.35 24.92 17.69
CA ARG F 145 -20.21 23.55 18.17
C ARG F 145 -19.89 23.41 19.64
N ASP F 146 -19.98 24.50 20.39
CA ASP F 146 -19.99 24.36 21.84
C ASP F 146 -20.86 25.40 22.53
N VAL F 147 -21.98 25.72 21.90
CA VAL F 147 -22.92 26.68 22.45
C VAL F 147 -23.70 26.08 23.61
N LYS F 148 -23.20 26.32 24.82
CA LYS F 148 -23.90 25.94 26.04
C LYS F 148 -23.96 27.12 27.02
N PRO F 149 -24.75 27.00 28.10
CA PRO F 149 -24.93 28.10 29.05
C PRO F 149 -23.61 28.69 29.61
N GLU F 150 -22.60 27.85 29.77
CA GLU F 150 -21.33 28.31 30.31
C GLU F 150 -20.62 29.28 29.36
N ASN F 151 -21.03 29.30 28.09
CA ASN F 151 -20.39 30.14 27.09
C ASN F 151 -21.28 31.27 26.58
N LEU F 152 -22.27 31.63 27.37
CA LEU F 152 -23.04 32.82 27.06
C LEU F 152 -23.05 33.72 28.29
N LEU F 153 -22.32 34.82 28.25
CA LEU F 153 -22.18 35.67 29.44
C LEU F 153 -22.60 37.10 29.17
N TYR F 154 -23.07 37.79 30.22
CA TYR F 154 -23.48 39.18 30.07
C TYR F 154 -22.30 40.14 30.22
N THR F 155 -22.29 41.22 29.44
CA THR F 155 -21.20 42.17 29.56
C THR F 155 -21.09 42.71 30.98
N SER F 156 -22.18 43.31 31.47
CA SER F 156 -22.18 43.82 32.83
C SER F 156 -23.43 43.37 33.59
N LYS F 157 -23.44 43.63 34.89
CA LYS F 157 -24.62 43.49 35.71
C LYS F 157 -25.64 44.56 35.35
N ARG F 158 -25.19 45.60 34.67
CA ARG F 158 -26.11 46.64 34.21
C ARG F 158 -27.33 45.97 33.57
N PRO F 159 -28.52 46.46 33.93
CA PRO F 159 -29.79 45.88 33.47
C PRO F 159 -29.91 45.78 31.95
N ASN F 160 -29.15 46.59 31.23
CA ASN F 160 -29.25 46.60 29.78
C ASN F 160 -28.06 45.89 29.11
N ALA F 161 -27.25 45.25 29.94
CA ALA F 161 -26.10 44.48 29.47
C ALA F 161 -26.50 43.64 28.27
N ILE F 162 -25.57 43.42 27.33
CA ILE F 162 -25.87 42.55 26.21
C ILE F 162 -25.17 41.20 26.41
N LEU F 163 -25.79 40.16 25.84
CA LEU F 163 -25.36 38.79 26.09
C LEU F 163 -24.53 38.31 24.91
N LYS F 164 -23.36 37.75 25.21
CA LYS F 164 -22.43 37.38 24.15
C LYS F 164 -21.98 35.93 24.18
N LEU F 165 -21.68 35.39 23.00
CA LEU F 165 -21.20 34.00 22.87
C LEU F 165 -19.68 33.94 23.00
N THR F 166 -19.19 32.96 23.71
CA THR F 166 -17.75 32.84 23.96
C THR F 166 -17.20 31.47 23.58
N ASP F 167 -15.90 31.29 23.77
CA ASP F 167 -15.25 30.00 23.64
C ASP F 167 -15.39 29.32 22.27
N PHE F 168 -14.40 29.55 21.41
CA PHE F 168 -14.40 29.05 20.04
C PHE F 168 -13.43 27.88 19.83
N GLY F 169 -13.00 27.25 20.90
CA GLY F 169 -12.12 26.12 20.74
C GLY F 169 -12.74 24.87 20.14
N PHE F 170 -14.00 24.89 19.74
CA PHE F 170 -14.54 23.74 19.00
C PHE F 170 -15.02 24.17 17.62
N ALA F 171 -14.88 25.46 17.33
CA ALA F 171 -15.42 26.00 16.12
C ALA F 171 -14.77 25.36 14.91
N LYS F 172 -15.48 25.30 13.80
CA LYS F 172 -14.95 24.70 12.59
C LYS F 172 -15.48 25.42 11.37
N GLU F 173 -14.63 25.64 10.38
CA GLU F 173 -15.10 26.03 9.08
C GLU F 173 -15.96 24.88 8.56
N THR F 174 -17.20 25.19 8.24
CA THR F 174 -18.10 24.19 7.70
C THR F 174 -17.75 23.88 6.26
N THR F 175 -16.72 24.52 5.71
CA THR F 175 -16.25 24.15 4.38
C THR F 175 -14.84 24.61 4.05
N SER F 176 -14.16 23.81 3.22
CA SER F 176 -12.81 24.10 2.75
C SER F 176 -12.56 25.59 2.53
N TYR F 189 -29.25 28.43 -10.34
CA TYR F 189 -29.96 27.18 -10.21
C TYR F 189 -29.13 26.11 -9.49
N VAL F 190 -27.85 26.41 -9.30
CA VAL F 190 -26.94 25.53 -8.58
C VAL F 190 -27.39 25.23 -7.16
N ALA F 191 -27.76 23.97 -6.90
CA ALA F 191 -28.20 23.54 -5.58
C ALA F 191 -27.18 23.93 -4.51
N PRO F 192 -27.64 24.11 -3.28
CA PRO F 192 -26.77 24.57 -2.19
C PRO F 192 -25.65 23.58 -1.87
N GLU F 193 -25.98 22.30 -1.84
CA GLU F 193 -24.98 21.28 -1.55
C GLU F 193 -23.85 21.33 -2.57
N VAL F 194 -24.19 21.51 -3.84
CA VAL F 194 -23.19 21.68 -4.88
C VAL F 194 -22.06 22.58 -4.39
N LEU F 195 -22.41 23.51 -3.50
CA LEU F 195 -21.42 24.43 -2.95
C LEU F 195 -20.99 23.98 -1.55
N GLY F 196 -19.89 23.22 -1.50
CA GLY F 196 -19.36 22.78 -0.22
C GLY F 196 -19.90 21.45 0.28
N PRO F 197 -19.32 20.91 1.36
CA PRO F 197 -19.81 19.72 2.08
C PRO F 197 -21.07 19.97 2.90
N GLU F 198 -21.94 18.96 2.99
CA GLU F 198 -23.15 19.04 3.82
C GLU F 198 -22.92 18.54 5.25
N LYS F 199 -21.79 17.89 5.49
CA LYS F 199 -21.45 17.34 6.80
C LYS F 199 -21.90 18.32 7.89
N TYR F 200 -22.59 17.82 8.91
CA TYR F 200 -23.53 18.66 9.64
C TYR F 200 -23.17 19.13 11.05
N ASP F 201 -22.20 20.02 11.14
CA ASP F 201 -21.87 20.67 12.41
C ASP F 201 -22.77 21.86 12.70
N LYS F 202 -23.35 22.44 11.65
CA LYS F 202 -24.20 23.59 11.81
C LYS F 202 -25.46 23.19 12.52
N SER F 203 -25.84 21.93 12.35
CA SER F 203 -27.10 21.46 12.89
C SER F 203 -27.03 21.10 14.36
N CYS F 204 -25.83 21.03 14.92
CA CYS F 204 -25.79 20.81 16.34
C CYS F 204 -25.74 22.11 17.13
N ASP F 205 -25.30 23.18 16.48
CA ASP F 205 -25.58 24.52 16.97
C ASP F 205 -27.10 24.65 17.11
N MET F 206 -27.84 24.02 16.19
CA MET F 206 -29.28 24.11 16.22
C MET F 206 -29.88 23.27 17.34
N TRP F 207 -29.37 22.05 17.51
CA TRP F 207 -29.67 21.27 18.71
C TRP F 207 -29.44 22.10 19.99
N SER F 208 -28.30 22.77 20.07
CA SER F 208 -27.99 23.57 21.24
C SER F 208 -28.98 24.72 21.51
N LEU F 209 -29.31 25.50 20.49
CA LEU F 209 -30.37 26.47 20.65
C LEU F 209 -31.60 25.82 21.29
N GLY F 210 -32.04 24.70 20.73
CA GLY F 210 -33.10 23.92 21.35
C GLY F 210 -32.93 23.67 22.85
N VAL F 211 -31.76 23.21 23.26
CA VAL F 211 -31.55 22.91 24.68
C VAL F 211 -31.64 24.18 25.53
N ILE F 212 -31.01 25.25 25.09
CA ILE F 212 -31.06 26.52 25.81
C ILE F 212 -32.47 27.08 25.84
N MET F 213 -33.16 27.05 24.70
CA MET F 213 -34.53 27.53 24.68
C MET F 213 -35.37 26.76 25.69
N TYR F 214 -35.23 25.44 25.67
CA TYR F 214 -35.91 24.59 26.62
C TYR F 214 -35.62 24.97 28.08
N ILE F 215 -34.34 25.16 28.40
CA ILE F 215 -33.99 25.48 29.79
C ILE F 215 -34.55 26.83 30.17
N LEU F 216 -34.58 27.77 29.22
CA LEU F 216 -35.06 29.13 29.49
C LEU F 216 -36.53 29.18 29.84
N LEU F 217 -37.34 28.32 29.24
CA LEU F 217 -38.76 28.33 29.52
C LEU F 217 -39.18 27.60 30.81
N CYS F 218 -38.33 26.72 31.34
CA CYS F 218 -38.70 25.99 32.57
C CYS F 218 -37.66 25.95 33.71
N GLY F 219 -36.39 26.15 33.40
CA GLY F 219 -35.37 26.10 34.44
C GLY F 219 -34.52 24.84 34.46
N TYR F 220 -34.91 23.84 33.67
CA TYR F 220 -34.13 22.60 33.62
C TYR F 220 -34.04 22.08 32.21
N PRO F 221 -33.03 21.27 31.94
CA PRO F 221 -32.80 20.79 30.57
C PRO F 221 -33.79 19.70 30.21
N PRO F 222 -34.01 19.47 28.90
CA PRO F 222 -34.91 18.44 28.36
C PRO F 222 -34.39 17.04 28.63
N PHE F 223 -33.08 16.88 28.66
CA PHE F 223 -32.50 15.59 29.00
C PHE F 223 -31.63 15.78 30.24
N TYR F 224 -31.75 14.86 31.20
CA TYR F 224 -31.11 15.02 32.49
C TYR F 224 -30.89 13.72 33.22
N SER F 225 -30.17 13.80 34.33
CA SER F 225 -30.01 12.68 35.22
C SER F 225 -30.95 12.88 36.40
N ASN F 226 -31.53 11.79 36.90
CA ASN F 226 -32.42 11.88 38.04
C ASN F 226 -31.59 12.07 39.31
N HIS F 227 -31.02 10.97 39.79
CA HIS F 227 -30.18 11.01 40.97
C HIS F 227 -29.09 12.03 40.72
N GLY F 228 -28.89 12.35 39.45
CA GLY F 228 -28.00 13.44 39.09
C GLY F 228 -26.56 13.14 39.43
N LEU F 229 -25.65 13.92 38.85
CA LEU F 229 -26.02 14.88 37.83
C LEU F 229 -25.11 14.69 36.62
N ALA F 230 -24.10 13.83 36.78
CA ALA F 230 -23.23 13.51 35.68
C ALA F 230 -24.07 12.88 34.57
N ILE F 231 -23.50 12.74 33.38
CA ILE F 231 -24.16 12.02 32.31
C ILE F 231 -24.57 10.66 32.86
N SER F 232 -25.83 10.30 32.66
CA SER F 232 -26.34 9.00 33.07
C SER F 232 -26.36 8.08 31.86
N PRO F 233 -26.25 6.77 32.07
CA PRO F 233 -26.55 5.89 30.95
C PRO F 233 -28.05 5.94 30.62
N GLY F 234 -28.86 6.17 31.65
CA GLY F 234 -30.25 6.52 31.40
C GLY F 234 -30.33 7.77 30.53
N MET F 235 -29.62 8.81 30.94
CA MET F 235 -29.63 10.07 30.24
C MET F 235 -29.17 10.00 28.78
N LYS F 236 -28.17 9.18 28.48
CA LYS F 236 -27.70 9.03 27.11
C LYS F 236 -28.72 8.29 26.25
N THR F 237 -29.44 7.35 26.84
CA THR F 237 -30.42 6.61 26.05
C THR F 237 -31.52 7.57 25.67
N ARG F 238 -31.97 8.32 26.66
CA ARG F 238 -33.04 9.29 26.48
C ARG F 238 -32.68 10.38 25.44
N ILE F 239 -31.43 10.86 25.49
CA ILE F 239 -30.95 11.76 24.45
C ILE F 239 -31.10 11.08 23.09
N ARG F 240 -30.55 9.89 22.97
CA ARG F 240 -30.44 9.20 21.71
C ARG F 240 -31.82 8.80 21.19
N MET F 241 -32.69 8.35 22.09
CA MET F 241 -34.09 8.10 21.75
C MET F 241 -34.83 9.40 21.45
N GLY F 242 -34.43 10.48 22.10
CA GLY F 242 -35.17 11.72 21.91
C GLY F 242 -36.35 11.75 22.87
N GLN F 243 -36.19 11.18 24.05
CA GLN F 243 -37.26 11.12 25.02
C GLN F 243 -37.20 12.30 25.96
N TYR F 244 -38.20 13.18 25.84
CA TYR F 244 -38.35 14.26 26.81
C TYR F 244 -39.80 14.66 26.78
N GLU F 245 -40.22 15.46 27.75
CA GLU F 245 -41.60 15.91 27.82
C GLU F 245 -41.67 17.39 28.17
N PHE F 246 -42.89 17.91 28.21
CA PHE F 246 -43.14 19.26 28.65
C PHE F 246 -44.06 19.24 29.87
N PRO F 247 -43.52 18.78 31.00
CA PRO F 247 -44.31 18.60 32.23
C PRO F 247 -44.99 19.83 32.78
N ASN F 248 -46.12 19.63 33.43
CA ASN F 248 -46.69 20.61 34.36
C ASN F 248 -45.93 20.51 35.69
N PRO F 249 -45.92 21.57 36.49
CA PRO F 249 -46.51 22.91 36.43
C PRO F 249 -45.77 23.85 35.48
N GLU F 250 -44.55 23.52 35.11
CA GLU F 250 -43.75 24.54 34.48
C GLU F 250 -44.01 24.78 32.98
N TRP F 251 -44.64 23.85 32.27
CA TRP F 251 -44.89 24.08 30.84
C TRP F 251 -46.34 24.41 30.48
N SER F 252 -47.19 24.50 31.50
CA SER F 252 -48.64 24.51 31.28
C SER F 252 -49.17 25.79 30.65
N GLU F 253 -48.48 26.91 30.87
CA GLU F 253 -48.86 28.18 30.25
C GLU F 253 -48.10 28.49 28.96
N VAL F 254 -47.17 27.64 28.59
CA VAL F 254 -46.37 27.84 27.38
C VAL F 254 -47.10 27.41 26.09
N SER F 255 -47.02 28.24 25.05
CA SER F 255 -47.62 27.95 23.75
C SER F 255 -47.29 26.57 23.20
N GLU F 256 -48.18 26.09 22.35
CA GLU F 256 -47.93 24.88 21.58
C GLU F 256 -46.95 25.24 20.47
N GLU F 257 -46.97 26.50 20.07
CA GLU F 257 -46.13 27.00 19.00
C GLU F 257 -44.69 26.98 19.46
N VAL F 258 -44.47 27.37 20.70
CA VAL F 258 -43.13 27.34 21.26
C VAL F 258 -42.65 25.89 21.43
N LYS F 259 -43.51 25.03 21.94
CA LYS F 259 -43.19 23.61 22.09
C LYS F 259 -42.86 22.94 20.78
N MET F 260 -43.61 23.28 19.74
CA MET F 260 -43.38 22.74 18.40
C MET F 260 -42.03 23.19 17.89
N LEU F 261 -41.67 24.44 18.18
CA LEU F 261 -40.38 24.98 17.78
C LEU F 261 -39.23 24.24 18.47
N ILE F 262 -39.33 24.05 19.78
CA ILE F 262 -38.36 23.23 20.47
C ILE F 262 -38.34 21.82 19.87
N ARG F 263 -39.51 21.32 19.48
CA ARG F 263 -39.57 20.00 18.90
C ARG F 263 -38.80 19.93 17.61
N ASN F 264 -38.84 20.97 16.79
CA ASN F 264 -38.10 20.90 15.56
C ASN F 264 -36.60 20.97 15.84
N LEU F 265 -36.17 21.76 16.82
CA LEU F 265 -34.74 21.90 17.07
C LEU F 265 -34.12 20.64 17.70
N LEU F 266 -34.90 19.93 18.52
CA LEU F 266 -34.35 18.78 19.27
C LEU F 266 -34.49 17.51 18.47
N LYS F 267 -34.88 17.64 17.21
CA LYS F 267 -34.92 16.49 16.34
C LYS F 267 -33.64 15.66 16.45
N THR F 268 -33.83 14.35 16.54
CA THR F 268 -32.75 13.37 16.59
C THR F 268 -31.96 13.26 15.29
N GLU F 269 -32.65 13.07 14.19
CA GLU F 269 -32.02 13.10 12.89
C GLU F 269 -31.52 14.52 12.73
N PRO F 270 -30.20 14.72 12.67
CA PRO F 270 -29.76 16.09 12.35
C PRO F 270 -30.40 16.72 11.10
N THR F 271 -30.48 16.01 9.99
CA THR F 271 -31.06 16.64 8.80
C THR F 271 -32.57 16.90 8.89
N GLN F 272 -33.19 16.52 10.00
CA GLN F 272 -34.60 16.88 10.20
C GLN F 272 -34.66 18.19 10.94
N ARG F 273 -33.52 18.68 11.39
CA ARG F 273 -33.49 19.84 12.26
C ARG F 273 -33.70 21.10 11.45
N MET F 274 -34.29 22.09 12.08
CA MET F 274 -34.54 23.38 11.46
C MET F 274 -33.18 24.04 11.23
N THR F 275 -33.10 25.01 10.33
CA THR F 275 -31.84 25.71 10.10
C THR F 275 -31.87 27.08 10.74
N ILE F 276 -30.72 27.73 10.88
CA ILE F 276 -30.73 29.01 11.57
C ILE F 276 -31.60 30.04 10.83
N THR F 277 -31.66 29.98 9.51
CA THR F 277 -32.50 30.93 8.78
C THR F 277 -33.98 30.72 9.06
N GLU F 278 -34.39 29.46 9.12
CA GLU F 278 -35.76 29.13 9.50
C GLU F 278 -36.04 29.49 10.96
N PHE F 279 -35.06 29.30 11.83
CA PHE F 279 -35.22 29.68 13.22
C PHE F 279 -35.48 31.18 13.33
N MET F 280 -34.64 31.97 12.67
CA MET F 280 -34.72 33.42 12.75
C MET F 280 -35.99 33.97 12.11
N ASN F 281 -36.55 33.25 11.15
CA ASN F 281 -37.79 33.71 10.56
C ASN F 281 -39.03 33.18 11.28
N HIS F 282 -38.83 32.45 12.36
CA HIS F 282 -39.98 31.96 13.11
C HIS F 282 -40.64 33.10 13.85
N PRO F 283 -41.97 33.18 13.78
CA PRO F 283 -42.70 34.26 14.44
C PRO F 283 -42.22 34.49 15.86
N TRP F 284 -42.08 33.43 16.65
CA TRP F 284 -41.73 33.61 18.06
C TRP F 284 -40.36 34.28 18.22
N ILE F 285 -39.46 34.03 17.27
CA ILE F 285 -38.12 34.61 17.33
C ILE F 285 -38.12 35.99 16.75
N MET F 286 -38.81 36.13 15.63
CA MET F 286 -38.76 37.34 14.84
C MET F 286 -39.53 38.49 15.49
N GLN F 287 -40.58 38.17 16.23
CA GLN F 287 -41.36 39.20 16.91
C GLN F 287 -41.42 39.02 18.41
N SER F 288 -40.26 38.93 19.05
CA SER F 288 -40.21 38.70 20.48
C SER F 288 -41.19 39.63 21.14
N THR F 289 -41.17 40.89 20.71
CA THR F 289 -41.92 41.95 21.36
C THR F 289 -43.42 41.70 21.27
N LYS F 290 -43.85 40.77 20.44
CA LYS F 290 -45.25 40.38 20.45
C LYS F 290 -45.54 39.15 21.31
N VAL F 291 -44.54 38.48 21.87
CA VAL F 291 -44.87 37.27 22.60
C VAL F 291 -45.33 37.66 23.98
N PRO F 292 -46.33 36.96 24.51
CA PRO F 292 -46.95 37.26 25.81
C PRO F 292 -45.90 37.32 26.88
N GLN F 293 -46.17 38.09 27.92
CA GLN F 293 -45.29 38.12 29.06
C GLN F 293 -45.74 37.11 30.09
N THR F 294 -46.18 35.96 29.63
CA THR F 294 -46.56 34.90 30.55
C THR F 294 -45.38 34.58 31.49
N PRO F 295 -45.68 34.49 32.79
CA PRO F 295 -44.69 34.19 33.82
C PRO F 295 -44.24 32.73 33.80
N LEU F 296 -42.97 32.53 34.09
CA LEU F 296 -42.32 31.25 33.99
C LEU F 296 -41.83 30.80 35.36
N HIS F 297 -41.50 29.51 35.49
CA HIS F 297 -40.96 28.97 36.73
C HIS F 297 -39.44 28.97 36.69
N THR F 298 -38.88 29.53 35.64
CA THR F 298 -37.46 29.40 35.35
C THR F 298 -36.56 29.86 36.51
N SER F 299 -36.84 31.05 37.04
CA SER F 299 -35.98 31.61 38.09
C SER F 299 -36.08 30.88 39.44
N ARG F 300 -37.29 30.45 39.81
CA ARG F 300 -37.44 29.60 40.98
C ARG F 300 -36.77 28.23 40.78
N VAL F 301 -37.18 27.51 39.74
CA VAL F 301 -36.58 26.21 39.47
C VAL F 301 -35.06 26.33 39.52
N LEU F 302 -34.52 27.35 38.85
CA LEU F 302 -33.08 27.56 38.75
C LEU F 302 -32.49 27.91 40.11
N LYS F 303 -33.16 28.78 40.85
CA LYS F 303 -32.68 29.20 42.15
C LYS F 303 -32.70 28.04 43.13
N GLU F 304 -33.68 27.15 42.96
CA GLU F 304 -33.75 25.94 43.77
C GLU F 304 -32.56 25.01 43.49
N ASP F 305 -31.64 25.44 42.63
CA ASP F 305 -30.53 24.60 42.16
C ASP F 305 -31.05 23.38 41.43
N VAL G 8 20.18 43.96 -1.88
CA VAL G 8 19.25 43.76 -0.73
C VAL G 8 18.04 44.68 -0.76
N LYS G 9 16.87 44.08 -0.96
CA LYS G 9 15.60 44.81 -0.95
C LYS G 9 14.74 44.25 0.16
N SER G 10 13.87 45.09 0.71
CA SER G 10 12.95 44.66 1.77
C SER G 10 12.09 43.46 1.38
N GLY G 11 11.73 42.65 2.37
CA GLY G 11 10.81 41.54 2.13
C GLY G 11 9.37 42.00 2.09
N LEU G 12 8.45 41.07 1.86
CA LEU G 12 7.03 41.43 1.71
C LEU G 12 6.32 41.53 3.05
N GLN G 13 5.75 42.70 3.31
CA GLN G 13 5.12 42.97 4.59
C GLN G 13 3.63 43.12 4.38
N ILE G 14 2.96 41.98 4.22
CA ILE G 14 1.50 41.95 4.10
C ILE G 14 0.78 42.68 5.23
N LYS G 15 0.12 43.79 4.89
CA LYS G 15 -0.61 44.59 5.87
C LYS G 15 -1.91 43.94 6.28
N LYS G 16 -2.42 44.30 7.45
CA LYS G 16 -3.59 43.63 8.02
C LYS G 16 -4.73 44.58 8.35
N ASN G 17 -4.42 45.86 8.43
CA ASN G 17 -5.46 46.87 8.64
C ASN G 17 -6.35 47.02 7.41
N ALA G 18 -7.60 47.43 7.64
CA ALA G 18 -8.53 47.64 6.55
C ALA G 18 -7.84 48.38 5.41
N ILE G 19 -7.95 47.84 4.20
CA ILE G 19 -7.34 48.49 3.05
C ILE G 19 -7.95 49.88 2.92
N ILE G 20 -9.13 50.06 3.50
CA ILE G 20 -9.85 51.32 3.39
C ILE G 20 -9.39 52.38 4.40
N ASP G 21 -8.50 52.02 5.31
CA ASP G 21 -7.80 53.04 6.10
C ASP G 21 -6.94 53.92 5.21
N ASP G 22 -6.59 53.41 4.03
CA ASP G 22 -5.52 54.00 3.23
C ASP G 22 -5.96 54.39 1.84
N TYR G 23 -6.89 53.62 1.27
CA TYR G 23 -7.28 53.79 -0.11
C TYR G 23 -8.80 53.89 -0.19
N LYS G 24 -9.30 54.47 -1.27
CA LYS G 24 -10.73 54.70 -1.44
C LYS G 24 -11.37 53.53 -2.18
N VAL G 25 -11.47 52.38 -1.51
CA VAL G 25 -11.96 51.18 -2.18
C VAL G 25 -13.47 51.09 -2.07
N THR G 26 -14.16 51.79 -2.96
CA THR G 26 -15.62 51.76 -3.01
C THR G 26 -16.14 50.33 -3.17
N SER G 27 -17.04 49.94 -2.27
CA SER G 27 -17.51 48.56 -2.24
C SER G 27 -18.07 48.09 -3.58
N GLN G 28 -18.19 49.01 -4.52
CA GLN G 28 -18.60 48.64 -5.87
C GLN G 28 -17.47 47.92 -6.59
N VAL G 29 -16.24 48.19 -6.15
CA VAL G 29 -15.08 47.52 -6.74
C VAL G 29 -14.84 46.13 -6.13
N LEU G 30 -14.86 46.02 -4.80
CA LEU G 30 -14.60 44.74 -4.15
C LEU G 30 -15.29 43.59 -4.87
N GLY G 31 -16.62 43.53 -4.76
CA GLY G 31 -17.36 42.43 -5.37
C GLY G 31 -17.02 42.20 -6.84
N LEU G 32 -16.62 43.26 -7.54
CA LEU G 32 -16.15 43.11 -8.91
C LEU G 32 -14.72 42.61 -8.93
N GLY G 33 -13.84 43.31 -8.22
CA GLY G 33 -12.46 42.88 -8.14
C GLY G 33 -12.28 41.48 -7.58
N ILE G 34 -13.24 41.04 -6.78
CA ILE G 34 -13.15 39.73 -6.14
C ILE G 34 -13.30 38.60 -7.14
N ASN G 35 -13.88 38.88 -8.29
CA ASN G 35 -13.92 37.89 -9.36
C ASN G 35 -13.13 38.32 -10.60
N GLY G 36 -11.93 38.84 -10.38
CA GLY G 36 -10.96 38.89 -11.46
C GLY G 36 -10.69 40.26 -12.07
N LYS G 37 -11.66 41.17 -11.98
CA LYS G 37 -11.48 42.50 -12.54
C LYS G 37 -10.39 43.24 -11.77
N VAL G 38 -9.61 44.02 -12.48
CA VAL G 38 -8.59 44.84 -11.84
C VAL G 38 -9.07 46.28 -11.83
N LEU G 39 -9.18 46.85 -10.65
CA LEU G 39 -9.91 48.09 -10.50
C LEU G 39 -8.95 49.16 -10.07
N GLN G 40 -9.21 50.38 -10.53
CA GLN G 40 -8.40 51.51 -10.13
C GLN G 40 -8.88 52.04 -8.79
N ILE G 41 -7.96 52.48 -7.95
CA ILE G 41 -8.33 53.00 -6.65
C ILE G 41 -7.46 54.21 -6.42
N PHE G 42 -7.62 54.85 -5.27
CA PHE G 42 -6.86 56.07 -4.97
C PHE G 42 -6.31 56.06 -3.56
N ASN G 43 -5.05 56.42 -3.42
CA ASN G 43 -4.43 56.60 -2.11
C ASN G 43 -5.09 57.79 -1.41
N LYS G 44 -5.51 57.60 -0.16
CA LYS G 44 -6.30 58.62 0.54
C LYS G 44 -5.57 59.96 0.70
N ARG G 45 -4.30 59.91 1.09
CA ARG G 45 -3.57 61.12 1.49
C ARG G 45 -2.99 61.85 0.28
N THR G 46 -2.79 61.12 -0.80
CA THR G 46 -2.10 61.65 -1.96
C THR G 46 -3.05 61.74 -3.14
N GLN G 47 -4.15 60.99 -3.06
CA GLN G 47 -5.16 60.96 -4.10
C GLN G 47 -4.60 60.34 -5.38
N GLU G 48 -3.29 60.14 -5.41
CA GLU G 48 -2.63 59.45 -6.51
C GLU G 48 -3.31 58.11 -6.78
N LYS G 49 -3.49 57.78 -8.06
CA LYS G 49 -4.26 56.60 -8.42
C LYS G 49 -3.41 55.33 -8.51
N PHE G 50 -4.05 54.18 -8.36
CA PHE G 50 -3.37 52.89 -8.30
C PHE G 50 -4.28 51.81 -8.85
N ALA G 51 -3.73 50.62 -9.03
CA ALA G 51 -4.55 49.51 -9.47
C ALA G 51 -4.72 48.50 -8.34
N LEU G 52 -5.81 47.76 -8.38
CA LEU G 52 -6.12 46.80 -7.34
C LEU G 52 -6.56 45.46 -7.93
N LYS G 53 -5.88 44.40 -7.49
CA LYS G 53 -6.25 43.03 -7.82
C LYS G 53 -6.57 42.24 -6.54
N MET G 54 -7.71 41.54 -6.51
CA MET G 54 -8.11 40.81 -5.31
C MET G 54 -8.10 39.31 -5.51
N LEU G 55 -7.42 38.62 -4.63
CA LEU G 55 -7.42 37.17 -4.67
C LEU G 55 -8.12 36.61 -3.45
N GLN G 56 -8.79 35.48 -3.63
CA GLN G 56 -9.23 34.69 -2.50
C GLN G 56 -7.98 34.06 -1.88
N ASP G 57 -7.80 34.27 -0.59
CA ASP G 57 -6.59 33.85 0.09
C ASP G 57 -6.46 32.33 0.13
N CYS G 58 -5.56 31.79 -0.68
CA CYS G 58 -5.24 30.38 -0.65
C CYS G 58 -3.75 30.16 -0.99
N PRO G 59 -3.29 28.91 -0.96
CA PRO G 59 -1.86 28.70 -1.24
C PRO G 59 -1.52 29.16 -2.65
N LYS G 60 -2.44 28.93 -3.58
CA LYS G 60 -2.23 29.37 -4.95
C LYS G 60 -2.02 30.87 -4.93
N ALA G 61 -2.91 31.58 -4.25
CA ALA G 61 -2.84 33.03 -4.18
C ALA G 61 -1.56 33.49 -3.49
N ARG G 62 -1.20 32.84 -2.39
CA ARG G 62 -0.03 33.27 -1.63
C ARG G 62 1.21 33.07 -2.46
N ARG G 63 1.21 32.06 -3.32
CA ARG G 63 2.33 31.81 -4.21
C ARG G 63 2.49 32.95 -5.20
N GLU G 64 1.37 33.41 -5.75
CA GLU G 64 1.40 34.51 -6.70
C GLU G 64 2.05 35.74 -6.06
N VAL G 65 1.56 36.14 -4.90
CA VAL G 65 2.02 37.38 -4.30
C VAL G 65 3.52 37.33 -4.03
N GLU G 66 4.01 36.18 -3.61
CA GLU G 66 5.41 36.03 -3.27
C GLU G 66 6.31 36.11 -4.51
N LEU G 67 6.04 35.25 -5.48
CA LEU G 67 6.78 35.30 -6.73
C LEU G 67 6.69 36.69 -7.37
N HIS G 68 5.52 37.33 -7.30
CA HIS G 68 5.36 38.62 -7.97
C HIS G 68 6.13 39.71 -7.22
N TRP G 69 6.06 39.67 -5.90
CA TRP G 69 6.85 40.58 -5.08
C TRP G 69 8.32 40.52 -5.49
N ARG G 70 8.83 39.31 -5.72
CA ARG G 70 10.23 39.13 -6.07
C ARG G 70 10.53 39.69 -7.44
N ALA G 71 9.60 39.50 -8.38
CA ALA G 71 9.79 39.98 -9.74
C ALA G 71 9.77 41.50 -9.77
N SER G 72 9.21 42.10 -8.72
CA SER G 72 8.83 43.50 -8.77
C SER G 72 10.03 44.42 -8.82
N GLN G 73 11.16 43.98 -8.28
CA GLN G 73 12.37 44.77 -8.33
C GLN G 73 12.75 45.13 -9.76
N CYS G 74 12.51 44.20 -10.69
CA CYS G 74 12.71 44.49 -12.10
C CYS G 74 11.64 45.43 -12.61
N PRO G 75 12.05 46.63 -13.03
CA PRO G 75 11.10 47.69 -13.38
C PRO G 75 10.23 47.43 -14.61
N HIS G 76 10.49 46.32 -15.31
CA HIS G 76 9.66 45.89 -16.45
C HIS G 76 8.51 44.97 -16.03
N ILE G 77 8.54 44.55 -14.76
CA ILE G 77 7.40 43.90 -14.11
C ILE G 77 6.56 45.02 -13.46
N VAL G 78 5.24 44.93 -13.49
CA VAL G 78 4.46 45.94 -12.82
C VAL G 78 4.72 45.91 -11.32
N ARG G 79 4.87 47.08 -10.71
CA ARG G 79 5.30 47.17 -9.31
C ARG G 79 4.19 46.93 -8.32
N ILE G 80 4.47 46.13 -7.31
CA ILE G 80 3.56 45.97 -6.19
C ILE G 80 3.83 47.05 -5.15
N VAL G 81 2.82 47.86 -4.88
CA VAL G 81 2.89 48.91 -3.88
C VAL G 81 2.70 48.36 -2.46
N ASP G 82 1.59 47.72 -2.19
CA ASP G 82 1.58 46.79 -1.08
C ASP G 82 0.45 45.79 -1.12
N VAL G 83 0.45 44.90 -0.13
CA VAL G 83 -0.46 43.78 -0.09
C VAL G 83 -1.22 43.79 1.23
N TYR G 84 -2.54 43.66 1.14
CA TYR G 84 -3.35 43.58 2.34
C TYR G 84 -3.96 42.22 2.50
N GLU G 85 -4.13 41.81 3.75
CA GLU G 85 -4.93 40.64 4.08
C GLU G 85 -6.13 41.14 4.84
N ASN G 86 -7.32 40.95 4.28
CA ASN G 86 -8.53 41.43 4.95
C ASN G 86 -9.62 40.36 4.92
N LEU G 87 -10.53 40.43 5.90
CA LEU G 87 -11.78 39.69 5.82
C LEU G 87 -12.69 40.35 4.79
N TYR G 88 -13.17 39.58 3.83
CA TYR G 88 -14.21 40.04 2.94
C TYR G 88 -15.37 39.06 2.87
N ALA G 89 -16.58 39.53 3.13
CA ALA G 89 -17.71 38.63 3.25
C ALA G 89 -17.26 37.45 4.10
N GLY G 90 -16.56 37.75 5.19
CA GLY G 90 -16.18 36.71 6.13
C GLY G 90 -15.17 35.70 5.61
N ARG G 91 -14.82 35.78 4.32
CA ARG G 91 -13.71 35.00 3.80
C ARG G 91 -12.41 35.81 3.94
N LYS G 92 -11.29 35.11 3.95
CA LYS G 92 -9.99 35.76 4.08
C LYS G 92 -9.38 35.93 2.70
N CYS G 93 -8.93 37.13 2.38
CA CYS G 93 -8.39 37.38 1.05
C CYS G 93 -7.28 38.40 0.97
N LEU G 94 -6.38 38.21 0.00
CA LEU G 94 -5.26 39.12 -0.25
C LEU G 94 -5.66 40.23 -1.21
N LEU G 95 -5.34 41.47 -0.83
CA LEU G 95 -5.60 42.63 -1.68
C LEU G 95 -4.27 43.21 -2.16
N ILE G 96 -4.01 43.08 -3.47
CA ILE G 96 -2.72 43.47 -4.04
C ILE G 96 -2.81 44.82 -4.71
N VAL G 97 -2.06 45.80 -4.19
CA VAL G 97 -2.05 47.14 -4.76
C VAL G 97 -0.83 47.33 -5.62
N MET G 98 -1.04 47.56 -6.93
CA MET G 98 0.04 47.79 -7.88
C MET G 98 0.11 49.24 -8.37
N GLU G 99 1.24 49.62 -8.93
CA GLU G 99 1.30 50.83 -9.74
C GLU G 99 0.27 50.70 -10.83
N CYS G 100 -0.39 51.81 -11.16
CA CYS G 100 -1.42 51.76 -12.21
C CYS G 100 -0.80 51.91 -13.60
N LEU G 101 -1.03 50.93 -14.46
CA LEU G 101 -0.54 51.01 -15.83
C LEU G 101 -1.70 51.47 -16.71
N ASP G 102 -1.62 52.70 -17.18
CA ASP G 102 -2.77 53.35 -17.77
C ASP G 102 -2.64 53.60 -19.27
N GLY G 103 -1.54 53.11 -19.85
CA GLY G 103 -1.30 53.30 -21.26
C GLY G 103 -2.02 52.31 -22.17
N GLY G 104 -2.56 51.24 -21.61
CA GLY G 104 -3.25 50.26 -22.43
C GLY G 104 -2.41 49.06 -22.85
N GLU G 105 -3.08 48.05 -23.39
CA GLU G 105 -2.43 46.82 -23.81
C GLU G 105 -1.52 47.02 -25.00
N LEU G 106 -0.31 46.46 -24.93
CA LEU G 106 0.69 46.63 -25.99
C LEU G 106 0.08 46.79 -27.37
N PHE G 107 -0.77 45.84 -27.76
CA PHE G 107 -1.30 45.81 -29.11
C PHE G 107 -2.41 46.84 -29.31
N SER G 108 -3.17 47.07 -28.25
CA SER G 108 -4.18 48.11 -28.27
C SER G 108 -3.64 49.40 -28.88
N ARG G 109 -2.41 49.76 -28.53
CA ARG G 109 -1.79 50.96 -29.08
C ARG G 109 -1.38 50.76 -30.52
N ILE G 110 -0.69 49.65 -30.80
CA ILE G 110 -0.19 49.42 -32.15
C ILE G 110 -1.31 49.44 -33.18
N GLN G 111 -2.50 48.98 -32.78
CA GLN G 111 -3.68 49.12 -33.62
C GLN G 111 -3.83 50.58 -34.02
N ASP G 112 -3.87 51.46 -33.02
CA ASP G 112 -4.11 52.89 -33.24
C ASP G 112 -3.02 53.60 -34.02
N ARG G 113 -1.97 52.88 -34.35
CA ARG G 113 -0.92 53.44 -35.16
C ARG G 113 -1.47 53.74 -36.56
N GLY G 114 -0.83 54.68 -37.25
CA GLY G 114 -1.24 54.96 -38.61
C GLY G 114 -0.60 53.98 -39.58
N ASP G 115 -1.38 53.45 -40.51
CA ASP G 115 -0.89 52.44 -41.44
C ASP G 115 0.59 52.66 -41.79
N GLN G 116 1.38 51.62 -41.60
CA GLN G 116 2.78 51.61 -42.01
C GLN G 116 3.75 52.35 -41.08
N ALA G 117 3.23 52.94 -40.01
CA ALA G 117 4.04 53.75 -39.09
C ALA G 117 4.95 52.91 -38.21
N PHE G 118 4.39 51.87 -37.61
CA PHE G 118 5.12 50.93 -36.76
C PHE G 118 6.19 50.21 -37.60
N THR G 119 7.44 50.26 -37.14
CA THR G 119 8.54 49.69 -37.92
C THR G 119 9.10 48.42 -37.32
N GLU G 120 10.00 47.77 -38.06
CA GLU G 120 10.66 46.57 -37.61
C GLU G 120 11.52 46.96 -36.42
N ARG G 121 12.27 48.06 -36.60
CA ARG G 121 13.14 48.57 -35.54
C ARG G 121 12.37 48.74 -34.24
N GLU G 122 11.12 49.17 -34.34
CA GLU G 122 10.26 49.32 -33.18
C GLU G 122 9.96 47.96 -32.56
N ALA G 123 9.60 47.01 -33.40
CA ALA G 123 9.26 45.67 -32.92
C ALA G 123 10.42 45.12 -32.14
N SER G 124 11.63 45.29 -32.65
CA SER G 124 12.80 44.80 -31.98
C SER G 124 12.94 45.44 -30.61
N GLU G 125 12.76 46.76 -30.57
CA GLU G 125 12.88 47.51 -29.32
C GLU G 125 11.86 47.04 -28.29
N ILE G 126 10.66 46.71 -28.74
CA ILE G 126 9.64 46.15 -27.86
C ILE G 126 10.01 44.77 -27.34
N MET G 127 10.41 43.88 -28.24
CA MET G 127 10.80 42.53 -27.86
C MET G 127 12.01 42.56 -26.93
N LYS G 128 12.93 43.49 -27.16
CA LYS G 128 14.02 43.63 -26.21
C LYS G 128 13.44 43.94 -24.86
N SER G 129 12.39 44.75 -24.86
CA SER G 129 11.80 45.25 -23.64
C SER G 129 11.06 44.13 -22.89
N ILE G 130 10.18 43.41 -23.57
CA ILE G 130 9.57 42.23 -22.97
C ILE G 130 10.65 41.23 -22.59
N GLY G 131 11.69 41.14 -23.41
CA GLY G 131 12.76 40.19 -23.19
C GLY G 131 13.46 40.41 -21.86
N GLU G 132 13.66 41.66 -21.49
CA GLU G 132 14.36 41.96 -20.26
C GLU G 132 13.58 41.45 -19.04
N ALA G 133 12.25 41.35 -19.16
CA ALA G 133 11.47 40.88 -18.02
C ALA G 133 11.68 39.39 -17.84
N ILE G 134 11.50 38.65 -18.93
CA ILE G 134 11.67 37.21 -18.89
C ILE G 134 13.05 36.88 -18.35
N GLN G 135 14.05 37.65 -18.75
CA GLN G 135 15.42 37.37 -18.36
C GLN G 135 15.56 37.51 -16.83
N TYR G 136 14.95 38.53 -16.24
CA TYR G 136 15.03 38.67 -14.79
C TYR G 136 14.31 37.51 -14.10
N LEU G 137 13.12 37.19 -14.54
CA LEU G 137 12.37 36.11 -13.92
C LEU G 137 13.16 34.80 -13.92
N HIS G 138 13.59 34.36 -15.09
CA HIS G 138 14.34 33.11 -15.20
C HIS G 138 15.62 33.13 -14.35
N SER G 139 16.22 34.30 -14.19
CA SER G 139 17.47 34.38 -13.46
C SER G 139 17.26 34.40 -11.96
N ILE G 140 16.01 34.37 -11.53
CA ILE G 140 15.72 34.09 -10.14
C ILE G 140 14.78 32.91 -10.08
N ASN G 141 14.82 32.12 -11.15
CA ASN G 141 14.17 30.82 -11.20
C ASN G 141 12.67 30.93 -11.13
N ILE G 142 12.13 31.96 -11.79
CA ILE G 142 10.71 32.11 -11.97
C ILE G 142 10.40 32.06 -13.46
N ALA G 143 9.35 31.30 -13.82
CA ALA G 143 8.81 31.33 -15.16
C ALA G 143 7.42 31.91 -15.07
N HIS G 144 7.14 32.93 -15.88
CA HIS G 144 5.86 33.62 -15.80
C HIS G 144 4.71 32.69 -16.20
N ARG G 145 4.91 31.95 -17.28
CA ARG G 145 3.94 30.99 -17.80
C ARG G 145 2.61 31.56 -18.31
N ASP G 146 2.47 32.88 -18.35
CA ASP G 146 1.28 33.43 -18.98
C ASP G 146 1.59 34.72 -19.74
N VAL G 147 2.72 34.74 -20.43
CA VAL G 147 3.15 35.91 -21.18
C VAL G 147 2.34 35.97 -22.47
N LYS G 148 1.16 36.58 -22.38
CA LYS G 148 0.32 36.81 -23.54
C LYS G 148 0.10 38.30 -23.65
N PRO G 149 -0.44 38.78 -24.78
CA PRO G 149 -0.43 40.23 -24.98
C PRO G 149 -1.22 41.03 -23.94
N GLU G 150 -2.27 40.44 -23.40
CA GLU G 150 -3.12 41.15 -22.47
C GLU G 150 -2.47 41.23 -21.09
N ASN G 151 -1.20 40.83 -21.02
CA ASN G 151 -0.44 41.00 -19.79
C ASN G 151 0.78 41.87 -20.04
N LEU G 152 0.84 42.50 -21.20
CA LEU G 152 1.81 43.55 -21.43
C LEU G 152 1.08 44.89 -21.55
N LEU G 153 1.08 45.68 -20.47
CA LEU G 153 0.42 46.99 -20.47
C LEU G 153 1.41 48.14 -20.40
N TYR G 154 1.03 49.27 -21.00
CA TYR G 154 1.84 50.49 -20.98
C TYR G 154 1.63 51.33 -19.73
N THR G 155 2.70 51.97 -19.26
CA THR G 155 2.62 52.73 -18.01
C THR G 155 1.71 53.91 -18.19
N SER G 156 2.22 54.93 -18.87
CA SER G 156 1.41 56.11 -19.22
C SER G 156 1.01 56.05 -20.68
N LYS G 157 0.58 57.19 -21.19
CA LYS G 157 0.27 57.29 -22.62
C LYS G 157 1.35 58.09 -23.30
N ARG G 158 2.30 58.58 -22.52
CA ARG G 158 3.45 59.29 -23.08
C ARG G 158 4.03 58.47 -24.22
N PRO G 159 4.68 59.14 -25.18
CA PRO G 159 5.17 58.43 -26.38
C PRO G 159 6.15 57.30 -26.06
N ASN G 160 7.02 57.52 -25.07
CA ASN G 160 7.96 56.51 -24.65
C ASN G 160 7.57 55.81 -23.34
N ALA G 161 6.27 55.72 -23.07
CA ALA G 161 5.80 55.06 -21.86
C ALA G 161 6.33 53.64 -21.83
N ILE G 162 6.78 53.19 -20.65
CA ILE G 162 7.48 51.91 -20.59
C ILE G 162 6.54 50.73 -20.44
N LEU G 163 6.84 49.66 -21.16
CA LEU G 163 5.98 48.48 -21.26
C LEU G 163 6.29 47.51 -20.13
N LYS G 164 5.25 46.87 -19.59
CA LYS G 164 5.43 46.03 -18.40
C LYS G 164 4.65 44.71 -18.38
N LEU G 165 5.28 43.67 -17.84
CA LEU G 165 4.65 42.35 -17.71
C LEU G 165 3.76 42.32 -16.48
N THR G 166 2.54 41.84 -16.63
CA THR G 166 1.65 41.73 -15.48
C THR G 166 1.24 40.29 -15.24
N ASP G 167 0.48 40.09 -14.17
CA ASP G 167 -0.27 38.85 -13.97
C ASP G 167 0.58 37.62 -13.76
N PHE G 168 0.78 37.29 -12.49
CA PHE G 168 1.61 36.17 -12.07
C PHE G 168 0.83 34.98 -11.51
N GLY G 169 -0.45 34.90 -11.84
CA GLY G 169 -1.24 33.79 -11.38
C GLY G 169 -0.79 32.41 -11.82
N PHE G 170 0.06 32.32 -12.83
CA PHE G 170 0.57 31.03 -13.26
C PHE G 170 2.08 30.82 -13.02
N ALA G 171 2.71 31.72 -12.28
CA ALA G 171 4.16 31.67 -12.16
C ALA G 171 4.59 30.58 -11.18
N LYS G 172 5.60 29.82 -11.57
CA LYS G 172 6.12 28.73 -10.76
C LYS G 172 7.60 28.97 -10.59
N GLU G 173 8.13 28.59 -9.43
CA GLU G 173 9.58 28.51 -9.29
C GLU G 173 10.05 27.32 -10.12
N THR G 174 10.98 27.58 -11.02
CA THR G 174 11.47 26.52 -11.89
C THR G 174 12.46 25.65 -11.12
N THR G 175 12.24 25.49 -9.83
CA THR G 175 13.11 24.64 -9.04
C THR G 175 12.49 24.23 -7.71
N SER G 176 13.35 23.98 -6.72
CA SER G 176 12.95 23.34 -5.48
C SER G 176 11.73 24.00 -4.85
N TYR G 189 32.66 23.56 -12.69
CA TYR G 189 32.68 22.47 -13.66
C TYR G 189 31.38 21.68 -13.62
N VAL G 190 30.58 21.91 -12.58
CA VAL G 190 29.27 21.30 -12.47
C VAL G 190 28.42 21.60 -13.70
N ALA G 191 27.65 20.60 -14.16
CA ALA G 191 26.72 20.79 -15.26
C ALA G 191 25.51 21.55 -14.74
N PRO G 192 24.91 22.40 -15.58
CA PRO G 192 23.76 23.19 -15.15
C PRO G 192 22.64 22.27 -14.68
N GLU G 193 22.50 21.13 -15.35
CA GLU G 193 21.44 20.18 -15.05
C GLU G 193 21.69 19.51 -13.71
N VAL G 194 22.93 19.56 -13.25
CA VAL G 194 23.30 18.95 -11.99
C VAL G 194 22.93 19.87 -10.81
N LEU G 195 22.40 21.04 -11.13
CA LEU G 195 21.94 21.95 -10.09
C LEU G 195 20.49 21.63 -9.74
N TYR G 200 10.87 22.35 -18.27
CA TYR G 200 10.04 22.76 -19.39
C TYR G 200 9.34 24.12 -19.23
N ASP G 201 9.34 24.67 -18.02
CA ASP G 201 8.53 25.86 -17.75
C ASP G 201 9.07 27.16 -18.35
N LYS G 202 10.37 27.38 -18.27
CA LYS G 202 10.99 28.54 -18.88
C LYS G 202 10.81 28.50 -20.37
N SER G 203 10.76 27.29 -20.92
CA SER G 203 10.72 27.11 -22.36
C SER G 203 9.35 27.46 -22.89
N CYS G 204 8.37 27.47 -21.99
CA CYS G 204 7.03 27.94 -22.31
C CYS G 204 7.07 29.44 -22.56
N ASP G 205 7.79 30.15 -21.70
CA ASP G 205 7.90 31.59 -21.84
C ASP G 205 8.49 31.95 -23.20
N MET G 206 9.49 31.17 -23.64
CA MET G 206 10.21 31.50 -24.86
C MET G 206 9.37 31.21 -26.10
N TRP G 207 8.54 30.19 -26.04
CA TRP G 207 7.56 30.00 -27.09
C TRP G 207 6.71 31.26 -27.24
N SER G 208 6.21 31.76 -26.10
CA SER G 208 5.30 32.92 -26.09
C SER G 208 5.94 34.21 -26.60
N LEU G 209 7.20 34.43 -26.27
CA LEU G 209 7.94 35.51 -26.89
C LEU G 209 7.89 35.30 -28.41
N GLY G 210 8.04 34.05 -28.83
CA GLY G 210 7.91 33.72 -30.24
C GLY G 210 6.57 34.12 -30.86
N VAL G 211 5.45 33.69 -30.27
CA VAL G 211 4.15 34.06 -30.82
C VAL G 211 4.02 35.58 -30.88
N ILE G 212 4.37 36.25 -29.78
CA ILE G 212 4.27 37.70 -29.72
C ILE G 212 5.16 38.34 -30.77
N MET G 213 6.43 37.98 -30.79
CA MET G 213 7.33 38.57 -31.78
C MET G 213 6.69 38.42 -33.15
N TYR G 214 6.12 37.25 -33.41
CA TYR G 214 5.46 36.98 -34.68
C TYR G 214 4.33 37.97 -34.95
N ILE G 215 3.39 38.08 -34.01
CA ILE G 215 2.28 39.02 -34.15
C ILE G 215 2.76 40.45 -34.39
N LEU G 216 3.82 40.84 -33.71
CA LEU G 216 4.32 42.19 -33.87
C LEU G 216 4.64 42.49 -35.32
N LEU G 217 5.14 41.50 -36.05
CA LEU G 217 5.70 41.75 -37.37
C LEU G 217 4.71 41.67 -38.52
N CYS G 218 3.54 41.09 -38.28
CA CYS G 218 2.53 41.03 -39.33
C CYS G 218 1.14 41.48 -38.91
N GLY G 219 0.74 41.21 -37.67
CA GLY G 219 -0.57 41.66 -37.22
C GLY G 219 -1.54 40.52 -36.97
N TYR G 220 -1.07 39.30 -37.16
CA TYR G 220 -1.83 38.11 -36.77
C TYR G 220 -0.86 37.04 -36.27
N PRO G 221 -1.36 36.06 -35.50
CA PRO G 221 -0.55 34.98 -34.94
C PRO G 221 -0.05 33.98 -35.98
N PRO G 222 0.90 33.11 -35.59
CA PRO G 222 1.37 32.00 -36.43
C PRO G 222 0.35 30.86 -36.45
N PHE G 223 -0.44 30.76 -35.39
CA PHE G 223 -1.47 29.74 -35.33
C PHE G 223 -2.82 30.41 -35.06
N TYR G 224 -3.85 29.94 -35.76
CA TYR G 224 -5.15 30.61 -35.70
C TYR G 224 -6.21 29.79 -36.40
N SER G 225 -7.43 30.32 -36.44
CA SER G 225 -8.45 29.82 -37.35
C SER G 225 -9.00 30.94 -38.21
N ASN G 226 -9.61 30.57 -39.34
CA ASN G 226 -10.23 31.55 -40.22
C ASN G 226 -11.64 31.84 -39.74
N PRO G 233 -10.43 22.41 -32.83
CA PRO G 233 -10.03 23.03 -34.10
C PRO G 233 -8.74 22.43 -34.66
N GLY G 234 -8.58 22.54 -35.99
CA GLY G 234 -7.34 22.12 -36.60
C GLY G 234 -6.22 23.02 -36.13
N MET G 235 -6.58 24.08 -35.41
CA MET G 235 -5.60 25.03 -34.90
C MET G 235 -4.81 24.36 -33.79
N LYS G 236 -5.40 23.33 -33.21
CA LYS G 236 -4.70 22.53 -32.20
C LYS G 236 -3.78 21.51 -32.88
N THR G 237 -4.00 21.25 -34.16
CA THR G 237 -3.11 20.38 -34.93
C THR G 237 -1.96 21.18 -35.48
N ARG G 238 -2.26 22.35 -36.02
CA ARG G 238 -1.25 23.21 -36.60
C ARG G 238 -0.20 23.68 -35.58
N ILE G 239 -0.59 23.69 -34.31
CA ILE G 239 0.36 24.01 -33.23
C ILE G 239 1.17 22.75 -32.93
N ARG G 240 0.47 21.64 -32.74
CA ARG G 240 1.13 20.39 -32.36
C ARG G 240 2.11 20.01 -33.46
N MET G 241 1.67 20.16 -34.70
CA MET G 241 2.50 19.91 -35.87
C MET G 241 3.48 21.06 -36.07
N GLY G 242 3.25 22.16 -35.38
CA GLY G 242 4.09 23.32 -35.57
C GLY G 242 4.08 23.79 -37.01
N GLN G 243 2.91 23.79 -37.63
CA GLN G 243 2.80 24.34 -38.97
C GLN G 243 2.25 25.76 -39.04
N TYR G 244 3.14 26.69 -39.39
CA TYR G 244 2.79 28.08 -39.66
C TYR G 244 3.63 28.56 -40.84
N GLU G 245 3.21 29.62 -41.50
CA GLU G 245 3.94 30.18 -42.65
C GLU G 245 4.39 31.61 -42.37
N PHE G 246 5.23 32.16 -43.24
CA PHE G 246 5.46 33.60 -43.27
C PHE G 246 4.88 34.20 -44.54
N PRO G 247 3.56 34.30 -44.60
CA PRO G 247 2.90 34.72 -45.84
C PRO G 247 3.32 36.11 -46.31
N ASN G 248 3.46 36.26 -47.62
CA ASN G 248 3.38 37.58 -48.24
C ASN G 248 1.89 37.88 -48.39
N PRO G 249 1.54 39.17 -48.57
CA PRO G 249 2.43 40.32 -48.72
C PRO G 249 3.16 40.73 -47.46
N GLU G 250 2.65 40.28 -46.31
CA GLU G 250 3.05 40.82 -45.01
C GLU G 250 4.54 40.63 -44.71
N TRP G 251 5.05 39.45 -44.99
CA TRP G 251 6.37 39.05 -44.48
C TRP G 251 7.50 39.36 -45.44
N SER G 252 7.14 40.03 -46.52
CA SER G 252 7.96 40.05 -47.70
C SER G 252 9.25 40.86 -47.53
N GLU G 253 9.16 41.98 -46.84
CA GLU G 253 10.33 42.84 -46.66
C GLU G 253 10.98 42.63 -45.30
N VAL G 254 10.34 41.82 -44.46
CA VAL G 254 10.88 41.48 -43.15
C VAL G 254 12.06 40.54 -43.30
N SER G 255 13.18 40.90 -42.66
CA SER G 255 14.45 40.20 -42.82
C SER G 255 14.33 38.70 -42.64
N GLU G 256 15.43 38.01 -42.85
CA GLU G 256 15.41 36.56 -42.73
C GLU G 256 15.99 36.14 -41.38
N GLU G 257 16.85 36.98 -40.81
CA GLU G 257 17.45 36.61 -39.53
C GLU G 257 16.37 36.63 -38.46
N VAL G 258 15.36 37.46 -38.67
CA VAL G 258 14.22 37.52 -37.76
C VAL G 258 13.33 36.30 -37.94
N LYS G 259 12.96 36.03 -39.17
CA LYS G 259 12.14 34.88 -39.47
C LYS G 259 12.80 33.67 -38.82
N MET G 260 14.13 33.65 -38.85
CA MET G 260 14.86 32.52 -38.30
C MET G 260 14.85 32.56 -36.78
N LEU G 261 14.80 33.75 -36.22
CA LEU G 261 14.74 33.88 -34.78
C LEU G 261 13.41 33.29 -34.34
N ILE G 262 12.35 33.68 -35.05
CA ILE G 262 11.02 33.20 -34.72
C ILE G 262 10.93 31.69 -34.84
N ARG G 263 11.64 31.12 -35.81
CA ARG G 263 11.59 29.68 -36.06
C ARG G 263 12.24 28.84 -34.98
N ASN G 264 13.19 29.42 -34.27
CA ASN G 264 13.72 28.75 -33.09
C ASN G 264 12.68 28.78 -31.96
N LEU G 265 12.20 29.97 -31.63
CA LEU G 265 11.34 30.11 -30.46
C LEU G 265 10.12 29.23 -30.60
N LEU G 266 9.57 29.16 -31.81
CA LEU G 266 8.34 28.41 -32.06
C LEU G 266 8.56 26.92 -32.24
N LYS G 267 9.81 26.48 -32.09
CA LYS G 267 10.10 25.05 -32.08
C LYS G 267 9.06 24.26 -31.29
N THR G 268 8.49 23.26 -31.95
CA THR G 268 7.61 22.31 -31.30
C THR G 268 8.25 21.62 -30.11
N GLU G 269 9.47 21.15 -30.29
CA GLU G 269 10.16 20.45 -29.21
C GLU G 269 10.73 21.45 -28.19
N PRO G 270 10.22 21.41 -26.96
CA PRO G 270 10.65 22.41 -25.98
C PRO G 270 12.16 22.54 -25.79
N THR G 271 12.89 21.43 -25.69
CA THR G 271 14.33 21.52 -25.45
C THR G 271 15.07 22.10 -26.65
N GLN G 272 14.41 22.17 -27.80
CA GLN G 272 15.04 22.70 -29.00
C GLN G 272 15.06 24.23 -29.03
N ARG G 273 14.28 24.86 -28.15
CA ARG G 273 14.14 26.31 -28.18
C ARG G 273 15.32 26.97 -27.51
N MET G 274 15.66 28.17 -27.97
CA MET G 274 16.78 28.86 -27.36
C MET G 274 16.35 29.42 -26.01
N THR G 275 17.34 29.71 -25.19
CA THR G 275 17.08 30.21 -23.87
C THR G 275 16.90 31.73 -23.91
N ILE G 276 16.66 32.35 -22.76
CA ILE G 276 16.37 33.78 -22.74
C ILE G 276 17.68 34.50 -22.85
N THR G 277 18.76 33.86 -22.42
CA THR G 277 20.07 34.49 -22.50
C THR G 277 20.51 34.55 -23.96
N GLU G 278 20.24 33.47 -24.69
CA GLU G 278 20.61 33.40 -26.08
C GLU G 278 19.80 34.38 -26.90
N PHE G 279 18.60 34.65 -26.44
CA PHE G 279 17.68 35.56 -27.10
C PHE G 279 18.11 37.00 -26.87
N MET G 280 18.54 37.31 -25.65
CA MET G 280 18.96 38.67 -25.35
C MET G 280 20.23 39.02 -26.09
N ASN G 281 21.01 38.01 -26.47
CA ASN G 281 22.25 38.26 -27.19
C ASN G 281 22.06 38.16 -28.70
N HIS G 282 20.85 37.81 -29.11
CA HIS G 282 20.58 37.73 -30.53
C HIS G 282 20.70 39.10 -31.15
N PRO G 283 21.45 39.22 -32.25
CA PRO G 283 21.78 40.53 -32.84
C PRO G 283 20.56 41.41 -33.13
N TRP G 284 19.49 40.81 -33.60
CA TRP G 284 18.28 41.57 -33.88
C TRP G 284 17.76 42.20 -32.59
N ILE G 285 18.02 41.55 -31.46
CA ILE G 285 17.55 42.02 -30.17
C ILE G 285 18.56 42.96 -29.56
N MET G 286 19.82 42.52 -29.53
CA MET G 286 20.85 43.19 -28.77
C MET G 286 21.22 44.52 -29.40
N GLN G 287 21.17 44.57 -30.72
CA GLN G 287 21.51 45.78 -31.46
C GLN G 287 20.37 46.26 -32.33
N SER G 288 19.27 46.66 -31.71
CA SER G 288 18.11 47.15 -32.43
C SER G 288 18.50 48.39 -33.24
N THR G 289 19.33 49.22 -32.64
CA THR G 289 19.97 50.33 -33.34
C THR G 289 20.32 49.91 -34.77
N LYS G 290 20.96 48.76 -34.89
CA LYS G 290 21.45 48.28 -36.17
C LYS G 290 20.37 47.63 -37.04
N VAL G 291 19.14 47.55 -36.54
CA VAL G 291 18.04 46.96 -37.31
C VAL G 291 17.25 48.04 -38.05
N PRO G 292 17.05 47.86 -39.36
CA PRO G 292 16.45 48.84 -40.27
C PRO G 292 14.96 49.08 -40.03
N GLN G 293 14.51 50.31 -40.27
CA GLN G 293 13.15 50.71 -39.94
C GLN G 293 12.12 50.46 -41.03
N THR G 294 12.11 49.25 -41.60
CA THR G 294 11.09 48.94 -42.59
C THR G 294 9.69 48.81 -41.99
N PRO G 295 8.69 49.39 -42.65
CA PRO G 295 7.30 49.35 -42.17
C PRO G 295 6.69 47.95 -42.25
N LEU G 296 5.81 47.65 -41.30
CA LEU G 296 5.10 46.36 -41.29
C LEU G 296 3.63 46.63 -41.54
N HIS G 297 2.88 45.59 -41.90
CA HIS G 297 1.44 45.74 -42.11
C HIS G 297 0.71 45.57 -40.80
N THR G 298 1.47 45.57 -39.71
CA THR G 298 0.94 45.22 -38.40
C THR G 298 -0.29 46.05 -38.04
N SER G 299 -0.13 47.37 -37.97
CA SER G 299 -1.24 48.26 -37.60
C SER G 299 -2.46 48.05 -38.49
N ARG G 300 -2.28 48.25 -39.79
CA ARG G 300 -3.35 47.99 -40.74
C ARG G 300 -3.97 46.63 -40.43
N VAL G 301 -3.17 45.58 -40.54
CA VAL G 301 -3.66 44.23 -40.31
C VAL G 301 -4.37 44.09 -38.97
N LEU G 302 -3.74 44.65 -37.94
CA LEU G 302 -4.25 44.55 -36.58
C LEU G 302 -5.62 45.20 -36.51
N HIS H 7 39.21 -9.60 -30.08
CA HIS H 7 37.95 -8.89 -29.69
C HIS H 7 37.55 -9.22 -28.25
N VAL H 8 38.01 -10.36 -27.75
CA VAL H 8 37.67 -10.81 -26.40
C VAL H 8 38.76 -10.45 -25.39
N LYS H 9 38.48 -9.47 -24.53
CA LYS H 9 39.42 -9.09 -23.47
C LYS H 9 39.16 -9.90 -22.20
N SER H 10 40.17 -10.03 -21.36
CA SER H 10 40.04 -10.83 -20.15
C SER H 10 39.28 -10.06 -19.10
N GLY H 11 38.61 -10.79 -18.21
CA GLY H 11 37.79 -10.15 -17.19
C GLY H 11 38.60 -9.88 -15.95
N LEU H 12 38.07 -9.03 -15.08
CA LEU H 12 38.77 -8.57 -13.90
C LEU H 12 39.01 -9.70 -12.91
N GLN H 13 40.28 -9.99 -12.66
CA GLN H 13 40.63 -11.11 -11.79
C GLN H 13 41.26 -10.59 -10.49
N ILE H 14 40.41 -10.37 -9.50
CA ILE H 14 40.80 -9.78 -8.23
C ILE H 14 41.71 -10.70 -7.42
N LYS H 15 42.80 -10.15 -6.91
CA LYS H 15 43.76 -10.95 -6.16
C LYS H 15 43.46 -10.94 -4.67
N LYS H 16 43.58 -12.10 -4.05
CA LYS H 16 43.20 -12.29 -2.65
C LYS H 16 44.42 -12.24 -1.72
N ASN H 17 45.57 -12.70 -2.21
CA ASN H 17 46.76 -12.74 -1.39
C ASN H 17 47.12 -11.35 -0.89
N ALA H 18 47.92 -11.27 0.16
CA ALA H 18 48.21 -9.96 0.76
C ALA H 18 49.07 -9.15 -0.19
N ILE H 19 48.73 -7.87 -0.36
CA ILE H 19 49.33 -7.08 -1.41
C ILE H 19 50.83 -6.95 -1.21
N ILE H 20 51.26 -6.99 0.05
CA ILE H 20 52.67 -6.84 0.38
C ILE H 20 53.55 -8.03 -0.02
N ASP H 21 52.94 -9.16 -0.36
CA ASP H 21 53.70 -10.22 -1.04
C ASP H 21 54.36 -9.66 -2.28
N ASP H 22 53.59 -8.87 -3.02
CA ASP H 22 53.98 -8.49 -4.37
C ASP H 22 54.60 -7.11 -4.42
N TYR H 23 54.17 -6.24 -3.53
CA TYR H 23 54.59 -4.84 -3.59
C TYR H 23 55.21 -4.41 -2.26
N LYS H 24 56.05 -3.39 -2.31
CA LYS H 24 56.66 -2.84 -1.11
C LYS H 24 55.78 -1.75 -0.56
N VAL H 25 54.77 -2.13 0.22
CA VAL H 25 53.90 -1.14 0.86
C VAL H 25 54.25 -1.08 2.34
N THR H 26 53.92 0.02 2.99
CA THR H 26 54.10 0.12 4.43
C THR H 26 52.82 0.66 5.06
N SER H 27 52.94 1.14 6.29
CA SER H 27 51.80 1.70 7.01
C SER H 27 51.78 3.21 6.82
N VAL H 29 52.07 4.62 4.57
CA VAL H 29 51.34 4.77 3.32
C VAL H 29 49.93 4.16 3.37
N LEU H 30 49.83 2.87 3.67
CA LEU H 30 48.54 2.19 3.73
C LEU H 30 47.57 2.90 4.68
N GLY H 31 48.09 3.79 5.52
CA GLY H 31 47.23 4.55 6.40
C GLY H 31 46.83 5.88 5.78
N LEU H 32 47.66 6.39 4.88
CA LEU H 32 47.31 7.57 4.10
C LEU H 32 46.45 7.17 2.92
N GLY H 33 46.76 6.00 2.36
CA GLY H 33 45.98 5.48 1.25
C GLY H 33 44.52 5.36 1.61
N ILE H 34 44.26 4.81 2.79
CA ILE H 34 42.90 4.58 3.22
C ILE H 34 42.18 5.92 3.29
N ASN H 35 42.92 6.96 3.69
CA ASN H 35 42.34 8.29 3.81
C ASN H 35 42.04 8.91 2.46
N GLY H 36 42.51 8.27 1.39
CA GLY H 36 42.15 8.72 0.06
C GLY H 36 43.34 9.05 -0.81
N LYS H 37 44.47 9.36 -0.18
CA LYS H 37 45.67 9.69 -0.92
C LYS H 37 45.97 8.60 -1.95
N VAL H 38 46.47 9.01 -3.12
CA VAL H 38 46.97 8.05 -4.10
C VAL H 38 48.48 8.01 -3.98
N LEU H 39 49.04 6.82 -3.85
CA LEU H 39 50.41 6.67 -3.42
C LEU H 39 51.27 5.79 -4.30
N GLN H 40 52.56 6.07 -4.29
CA GLN H 40 53.52 5.35 -5.12
C GLN H 40 54.05 4.15 -4.36
N ILE H 41 54.26 3.05 -5.06
CA ILE H 41 54.72 1.82 -4.43
C ILE H 41 55.55 1.05 -5.44
N PHE H 42 56.19 -0.02 -4.99
CA PHE H 42 57.16 -0.71 -5.82
C PHE H 42 56.95 -2.21 -5.88
N ASN H 43 57.26 -2.78 -7.04
CA ASN H 43 57.16 -4.22 -7.24
C ASN H 43 58.42 -4.90 -6.66
N LYS H 44 58.21 -5.86 -5.76
CA LYS H 44 59.33 -6.59 -5.16
C LYS H 44 60.41 -6.96 -6.16
N ARG H 45 60.02 -7.66 -7.22
CA ARG H 45 60.94 -7.96 -8.31
C ARG H 45 61.16 -6.70 -9.13
N THR H 46 60.17 -6.38 -9.96
CA THR H 46 60.31 -5.36 -10.99
C THR H 46 61.10 -4.16 -10.51
N GLN H 47 60.95 -3.82 -9.24
CA GLN H 47 61.57 -2.63 -8.68
C GLN H 47 60.85 -1.40 -9.21
N GLU H 48 60.00 -1.62 -10.21
CA GLU H 48 59.35 -0.54 -10.95
C GLU H 48 58.32 0.19 -10.09
N LYS H 49 58.30 1.50 -10.21
CA LYS H 49 57.34 2.32 -9.49
C LYS H 49 55.95 2.09 -10.07
N PHE H 50 54.93 2.31 -9.23
CA PHE H 50 53.54 2.01 -9.54
C PHE H 50 52.66 2.85 -8.63
N ALA H 51 51.39 3.01 -8.96
CA ALA H 51 50.52 3.82 -8.11
C ALA H 51 49.41 3.01 -7.45
N LEU H 52 49.07 3.40 -6.22
CA LEU H 52 48.18 2.62 -5.38
C LEU H 52 47.03 3.47 -4.85
N LYS H 53 45.83 2.93 -4.92
CA LYS H 53 44.63 3.61 -4.47
C LYS H 53 43.78 2.58 -3.77
N MET H 54 43.27 2.95 -2.60
CA MET H 54 42.59 2.02 -1.71
C MET H 54 41.15 2.45 -1.53
N LEU H 55 40.24 1.49 -1.54
CA LEU H 55 38.86 1.76 -1.14
C LEU H 55 38.40 0.70 -0.17
N GLN H 56 37.64 1.09 0.85
CA GLN H 56 36.91 0.13 1.65
C GLN H 56 35.97 -0.55 0.66
N ASP H 57 35.98 -1.87 0.64
CA ASP H 57 35.11 -2.60 -0.27
C ASP H 57 33.66 -2.22 0.02
N CYS H 58 32.87 -2.09 -1.03
CA CYS H 58 31.44 -1.82 -0.92
C CYS H 58 30.83 -1.68 -2.31
N PRO H 59 29.50 -1.75 -2.42
CA PRO H 59 28.90 -1.80 -3.75
C PRO H 59 29.39 -0.71 -4.68
N LYS H 60 29.56 0.50 -4.15
CA LYS H 60 30.09 1.60 -4.96
C LYS H 60 31.54 1.33 -5.34
N ALA H 61 32.34 0.94 -4.35
CA ALA H 61 33.73 0.59 -4.57
C ALA H 61 33.84 -0.45 -5.69
N ARG H 62 32.91 -1.39 -5.69
CA ARG H 62 32.91 -2.47 -6.65
C ARG H 62 32.55 -1.99 -8.04
N ARG H 63 31.64 -1.03 -8.11
CA ARG H 63 31.24 -0.45 -9.38
C ARG H 63 32.46 0.26 -9.99
N GLU H 64 33.12 1.11 -9.21
CA GLU H 64 34.32 1.79 -9.68
C GLU H 64 35.27 0.80 -10.34
N VAL H 65 35.81 -0.12 -9.56
CA VAL H 65 36.80 -1.07 -10.07
C VAL H 65 36.29 -1.67 -11.37
N GLU H 66 35.03 -2.08 -11.38
CA GLU H 66 34.46 -2.80 -12.51
C GLU H 66 34.52 -1.97 -13.78
N LEU H 67 33.93 -0.78 -13.72
CA LEU H 67 33.87 0.11 -14.88
C LEU H 67 35.28 0.53 -15.27
N HIS H 68 36.12 0.84 -14.28
CA HIS H 68 37.46 1.33 -14.59
C HIS H 68 38.22 0.23 -15.31
N TRP H 69 38.03 -1.00 -14.85
CA TRP H 69 38.76 -2.12 -15.44
C TRP H 69 38.39 -2.20 -16.91
N ARG H 70 37.11 -2.04 -17.20
CA ARG H 70 36.61 -2.09 -18.56
C ARG H 70 37.20 -0.95 -19.37
N ALA H 71 37.38 0.19 -18.72
CA ALA H 71 37.88 1.38 -19.39
C ALA H 71 39.36 1.28 -19.65
N SER H 72 40.03 0.38 -18.93
CA SER H 72 41.49 0.29 -18.92
C SER H 72 42.03 0.08 -20.30
N GLN H 73 41.30 -0.71 -21.08
CA GLN H 73 41.70 -1.10 -22.43
C GLN H 73 42.23 0.09 -23.22
N CYS H 74 41.65 1.26 -22.99
CA CYS H 74 42.03 2.45 -23.71
C CYS H 74 43.13 3.23 -22.99
N PRO H 75 44.33 3.31 -23.59
CA PRO H 75 45.51 4.01 -23.07
C PRO H 75 45.44 5.53 -23.09
N HIS H 76 44.23 6.09 -23.16
CA HIS H 76 44.04 7.48 -22.74
C HIS H 76 43.38 7.48 -21.36
N ILE H 77 43.30 6.28 -20.79
CA ILE H 77 42.74 6.10 -19.47
C ILE H 77 43.80 5.37 -18.64
N VAL H 78 44.06 5.85 -17.42
CA VAL H 78 45.13 5.26 -16.63
C VAL H 78 44.81 3.79 -16.40
N ARG H 79 45.81 2.93 -16.53
CA ARG H 79 45.52 1.49 -16.54
C ARG H 79 45.75 0.81 -15.20
N ILE H 80 44.81 -0.07 -14.86
CA ILE H 80 44.89 -0.87 -13.66
C ILE H 80 45.79 -2.06 -13.94
N VAL H 81 46.78 -2.25 -13.08
CA VAL H 81 47.67 -3.38 -13.19
C VAL H 81 47.20 -4.54 -12.34
N ASP H 82 46.77 -4.23 -11.13
CA ASP H 82 46.23 -5.23 -10.23
C ASP H 82 45.13 -4.63 -9.38
N VAL H 83 44.16 -5.46 -9.01
CA VAL H 83 43.22 -5.12 -7.96
C VAL H 83 43.27 -6.19 -6.88
N TYR H 84 43.42 -5.75 -5.63
CA TYR H 84 43.44 -6.66 -4.49
C TYR H 84 42.19 -6.52 -3.64
N GLU H 85 41.63 -7.64 -3.21
CA GLU H 85 40.77 -7.66 -2.04
C GLU H 85 41.57 -8.17 -0.85
N ASN H 86 41.91 -7.28 0.07
CA ASN H 86 42.62 -7.67 1.29
C ASN H 86 41.86 -7.21 2.54
N LEU H 87 42.24 -7.78 3.68
CA LEU H 87 41.76 -7.32 4.99
C LEU H 87 42.72 -6.28 5.54
N TYR H 88 42.20 -5.08 5.84
CA TYR H 88 43.01 -4.04 6.46
C TYR H 88 42.21 -3.36 7.55
N ALA H 89 42.73 -3.43 8.78
CA ALA H 89 42.01 -2.95 9.95
C ALA H 89 40.69 -3.70 10.01
N GLY H 90 40.77 -5.02 9.80
CA GLY H 90 39.62 -5.88 10.01
C GLY H 90 38.47 -5.62 9.08
N ARG H 91 38.51 -4.48 8.39
CA ARG H 91 37.54 -4.20 7.33
C ARG H 91 38.05 -4.82 6.02
N LYS H 92 37.11 -5.22 5.17
CA LYS H 92 37.42 -5.82 3.88
C LYS H 92 37.61 -4.66 2.91
N CYS H 93 38.77 -4.57 2.28
CA CYS H 93 39.00 -3.43 1.42
C CYS H 93 39.72 -3.72 0.10
N LEU H 94 39.64 -2.74 -0.79
CA LEU H 94 39.93 -2.91 -2.21
C LEU H 94 41.15 -2.07 -2.56
N LEU H 95 42.23 -2.72 -2.96
CA LEU H 95 43.48 -2.02 -3.21
C LEU H 95 43.81 -2.11 -4.70
N ILE H 96 43.78 -0.96 -5.37
CA ILE H 96 43.95 -0.91 -6.81
C ILE H 96 45.32 -0.42 -7.20
N VAL H 97 46.09 -1.26 -7.88
CA VAL H 97 47.38 -0.86 -8.41
C VAL H 97 47.25 -0.33 -9.85
N MET H 98 47.74 0.88 -10.08
CA MET H 98 47.72 1.45 -11.43
C MET H 98 49.14 1.77 -11.90
N GLU H 99 49.30 1.93 -13.21
CA GLU H 99 50.51 2.56 -13.72
C GLU H 99 50.67 3.91 -13.04
N CYS H 100 51.90 4.28 -12.73
CA CYS H 100 52.15 5.52 -12.03
C CYS H 100 52.29 6.65 -13.02
N LEU H 101 51.48 7.69 -12.86
CA LEU H 101 51.56 8.85 -13.75
C LEU H 101 52.42 9.92 -13.10
N ASP H 102 53.72 9.75 -13.20
CA ASP H 102 54.67 10.57 -12.46
C ASP H 102 54.89 11.89 -13.18
N GLY H 103 53.89 12.30 -13.97
CA GLY H 103 54.09 13.41 -14.88
C GLY H 103 53.26 14.64 -14.63
N GLY H 104 52.34 14.58 -13.68
CA GLY H 104 51.68 15.81 -13.27
C GLY H 104 50.35 16.13 -13.94
N GLU H 105 49.74 17.21 -13.48
CA GLU H 105 48.43 17.59 -13.96
C GLU H 105 48.50 18.43 -15.22
N LEU H 106 47.46 18.32 -16.04
CA LEU H 106 47.39 19.00 -17.31
C LEU H 106 47.68 20.48 -17.16
N PHE H 107 46.95 21.14 -16.27
CA PHE H 107 47.10 22.58 -16.18
C PHE H 107 48.42 23.00 -15.58
N SER H 108 49.07 22.08 -14.86
CA SER H 108 50.26 22.45 -14.11
C SER H 108 51.49 22.33 -15.00
N ARG H 109 51.42 21.41 -15.97
CA ARG H 109 52.42 21.41 -17.03
C ARG H 109 52.36 22.74 -17.74
N ILE H 110 51.17 23.11 -18.19
CA ILE H 110 51.00 24.23 -19.10
C ILE H 110 51.53 25.52 -18.51
N GLN H 111 51.35 25.71 -17.21
CA GLN H 111 51.77 26.96 -16.57
C GLN H 111 53.25 26.93 -16.21
N ASP H 112 53.91 25.82 -16.47
CA ASP H 112 55.34 25.73 -16.23
C ASP H 112 56.14 25.88 -17.52
N ARG H 113 55.62 26.66 -18.46
CA ARG H 113 56.33 26.92 -19.69
C ARG H 113 56.37 28.39 -20.05
N GLY H 114 57.58 28.94 -20.10
CA GLY H 114 57.76 30.33 -20.51
C GLY H 114 59.12 30.55 -21.11
N ASP H 115 59.28 31.62 -21.88
CA ASP H 115 58.18 32.54 -22.13
C ASP H 115 57.28 31.96 -23.22
N GLN H 116 57.27 30.63 -23.28
CA GLN H 116 56.58 29.92 -24.36
C GLN H 116 55.10 30.26 -24.42
N ALA H 117 54.61 30.45 -25.63
CA ALA H 117 53.18 30.52 -25.83
C ALA H 117 52.71 29.08 -25.91
N PHE H 118 51.76 28.74 -25.04
CA PHE H 118 50.89 27.60 -25.25
C PHE H 118 50.05 27.98 -26.46
N THR H 119 49.97 27.12 -27.46
CA THR H 119 49.21 27.48 -28.65
C THR H 119 47.83 26.83 -28.76
N GLU H 120 46.94 27.52 -29.45
CA GLU H 120 45.62 26.99 -29.75
C GLU H 120 45.74 25.55 -30.30
N ARG H 121 46.79 25.33 -31.09
CA ARG H 121 47.02 24.02 -31.70
C ARG H 121 47.35 22.96 -30.65
N GLU H 122 48.09 23.36 -29.62
CA GLU H 122 48.33 22.47 -28.50
C GLU H 122 47.04 22.28 -27.70
N ALA H 123 46.25 23.33 -27.60
CA ALA H 123 44.93 23.20 -26.98
C ALA H 123 44.18 22.09 -27.71
N SER H 124 44.35 22.05 -29.03
CA SER H 124 43.57 21.15 -29.86
C SER H 124 44.06 19.73 -29.72
N GLU H 125 45.37 19.57 -29.70
CA GLU H 125 45.93 18.25 -29.58
C GLU H 125 45.51 17.70 -28.24
N ILE H 126 45.46 18.55 -27.24
CA ILE H 126 45.10 18.11 -25.90
C ILE H 126 43.63 17.70 -25.83
N MET H 127 42.75 18.58 -26.29
CA MET H 127 41.33 18.28 -26.29
C MET H 127 40.98 17.03 -27.11
N LYS H 128 41.79 16.71 -28.11
CA LYS H 128 41.52 15.55 -28.94
C LYS H 128 41.83 14.24 -28.23
N SER H 129 42.83 14.27 -27.35
CA SER H 129 43.19 13.07 -26.62
C SER H 129 42.21 12.85 -25.49
N ILE H 130 41.71 13.92 -24.87
CA ILE H 130 40.68 13.73 -23.86
C ILE H 130 39.46 13.19 -24.56
N GLY H 131 39.11 13.79 -25.69
CA GLY H 131 37.92 13.40 -26.41
C GLY H 131 38.00 11.97 -26.88
N GLU H 132 39.22 11.48 -27.07
CA GLU H 132 39.42 10.09 -27.47
C GLU H 132 39.03 9.18 -26.31
N ALA H 133 39.49 9.54 -25.11
CA ALA H 133 39.17 8.77 -23.92
C ALA H 133 37.65 8.76 -23.65
N ILE H 134 37.02 9.91 -23.66
CA ILE H 134 35.57 9.97 -23.48
C ILE H 134 34.86 9.18 -24.57
N GLN H 135 35.42 9.16 -25.76
CA GLN H 135 34.79 8.44 -26.86
C GLN H 135 34.78 6.93 -26.61
N TYR H 136 35.91 6.38 -26.18
CA TYR H 136 35.96 4.96 -25.87
C TYR H 136 34.97 4.62 -24.78
N LEU H 137 34.93 5.49 -23.76
CA LEU H 137 34.07 5.25 -22.62
C LEU H 137 32.60 5.15 -23.05
N HIS H 138 32.12 6.19 -23.72
CA HIS H 138 30.73 6.23 -24.16
C HIS H 138 30.36 5.10 -25.14
N SER H 139 31.31 4.58 -25.90
CA SER H 139 31.00 3.50 -26.82
C SER H 139 30.81 2.16 -26.12
N ILE H 140 31.42 1.98 -24.95
CA ILE H 140 31.08 0.82 -24.14
C ILE H 140 30.12 1.20 -23.03
N ASN H 141 29.35 2.26 -23.26
CA ASN H 141 28.22 2.62 -22.42
C ASN H 141 28.59 3.02 -21.01
N ILE H 142 29.66 3.80 -20.89
CA ILE H 142 30.11 4.30 -19.60
C ILE H 142 30.30 5.81 -19.60
N ALA H 143 29.62 6.51 -18.69
CA ALA H 143 29.86 7.94 -18.54
C ALA H 143 30.80 8.17 -17.37
N HIS H 144 31.76 9.07 -17.53
CA HIS H 144 32.77 9.20 -16.50
C HIS H 144 32.24 10.11 -15.39
N ARG H 145 31.72 11.26 -15.77
CA ARG H 145 30.98 12.12 -14.86
C ARG H 145 31.84 12.84 -13.84
N ASP H 146 33.15 12.70 -13.93
CA ASP H 146 34.04 13.49 -13.10
C ASP H 146 35.25 13.93 -13.91
N VAL H 147 35.01 14.34 -15.15
CA VAL H 147 36.09 14.80 -16.01
C VAL H 147 36.45 16.24 -15.71
N LYS H 148 37.55 16.40 -15.01
CA LYS H 148 38.02 17.72 -14.61
C LYS H 148 39.53 17.64 -14.56
N PRO H 149 40.20 18.79 -14.64
CA PRO H 149 41.65 18.90 -14.77
C PRO H 149 42.42 18.05 -13.77
N GLU H 150 41.90 17.95 -12.55
CA GLU H 150 42.59 17.21 -11.51
C GLU H 150 42.60 15.72 -11.82
N ASN H 151 41.71 15.30 -12.71
CA ASN H 151 41.63 13.90 -13.11
C ASN H 151 42.22 13.67 -14.49
N LEU H 152 43.12 14.56 -14.89
CA LEU H 152 43.90 14.37 -16.10
C LEU H 152 45.39 14.54 -15.78
N LEU H 153 46.12 13.44 -15.67
CA LEU H 153 47.55 13.51 -15.38
C LEU H 153 48.42 12.91 -16.48
N TYR H 154 49.64 13.43 -16.62
CA TYR H 154 50.59 12.97 -17.63
C TYR H 154 51.37 11.74 -17.20
N THR H 155 51.64 10.86 -18.15
CA THR H 155 52.45 9.68 -17.86
C THR H 155 53.82 10.07 -17.34
N SER H 156 54.52 10.95 -18.06
CA SER H 156 55.81 11.42 -17.60
C SER H 156 56.10 12.87 -17.98
N LYS H 157 57.20 13.42 -17.44
CA LYS H 157 57.61 14.78 -17.75
C LYS H 157 58.16 14.90 -19.17
N ARG H 158 58.40 13.78 -19.83
CA ARG H 158 58.83 13.78 -21.22
C ARG H 158 57.82 14.43 -22.16
N PRO H 159 58.28 14.97 -23.30
CA PRO H 159 57.49 15.81 -24.20
C PRO H 159 56.33 15.10 -24.92
N ASN H 160 56.55 13.88 -25.37
CA ASN H 160 55.50 13.13 -26.06
C ASN H 160 54.79 12.23 -25.07
N ALA H 161 54.95 12.52 -23.78
CA ALA H 161 54.31 11.75 -22.72
C ALA H 161 52.82 11.83 -22.95
N ILE H 162 52.07 10.80 -22.56
CA ILE H 162 50.65 10.87 -22.84
C ILE H 162 49.79 11.18 -21.63
N LEU H 163 48.66 11.83 -21.92
CA LEU H 163 47.75 12.37 -20.92
C LEU H 163 46.66 11.36 -20.69
N LYS H 164 46.47 10.93 -19.46
CA LYS H 164 45.46 9.92 -19.19
C LYS H 164 44.39 10.35 -18.21
N LEU H 165 43.21 9.79 -18.35
CA LEU H 165 42.08 10.10 -17.48
C LEU H 165 42.09 9.18 -16.26
N THR H 166 41.85 9.77 -15.09
CA THR H 166 41.91 9.03 -13.83
C THR H 166 40.57 9.11 -13.10
N ASP H 167 40.48 8.41 -11.98
CA ASP H 167 39.38 8.55 -11.01
C ASP H 167 38.00 8.18 -11.52
N PHE H 168 37.61 6.92 -11.38
CA PHE H 168 36.30 6.47 -11.85
C PHE H 168 35.28 6.33 -10.72
N GLY H 169 35.35 7.21 -9.72
CA GLY H 169 34.49 7.09 -8.57
C GLY H 169 33.07 7.56 -8.82
N PHE H 170 32.89 8.43 -9.80
CA PHE H 170 31.55 8.86 -10.20
C PHE H 170 31.06 8.16 -11.47
N ALA H 171 31.89 7.29 -12.04
CA ALA H 171 31.59 6.68 -13.33
C ALA H 171 30.34 5.82 -13.25
N LYS H 172 29.45 6.02 -14.20
CA LYS H 172 28.17 5.32 -14.19
C LYS H 172 28.00 4.55 -15.50
N GLU H 173 27.23 3.47 -15.45
CA GLU H 173 26.83 2.76 -16.65
C GLU H 173 25.54 3.34 -17.20
N THR H 174 25.54 3.70 -18.46
CA THR H 174 24.41 4.37 -19.08
C THR H 174 23.35 3.39 -19.55
N THR H 175 23.79 2.19 -19.91
CA THR H 175 22.91 1.20 -20.50
C THR H 175 22.50 0.15 -19.47
N SER H 176 21.90 -0.94 -19.96
CA SER H 176 21.59 -2.10 -19.12
C SER H 176 22.86 -2.69 -18.53
N TYR H 189 15.44 0.77 -39.61
CA TYR H 189 16.00 0.05 -38.47
C TYR H 189 15.70 0.74 -37.14
N VAL H 190 15.99 0.03 -36.06
CA VAL H 190 15.68 0.48 -34.71
C VAL H 190 16.48 1.74 -34.36
N ALA H 191 15.79 2.73 -33.82
CA ALA H 191 16.44 3.96 -33.37
C ALA H 191 17.39 3.61 -32.25
N PRO H 192 18.39 4.46 -32.01
CA PRO H 192 19.37 4.20 -30.95
C PRO H 192 18.70 4.30 -29.59
N GLU H 193 17.73 5.21 -29.51
CA GLU H 193 16.95 5.43 -28.30
C GLU H 193 16.18 4.16 -27.96
N VAL H 194 15.59 3.54 -28.97
CA VAL H 194 14.76 2.37 -28.74
C VAL H 194 15.62 1.24 -28.18
N LEU H 195 16.92 1.34 -28.42
CA LEU H 195 17.86 0.35 -27.89
C LEU H 195 18.15 0.59 -26.42
N TYR H 200 21.16 13.89 -18.29
CA TYR H 200 21.65 12.61 -18.76
C TYR H 200 23.18 12.49 -18.72
N ASP H 201 23.67 11.29 -18.38
CA ASP H 201 25.05 11.08 -17.96
C ASP H 201 26.14 11.38 -18.99
N LYS H 202 25.93 10.98 -20.23
CA LYS H 202 26.96 11.22 -21.24
C LYS H 202 27.15 12.69 -21.52
N SER H 203 26.06 13.44 -21.57
CA SER H 203 26.14 14.84 -21.94
C SER H 203 26.81 15.63 -20.83
N CYS H 204 26.90 15.03 -19.65
CA CYS H 204 27.66 15.60 -18.56
C CYS H 204 29.12 15.71 -19.00
N ASP H 205 29.67 14.57 -19.45
CA ASP H 205 31.05 14.51 -19.92
C ASP H 205 31.30 15.53 -21.01
N MET H 206 30.32 15.75 -21.87
CA MET H 206 30.47 16.71 -22.95
C MET H 206 30.53 18.16 -22.45
N TRP H 207 29.77 18.45 -21.39
CA TRP H 207 29.84 19.75 -20.69
C TRP H 207 31.24 20.01 -20.14
N SER H 208 31.87 18.98 -19.60
CA SER H 208 33.24 19.07 -19.07
C SER H 208 34.27 19.34 -20.16
N LEU H 209 34.10 18.70 -21.31
CA LEU H 209 35.06 18.91 -22.38
C LEU H 209 35.06 20.39 -22.71
N GLY H 210 33.87 20.99 -22.68
CA GLY H 210 33.76 22.41 -22.95
C GLY H 210 34.41 23.30 -21.90
N VAL H 211 34.11 23.07 -20.63
CA VAL H 211 34.70 23.93 -19.61
C VAL H 211 36.21 23.82 -19.72
N ILE H 212 36.72 22.60 -19.91
CA ILE H 212 38.16 22.37 -19.98
C ILE H 212 38.77 22.97 -21.24
N MET H 213 38.06 22.84 -22.35
CA MET H 213 38.47 23.50 -23.59
C MET H 213 38.63 25.00 -23.32
N TYR H 214 37.65 25.57 -22.64
CA TYR H 214 37.62 27.00 -22.38
C TYR H 214 38.86 27.47 -21.57
N ILE H 215 39.18 26.75 -20.51
CA ILE H 215 40.32 27.17 -19.72
C ILE H 215 41.57 27.14 -20.60
N LEU H 216 41.76 26.06 -21.35
CA LEU H 216 42.94 25.91 -22.20
C LEU H 216 43.20 27.09 -23.12
N LEU H 217 42.14 27.72 -23.61
CA LEU H 217 42.29 28.82 -24.54
C LEU H 217 42.52 30.18 -23.87
N CYS H 218 42.50 30.22 -22.54
CA CYS H 218 42.49 31.51 -21.84
C CYS H 218 43.15 31.48 -20.47
N GLY H 219 42.98 30.38 -19.73
CA GLY H 219 43.58 30.27 -18.42
C GLY H 219 42.59 30.35 -17.28
N TYR H 220 41.32 30.62 -17.59
CA TYR H 220 40.29 30.66 -16.56
C TYR H 220 38.97 30.03 -17.02
N PRO H 221 38.14 29.59 -16.07
CA PRO H 221 36.86 28.93 -16.33
C PRO H 221 35.87 29.83 -17.06
N PRO H 222 34.92 29.25 -17.80
CA PRO H 222 33.87 30.03 -18.44
C PRO H 222 32.93 30.70 -17.43
N PHE H 223 32.64 30.00 -16.34
CA PHE H 223 31.89 30.58 -15.24
C PHE H 223 32.78 30.54 -14.00
N TYR H 224 32.89 31.67 -13.30
CA TYR H 224 33.76 31.75 -12.13
C TYR H 224 33.12 32.50 -10.97
N SER H 225 33.78 32.47 -9.81
CA SER H 225 33.27 33.18 -8.65
C SER H 225 33.82 34.61 -8.51
N ASN H 226 33.13 35.39 -7.69
CA ASN H 226 33.36 36.83 -7.62
C ASN H 226 34.66 37.15 -6.90
N SER H 232 29.40 31.08 -4.49
CA SER H 232 28.81 32.33 -4.99
C SER H 232 27.46 32.04 -5.62
N PRO H 233 26.39 32.62 -5.06
CA PRO H 233 25.07 32.35 -5.64
C PRO H 233 24.99 32.88 -7.07
N GLY H 234 25.84 33.87 -7.37
CA GLY H 234 25.87 34.45 -8.69
C GLY H 234 26.61 33.57 -9.67
N MET H 235 27.31 32.57 -9.15
CA MET H 235 27.96 31.58 -9.97
C MET H 235 26.93 30.59 -10.52
N LYS H 236 26.06 30.11 -9.64
CA LYS H 236 25.02 29.18 -10.07
C LYS H 236 24.10 29.87 -11.06
N THR H 237 23.89 31.17 -10.87
CA THR H 237 23.03 31.91 -11.78
C THR H 237 23.67 32.03 -13.15
N ARG H 238 24.90 32.51 -13.18
CA ARG H 238 25.64 32.57 -14.42
C ARG H 238 25.70 31.20 -15.11
N ILE H 239 25.82 30.13 -14.31
CA ILE H 239 25.86 28.79 -14.89
C ILE H 239 24.46 28.39 -15.38
N ARG H 240 23.48 28.48 -14.49
CA ARG H 240 22.11 28.10 -14.84
C ARG H 240 21.63 28.89 -16.05
N MET H 241 21.91 30.18 -16.05
CA MET H 241 21.58 31.02 -17.19
C MET H 241 22.54 30.75 -18.35
N GLY H 242 23.70 30.19 -18.06
CA GLY H 242 24.70 30.05 -19.10
C GLY H 242 25.28 31.38 -19.55
N GLN H 243 25.61 32.22 -18.58
CA GLN H 243 26.18 33.51 -18.89
C GLN H 243 27.68 33.41 -18.78
N TYR H 244 28.34 33.32 -19.93
CA TYR H 244 29.79 33.39 -20.00
C TYR H 244 30.14 34.18 -21.26
N GLU H 245 31.41 34.31 -21.57
CA GLU H 245 31.79 35.10 -22.74
C GLU H 245 33.27 35.00 -23.08
N PHE H 246 33.63 35.54 -24.24
CA PHE H 246 34.99 35.46 -24.72
C PHE H 246 35.62 36.85 -24.70
N PRO H 247 35.92 37.36 -23.51
CA PRO H 247 36.40 38.73 -23.33
C PRO H 247 37.77 38.93 -23.97
N ASN H 248 37.98 40.09 -24.60
CA ASN H 248 39.34 40.52 -24.93
C ASN H 248 40.05 40.96 -23.65
N PRO H 249 41.38 40.94 -23.64
CA PRO H 249 42.27 40.63 -24.76
C PRO H 249 42.35 39.14 -25.08
N GLU H 250 42.40 38.31 -24.05
CA GLU H 250 42.79 36.91 -24.20
C GLU H 250 42.08 36.12 -25.32
N TRP H 251 40.82 36.42 -25.59
CA TRP H 251 40.10 35.72 -26.65
C TRP H 251 40.16 36.44 -28.00
N SER H 252 40.97 37.48 -28.08
CA SER H 252 40.98 38.35 -29.25
C SER H 252 41.37 37.62 -30.53
N GLU H 253 42.46 36.86 -30.48
CA GLU H 253 43.00 36.21 -31.67
C GLU H 253 42.63 34.74 -31.71
N VAL H 254 41.56 34.37 -31.01
CA VAL H 254 41.09 32.99 -30.99
C VAL H 254 40.00 32.81 -32.02
N SER H 255 40.04 31.69 -32.75
CA SER H 255 39.18 31.52 -33.91
C SER H 255 37.71 31.40 -33.57
N GLU H 256 36.88 31.93 -34.46
CA GLU H 256 35.44 31.94 -34.26
C GLU H 256 34.90 30.53 -34.16
N GLU H 257 35.49 29.61 -34.92
CA GLU H 257 34.96 28.26 -35.00
C GLU H 257 35.20 27.51 -33.70
N VAL H 258 36.21 27.93 -32.95
CA VAL H 258 36.45 27.33 -31.64
C VAL H 258 35.45 27.85 -30.63
N LYS H 259 35.15 29.15 -30.73
CA LYS H 259 34.14 29.76 -29.89
C LYS H 259 32.79 29.12 -30.14
N MET H 260 32.48 28.83 -31.39
CA MET H 260 31.23 28.17 -31.70
C MET H 260 31.20 26.76 -31.16
N LEU H 261 32.31 26.03 -31.25
CA LEU H 261 32.36 24.67 -30.72
C LEU H 261 32.16 24.71 -29.21
N ILE H 262 32.82 25.66 -28.55
CA ILE H 262 32.59 25.86 -27.13
C ILE H 262 31.14 26.21 -26.87
N ARG H 263 30.56 27.07 -27.70
CA ARG H 263 29.19 27.49 -27.47
C ARG H 263 28.31 26.27 -27.45
N ASN H 264 28.70 25.26 -28.20
CA ASN H 264 27.84 24.09 -28.36
C ASN H 264 27.97 23.15 -27.17
N LEU H 265 29.20 22.87 -26.77
CA LEU H 265 29.44 22.08 -25.58
C LEU H 265 28.76 22.69 -24.33
N LEU H 266 28.81 24.01 -24.18
CA LEU H 266 28.34 24.63 -22.94
C LEU H 266 26.88 24.99 -22.98
N LYS H 267 26.10 24.30 -23.79
CA LYS H 267 24.67 24.53 -23.85
C LYS H 267 24.02 24.09 -22.55
N THR H 268 23.05 24.87 -22.11
CA THR H 268 22.36 24.61 -20.86
C THR H 268 21.50 23.37 -20.97
N GLU H 269 20.82 23.24 -22.10
CA GLU H 269 19.96 22.09 -22.32
C GLU H 269 20.83 20.92 -22.76
N PRO H 270 20.97 19.89 -21.92
CA PRO H 270 21.88 18.81 -22.27
C PRO H 270 21.55 18.11 -23.57
N THR H 271 20.27 17.95 -23.87
CA THR H 271 19.91 17.30 -25.12
C THR H 271 20.34 18.12 -26.33
N GLN H 272 20.64 19.39 -26.11
CA GLN H 272 21.11 20.28 -27.16
C GLN H 272 22.60 20.09 -27.41
N ARG H 273 23.29 19.49 -26.44
CA ARG H 273 24.73 19.42 -26.51
C ARG H 273 25.22 18.42 -27.54
N MET H 274 26.42 18.66 -28.02
CA MET H 274 27.04 17.85 -29.06
C MET H 274 27.49 16.51 -28.50
N THR H 275 27.28 15.44 -29.24
CA THR H 275 27.70 14.14 -28.76
C THR H 275 29.21 13.97 -28.91
N ILE H 276 29.78 12.90 -28.35
CA ILE H 276 31.23 12.74 -28.43
C ILE H 276 31.67 12.41 -29.86
N THR H 277 30.79 11.77 -30.62
CA THR H 277 31.10 11.47 -32.00
C THR H 277 31.11 12.76 -32.80
N GLU H 278 30.12 13.62 -32.60
CA GLU H 278 30.07 14.85 -33.36
C GLU H 278 31.23 15.78 -32.98
N PHE H 279 31.68 15.67 -31.74
CA PHE H 279 32.84 16.41 -31.28
C PHE H 279 34.09 15.90 -32.00
N MET H 280 34.23 14.59 -32.05
CA MET H 280 35.44 13.96 -32.54
C MET H 280 35.56 14.14 -34.04
N ASN H 281 34.44 14.42 -34.70
CA ASN H 281 34.45 14.65 -36.14
C ASN H 281 34.59 16.12 -36.48
N HIS H 282 34.47 16.97 -35.48
CA HIS H 282 34.56 18.41 -35.71
C HIS H 282 35.98 18.73 -36.13
N PRO H 283 36.14 19.52 -37.20
CA PRO H 283 37.41 19.81 -37.87
C PRO H 283 38.49 20.30 -36.92
N TRP H 284 38.11 21.13 -35.97
CA TRP H 284 39.05 21.73 -35.03
C TRP H 284 39.67 20.66 -34.15
N ILE H 285 38.99 19.52 -34.05
CA ILE H 285 39.43 18.42 -33.18
C ILE H 285 40.08 17.35 -34.04
N MET H 286 39.50 17.12 -35.20
CA MET H 286 39.86 15.99 -36.04
C MET H 286 41.12 16.32 -36.84
N GLN H 287 41.41 17.61 -36.94
CA GLN H 287 42.61 18.08 -37.63
C GLN H 287 43.30 19.21 -36.89
N SER H 288 43.84 18.88 -35.73
CA SER H 288 44.56 19.83 -34.92
C SER H 288 45.73 20.32 -35.76
N THR H 289 46.37 19.37 -36.43
CA THR H 289 47.47 19.63 -37.35
C THR H 289 47.22 20.87 -38.19
N LYS H 290 45.99 21.04 -38.66
CA LYS H 290 45.71 22.16 -39.53
C LYS H 290 45.07 23.35 -38.81
N VAL H 291 45.16 23.37 -37.49
CA VAL H 291 44.78 24.57 -36.75
C VAL H 291 46.02 25.39 -36.42
N PRO H 292 45.87 26.73 -36.42
CA PRO H 292 46.93 27.70 -36.23
C PRO H 292 47.69 27.54 -34.93
N GLN H 293 48.95 27.96 -34.91
CA GLN H 293 49.73 27.99 -33.69
C GLN H 293 49.65 29.36 -33.07
N THR H 294 48.45 29.91 -33.01
CA THR H 294 48.26 31.24 -32.46
C THR H 294 48.50 31.21 -30.94
N PRO H 295 49.39 32.08 -30.46
CA PRO H 295 49.77 32.15 -29.04
C PRO H 295 48.63 32.52 -28.11
N LEU H 296 48.63 31.91 -26.93
CA LEU H 296 47.55 32.06 -25.97
C LEU H 296 48.05 32.78 -24.72
N HIS H 297 47.18 33.54 -24.05
CA HIS H 297 47.54 34.11 -22.75
C HIS H 297 47.50 33.04 -21.65
N THR H 298 47.31 31.79 -22.04
CA THR H 298 46.89 30.77 -21.10
C THR H 298 47.84 30.54 -19.94
N SER H 299 49.13 30.42 -20.24
CA SER H 299 50.09 29.98 -19.25
C SER H 299 50.47 31.09 -18.29
N ARG H 300 50.58 32.31 -18.80
CA ARG H 300 50.80 33.46 -17.94
C ARG H 300 49.59 33.65 -17.04
N VAL H 301 48.40 33.65 -17.64
CA VAL H 301 47.17 33.82 -16.88
C VAL H 301 46.98 32.73 -15.85
N LEU H 302 47.51 31.54 -16.12
CA LEU H 302 47.36 30.45 -15.19
C LEU H 302 48.17 30.74 -13.92
N LYS H 303 47.98 31.94 -13.39
CA LYS H 303 48.50 32.35 -12.08
C LYS H 303 48.06 33.79 -11.78
N VAL I 8 -15.49 14.66 -42.72
CA VAL I 8 -16.11 13.63 -41.84
C VAL I 8 -16.42 12.37 -42.65
N LYS I 9 -16.10 11.21 -42.09
CA LYS I 9 -16.46 9.97 -42.77
C LYS I 9 -16.65 8.77 -41.85
N SER I 10 -17.08 7.68 -42.47
CA SER I 10 -17.52 6.48 -41.79
C SER I 10 -16.59 5.98 -40.68
N GLY I 11 -17.18 5.54 -39.58
CA GLY I 11 -16.41 4.86 -38.55
C GLY I 11 -16.39 3.36 -38.81
N LEU I 12 -15.62 2.64 -38.03
CA LEU I 12 -15.40 1.21 -38.29
C LEU I 12 -16.57 0.31 -37.86
N GLN I 13 -17.13 -0.42 -38.82
CA GLN I 13 -18.17 -1.38 -38.51
C GLN I 13 -17.66 -2.80 -38.62
N ILE I 14 -17.17 -3.34 -37.51
CA ILE I 14 -16.76 -4.71 -37.49
C ILE I 14 -17.95 -5.62 -37.72
N LYS I 15 -18.01 -6.21 -38.91
CA LYS I 15 -19.00 -7.23 -39.24
C LYS I 15 -18.80 -8.47 -38.37
N LYS I 16 -19.89 -9.22 -38.17
CA LYS I 16 -19.80 -10.45 -37.39
C LYS I 16 -20.14 -11.68 -38.20
N ASN I 17 -20.78 -11.49 -39.34
CA ASN I 17 -21.14 -12.62 -40.18
C ASN I 17 -19.90 -13.30 -40.81
N ALA I 18 -20.00 -14.59 -41.09
CA ALA I 18 -18.83 -15.32 -41.58
C ALA I 18 -18.28 -14.67 -42.86
N ILE I 19 -16.95 -14.60 -42.93
CA ILE I 19 -16.28 -13.88 -44.00
C ILE I 19 -16.43 -14.63 -45.33
N ILE I 20 -16.45 -15.95 -45.25
CA ILE I 20 -16.67 -16.76 -46.43
C ILE I 20 -18.06 -16.52 -47.03
N ASP I 21 -18.90 -15.78 -46.32
CA ASP I 21 -20.17 -15.35 -46.87
C ASP I 21 -19.95 -14.35 -47.98
N ASP I 22 -18.75 -13.79 -48.02
CA ASP I 22 -18.50 -12.66 -48.89
C ASP I 22 -17.22 -12.78 -49.69
N TYR I 23 -16.33 -13.65 -49.24
CA TYR I 23 -15.07 -13.84 -49.93
C TYR I 23 -14.76 -15.33 -49.94
N LYS I 24 -14.23 -15.82 -51.06
CA LYS I 24 -13.75 -17.19 -51.10
C LYS I 24 -12.57 -17.23 -50.16
N VAL I 25 -12.70 -18.00 -49.08
CA VAL I 25 -11.64 -18.12 -48.10
C VAL I 25 -11.43 -19.59 -47.75
N THR I 26 -10.35 -20.17 -48.23
CA THR I 26 -10.18 -21.61 -48.14
C THR I 26 -9.87 -22.05 -46.72
N SER I 27 -9.64 -23.35 -46.56
CA SER I 27 -9.21 -23.89 -45.29
C SER I 27 -7.80 -23.38 -44.98
N GLN I 28 -6.92 -23.47 -45.97
CA GLN I 28 -5.51 -23.25 -45.73
C GLN I 28 -5.09 -21.78 -45.82
N VAL I 29 -5.83 -20.99 -46.59
CA VAL I 29 -5.65 -19.55 -46.56
C VAL I 29 -5.89 -19.09 -45.13
N LEU I 30 -6.76 -19.80 -44.43
CA LEU I 30 -7.06 -19.48 -43.04
C LEU I 30 -5.96 -20.01 -42.13
N GLY I 31 -5.47 -21.20 -42.44
CA GLY I 31 -4.45 -21.81 -41.61
C GLY I 31 -3.15 -21.07 -41.76
N LEU I 32 -2.86 -20.61 -42.97
CA LEU I 32 -1.71 -19.77 -43.23
C LEU I 32 -1.94 -18.39 -42.62
N GLY I 33 -3.18 -17.93 -42.67
CA GLY I 33 -3.52 -16.64 -42.10
C GLY I 33 -3.21 -16.59 -40.62
N ILE I 34 -3.96 -17.35 -39.84
CA ILE I 34 -3.83 -17.30 -38.39
C ILE I 34 -2.35 -17.48 -38.02
N ASN I 35 -1.61 -18.12 -38.92
CA ASN I 35 -0.22 -18.42 -38.68
C ASN I 35 0.68 -17.26 -39.03
N GLY I 36 0.11 -16.19 -39.59
CA GLY I 36 0.86 -14.97 -39.76
C GLY I 36 0.87 -14.34 -41.14
N LYS I 37 0.56 -15.12 -42.17
CA LYS I 37 0.74 -14.66 -43.54
C LYS I 37 -0.41 -13.79 -44.05
N VAL I 38 -0.10 -12.84 -44.92
CA VAL I 38 -1.14 -12.10 -45.62
C VAL I 38 -1.50 -12.87 -46.87
N LEU I 39 -2.73 -13.33 -46.94
CA LEU I 39 -3.13 -14.14 -48.08
C LEU I 39 -4.01 -13.33 -48.99
N GLN I 40 -4.26 -13.88 -50.17
CA GLN I 40 -5.06 -13.17 -51.14
C GLN I 40 -6.38 -13.89 -51.27
N ILE I 41 -7.44 -13.12 -51.47
CA ILE I 41 -8.79 -13.66 -51.48
C ILE I 41 -9.65 -12.85 -52.46
N PHE I 42 -10.86 -13.31 -52.73
CA PHE I 42 -11.68 -12.66 -53.75
C PHE I 42 -13.11 -12.40 -53.30
N ASN I 43 -13.58 -11.18 -53.54
CA ASN I 43 -14.98 -10.83 -53.31
C ASN I 43 -15.81 -11.76 -54.19
N LYS I 44 -17.07 -11.94 -53.86
CA LYS I 44 -17.93 -12.80 -54.65
C LYS I 44 -18.96 -12.00 -55.46
N ARG I 45 -19.51 -10.94 -54.85
CA ARG I 45 -20.34 -10.00 -55.60
C ARG I 45 -19.50 -9.37 -56.71
N THR I 46 -18.18 -9.38 -56.53
CA THR I 46 -17.26 -8.92 -57.56
C THR I 46 -16.02 -9.80 -57.53
N GLN I 47 -15.61 -10.32 -58.67
CA GLN I 47 -14.47 -11.22 -58.69
C GLN I 47 -13.20 -10.54 -58.19
N GLU I 48 -13.31 -9.26 -57.86
CA GLU I 48 -12.18 -8.45 -57.44
C GLU I 48 -11.32 -9.09 -56.34
N LYS I 49 -10.03 -8.79 -56.36
CA LYS I 49 -9.06 -9.45 -55.51
C LYS I 49 -8.69 -8.61 -54.30
N PHE I 50 -8.41 -9.26 -53.17
CA PHE I 50 -8.09 -8.54 -51.95
C PHE I 50 -7.03 -9.26 -51.12
N ALA I 51 -6.43 -8.54 -50.18
CA ALA I 51 -5.48 -9.14 -49.23
C ALA I 51 -6.11 -9.25 -47.84
N LEU I 52 -6.00 -10.43 -47.27
CA LEU I 52 -6.53 -10.71 -45.95
C LEU I 52 -5.41 -10.86 -44.92
N LYS I 53 -5.53 -10.15 -43.81
CA LYS I 53 -4.62 -10.32 -42.69
C LYS I 53 -5.45 -10.80 -41.51
N MET I 54 -4.94 -11.79 -40.78
CA MET I 54 -5.67 -12.38 -39.65
C MET I 54 -5.07 -12.09 -38.30
N LEU I 55 -5.92 -11.87 -37.30
CA LEU I 55 -5.47 -11.66 -35.92
C LEU I 55 -6.33 -12.42 -34.92
N GLN I 56 -5.69 -12.98 -33.89
CA GLN I 56 -6.42 -13.44 -32.70
C GLN I 56 -6.89 -12.20 -31.98
N ASP I 57 -8.17 -12.15 -31.64
CA ASP I 57 -8.79 -10.92 -31.17
C ASP I 57 -8.49 -10.61 -29.72
N CYS I 58 -7.23 -10.35 -29.41
CA CYS I 58 -6.86 -9.72 -28.15
C CYS I 58 -7.01 -8.20 -28.33
N PRO I 59 -6.87 -7.43 -27.24
CA PRO I 59 -7.10 -6.00 -27.36
C PRO I 59 -6.06 -5.31 -28.24
N LYS I 60 -4.81 -5.78 -28.16
CA LYS I 60 -3.76 -5.23 -28.99
C LYS I 60 -4.23 -5.22 -30.44
N ALA I 61 -4.78 -6.34 -30.90
CA ALA I 61 -5.30 -6.46 -32.24
C ALA I 61 -6.36 -5.40 -32.48
N ARG I 62 -7.15 -5.12 -31.46
CA ARG I 62 -8.21 -4.14 -31.59
C ARG I 62 -7.63 -2.74 -31.73
N ARG I 63 -6.45 -2.52 -31.16
CA ARG I 63 -5.79 -1.23 -31.32
C ARG I 63 -5.32 -1.07 -32.75
N GLU I 64 -4.65 -2.10 -33.26
CA GLU I 64 -4.12 -2.05 -34.61
C GLU I 64 -5.22 -1.70 -35.60
N VAL I 65 -6.32 -2.45 -35.57
CA VAL I 65 -7.41 -2.26 -36.51
C VAL I 65 -8.04 -0.89 -36.36
N GLU I 66 -8.14 -0.40 -35.13
CA GLU I 66 -8.76 0.91 -34.93
C GLU I 66 -7.84 2.02 -35.38
N LEU I 67 -6.55 1.88 -35.08
CA LEU I 67 -5.59 2.91 -35.44
C LEU I 67 -5.43 2.94 -36.94
N HIS I 68 -5.29 1.74 -37.51
CA HIS I 68 -5.13 1.57 -38.94
C HIS I 68 -6.36 2.05 -39.68
N TRP I 69 -7.54 1.83 -39.10
CA TRP I 69 -8.75 2.30 -39.74
C TRP I 69 -8.80 3.84 -39.80
N ARG I 70 -8.31 4.51 -38.77
CA ARG I 70 -8.23 5.97 -38.77
C ARG I 70 -7.22 6.48 -39.79
N ALA I 71 -6.25 5.65 -40.16
CA ALA I 71 -5.20 6.06 -41.08
C ALA I 71 -5.53 5.73 -42.53
N SER I 72 -6.42 4.76 -42.74
CA SER I 72 -6.81 4.39 -44.09
C SER I 72 -7.30 5.57 -44.90
N GLN I 73 -7.67 6.65 -44.23
CA GLN I 73 -8.23 7.78 -44.96
C GLN I 73 -7.16 8.56 -45.73
N CYS I 74 -5.91 8.38 -45.35
CA CYS I 74 -4.83 8.85 -46.21
C CYS I 74 -4.54 7.76 -47.22
N PRO I 75 -4.75 8.05 -48.50
CA PRO I 75 -4.56 7.02 -49.53
C PRO I 75 -3.10 6.64 -49.78
N HIS I 76 -2.19 7.14 -48.95
CA HIS I 76 -0.83 6.61 -48.95
C HIS I 76 -0.64 5.52 -47.89
N ILE I 77 -1.70 5.27 -47.14
CA ILE I 77 -1.78 4.16 -46.21
C ILE I 77 -2.57 3.07 -46.90
N VAL I 78 -2.19 1.80 -46.70
CA VAL I 78 -2.95 0.71 -47.30
C VAL I 78 -4.34 0.69 -46.72
N ARG I 79 -5.33 0.56 -47.60
CA ARG I 79 -6.74 0.66 -47.24
C ARG I 79 -7.34 -0.61 -46.66
N ILE I 80 -7.99 -0.46 -45.50
CA ILE I 80 -8.81 -1.52 -44.93
C ILE I 80 -10.18 -1.50 -45.59
N VAL I 81 -10.64 -2.65 -46.05
CA VAL I 81 -11.86 -2.73 -46.85
C VAL I 81 -13.03 -3.17 -45.99
N ASP I 82 -12.86 -4.24 -45.24
CA ASP I 82 -13.62 -4.39 -44.02
C ASP I 82 -13.01 -5.35 -43.02
N VAL I 83 -13.48 -5.27 -41.79
CA VAL I 83 -12.97 -6.08 -40.71
C VAL I 83 -14.06 -7.06 -40.28
N TYR I 84 -13.69 -8.31 -40.07
CA TYR I 84 -14.63 -9.33 -39.67
C TYR I 84 -14.25 -9.87 -38.31
N GLU I 85 -15.25 -10.10 -37.47
CA GLU I 85 -15.02 -10.81 -36.21
C GLU I 85 -15.83 -12.09 -36.25
N ASN I 86 -15.11 -13.20 -36.38
CA ASN I 86 -15.73 -14.50 -36.61
C ASN I 86 -15.12 -15.52 -35.67
N LEU I 87 -15.83 -16.62 -35.48
CA LEU I 87 -15.34 -17.74 -34.68
C LEU I 87 -14.45 -18.64 -35.54
N TYR I 88 -13.29 -19.00 -35.00
CA TYR I 88 -12.43 -19.98 -35.66
C TYR I 88 -11.62 -20.78 -34.64
N ALA I 89 -11.67 -22.11 -34.78
CA ALA I 89 -11.04 -23.03 -33.82
C ALA I 89 -11.26 -22.64 -32.36
N GLY I 90 -12.44 -22.13 -32.05
CA GLY I 90 -12.82 -21.96 -30.66
C GLY I 90 -12.46 -20.62 -30.05
N ARG I 91 -11.85 -19.76 -30.85
CA ARG I 91 -11.51 -18.43 -30.37
C ARG I 91 -11.96 -17.38 -31.37
N LYS I 92 -12.45 -16.26 -30.85
CA LYS I 92 -12.76 -15.12 -31.70
C LYS I 92 -11.47 -14.64 -32.36
N CYS I 93 -11.55 -14.27 -33.63
CA CYS I 93 -10.43 -13.61 -34.30
C CYS I 93 -10.92 -12.60 -35.31
N LEU I 94 -10.04 -11.65 -35.61
CA LEU I 94 -10.36 -10.50 -36.46
C LEU I 94 -9.78 -10.72 -37.86
N LEU I 95 -10.62 -10.57 -38.87
CA LEU I 95 -10.18 -10.71 -40.25
C LEU I 95 -10.23 -9.38 -40.95
N ILE I 96 -9.04 -8.82 -41.21
CA ILE I 96 -8.91 -7.54 -41.90
C ILE I 96 -8.78 -7.74 -43.40
N VAL I 97 -9.70 -7.18 -44.16
CA VAL I 97 -9.67 -7.23 -45.62
C VAL I 97 -9.14 -5.91 -46.19
N MET I 98 -7.97 -5.94 -46.81
CA MET I 98 -7.39 -4.73 -47.41
C MET I 98 -7.38 -4.77 -48.94
N GLU I 99 -7.19 -3.60 -49.54
CA GLU I 99 -6.85 -3.52 -50.96
C GLU I 99 -5.55 -4.26 -51.15
N CYS I 100 -5.46 -5.03 -52.21
CA CYS I 100 -4.31 -5.88 -52.43
C CYS I 100 -3.18 -5.05 -53.03
N LEU I 101 -2.04 -5.04 -52.37
CA LEU I 101 -0.88 -4.38 -52.96
C LEU I 101 -0.05 -5.42 -53.70
N ASP I 102 0.12 -5.22 -55.00
CA ASP I 102 0.69 -6.22 -55.91
C ASP I 102 2.05 -5.85 -56.46
N GLY I 103 2.46 -4.60 -56.29
CA GLY I 103 3.71 -4.15 -56.88
C GLY I 103 4.96 -4.54 -56.10
N GLY I 104 4.80 -5.31 -55.03
CA GLY I 104 5.95 -5.73 -54.26
C GLY I 104 6.53 -4.65 -53.38
N GLU I 105 7.67 -4.95 -52.75
CA GLU I 105 8.28 -4.03 -51.80
C GLU I 105 9.16 -2.97 -52.47
N LEU I 106 9.12 -1.76 -51.89
CA LEU I 106 9.90 -0.61 -52.34
C LEU I 106 11.27 -0.93 -52.99
N PHE I 107 12.16 -1.61 -52.28
CA PHE I 107 13.52 -1.79 -52.82
C PHE I 107 13.63 -2.91 -53.83
N SER I 108 12.67 -3.81 -53.86
CA SER I 108 12.74 -4.90 -54.82
C SER I 108 12.21 -4.38 -56.14
N ARG I 109 11.52 -3.25 -56.10
CA ARG I 109 11.12 -2.57 -57.32
C ARG I 109 12.37 -1.98 -57.93
N ILE I 110 13.03 -1.15 -57.14
CA ILE I 110 14.21 -0.44 -57.60
C ILE I 110 15.29 -1.41 -58.10
N GLN I 111 15.31 -2.63 -57.55
CA GLN I 111 16.36 -3.57 -57.94
C GLN I 111 15.94 -4.46 -59.11
N ASP I 112 14.66 -4.83 -59.15
CA ASP I 112 14.13 -5.58 -60.28
C ASP I 112 13.99 -4.68 -61.49
N ARG I 113 14.80 -3.64 -61.55
CA ARG I 113 14.82 -2.78 -62.72
C ARG I 113 16.24 -2.50 -63.17
N GLY I 114 16.52 -2.80 -64.43
CA GLY I 114 17.70 -2.27 -65.09
C GLY I 114 17.27 -1.78 -66.45
N ASP I 115 18.23 -1.46 -67.32
CA ASP I 115 19.59 -1.19 -66.89
C ASP I 115 19.59 0.27 -66.48
N GLN I 116 18.38 0.77 -66.19
CA GLN I 116 18.14 2.19 -65.96
C GLN I 116 18.53 2.64 -64.54
N ALA I 117 19.36 3.67 -64.48
CA ALA I 117 19.78 4.18 -63.19
C ALA I 117 18.61 4.90 -62.53
N PHE I 118 18.33 4.49 -61.30
CA PHE I 118 17.54 5.27 -60.37
C PHE I 118 18.14 6.66 -60.31
N THR I 119 17.32 7.70 -60.30
CA THR I 119 17.84 9.05 -60.13
C THR I 119 17.43 9.70 -58.81
N GLU I 120 18.24 10.66 -58.38
CA GLU I 120 17.99 11.41 -57.18
C GLU I 120 16.59 12.02 -57.17
N ARG I 121 16.03 12.29 -58.35
CA ARG I 121 14.69 12.87 -58.39
C ARG I 121 13.60 11.85 -58.06
N GLU I 122 13.89 10.59 -58.31
CA GLU I 122 12.96 9.52 -57.97
C GLU I 122 12.98 9.29 -56.45
N ALA I 123 14.17 9.18 -55.89
CA ALA I 123 14.36 9.10 -54.45
C ALA I 123 13.57 10.18 -53.72
N SER I 124 13.74 11.43 -54.15
CA SER I 124 13.08 12.53 -53.48
C SER I 124 11.58 12.30 -53.56
N GLU I 125 11.13 11.83 -54.73
CA GLU I 125 9.70 11.66 -54.96
C GLU I 125 9.15 10.54 -54.09
N ILE I 126 9.89 9.45 -54.00
CA ILE I 126 9.51 8.37 -53.10
C ILE I 126 9.45 8.89 -51.65
N MET I 127 10.53 9.52 -51.20
CA MET I 127 10.55 10.08 -49.85
C MET I 127 9.42 11.06 -49.59
N LYS I 128 9.15 11.95 -50.54
CA LYS I 128 8.05 12.88 -50.34
C LYS I 128 6.77 12.10 -50.13
N SER I 129 6.68 10.94 -50.76
CA SER I 129 5.45 10.19 -50.67
C SER I 129 5.38 9.46 -49.34
N ILE I 130 6.44 8.76 -48.96
CA ILE I 130 6.45 8.10 -47.66
C ILE I 130 6.19 9.15 -46.61
N GLY I 131 6.78 10.32 -46.81
CA GLY I 131 6.60 11.40 -45.86
C GLY I 131 5.14 11.78 -45.71
N GLU I 132 4.38 11.72 -46.80
CA GLU I 132 3.00 12.15 -46.70
C GLU I 132 2.21 11.21 -45.81
N ALA I 133 2.57 9.94 -45.81
CA ALA I 133 1.92 8.97 -44.94
C ALA I 133 2.22 9.30 -43.47
N ILE I 134 3.47 9.60 -43.15
CA ILE I 134 3.82 9.91 -41.78
C ILE I 134 3.27 11.27 -41.33
N GLN I 135 3.21 12.24 -42.23
CA GLN I 135 2.60 13.51 -41.90
C GLN I 135 1.12 13.36 -41.53
N TYR I 136 0.39 12.48 -42.21
CA TYR I 136 -0.99 12.26 -41.85
C TYR I 136 -1.05 11.63 -40.47
N LEU I 137 -0.47 10.44 -40.33
CA LEU I 137 -0.45 9.76 -39.05
C LEU I 137 -0.15 10.72 -37.89
N HIS I 138 0.95 11.49 -38.00
CA HIS I 138 1.40 12.31 -36.88
C HIS I 138 0.43 13.44 -36.61
N SER I 139 -0.17 13.98 -37.68
CA SER I 139 -1.14 15.05 -37.53
C SER I 139 -2.42 14.57 -36.86
N ILE I 140 -2.64 13.27 -36.79
CA ILE I 140 -3.72 12.74 -35.98
C ILE I 140 -3.19 11.88 -34.85
N ASN I 141 -2.03 12.24 -34.34
CA ASN I 141 -1.54 11.70 -33.07
C ASN I 141 -1.27 10.23 -33.07
N ILE I 142 -1.02 9.65 -34.25
CA ILE I 142 -0.56 8.28 -34.31
C ILE I 142 0.90 8.24 -34.68
N ALA I 143 1.64 7.30 -34.10
CA ALA I 143 3.00 7.03 -34.54
C ALA I 143 3.05 5.58 -34.98
N HIS I 144 3.62 5.34 -36.16
CA HIS I 144 3.55 4.01 -36.77
C HIS I 144 4.58 3.09 -36.13
N ARG I 145 5.80 3.58 -35.97
CA ARG I 145 6.84 2.86 -35.26
C ARG I 145 7.37 1.56 -35.89
N ASP I 146 6.87 1.17 -37.06
CA ASP I 146 7.51 0.09 -37.80
C ASP I 146 7.69 0.41 -39.27
N VAL I 147 8.14 1.63 -39.55
CA VAL I 147 8.41 2.04 -40.91
C VAL I 147 9.75 1.49 -41.31
N LYS I 148 9.71 0.30 -41.88
CA LYS I 148 10.86 -0.39 -42.44
C LYS I 148 10.44 -0.68 -43.87
N PRO I 149 11.38 -1.05 -44.74
CA PRO I 149 11.08 -1.20 -46.15
C PRO I 149 10.10 -2.31 -46.49
N GLU I 150 10.09 -3.38 -45.69
CA GLU I 150 9.18 -4.48 -45.97
C GLU I 150 7.73 -4.10 -45.63
N ASN I 151 7.53 -2.89 -45.14
CA ASN I 151 6.18 -2.39 -44.93
C ASN I 151 5.85 -1.24 -45.85
N LEU I 152 6.63 -1.12 -46.91
CA LEU I 152 6.32 -0.17 -47.96
C LEU I 152 6.09 -0.93 -49.28
N LEU I 153 4.84 -1.11 -49.66
CA LEU I 153 4.49 -1.90 -50.86
C LEU I 153 3.80 -1.07 -51.93
N TYR I 154 4.06 -1.42 -53.18
CA TYR I 154 3.43 -0.82 -54.35
C TYR I 154 2.07 -1.45 -54.68
N THR I 155 1.13 -0.63 -55.14
CA THR I 155 -0.17 -1.11 -55.58
C THR I 155 -0.11 -2.17 -56.68
N SER I 156 0.61 -1.87 -57.76
CA SER I 156 0.79 -2.84 -58.84
C SER I 156 2.17 -2.73 -59.47
N LYS I 157 2.56 -3.76 -60.21
CA LYS I 157 3.85 -3.77 -60.89
C LYS I 157 3.91 -2.72 -61.98
N ARG I 158 2.77 -2.12 -62.32
CA ARG I 158 2.75 -1.06 -63.33
C ARG I 158 3.70 0.08 -62.92
N PRO I 159 4.24 0.81 -63.91
CA PRO I 159 5.19 1.86 -63.56
C PRO I 159 4.65 2.98 -62.68
N ASN I 160 3.36 3.26 -62.75
CA ASN I 160 2.79 4.35 -61.93
C ASN I 160 2.09 3.86 -60.66
N ALA I 161 2.52 2.72 -60.14
CA ALA I 161 1.92 2.21 -58.92
C ALA I 161 2.14 3.24 -57.82
N ILE I 162 1.14 3.47 -56.99
CA ILE I 162 1.34 4.36 -55.85
C ILE I 162 1.88 3.54 -54.68
N LEU I 163 2.71 4.18 -53.85
CA LEU I 163 3.40 3.49 -52.76
C LEU I 163 2.69 3.68 -51.43
N LYS I 164 2.49 2.58 -50.70
CA LYS I 164 1.69 2.62 -49.48
C LYS I 164 2.30 1.96 -48.23
N LEU I 165 2.15 2.63 -47.09
CA LEU I 165 2.63 2.11 -45.81
C LEU I 165 1.67 1.07 -45.24
N THR I 166 2.22 -0.03 -44.75
CA THR I 166 1.39 -1.12 -44.26
C THR I 166 1.78 -1.49 -42.83
N ASP I 167 1.00 -2.38 -42.24
CA ASP I 167 1.35 -3.04 -40.99
C ASP I 167 1.38 -2.07 -39.81
N PHE I 168 0.27 -2.04 -39.06
CA PHE I 168 0.12 -1.13 -37.93
C PHE I 168 0.17 -1.82 -36.56
N GLY I 169 0.79 -2.98 -36.49
CA GLY I 169 0.86 -3.68 -35.23
C GLY I 169 1.74 -3.06 -34.17
N PHE I 170 2.35 -1.91 -34.42
CA PHE I 170 3.15 -1.26 -33.40
C PHE I 170 2.72 0.18 -33.20
N ALA I 171 1.76 0.62 -34.00
CA ALA I 171 1.35 2.02 -33.95
C ALA I 171 0.75 2.33 -32.59
N LYS I 172 1.04 3.50 -32.07
CA LYS I 172 0.53 3.93 -30.79
C LYS I 172 -0.04 5.32 -30.90
N GLU I 173 -1.11 5.60 -30.16
CA GLU I 173 -1.58 6.97 -30.04
C GLU I 173 -0.59 7.72 -29.20
N THR I 174 -0.27 8.94 -29.63
CA THR I 174 0.85 9.67 -29.06
C THR I 174 0.37 10.66 -28.01
N THR I 175 -0.92 10.62 -27.69
CA THR I 175 -1.48 11.50 -26.69
C THR I 175 -1.82 10.77 -25.39
N SER I 176 -2.86 11.25 -24.72
CA SER I 176 -3.21 10.82 -23.37
C SER I 176 -3.43 9.31 -23.29
N TYR I 189 -1.28 31.42 -28.58
CA TYR I 189 -0.31 31.81 -27.56
C TYR I 189 0.00 30.62 -26.64
N VAL I 190 -0.60 29.48 -26.95
CA VAL I 190 -0.39 28.24 -26.21
C VAL I 190 0.74 27.41 -26.80
N ALA I 191 1.52 26.77 -25.92
CA ALA I 191 2.66 25.97 -26.34
C ALA I 191 2.22 24.52 -26.58
N PRO I 192 2.90 23.84 -27.50
CA PRO I 192 2.57 22.45 -27.86
C PRO I 192 2.61 21.51 -26.66
N GLU I 193 3.54 21.78 -25.75
CA GLU I 193 3.75 20.92 -24.58
C GLU I 193 2.48 20.80 -23.75
N VAL I 194 1.82 21.94 -23.54
CA VAL I 194 0.61 21.99 -22.74
C VAL I 194 -0.57 21.32 -23.44
N LEU I 195 -0.56 21.35 -24.78
CA LEU I 195 -1.58 20.65 -25.54
C LEU I 195 -1.60 19.18 -25.18
N TYR I 200 7.92 10.83 -27.83
CA TYR I 200 9.17 10.28 -28.35
C TYR I 200 8.92 9.35 -29.54
N ASP I 201 7.72 8.82 -29.64
CA ASP I 201 7.42 7.81 -30.64
C ASP I 201 7.43 8.33 -32.07
N LYS I 202 6.84 9.50 -32.28
CA LYS I 202 6.93 10.14 -33.59
C LYS I 202 8.38 10.16 -34.04
N SER I 203 9.27 10.51 -33.12
CA SER I 203 10.65 10.74 -33.46
C SER I 203 11.29 9.47 -34.00
N CYS I 204 10.69 8.32 -33.75
CA CYS I 204 11.30 7.12 -34.28
C CYS I 204 10.86 6.86 -35.70
N ASP I 205 9.65 7.28 -36.05
CA ASP I 205 9.24 7.29 -37.45
C ASP I 205 10.26 8.06 -38.30
N MET I 206 10.78 9.17 -37.77
CA MET I 206 11.68 10.01 -38.54
C MET I 206 13.07 9.39 -38.69
N TRP I 207 13.55 8.71 -37.66
CA TRP I 207 14.75 7.90 -37.78
C TRP I 207 14.58 6.90 -38.94
N SER I 208 13.40 6.30 -39.04
CA SER I 208 13.13 5.40 -40.14
C SER I 208 13.18 6.13 -41.47
N LEU I 209 12.53 7.28 -41.52
CA LEU I 209 12.46 8.05 -42.76
C LEU I 209 13.89 8.33 -43.17
N GLY I 210 14.79 8.40 -42.20
CA GLY I 210 16.18 8.70 -42.50
C GLY I 210 17.00 7.51 -42.92
N VAL I 211 16.75 6.36 -42.31
CA VAL I 211 17.46 5.14 -42.70
C VAL I 211 17.05 4.73 -44.12
N ILE I 212 15.78 4.92 -44.46
CA ILE I 212 15.28 4.58 -45.78
C ILE I 212 15.84 5.55 -46.84
N MET I 213 15.71 6.85 -46.56
CA MET I 213 16.25 7.91 -47.41
C MET I 213 17.68 7.60 -47.76
N TYR I 214 18.42 7.10 -46.78
CA TYR I 214 19.83 6.86 -46.95
C TYR I 214 20.05 5.72 -47.93
N ILE I 215 19.36 4.59 -47.72
CA ILE I 215 19.45 3.46 -48.65
C ILE I 215 19.09 3.93 -50.06
N LEU I 216 17.98 4.66 -50.19
CA LEU I 216 17.51 5.10 -51.50
C LEU I 216 18.58 5.81 -52.33
N LEU I 217 19.59 6.38 -51.67
CA LEU I 217 20.59 7.19 -52.37
C LEU I 217 21.88 6.42 -52.68
N CYS I 218 22.16 5.36 -51.94
CA CYS I 218 23.34 4.55 -52.24
C CYS I 218 23.01 3.07 -52.40
N GLY I 219 21.91 2.62 -51.80
CA GLY I 219 21.50 1.24 -51.94
C GLY I 219 22.02 0.33 -50.84
N TYR I 220 22.56 0.91 -49.77
CA TYR I 220 22.88 0.16 -48.56
C TYR I 220 22.55 0.96 -47.30
N PRO I 221 22.58 0.31 -46.14
CA PRO I 221 22.08 0.91 -44.90
C PRO I 221 23.15 1.74 -44.18
N PRO I 222 22.74 2.82 -43.50
CA PRO I 222 23.78 3.62 -42.86
C PRO I 222 24.52 2.88 -41.79
N PHE I 223 23.83 1.99 -41.10
CA PHE I 223 24.45 1.18 -40.05
C PHE I 223 24.30 -0.27 -40.42
N TYR I 224 25.39 -1.00 -40.50
CA TYR I 224 25.31 -2.38 -40.94
C TYR I 224 26.23 -3.32 -40.16
N SER I 225 26.07 -4.62 -40.41
CA SER I 225 26.79 -5.62 -39.64
C SER I 225 28.12 -6.03 -40.24
N ASN I 226 28.96 -6.57 -39.36
CA ASN I 226 30.33 -6.93 -39.68
C ASN I 226 30.39 -8.30 -40.37
N SER I 232 24.67 -7.27 -34.88
CA SER I 232 25.86 -7.42 -34.05
C SER I 232 26.00 -6.28 -33.05
N PRO I 233 26.73 -6.54 -31.95
CA PRO I 233 26.97 -5.51 -30.93
C PRO I 233 27.76 -4.33 -31.47
N GLY I 234 28.48 -4.52 -32.56
CA GLY I 234 29.22 -3.42 -33.13
C GLY I 234 28.30 -2.50 -33.89
N MET I 235 27.31 -3.09 -34.55
CA MET I 235 26.28 -2.32 -35.20
C MET I 235 25.40 -1.62 -34.18
N LYS I 236 25.20 -2.26 -33.03
CA LYS I 236 24.49 -1.62 -31.94
C LYS I 236 25.29 -0.43 -31.45
N THR I 237 26.61 -0.62 -31.34
CA THR I 237 27.44 0.48 -30.91
C THR I 237 27.33 1.63 -31.89
N ARG I 238 27.71 1.37 -33.14
CA ARG I 238 27.65 2.40 -34.18
C ARG I 238 26.30 3.15 -34.26
N ILE I 239 25.20 2.45 -34.01
CA ILE I 239 23.89 3.11 -33.98
C ILE I 239 23.77 4.05 -32.79
N ARG I 240 23.97 3.53 -31.58
CA ARG I 240 23.93 4.38 -30.39
C ARG I 240 24.94 5.52 -30.50
N MET I 241 26.12 5.22 -31.03
CA MET I 241 27.13 6.23 -31.20
C MET I 241 26.79 7.18 -32.32
N GLY I 242 26.00 6.72 -33.28
CA GLY I 242 25.78 7.50 -34.50
C GLY I 242 26.98 7.52 -35.44
N GLN I 243 27.76 6.44 -35.49
CA GLN I 243 28.85 6.37 -36.43
C GLN I 243 28.32 5.88 -37.76
N TYR I 244 28.29 6.78 -38.75
CA TYR I 244 28.03 6.38 -40.14
C TYR I 244 28.71 7.37 -41.06
N GLU I 245 28.71 7.10 -42.35
CA GLU I 245 29.36 8.03 -43.26
C GLU I 245 28.72 8.08 -44.64
N PHE I 246 29.24 8.98 -45.47
CA PHE I 246 28.77 9.12 -46.84
C PHE I 246 29.89 8.81 -47.83
N PRO I 247 30.18 7.51 -48.03
CA PRO I 247 31.27 7.00 -48.87
C PRO I 247 31.21 7.38 -50.36
N ASN I 248 32.35 7.78 -50.93
CA ASN I 248 32.59 7.66 -52.36
C ASN I 248 32.78 6.19 -52.71
N PRO I 249 32.39 5.79 -53.93
CA PRO I 249 31.83 6.63 -54.98
C PRO I 249 30.39 7.05 -54.71
N GLU I 250 29.55 6.11 -54.28
CA GLU I 250 28.12 6.27 -54.35
C GLU I 250 27.59 7.60 -53.80
N TRP I 251 28.24 8.17 -52.80
CA TRP I 251 27.77 9.43 -52.24
C TRP I 251 28.37 10.68 -52.86
N SER I 252 29.37 10.48 -53.72
CA SER I 252 30.19 11.60 -54.17
C SER I 252 29.42 12.64 -54.94
N GLU I 253 28.25 12.28 -55.44
CA GLU I 253 27.53 13.16 -56.34
C GLU I 253 26.36 13.79 -55.59
N VAL I 254 26.16 13.36 -54.34
CA VAL I 254 25.04 13.80 -53.53
C VAL I 254 25.44 15.07 -52.81
N SER I 255 24.54 16.04 -52.80
CA SER I 255 24.82 17.36 -52.27
C SER I 255 24.90 17.39 -50.75
N GLU I 256 25.58 18.41 -50.23
CA GLU I 256 25.71 18.60 -48.80
C GLU I 256 24.34 18.82 -48.17
N GLU I 257 23.44 19.49 -48.89
CA GLU I 257 22.13 19.79 -48.32
C GLU I 257 21.33 18.52 -48.10
N VAL I 258 21.49 17.55 -48.99
CA VAL I 258 20.83 16.27 -48.83
C VAL I 258 21.48 15.45 -47.72
N LYS I 259 22.80 15.53 -47.62
CA LYS I 259 23.51 14.86 -46.55
C LYS I 259 23.12 15.43 -45.18
N MET I 260 22.95 16.75 -45.13
CA MET I 260 22.62 17.42 -43.88
C MET I 260 21.20 17.08 -43.45
N LEU I 261 20.32 16.88 -44.42
CA LEU I 261 18.94 16.48 -44.13
C LEU I 261 18.93 15.08 -43.55
N ILE I 262 19.72 14.18 -44.12
CA ILE I 262 19.90 12.86 -43.53
C ILE I 262 20.49 12.95 -42.12
N ARG I 263 21.39 13.88 -41.89
CA ARG I 263 21.99 13.99 -40.57
C ARG I 263 21.02 14.43 -39.47
N ASN I 264 20.10 15.32 -39.76
CA ASN I 264 19.10 15.69 -38.78
C ASN I 264 18.24 14.48 -38.43
N LEU I 265 17.81 13.74 -39.46
CA LEU I 265 16.89 12.63 -39.26
C LEU I 265 17.56 11.52 -38.47
N LEU I 266 18.84 11.30 -38.73
CA LEU I 266 19.52 10.20 -38.06
C LEU I 266 20.13 10.68 -36.76
N LYS I 267 19.70 11.85 -36.30
CA LYS I 267 20.15 12.35 -35.02
C LYS I 267 19.94 11.33 -33.90
N THR I 268 21.02 11.07 -33.19
CA THR I 268 21.00 10.14 -32.07
C THR I 268 20.08 10.57 -30.94
N GLU I 269 20.05 11.85 -30.64
CA GLU I 269 19.20 12.41 -29.60
C GLU I 269 17.83 12.72 -30.19
N PRO I 270 16.80 11.95 -29.79
CA PRO I 270 15.47 12.11 -30.38
C PRO I 270 15.00 13.56 -30.43
N THR I 271 15.14 14.29 -29.33
CA THR I 271 14.64 15.67 -29.32
C THR I 271 15.37 16.57 -30.30
N GLN I 272 16.58 16.17 -30.72
CA GLN I 272 17.32 16.94 -31.71
C GLN I 272 16.84 16.68 -33.14
N ARG I 273 16.06 15.62 -33.35
CA ARG I 273 15.69 15.21 -34.71
C ARG I 273 14.66 16.13 -35.33
N MET I 274 14.58 16.11 -36.66
CA MET I 274 13.66 17.03 -37.32
C MET I 274 12.27 16.42 -37.45
N THR I 275 11.27 17.27 -37.22
CA THR I 275 9.89 16.82 -37.21
C THR I 275 9.41 16.56 -38.62
N ILE I 276 8.30 15.84 -38.77
CA ILE I 276 7.79 15.51 -40.09
C ILE I 276 7.32 16.75 -40.85
N THR I 277 6.98 17.80 -40.12
CA THR I 277 6.59 19.04 -40.74
C THR I 277 7.83 19.74 -41.28
N GLU I 278 8.92 19.69 -40.53
CA GLU I 278 10.17 20.27 -40.99
C GLU I 278 10.73 19.56 -42.24
N PHE I 279 10.54 18.25 -42.28
CA PHE I 279 10.98 17.44 -43.40
C PHE I 279 10.16 17.73 -44.67
N MET I 280 8.84 17.83 -44.51
CA MET I 280 7.98 18.12 -45.65
C MET I 280 8.19 19.57 -46.14
N ASN I 281 8.78 20.42 -45.31
CA ASN I 281 9.00 21.79 -45.75
C ASN I 281 10.39 21.97 -46.32
N HIS I 282 11.19 20.92 -46.24
CA HIS I 282 12.53 20.97 -46.80
C HIS I 282 12.44 21.09 -48.32
N PRO I 283 13.30 21.92 -48.90
CA PRO I 283 13.25 22.19 -50.34
C PRO I 283 13.38 20.92 -51.17
N TRP I 284 14.18 19.97 -50.68
CA TRP I 284 14.38 18.73 -51.41
C TRP I 284 13.07 17.95 -51.51
N ILE I 285 12.27 18.02 -50.46
CA ILE I 285 11.04 17.25 -50.42
C ILE I 285 9.91 18.07 -51.06
N MET I 286 9.94 19.39 -50.86
CA MET I 286 8.87 20.20 -51.37
C MET I 286 9.03 20.59 -52.85
N GLN I 287 10.21 21.05 -53.23
CA GLN I 287 10.49 21.30 -54.63
C GLN I 287 11.06 20.03 -55.27
N SER I 288 10.46 18.90 -54.91
CA SER I 288 10.92 17.59 -55.36
C SER I 288 11.21 17.58 -56.85
N THR I 289 10.21 17.93 -57.65
CA THR I 289 10.28 17.78 -59.09
C THR I 289 11.42 18.59 -59.72
N LYS I 290 12.02 19.46 -58.93
CA LYS I 290 13.11 20.27 -59.46
C LYS I 290 14.43 19.95 -58.76
N VAL I 291 14.59 18.70 -58.34
CA VAL I 291 15.91 18.22 -57.96
C VAL I 291 16.48 17.48 -59.16
N PRO I 292 17.78 17.65 -59.40
CA PRO I 292 18.39 17.02 -60.58
C PRO I 292 18.09 15.54 -60.70
N GLN I 293 18.01 15.07 -61.94
CA GLN I 293 17.81 13.67 -62.21
C GLN I 293 19.12 12.92 -62.20
N THR I 294 20.01 13.26 -61.27
CA THR I 294 21.35 12.70 -61.32
C THR I 294 21.29 11.24 -60.91
N PRO I 295 22.02 10.37 -61.61
CA PRO I 295 21.93 8.96 -61.28
C PRO I 295 22.63 8.56 -59.99
N LEU I 296 22.06 7.57 -59.31
CA LEU I 296 22.60 7.01 -58.09
C LEU I 296 23.00 5.58 -58.37
N HIS I 297 23.82 4.99 -57.51
CA HIS I 297 24.24 3.60 -57.65
C HIS I 297 23.23 2.62 -57.07
N THR I 298 22.10 3.14 -56.59
CA THR I 298 21.16 2.40 -55.78
C THR I 298 20.77 1.06 -56.39
N SER I 299 20.21 1.08 -57.60
CA SER I 299 19.76 -0.16 -58.27
C SER I 299 20.87 -1.17 -58.40
N ARG I 300 22.02 -0.71 -58.89
CA ARG I 300 23.18 -1.55 -59.11
C ARG I 300 23.54 -2.25 -57.83
N VAL I 301 23.77 -1.45 -56.79
CA VAL I 301 24.09 -1.96 -55.47
C VAL I 301 22.96 -2.82 -54.94
N LEU I 302 21.76 -2.26 -54.94
CA LEU I 302 20.62 -2.98 -54.42
C LEU I 302 20.61 -4.38 -55.04
N LYS I 303 20.86 -4.46 -56.35
CA LYS I 303 20.78 -5.76 -57.03
C LYS I 303 22.10 -6.52 -57.01
N VAL J 8 31.33 -36.14 -4.36
CA VAL J 8 32.05 -34.89 -3.98
C VAL J 8 33.09 -34.48 -5.01
N LYS J 9 32.66 -33.72 -6.02
CA LYS J 9 33.59 -33.19 -7.00
C LYS J 9 33.81 -31.68 -6.81
N SER J 10 34.75 -31.14 -7.57
CA SER J 10 35.08 -29.72 -7.49
C SER J 10 33.89 -28.85 -7.89
N GLY J 11 33.82 -27.66 -7.30
CA GLY J 11 32.82 -26.69 -7.69
C GLY J 11 33.31 -25.82 -8.84
N LEU J 12 32.42 -24.97 -9.35
CA LEU J 12 32.70 -24.22 -10.57
C LEU J 12 33.64 -23.05 -10.36
N GLN J 13 34.83 -23.14 -10.93
CA GLN J 13 35.79 -22.04 -10.91
C GLN J 13 35.82 -21.34 -12.25
N ILE J 14 35.11 -20.21 -12.34
CA ILE J 14 35.03 -19.47 -13.60
C ILE J 14 36.30 -18.69 -13.88
N LYS J 15 37.03 -19.12 -14.92
CA LYS J 15 38.28 -18.49 -15.30
C LYS J 15 38.04 -17.06 -15.76
N LYS J 16 39.05 -16.22 -15.56
CA LYS J 16 38.95 -14.80 -15.88
C LYS J 16 39.95 -14.38 -16.96
N ASN J 17 40.98 -15.20 -17.16
CA ASN J 17 41.93 -14.93 -18.23
C ASN J 17 41.22 -15.02 -19.58
N ALA J 18 41.79 -14.35 -20.59
CA ALA J 18 41.21 -14.34 -21.92
C ALA J 18 41.18 -15.75 -22.50
N ILE J 19 40.06 -16.12 -23.10
CA ILE J 19 39.89 -17.49 -23.54
C ILE J 19 40.89 -17.78 -24.67
N ILE J 20 41.28 -16.76 -25.41
CA ILE J 20 42.10 -16.95 -26.59
C ILE J 20 43.52 -17.39 -26.30
N ASP J 21 43.96 -17.27 -25.04
CA ASP J 21 45.28 -17.75 -24.72
C ASP J 21 45.25 -19.15 -24.15
N ASP J 22 44.07 -19.74 -24.08
CA ASP J 22 43.94 -21.15 -23.77
C ASP J 22 43.36 -21.90 -24.97
N TYR J 23 42.58 -21.20 -25.78
CA TYR J 23 41.91 -21.86 -26.90
C TYR J 23 42.05 -21.03 -28.16
N LYS J 24 41.89 -21.70 -29.31
CA LYS J 24 42.06 -21.05 -30.62
C LYS J 24 40.72 -20.56 -31.14
N VAL J 25 40.35 -19.34 -30.74
CA VAL J 25 39.02 -18.83 -31.01
C VAL J 25 39.11 -17.60 -31.92
N THR J 26 38.61 -17.74 -33.14
CA THR J 26 38.63 -16.64 -34.09
C THR J 26 37.49 -15.68 -33.83
N SER J 27 37.64 -14.44 -34.28
CA SER J 27 36.59 -13.46 -34.13
C SER J 27 35.32 -14.00 -34.78
N GLN J 28 35.50 -14.88 -35.77
CA GLN J 28 34.37 -15.51 -36.46
C GLN J 28 33.45 -16.21 -35.47
N VAL J 29 34.00 -17.16 -34.72
CA VAL J 29 33.21 -17.88 -33.74
C VAL J 29 32.66 -16.92 -32.70
N LEU J 30 33.45 -15.93 -32.32
CA LEU J 30 32.98 -14.93 -31.37
C LEU J 30 31.82 -14.16 -31.94
N GLY J 31 31.67 -14.22 -33.26
CA GLY J 31 30.52 -13.60 -33.89
C GLY J 31 29.33 -14.52 -33.89
N LEU J 32 29.60 -15.81 -34.08
CA LEU J 32 28.55 -16.81 -34.15
C LEU J 32 28.06 -17.18 -32.77
N GLY J 33 28.99 -17.27 -31.83
CA GLY J 33 28.66 -17.72 -30.49
C GLY J 33 27.81 -16.69 -29.77
N ILE J 34 27.87 -15.44 -30.23
CA ILE J 34 27.18 -14.34 -29.56
C ILE J 34 25.73 -14.24 -30.00
N ASN J 35 25.44 -14.73 -31.20
CA ASN J 35 24.06 -14.86 -31.64
C ASN J 35 23.46 -16.11 -31.00
N GLY J 36 24.31 -16.88 -30.33
CA GLY J 36 23.85 -18.07 -29.65
C GLY J 36 23.97 -19.32 -30.48
N LYS J 37 25.15 -19.54 -31.05
CA LYS J 37 25.42 -20.75 -31.81
C LYS J 37 26.53 -21.52 -31.14
N VAL J 38 26.48 -22.85 -31.24
CA VAL J 38 27.55 -23.67 -30.67
C VAL J 38 28.63 -23.85 -31.73
N LEU J 39 29.86 -23.57 -31.34
CA LEU J 39 30.96 -23.51 -32.28
C LEU J 39 32.10 -24.35 -31.79
N GLN J 40 32.98 -24.73 -32.71
CA GLN J 40 34.04 -25.66 -32.37
C GLN J 40 35.36 -24.92 -32.23
N ILE J 41 36.04 -25.14 -31.11
CA ILE J 41 37.33 -24.52 -30.87
C ILE J 41 38.36 -25.60 -30.57
N PHE J 42 39.62 -25.21 -30.41
CA PHE J 42 40.67 -26.20 -30.17
C PHE J 42 41.63 -25.80 -29.06
N ASN J 43 41.81 -26.67 -28.08
CA ASN J 43 42.80 -26.42 -27.04
C ASN J 43 44.13 -26.17 -27.71
N LYS J 44 44.76 -25.04 -27.42
CA LYS J 44 46.05 -24.75 -28.01
C LYS J 44 47.09 -25.76 -27.54
N ARG J 45 46.96 -26.20 -26.29
CA ARG J 45 47.84 -27.24 -25.75
C ARG J 45 47.67 -28.52 -26.57
N THR J 46 46.61 -29.28 -26.23
CA THR J 46 46.39 -30.60 -26.80
C THR J 46 45.95 -30.54 -28.26
N GLN J 47 45.50 -29.37 -28.69
CA GLN J 47 44.98 -29.20 -30.05
C GLN J 47 43.68 -29.99 -30.26
N GLU J 48 43.06 -30.39 -29.16
CA GLU J 48 41.79 -31.12 -29.19
C GLU J 48 40.58 -30.20 -29.42
N LYS J 49 39.53 -30.76 -30.03
CA LYS J 49 38.36 -29.96 -30.39
C LYS J 49 37.34 -29.91 -29.25
N PHE J 50 36.61 -28.81 -29.17
CA PHE J 50 35.68 -28.56 -28.06
C PHE J 50 34.54 -27.69 -28.55
N ALA J 51 33.35 -27.87 -27.98
CA ALA J 51 32.26 -26.95 -28.27
C ALA J 51 32.42 -25.66 -27.45
N LEU J 52 31.98 -24.54 -28.02
CA LEU J 52 31.96 -23.26 -27.32
C LEU J 52 30.59 -22.64 -27.39
N LYS J 53 30.01 -22.37 -26.22
CA LYS J 53 28.71 -21.74 -26.11
C LYS J 53 28.94 -20.43 -25.40
N MET J 54 28.38 -19.35 -25.95
CA MET J 54 28.53 -18.01 -25.39
C MET J 54 27.20 -17.43 -24.91
N LEU J 55 27.15 -17.06 -23.64
CA LEU J 55 26.01 -16.30 -23.13
C LEU J 55 26.55 -14.98 -22.61
N GLN J 56 25.68 -13.99 -22.53
CA GLN J 56 26.05 -12.72 -21.90
C GLN J 56 25.82 -12.83 -20.40
N ASP J 57 26.74 -12.27 -19.63
CA ASP J 57 26.64 -12.36 -18.17
C ASP J 57 25.34 -11.73 -17.67
N CYS J 58 24.68 -12.41 -16.75
CA CYS J 58 23.43 -11.91 -16.19
C CYS J 58 22.76 -13.01 -15.35
N PRO J 59 21.85 -12.62 -14.45
CA PRO J 59 21.38 -13.52 -13.40
C PRO J 59 20.88 -14.83 -13.97
N LYS J 60 20.36 -14.78 -15.18
CA LYS J 60 19.75 -15.93 -15.82
C LYS J 60 20.83 -16.83 -16.43
N ALA J 61 21.80 -16.22 -17.08
CA ALA J 61 22.92 -16.97 -17.68
C ALA J 61 23.74 -17.65 -16.60
N ARG J 62 23.90 -16.97 -15.47
CA ARG J 62 24.63 -17.55 -14.35
C ARG J 62 23.83 -18.69 -13.76
N ARG J 63 22.52 -18.62 -13.90
CA ARG J 63 21.66 -19.70 -13.45
C ARG J 63 21.94 -20.93 -14.28
N GLU J 64 22.06 -20.75 -15.59
CA GLU J 64 22.31 -21.88 -16.49
C GLU J 64 23.63 -22.58 -16.23
N VAL J 65 24.72 -21.82 -16.22
CA VAL J 65 26.03 -22.41 -16.02
C VAL J 65 26.07 -23.24 -14.74
N GLU J 66 25.61 -22.66 -13.64
CA GLU J 66 25.62 -23.32 -12.35
C GLU J 66 24.79 -24.59 -12.34
N LEU J 67 23.60 -24.54 -12.93
CA LEU J 67 22.74 -25.73 -12.97
C LEU J 67 23.35 -26.81 -13.85
N HIS J 68 23.99 -26.39 -14.93
CA HIS J 68 24.58 -27.30 -15.89
C HIS J 68 25.81 -27.95 -15.26
N TRP J 69 26.60 -27.13 -14.57
CA TRP J 69 27.80 -27.64 -13.95
C TRP J 69 27.49 -28.77 -12.99
N ARG J 70 26.35 -28.66 -12.31
CA ARG J 70 25.95 -29.69 -11.37
C ARG J 70 25.66 -30.97 -12.13
N ALA J 71 24.88 -30.86 -13.19
CA ALA J 71 24.51 -32.00 -14.01
C ALA J 71 25.73 -32.63 -14.68
N SER J 72 26.77 -31.83 -14.90
CA SER J 72 27.95 -32.29 -15.61
C SER J 72 28.54 -33.59 -15.07
N GLN J 73 28.23 -33.93 -13.82
CA GLN J 73 28.86 -35.12 -13.25
C GLN J 73 28.16 -36.40 -13.70
N CYS J 74 26.91 -36.30 -14.13
CA CYS J 74 26.26 -37.41 -14.82
C CYS J 74 26.83 -37.51 -16.23
N PRO J 75 27.48 -38.64 -16.54
CA PRO J 75 28.11 -38.83 -17.85
C PRO J 75 27.13 -38.75 -19.01
N HIS J 76 25.83 -38.75 -18.70
CA HIS J 76 24.81 -38.62 -19.74
C HIS J 76 24.49 -37.17 -20.07
N ILE J 77 25.16 -36.25 -19.38
CA ILE J 77 24.97 -34.84 -19.62
C ILE J 77 26.23 -34.35 -20.32
N VAL J 78 26.08 -33.63 -21.42
CA VAL J 78 27.24 -33.01 -22.03
C VAL J 78 28.08 -32.33 -20.94
N ARG J 79 29.39 -32.53 -20.99
CA ARG J 79 30.26 -32.06 -19.92
C ARG J 79 30.79 -30.66 -20.16
N ILE J 80 30.75 -29.83 -19.11
CA ILE J 80 31.43 -28.54 -19.14
C ILE J 80 32.89 -28.78 -18.76
N VAL J 81 33.79 -28.22 -19.54
CA VAL J 81 35.21 -28.41 -19.34
C VAL J 81 35.81 -27.18 -18.66
N ASP J 82 35.33 -25.99 -19.05
CA ASP J 82 35.53 -24.82 -18.23
C ASP J 82 34.66 -23.66 -18.67
N VAL J 83 34.48 -22.71 -17.77
CA VAL J 83 33.63 -21.55 -18.02
C VAL J 83 34.47 -20.29 -17.90
N TYR J 84 34.27 -19.37 -18.83
CA TYR J 84 35.07 -18.16 -18.88
C TYR J 84 34.18 -16.95 -18.72
N GLU J 85 34.73 -15.91 -18.12
CA GLU J 85 34.06 -14.63 -18.04
C GLU J 85 35.00 -13.57 -18.62
N ASN J 86 34.69 -13.09 -19.82
CA ASN J 86 35.58 -12.17 -20.52
C ASN J 86 34.86 -10.90 -20.94
N LEU J 87 35.63 -9.82 -21.11
CA LEU J 87 35.11 -8.63 -21.78
C LEU J 87 35.00 -8.92 -23.27
N TYR J 88 33.91 -8.45 -23.87
CA TYR J 88 33.75 -8.48 -25.32
C TYR J 88 32.76 -7.41 -25.76
N ALA J 89 33.19 -6.54 -26.66
CA ALA J 89 32.34 -5.46 -27.10
C ALA J 89 32.02 -4.58 -25.90
N GLY J 90 32.88 -4.66 -24.89
CA GLY J 90 32.72 -3.81 -23.73
C GLY J 90 31.55 -4.24 -22.87
N ARG J 91 30.97 -5.40 -23.22
CA ARG J 91 30.02 -6.06 -22.34
C ARG J 91 30.67 -7.31 -21.76
N LYS J 92 30.22 -7.72 -20.59
CA LYS J 92 30.84 -8.84 -19.89
C LYS J 92 30.08 -10.14 -20.15
N CYS J 93 30.76 -11.16 -20.64
CA CYS J 93 30.06 -12.36 -21.10
C CYS J 93 30.71 -13.67 -20.67
N LEU J 94 29.92 -14.74 -20.72
CA LEU J 94 30.30 -16.05 -20.20
C LEU J 94 30.56 -17.04 -21.33
N LEU J 95 31.79 -17.55 -21.41
CA LEU J 95 32.13 -18.52 -22.45
C LEU J 95 32.17 -19.96 -21.88
N ILE J 96 31.11 -20.71 -22.13
CA ILE J 96 31.05 -22.11 -21.70
C ILE J 96 31.81 -23.01 -22.68
N VAL J 97 32.79 -23.76 -22.16
CA VAL J 97 33.55 -24.66 -23.01
C VAL J 97 33.20 -26.13 -22.69
N MET J 98 32.54 -26.79 -23.63
CA MET J 98 32.09 -28.16 -23.40
C MET J 98 32.86 -29.14 -24.28
N GLU J 99 32.99 -30.38 -23.82
CA GLU J 99 33.38 -31.47 -24.70
C GLU J 99 32.60 -31.33 -25.97
N CYS J 100 33.19 -31.72 -27.09
CA CYS J 100 32.55 -31.59 -28.38
C CYS J 100 31.73 -32.83 -28.67
N LEU J 101 30.43 -32.65 -28.85
CA LEU J 101 29.60 -33.78 -29.23
C LEU J 101 29.55 -33.84 -30.74
N ASP J 102 29.94 -34.99 -31.29
CA ASP J 102 30.15 -35.12 -32.73
C ASP J 102 29.16 -36.04 -33.44
N GLY J 103 28.81 -37.14 -32.79
CA GLY J 103 27.97 -38.14 -33.42
C GLY J 103 26.69 -37.66 -34.08
N GLY J 104 26.31 -36.40 -33.85
CA GLY J 104 25.08 -35.90 -34.46
C GLY J 104 23.84 -35.99 -33.57
N GLU J 105 22.73 -35.43 -34.05
CA GLU J 105 21.49 -35.41 -33.28
C GLU J 105 20.79 -36.78 -33.31
N LEU J 106 19.94 -37.03 -32.32
CA LEU J 106 19.38 -38.36 -32.13
C LEU J 106 18.79 -38.98 -33.39
N PHE J 107 17.87 -38.27 -34.03
CA PHE J 107 17.19 -38.83 -35.20
C PHE J 107 18.04 -38.77 -36.47
N SER J 108 18.99 -37.85 -36.51
CA SER J 108 19.83 -37.73 -37.69
C SER J 108 20.54 -39.04 -37.92
N ARG J 109 21.08 -39.62 -36.85
CA ARG J 109 21.69 -40.93 -36.93
C ARG J 109 20.66 -41.97 -37.36
N ILE J 110 19.42 -41.80 -36.90
CA ILE J 110 18.39 -42.80 -37.12
C ILE J 110 17.76 -42.71 -38.50
N GLN J 111 17.79 -41.52 -39.08
CA GLN J 111 17.27 -41.36 -40.45
C GLN J 111 18.37 -41.58 -41.48
N ASP J 112 19.61 -41.64 -41.00
CA ASP J 112 20.73 -42.15 -41.80
C ASP J 112 21.02 -43.57 -41.35
N ARG J 113 20.20 -44.53 -41.77
CA ARG J 113 20.33 -45.88 -41.24
C ARG J 113 19.59 -46.91 -42.08
N GLY J 114 20.07 -48.15 -42.03
CA GLY J 114 19.44 -49.21 -42.79
C GLY J 114 17.93 -49.08 -42.73
N ASP J 115 17.28 -49.32 -43.86
CA ASP J 115 15.86 -49.01 -44.03
C ASP J 115 15.02 -49.54 -42.88
N GLN J 116 15.23 -50.80 -42.53
CA GLN J 116 14.72 -51.34 -41.28
C GLN J 116 15.89 -51.52 -40.33
N ALA J 117 15.78 -52.48 -39.43
CA ALA J 117 16.90 -52.86 -38.57
C ALA J 117 17.31 -51.78 -37.58
N PHE J 118 16.53 -50.71 -37.49
CA PHE J 118 16.49 -49.93 -36.25
C PHE J 118 15.47 -50.59 -35.35
N THR J 119 15.93 -50.97 -34.16
CA THR J 119 15.25 -51.97 -33.35
C THR J 119 14.35 -51.33 -32.30
N GLU J 120 13.30 -52.06 -31.90
CA GLU J 120 12.53 -51.67 -30.73
C GLU J 120 13.46 -51.70 -29.53
N ARG J 121 14.31 -52.70 -29.49
CA ARG J 121 15.28 -52.86 -28.42
C ARG J 121 16.24 -51.67 -28.42
N GLU J 122 16.45 -51.09 -29.59
CA GLU J 122 17.28 -49.90 -29.70
C GLU J 122 16.53 -48.68 -29.18
N ALA J 123 15.21 -48.70 -29.32
CA ALA J 123 14.36 -47.70 -28.70
C ALA J 123 14.51 -47.81 -27.19
N SER J 124 14.20 -48.97 -26.64
CA SER J 124 14.41 -49.20 -25.22
C SER J 124 15.81 -48.77 -24.81
N GLU J 125 16.82 -49.29 -25.49
CA GLU J 125 18.19 -48.96 -25.16
C GLU J 125 18.30 -47.44 -25.04
N ILE J 126 17.94 -46.74 -26.10
CA ILE J 126 18.02 -45.29 -26.13
C ILE J 126 17.31 -44.62 -24.95
N MET J 127 16.03 -44.94 -24.79
CA MET J 127 15.20 -44.30 -23.77
C MET J 127 15.75 -44.47 -22.37
N LYS J 128 16.28 -45.65 -22.08
CA LYS J 128 16.91 -45.90 -20.78
C LYS J 128 18.02 -44.88 -20.55
N SER J 129 18.60 -44.42 -21.66
CA SER J 129 19.78 -43.59 -21.58
C SER J 129 19.40 -42.14 -21.30
N ILE J 130 18.37 -41.66 -21.99
CA ILE J 130 17.78 -40.36 -21.67
C ILE J 130 17.25 -40.40 -20.25
N GLY J 131 16.38 -41.37 -19.96
CA GLY J 131 15.89 -41.57 -18.62
C GLY J 131 16.92 -41.36 -17.52
N GLU J 132 18.08 -42.01 -17.65
CA GLU J 132 19.14 -41.88 -16.64
C GLU J 132 19.60 -40.44 -16.46
N ALA J 133 19.55 -39.65 -17.52
CA ALA J 133 19.92 -38.25 -17.43
C ALA J 133 18.87 -37.51 -16.62
N ILE J 134 17.61 -37.70 -16.99
CA ILE J 134 16.50 -37.10 -16.26
C ILE J 134 16.56 -37.57 -14.81
N GLN J 135 16.49 -38.88 -14.61
CA GLN J 135 16.57 -39.47 -13.29
C GLN J 135 17.59 -38.76 -12.42
N TYR J 136 18.74 -38.40 -12.98
CA TYR J 136 19.78 -37.77 -12.19
C TYR J 136 19.44 -36.31 -11.89
N LEU J 137 18.88 -35.63 -12.88
CA LEU J 137 18.57 -34.21 -12.73
C LEU J 137 17.46 -33.99 -11.72
N HIS J 138 16.51 -34.92 -11.67
CA HIS J 138 15.42 -34.85 -10.72
C HIS J 138 15.87 -35.24 -9.31
N SER J 139 16.88 -36.10 -9.23
CA SER J 139 17.33 -36.56 -7.93
C SER J 139 18.07 -35.43 -7.21
N ILE J 140 18.41 -34.39 -7.96
CA ILE J 140 19.02 -33.22 -7.34
C ILE J 140 18.13 -32.01 -7.60
N ASN J 141 16.90 -32.31 -7.98
CA ASN J 141 15.87 -31.30 -8.00
C ASN J 141 16.20 -30.28 -9.08
N ILE J 142 16.48 -30.78 -10.26
CA ILE J 142 16.58 -29.94 -11.44
C ILE J 142 15.65 -30.50 -12.49
N ALA J 143 14.91 -29.63 -13.16
CA ALA J 143 14.07 -30.03 -14.28
C ALA J 143 14.72 -29.47 -15.52
N HIS J 144 14.88 -30.28 -16.54
CA HIS J 144 15.55 -29.79 -17.73
C HIS J 144 14.63 -28.80 -18.42
N ARG J 145 13.41 -29.26 -18.69
CA ARG J 145 12.32 -28.41 -19.12
C ARG J 145 12.42 -28.09 -20.60
N ASP J 146 13.48 -28.58 -21.25
CA ASP J 146 13.62 -28.41 -22.69
C ASP J 146 14.19 -29.66 -23.36
N VAL J 147 13.68 -30.82 -22.96
CA VAL J 147 14.15 -32.10 -23.47
C VAL J 147 13.51 -32.46 -24.80
N LYS J 148 13.92 -31.76 -25.85
CA LYS J 148 13.51 -32.13 -27.20
C LYS J 148 14.67 -32.77 -27.98
N PRO J 149 14.37 -33.31 -29.18
CA PRO J 149 15.40 -34.01 -29.95
C PRO J 149 16.63 -33.17 -30.29
N GLU J 150 16.42 -31.89 -30.58
CA GLU J 150 17.53 -31.00 -30.91
C GLU J 150 18.54 -30.88 -29.76
N ASN J 151 18.24 -31.54 -28.64
CA ASN J 151 19.09 -31.41 -27.47
C ASN J 151 19.63 -32.75 -26.98
N LEU J 152 19.45 -33.76 -27.81
CA LEU J 152 20.11 -35.05 -27.62
C LEU J 152 21.16 -35.27 -28.73
N LEU J 153 22.44 -35.34 -28.35
CA LEU J 153 23.52 -35.46 -29.33
C LEU J 153 24.48 -36.61 -29.00
N TYR J 154 25.06 -37.22 -30.05
CA TYR J 154 25.98 -38.35 -29.86
C TYR J 154 27.41 -37.88 -29.72
N THR J 155 28.19 -38.60 -28.92
CA THR J 155 29.53 -38.16 -28.58
C THR J 155 30.42 -38.23 -29.80
N SER J 156 30.10 -39.17 -30.67
CA SER J 156 30.88 -39.37 -31.88
C SER J 156 30.19 -40.37 -32.79
N LYS J 157 30.90 -40.75 -33.84
CA LYS J 157 30.35 -41.61 -34.87
C LYS J 157 30.67 -43.07 -34.63
N ARG J 158 31.42 -43.35 -33.57
CA ARG J 158 31.58 -44.72 -33.07
C ARG J 158 30.22 -45.37 -33.06
N PRO J 159 30.15 -46.69 -33.32
CA PRO J 159 28.86 -47.35 -33.24
C PRO J 159 28.24 -47.13 -31.87
N ASN J 160 28.78 -47.82 -30.86
CA ASN J 160 28.16 -47.78 -29.54
C ASN J 160 28.52 -46.50 -28.77
N ALA J 161 28.66 -45.40 -29.51
CA ALA J 161 28.77 -44.07 -28.91
C ALA J 161 27.66 -43.82 -27.88
N ILE J 162 27.92 -42.94 -26.92
CA ILE J 162 26.93 -42.65 -25.89
C ILE J 162 26.19 -41.37 -26.22
N LEU J 163 24.88 -41.39 -25.98
CA LEU J 163 24.00 -40.23 -26.22
C LEU J 163 23.95 -39.33 -24.99
N LYS J 164 24.01 -38.02 -25.22
CA LYS J 164 24.03 -37.07 -24.13
C LYS J 164 22.98 -35.97 -24.27
N LEU J 165 22.53 -35.44 -23.12
CA LEU J 165 21.56 -34.35 -23.08
C LEU J 165 22.26 -33.00 -22.97
N THR J 166 21.79 -32.01 -23.73
CA THR J 166 22.44 -30.71 -23.79
C THR J 166 21.47 -29.56 -23.60
N ASP J 167 22.04 -28.37 -23.41
CA ASP J 167 21.30 -27.12 -23.32
C ASP J 167 20.50 -26.98 -22.03
N PHE J 168 21.13 -26.40 -21.02
CA PHE J 168 20.48 -26.21 -19.73
C PHE J 168 20.02 -24.78 -19.51
N GLY J 169 19.34 -24.20 -20.50
CA GLY J 169 18.95 -22.82 -20.39
C GLY J 169 17.49 -22.65 -20.01
N PHE J 170 16.81 -23.75 -19.77
CA PHE J 170 15.44 -23.67 -19.31
C PHE J 170 15.25 -24.42 -18.00
N ALA J 171 16.34 -24.79 -17.35
CA ALA J 171 16.24 -25.60 -16.15
C ALA J 171 15.93 -24.73 -14.95
N LYS J 172 14.77 -24.96 -14.33
CA LYS J 172 14.47 -24.41 -13.02
C LYS J 172 15.02 -25.34 -11.96
N GLU J 173 15.44 -24.79 -10.83
CA GLU J 173 15.58 -25.61 -9.64
C GLU J 173 14.19 -25.87 -9.09
N THR J 174 14.05 -26.91 -8.27
CA THR J 174 12.74 -27.28 -7.76
C THR J 174 12.63 -27.23 -6.24
N THR J 175 13.65 -26.66 -5.59
CA THR J 175 13.69 -26.63 -4.12
C THR J 175 14.55 -25.50 -3.60
N SER J 176 14.02 -24.27 -3.62
CA SER J 176 14.80 -23.10 -3.20
C SER J 176 15.12 -23.17 -1.72
N TYR J 189 9.22 -40.70 8.62
CA TYR J 189 7.78 -40.74 8.37
C TYR J 189 7.26 -39.48 7.69
N VAL J 190 8.17 -38.64 7.21
CA VAL J 190 7.78 -37.42 6.51
C VAL J 190 7.14 -37.79 5.18
N ALA J 191 6.36 -36.86 4.63
CA ALA J 191 5.82 -37.01 3.28
C ALA J 191 6.68 -36.23 2.31
N PRO J 192 6.94 -36.79 1.11
CA PRO J 192 7.78 -36.06 0.16
C PRO J 192 7.18 -34.68 -0.13
N GLU J 193 5.86 -34.62 -0.09
CA GLU J 193 5.11 -33.39 -0.33
C GLU J 193 5.50 -32.31 0.67
N VAL J 194 5.72 -32.71 1.92
CA VAL J 194 6.04 -31.76 2.97
C VAL J 194 7.53 -31.41 2.90
N LEU J 195 8.16 -31.77 1.78
CA LEU J 195 9.55 -31.44 1.52
C LEU J 195 9.72 -30.79 0.16
N TYR J 200 3.26 -29.31 -13.16
CA TYR J 200 4.56 -28.95 -12.59
C TYR J 200 5.71 -29.19 -13.56
N ASP J 201 6.93 -29.03 -13.07
CA ASP J 201 8.11 -28.98 -13.92
C ASP J 201 8.75 -30.33 -14.22
N LYS J 202 8.93 -31.16 -13.20
CA LYS J 202 9.53 -32.47 -13.42
C LYS J 202 8.67 -33.26 -14.37
N SER J 203 7.36 -33.06 -14.26
CA SER J 203 6.41 -33.77 -15.11
C SER J 203 6.42 -33.17 -16.51
N CYS J 204 7.06 -32.01 -16.66
CA CYS J 204 7.36 -31.49 -17.97
C CYS J 204 8.30 -32.48 -18.64
N ASP J 205 9.49 -32.64 -18.06
CA ASP J 205 10.47 -33.60 -18.54
C ASP J 205 9.84 -34.94 -18.92
N MET J 206 8.94 -35.44 -18.08
CA MET J 206 8.37 -36.76 -18.27
C MET J 206 7.39 -36.81 -19.45
N TRP J 207 6.79 -35.67 -19.78
CA TRP J 207 5.97 -35.58 -20.98
C TRP J 207 6.90 -35.70 -22.17
N SER J 208 8.06 -35.06 -22.05
CA SER J 208 9.04 -35.01 -23.13
C SER J 208 9.51 -36.40 -23.51
N LEU J 209 9.89 -37.20 -22.51
CA LEU J 209 10.20 -38.60 -22.75
C LEU J 209 9.09 -39.19 -23.61
N GLY J 210 7.85 -39.01 -23.17
CA GLY J 210 6.73 -39.60 -23.86
C GLY J 210 6.62 -39.23 -25.33
N VAL J 211 6.98 -38.00 -25.66
CA VAL J 211 6.99 -37.57 -27.06
C VAL J 211 8.18 -38.18 -27.77
N ILE J 212 9.35 -38.05 -27.17
CA ILE J 212 10.55 -38.67 -27.71
C ILE J 212 10.36 -40.16 -27.93
N MET J 213 10.11 -40.90 -26.84
CA MET J 213 10.01 -42.34 -26.94
C MET J 213 8.91 -42.74 -27.91
N TYR J 214 8.16 -41.76 -28.40
CA TYR J 214 7.05 -42.03 -29.29
C TYR J 214 7.52 -41.91 -30.74
N ILE J 215 8.23 -40.83 -31.03
CA ILE J 215 8.74 -40.61 -32.37
C ILE J 215 9.77 -41.67 -32.71
N LEU J 216 10.39 -42.24 -31.69
CA LEU J 216 11.37 -43.29 -31.87
C LEU J 216 10.77 -44.56 -32.48
N LEU J 217 9.47 -44.76 -32.30
CA LEU J 217 8.85 -46.03 -32.66
C LEU J 217 8.05 -46.00 -33.96
N CYS J 218 7.91 -44.82 -34.55
CA CYS J 218 7.18 -44.72 -35.81
C CYS J 218 7.72 -43.66 -36.76
N GLY J 219 8.54 -42.75 -36.24
CA GLY J 219 9.19 -41.78 -37.09
C GLY J 219 8.51 -40.43 -37.15
N TYR J 220 7.37 -40.32 -36.47
CA TYR J 220 6.68 -39.04 -36.36
C TYR J 220 6.19 -38.78 -34.94
N PRO J 221 5.93 -37.50 -34.61
CA PRO J 221 5.45 -37.08 -33.29
C PRO J 221 3.96 -37.36 -33.09
N PRO J 222 3.51 -37.47 -31.84
CA PRO J 222 2.11 -37.79 -31.54
C PRO J 222 1.18 -36.69 -32.02
N PHE J 223 1.41 -35.48 -31.55
CA PHE J 223 0.58 -34.34 -31.92
C PHE J 223 1.34 -33.55 -32.97
N TYR J 224 0.72 -33.39 -34.14
CA TYR J 224 1.39 -32.78 -35.28
C TYR J 224 0.53 -31.75 -35.99
N SER J 225 1.11 -31.12 -37.01
CA SER J 225 0.59 -29.88 -37.57
C SER J 225 -0.62 -30.03 -38.49
N ASN J 226 -1.58 -29.13 -38.33
CA ASN J 226 -2.73 -29.04 -39.23
C ASN J 226 -3.58 -27.81 -38.89
N SER J 232 0.14 -24.45 -35.53
CA SER J 232 -1.18 -25.01 -35.81
C SER J 232 -2.04 -24.99 -34.55
N PRO J 233 -3.09 -24.16 -34.54
CA PRO J 233 -3.98 -24.08 -33.37
C PRO J 233 -4.77 -25.38 -33.17
N GLY J 234 -5.14 -26.00 -34.28
CA GLY J 234 -5.73 -27.32 -34.21
C GLY J 234 -4.85 -28.29 -33.44
N MET J 235 -3.55 -28.26 -33.70
CA MET J 235 -2.63 -29.14 -33.02
C MET J 235 -2.69 -28.87 -31.52
N LYS J 236 -2.54 -27.61 -31.15
CA LYS J 236 -2.66 -27.19 -29.75
C LYS J 236 -3.92 -27.79 -29.12
N THR J 237 -4.98 -27.88 -29.92
CA THR J 237 -6.23 -28.48 -29.45
C THR J 237 -6.14 -29.98 -29.28
N ARG J 238 -5.32 -30.64 -30.09
CA ARG J 238 -5.12 -32.07 -29.95
C ARG J 238 -4.20 -32.37 -28.77
N ILE J 239 -3.27 -31.45 -28.50
CA ILE J 239 -2.36 -31.61 -27.38
C ILE J 239 -3.13 -31.50 -26.06
N ARG J 240 -3.88 -30.40 -25.89
CA ARG J 240 -4.59 -30.17 -24.65
C ARG J 240 -5.73 -31.15 -24.40
N MET J 241 -6.31 -31.68 -25.48
CA MET J 241 -7.37 -32.68 -25.35
C MET J 241 -6.78 -34.08 -25.31
N GLY J 242 -5.50 -34.21 -25.65
CA GLY J 242 -4.87 -35.51 -25.69
C GLY J 242 -5.39 -36.40 -26.81
N GLN J 243 -5.82 -35.79 -27.90
CA GLN J 243 -6.26 -36.56 -29.06
C GLN J 243 -5.05 -37.08 -29.83
N TYR J 244 -4.83 -38.39 -29.78
CA TYR J 244 -3.78 -39.03 -30.59
C TYR J 244 -3.95 -40.54 -30.58
N GLU J 245 -3.54 -41.19 -31.66
CA GLU J 245 -3.62 -42.65 -31.75
C GLU J 245 -2.24 -43.27 -31.94
N PHE J 246 -2.20 -44.59 -32.01
CA PHE J 246 -1.03 -45.32 -32.50
C PHE J 246 -1.40 -45.99 -33.82
N PRO J 247 -1.20 -45.29 -34.95
CA PRO J 247 -1.72 -45.77 -36.24
C PRO J 247 -1.03 -47.05 -36.71
N ASN J 248 -1.68 -47.76 -37.61
CA ASN J 248 -1.01 -48.79 -38.39
C ASN J 248 -0.62 -48.16 -39.73
N PRO J 249 0.35 -48.71 -40.44
CA PRO J 249 1.07 -49.97 -40.16
C PRO J 249 2.05 -49.83 -39.01
N GLU J 250 2.61 -48.63 -38.86
CA GLU J 250 3.81 -48.42 -38.07
C GLU J 250 3.75 -48.94 -36.64
N TRP J 251 2.56 -49.01 -36.07
CA TRP J 251 2.41 -49.37 -34.65
C TRP J 251 1.94 -50.80 -34.45
N SER J 252 1.38 -51.41 -35.49
CA SER J 252 0.68 -52.67 -35.35
C SER J 252 1.60 -53.78 -34.86
N GLU J 253 2.89 -53.66 -35.15
CA GLU J 253 3.85 -54.65 -34.73
C GLU J 253 4.53 -54.22 -33.43
N VAL J 254 4.16 -53.04 -32.95
CA VAL J 254 4.74 -52.47 -31.73
C VAL J 254 3.92 -52.91 -30.52
N SER J 255 4.60 -53.40 -29.50
CA SER J 255 3.97 -53.97 -28.31
C SER J 255 2.95 -53.04 -27.66
N GLU J 256 2.15 -53.58 -26.75
CA GLU J 256 1.11 -52.80 -26.07
C GLU J 256 1.60 -52.24 -24.74
N GLU J 257 2.38 -53.05 -24.03
CA GLU J 257 2.92 -52.65 -22.74
C GLU J 257 3.81 -51.44 -22.97
N VAL J 258 4.20 -51.23 -24.22
CA VAL J 258 4.92 -50.02 -24.59
C VAL J 258 3.91 -48.91 -24.87
N LYS J 259 2.89 -49.23 -25.64
CA LYS J 259 1.85 -48.25 -25.94
C LYS J 259 1.32 -47.62 -24.65
N MET J 260 1.03 -48.47 -23.65
CA MET J 260 0.55 -47.98 -22.38
C MET J 260 1.55 -47.06 -21.71
N LEU J 261 2.82 -47.42 -21.74
CA LEU J 261 3.87 -46.61 -21.12
C LEU J 261 3.85 -45.19 -21.69
N ILE J 262 3.68 -45.10 -23.00
CA ILE J 262 3.53 -43.82 -23.66
C ILE J 262 2.23 -43.18 -23.17
N ARG J 263 1.16 -43.96 -23.18
CA ARG J 263 -0.14 -43.52 -22.71
C ARG J 263 -0.08 -42.85 -21.36
N ASN J 264 0.86 -43.32 -20.54
CA ASN J 264 1.01 -42.75 -19.22
C ASN J 264 1.77 -41.43 -19.25
N LEU J 265 2.90 -41.40 -19.94
CA LEU J 265 3.73 -40.20 -19.99
C LEU J 265 3.00 -39.03 -20.64
N LEU J 266 2.07 -39.34 -21.53
CA LEU J 266 1.37 -38.30 -22.27
C LEU J 266 0.02 -37.95 -21.66
N LYS J 267 -0.18 -38.32 -20.40
CA LYS J 267 -1.38 -37.91 -19.68
C LYS J 267 -1.50 -36.40 -19.67
N THR J 268 -2.62 -35.89 -20.14
CA THR J 268 -2.88 -34.46 -20.14
C THR J 268 -2.67 -33.87 -18.75
N GLU J 269 -3.15 -34.59 -17.74
CA GLU J 269 -3.01 -34.15 -16.36
C GLU J 269 -1.60 -34.46 -15.88
N PRO J 270 -0.78 -33.42 -15.71
CA PRO J 270 0.60 -33.66 -15.27
C PRO J 270 0.68 -34.52 -14.02
N THR J 271 -0.33 -34.42 -13.17
CA THR J 271 -0.33 -35.18 -11.92
C THR J 271 -0.61 -36.66 -12.14
N GLN J 272 -1.33 -36.99 -13.19
CA GLN J 272 -1.58 -38.40 -13.50
C GLN J 272 -0.35 -39.07 -14.14
N ARG J 273 0.63 -38.25 -14.52
CA ARG J 273 1.80 -38.78 -15.21
C ARG J 273 2.72 -39.60 -14.33
N MET J 274 3.64 -40.29 -14.97
CA MET J 274 4.56 -41.19 -14.29
C MET J 274 5.74 -40.38 -13.77
N THR J 275 6.24 -40.74 -12.60
CA THR J 275 7.47 -40.16 -12.09
C THR J 275 8.68 -40.90 -12.69
N ILE J 276 9.79 -40.20 -12.87
CA ILE J 276 10.96 -40.79 -13.51
C ILE J 276 11.33 -42.12 -12.87
N THR J 277 11.29 -42.19 -11.54
CA THR J 277 11.66 -43.43 -10.87
C THR J 277 10.83 -44.56 -11.43
N GLU J 278 9.52 -44.32 -11.55
CA GLU J 278 8.63 -45.33 -12.07
C GLU J 278 9.05 -45.67 -13.48
N PHE J 279 9.33 -44.65 -14.28
CA PHE J 279 9.77 -44.87 -15.63
C PHE J 279 10.90 -45.88 -15.64
N MET J 280 12.00 -45.54 -14.97
CA MET J 280 13.20 -46.36 -15.03
C MET J 280 13.04 -47.73 -14.38
N ASN J 281 11.85 -48.06 -13.90
CA ASN J 281 11.62 -49.36 -13.29
C ASN J 281 10.58 -50.13 -14.07
N HIS J 282 10.03 -49.50 -15.10
CA HIS J 282 9.09 -50.17 -16.00
C HIS J 282 9.85 -51.25 -16.75
N PRO J 283 9.20 -52.38 -17.02
CA PRO J 283 9.92 -53.52 -17.60
C PRO J 283 10.58 -53.21 -18.93
N TRP J 284 9.96 -52.35 -19.73
CA TRP J 284 10.51 -52.00 -21.03
C TRP J 284 11.86 -51.31 -20.87
N ILE J 285 11.98 -50.47 -19.84
CA ILE J 285 13.21 -49.73 -19.65
C ILE J 285 14.12 -50.45 -18.67
N MET J 286 13.51 -51.15 -17.72
CA MET J 286 14.26 -51.91 -16.73
C MET J 286 14.96 -53.10 -17.39
N GLN J 287 14.19 -53.89 -18.14
CA GLN J 287 14.73 -55.05 -18.86
C GLN J 287 14.99 -54.66 -20.31
N SER J 288 16.04 -53.90 -20.52
CA SER J 288 16.25 -53.17 -21.78
C SER J 288 16.49 -54.09 -22.96
N THR J 289 16.29 -55.39 -22.76
CA THR J 289 16.71 -56.34 -23.78
C THR J 289 15.78 -57.54 -23.93
N LYS J 290 15.10 -57.94 -22.85
CA LYS J 290 14.09 -58.96 -22.97
C LYS J 290 12.96 -58.39 -23.85
N VAL J 291 13.25 -57.25 -24.44
CA VAL J 291 12.40 -56.64 -25.46
C VAL J 291 12.85 -57.13 -26.82
N PRO J 292 11.89 -57.46 -27.69
CA PRO J 292 12.18 -57.98 -29.03
C PRO J 292 12.92 -56.99 -29.93
N GLN J 293 13.69 -57.53 -30.89
CA GLN J 293 14.41 -56.71 -31.86
C GLN J 293 13.61 -56.41 -33.11
N THR J 294 12.28 -56.41 -32.98
CA THR J 294 11.39 -56.15 -34.11
C THR J 294 11.60 -54.77 -34.71
N PRO J 295 11.84 -54.72 -36.03
CA PRO J 295 12.18 -53.46 -36.71
C PRO J 295 11.03 -52.45 -36.67
N LEU J 296 11.37 -51.18 -36.67
CA LEU J 296 10.36 -50.14 -36.69
C LEU J 296 10.43 -49.33 -37.99
N HIS J 297 9.29 -48.80 -38.42
CA HIS J 297 9.24 -48.00 -39.63
C HIS J 297 9.89 -46.64 -39.41
N THR J 298 10.55 -46.50 -38.26
CA THR J 298 11.05 -45.20 -37.82
C THR J 298 11.90 -44.55 -38.91
N SER J 299 12.78 -45.34 -39.52
CA SER J 299 13.74 -44.79 -40.47
C SER J 299 13.15 -44.53 -41.85
N ARG J 300 12.32 -45.44 -42.34
CA ARG J 300 11.57 -45.18 -43.57
C ARG J 300 10.84 -43.87 -43.37
N VAL J 301 10.11 -43.79 -42.27
CA VAL J 301 9.20 -42.67 -42.01
C VAL J 301 9.94 -41.35 -41.84
N LEU J 302 11.10 -41.39 -41.22
CA LEU J 302 11.79 -40.19 -40.78
C LEU J 302 12.34 -39.34 -41.94
N LYS J 303 11.50 -39.10 -42.95
CA LYS J 303 11.92 -38.33 -44.14
C LYS J 303 10.80 -37.47 -44.75
N VAL K 8 -14.60 -21.75 -39.78
CA VAL K 8 -14.95 -20.31 -39.64
C VAL K 8 -16.46 -20.12 -39.55
N LYS K 9 -16.92 -19.74 -38.35
CA LYS K 9 -18.32 -19.38 -38.14
C LYS K 9 -18.43 -17.92 -37.73
N SER K 10 -19.58 -17.32 -37.99
CA SER K 10 -19.82 -15.92 -37.72
C SER K 10 -19.73 -15.58 -36.23
N GLY K 11 -19.36 -14.33 -35.96
CA GLY K 11 -19.41 -13.82 -34.61
C GLY K 11 -20.83 -13.56 -34.15
N LEU K 12 -21.00 -13.25 -32.87
CA LEU K 12 -22.30 -13.01 -32.28
C LEU K 12 -22.81 -11.60 -32.59
N GLN K 13 -23.99 -11.50 -33.18
CA GLN K 13 -24.56 -10.20 -33.55
C GLN K 13 -25.77 -9.85 -32.71
N ILE K 14 -25.55 -9.20 -31.58
CA ILE K 14 -26.68 -8.77 -30.76
C ILE K 14 -27.52 -7.78 -31.54
N LYS K 15 -28.78 -8.10 -31.77
CA LYS K 15 -29.70 -7.15 -32.41
C LYS K 15 -30.15 -6.09 -31.39
N LYS K 16 -30.44 -4.88 -31.89
CA LYS K 16 -30.70 -3.76 -31.01
C LYS K 16 -32.15 -3.28 -31.08
N ASN K 17 -32.86 -3.73 -32.12
CA ASN K 17 -34.24 -3.32 -32.32
C ASN K 17 -35.11 -4.05 -31.33
N ALA K 18 -36.29 -3.50 -31.07
CA ALA K 18 -37.20 -4.08 -30.09
C ALA K 18 -37.50 -5.53 -30.47
N ILE K 19 -37.28 -6.45 -29.55
CA ILE K 19 -37.56 -7.86 -29.82
C ILE K 19 -39.00 -8.04 -30.23
N ILE K 20 -39.84 -7.04 -29.93
CA ILE K 20 -41.26 -7.15 -30.20
C ILE K 20 -41.60 -6.71 -31.63
N ASP K 21 -40.56 -6.38 -32.39
CA ASP K 21 -40.73 -6.12 -33.80
C ASP K 21 -40.69 -7.42 -34.58
N ASP K 22 -40.27 -8.49 -33.91
CA ASP K 22 -39.91 -9.71 -34.62
C ASP K 22 -40.62 -10.91 -34.03
N TYR K 23 -40.88 -10.86 -32.73
CA TYR K 23 -41.58 -11.93 -32.05
C TYR K 23 -42.74 -11.31 -31.29
N LYS K 24 -43.71 -12.13 -30.93
CA LYS K 24 -44.82 -11.66 -30.14
C LYS K 24 -44.48 -11.95 -28.69
N VAL K 25 -44.07 -10.90 -27.99
CA VAL K 25 -43.68 -11.01 -26.58
C VAL K 25 -44.66 -10.19 -25.78
N THR K 26 -45.14 -10.77 -24.68
CA THR K 26 -46.20 -10.16 -23.88
C THR K 26 -45.65 -9.59 -22.59
N SER K 27 -46.29 -8.54 -22.10
CA SER K 27 -45.88 -7.91 -20.86
C SER K 27 -45.90 -8.94 -19.73
N GLN K 28 -46.62 -10.04 -19.94
CA GLN K 28 -46.68 -11.11 -18.96
C GLN K 28 -45.44 -12.00 -19.05
N VAL K 29 -45.02 -12.31 -20.27
CA VAL K 29 -43.86 -13.15 -20.47
C VAL K 29 -42.59 -12.40 -20.10
N LEU K 30 -42.50 -11.14 -20.51
CA LEU K 30 -41.37 -10.31 -20.08
C LEU K 30 -41.32 -10.31 -18.56
N GLY K 31 -42.47 -10.54 -17.94
CA GLY K 31 -42.54 -10.62 -16.50
C GLY K 31 -41.94 -11.89 -15.95
N LEU K 32 -42.37 -13.04 -16.46
CA LEU K 32 -41.78 -14.32 -16.08
C LEU K 32 -40.35 -14.39 -16.59
N GLY K 33 -40.11 -13.81 -17.76
CA GLY K 33 -38.77 -13.71 -18.27
C GLY K 33 -37.79 -13.25 -17.19
N ILE K 34 -37.96 -12.01 -16.74
CA ILE K 34 -36.99 -11.40 -15.84
C ILE K 34 -36.71 -12.27 -14.62
N ASN K 35 -37.73 -12.97 -14.13
CA ASN K 35 -37.59 -13.83 -12.96
C ASN K 35 -36.69 -15.01 -13.27
N GLY K 36 -36.74 -15.49 -14.51
CA GLY K 36 -35.90 -16.60 -14.92
C GLY K 36 -36.64 -17.68 -15.68
N LYS K 37 -37.90 -17.45 -15.96
CA LYS K 37 -38.73 -18.45 -16.65
C LYS K 37 -38.39 -18.49 -18.14
N VAL K 38 -38.01 -19.67 -18.64
CA VAL K 38 -37.75 -19.84 -20.06
C VAL K 38 -39.08 -19.98 -20.78
N LEU K 39 -39.58 -18.87 -21.29
CA LEU K 39 -40.90 -18.84 -21.90
C LEU K 39 -40.83 -19.15 -23.37
N GLN K 40 -42.00 -19.32 -23.97
CA GLN K 40 -42.10 -19.69 -25.37
C GLN K 40 -42.77 -18.56 -26.12
N ILE K 41 -42.26 -18.23 -27.30
CA ILE K 41 -42.80 -17.09 -28.03
C ILE K 41 -42.99 -17.45 -29.51
N PHE K 42 -43.31 -16.48 -30.36
CA PHE K 42 -43.59 -16.76 -31.75
C PHE K 42 -43.17 -15.60 -32.65
N ASN K 43 -42.64 -15.89 -33.83
CA ASN K 43 -42.21 -14.84 -34.77
C ASN K 43 -43.42 -14.04 -35.25
N LYS K 44 -43.38 -12.74 -35.05
CA LYS K 44 -44.53 -11.89 -35.33
C LYS K 44 -44.96 -11.95 -36.80
N ARG K 45 -44.06 -12.37 -37.69
CA ARG K 45 -44.43 -12.59 -39.08
C ARG K 45 -44.46 -14.08 -39.36
N THR K 46 -43.30 -14.71 -39.22
CA THR K 46 -43.14 -16.14 -39.46
C THR K 46 -44.24 -16.94 -38.75
N GLN K 47 -44.49 -16.60 -37.49
CA GLN K 47 -45.50 -17.27 -36.68
C GLN K 47 -45.02 -18.64 -36.19
N GLU K 48 -43.72 -18.76 -35.99
CA GLU K 48 -43.11 -19.99 -35.48
C GLU K 48 -42.72 -19.85 -34.01
N LYS K 49 -42.75 -20.97 -33.29
CA LYS K 49 -42.43 -21.01 -31.87
C LYS K 49 -40.93 -20.97 -31.59
N PHE K 50 -40.57 -20.46 -30.40
CA PHE K 50 -39.19 -20.44 -29.91
C PHE K 50 -39.18 -20.35 -28.39
N ALA K 51 -38.02 -20.59 -27.77
CA ALA K 51 -37.85 -20.46 -26.33
C ALA K 51 -37.09 -19.18 -25.96
N LEU K 52 -37.71 -18.30 -25.18
CA LEU K 52 -37.10 -17.02 -24.84
C LEU K 52 -36.50 -17.03 -23.44
N LYS K 53 -35.33 -16.42 -23.31
CA LYS K 53 -34.63 -16.38 -22.03
C LYS K 53 -34.11 -14.97 -21.83
N MET K 54 -34.37 -14.39 -20.66
CA MET K 54 -34.04 -12.98 -20.43
C MET K 54 -33.06 -12.77 -19.29
N LEU K 55 -31.97 -12.09 -19.58
CA LEU K 55 -30.98 -11.77 -18.56
C LEU K 55 -30.91 -10.26 -18.37
N GLN K 56 -30.68 -9.83 -17.13
CA GLN K 56 -30.22 -8.46 -16.87
C GLN K 56 -28.78 -8.39 -17.35
N ASP K 57 -28.42 -7.30 -18.00
CA ASP K 57 -27.08 -7.20 -18.55
C ASP K 57 -25.99 -7.18 -17.47
N CYS K 58 -24.94 -7.97 -17.69
CA CYS K 58 -23.83 -8.05 -16.76
C CYS K 58 -22.65 -8.55 -17.56
N PRO K 59 -21.43 -8.18 -17.14
CA PRO K 59 -20.31 -8.90 -17.71
C PRO K 59 -20.57 -10.38 -17.52
N LYS K 60 -21.34 -10.70 -16.48
CA LYS K 60 -21.74 -12.07 -16.20
C LYS K 60 -22.73 -12.55 -17.25
N ALA K 61 -23.86 -11.86 -17.37
CA ALA K 61 -24.87 -12.21 -18.36
C ALA K 61 -24.23 -12.32 -19.73
N ARG K 62 -23.32 -11.41 -20.03
CA ARG K 62 -22.70 -11.36 -21.34
C ARG K 62 -21.66 -12.46 -21.56
N ARG K 63 -21.09 -12.94 -20.47
CA ARG K 63 -20.20 -14.08 -20.55
C ARG K 63 -21.03 -15.25 -21.03
N GLU K 64 -22.19 -15.43 -20.41
CA GLU K 64 -23.03 -16.58 -20.76
C GLU K 64 -23.34 -16.58 -22.23
N VAL K 65 -23.71 -15.41 -22.74
CA VAL K 65 -24.19 -15.28 -24.11
C VAL K 65 -23.06 -15.54 -25.09
N GLU K 66 -21.88 -15.04 -24.75
CA GLU K 66 -20.74 -15.18 -25.64
C GLU K 66 -20.35 -16.64 -25.72
N LEU K 67 -20.28 -17.29 -24.56
CA LEU K 67 -19.89 -18.68 -24.50
C LEU K 67 -20.98 -19.60 -25.04
N HIS K 68 -22.22 -19.34 -24.67
CA HIS K 68 -23.31 -20.15 -25.18
C HIS K 68 -23.26 -20.15 -26.71
N TRP K 69 -22.94 -18.99 -27.27
CA TRP K 69 -22.97 -18.81 -28.73
C TRP K 69 -21.88 -19.61 -29.44
N ARG K 70 -20.70 -19.70 -28.81
CA ARG K 70 -19.58 -20.41 -29.41
C ARG K 70 -19.83 -21.90 -29.38
N ALA K 71 -20.62 -22.34 -28.41
CA ALA K 71 -20.95 -23.76 -28.27
C ALA K 71 -22.17 -24.05 -29.11
N SER K 72 -22.86 -22.99 -29.53
CA SER K 72 -24.10 -23.14 -30.25
C SER K 72 -23.87 -24.02 -31.48
N GLN K 73 -22.66 -23.92 -32.04
CA GLN K 73 -22.23 -24.74 -33.17
C GLN K 73 -22.56 -26.21 -32.98
N CYS K 74 -22.05 -26.80 -31.89
CA CYS K 74 -22.29 -28.21 -31.65
C CYS K 74 -23.77 -28.52 -31.72
N PRO K 75 -24.12 -29.64 -32.36
CA PRO K 75 -25.50 -30.10 -32.60
C PRO K 75 -26.23 -30.51 -31.31
N HIS K 76 -25.48 -30.99 -30.33
CA HIS K 76 -26.08 -31.45 -29.08
C HIS K 76 -26.24 -30.31 -28.07
N ILE K 77 -26.03 -29.08 -28.51
CA ILE K 77 -26.19 -27.95 -27.63
C ILE K 77 -27.32 -27.04 -28.07
N VAL K 78 -28.16 -26.64 -27.15
CA VAL K 78 -29.34 -25.90 -27.54
C VAL K 78 -28.93 -24.67 -28.36
N ARG K 79 -29.71 -24.35 -29.36
CA ARG K 79 -29.31 -23.37 -30.35
C ARG K 79 -29.82 -21.97 -30.05
N ILE K 80 -28.91 -21.01 -30.04
CA ILE K 80 -29.30 -19.63 -29.96
C ILE K 80 -29.70 -19.14 -31.35
N VAL K 81 -30.89 -18.60 -31.45
CA VAL K 81 -31.41 -18.09 -32.70
C VAL K 81 -31.06 -16.62 -32.85
N ASP K 82 -31.55 -15.77 -31.96
CA ASP K 82 -31.09 -14.38 -31.91
C ASP K 82 -30.72 -13.98 -30.47
N VAL K 83 -29.88 -12.97 -30.33
CA VAL K 83 -29.71 -12.30 -29.05
C VAL K 83 -30.05 -10.83 -29.20
N TYR K 84 -31.06 -10.38 -28.45
CA TYR K 84 -31.41 -8.96 -28.43
C TYR K 84 -30.84 -8.28 -27.19
N GLU K 85 -30.49 -7.00 -27.35
CA GLU K 85 -30.24 -6.12 -26.22
C GLU K 85 -31.26 -4.99 -26.28
N ASN K 86 -32.32 -5.13 -25.51
CA ASN K 86 -33.35 -4.10 -25.43
C ASN K 86 -33.29 -3.37 -24.11
N LEU K 87 -33.97 -2.23 -24.05
CA LEU K 87 -34.33 -1.61 -22.79
C LEU K 87 -35.62 -2.26 -22.29
N TYR K 88 -35.62 -2.70 -21.04
CA TYR K 88 -36.84 -3.11 -20.37
C TYR K 88 -36.79 -2.65 -18.92
N ALA K 89 -37.86 -1.98 -18.48
CA ALA K 89 -37.83 -1.31 -17.19
C ALA K 89 -36.63 -0.38 -17.22
N GLY K 90 -36.46 0.31 -18.33
CA GLY K 90 -35.35 1.23 -18.49
C GLY K 90 -34.01 0.52 -18.45
N ARG K 91 -33.95 -0.59 -17.72
CA ARG K 91 -32.73 -1.39 -17.63
C ARG K 91 -32.33 -1.94 -19.00
N LYS K 92 -31.04 -2.21 -19.14
CA LYS K 92 -30.55 -3.03 -20.24
C LYS K 92 -30.70 -4.48 -19.86
N CYS K 93 -31.18 -5.30 -20.78
CA CYS K 93 -31.05 -6.74 -20.62
C CYS K 93 -30.86 -7.49 -21.93
N LEU K 94 -30.34 -8.69 -21.82
CA LEU K 94 -30.14 -9.58 -22.96
C LEU K 94 -31.28 -10.57 -23.08
N LEU K 95 -32.02 -10.49 -24.19
CA LEU K 95 -33.09 -11.42 -24.46
C LEU K 95 -32.59 -12.50 -25.44
N ILE K 96 -32.42 -13.73 -24.96
CA ILE K 96 -31.92 -14.83 -25.80
C ILE K 96 -33.00 -15.71 -26.41
N VAL K 97 -33.32 -15.49 -27.69
CA VAL K 97 -34.24 -16.39 -28.42
C VAL K 97 -33.59 -17.72 -28.82
N MET K 98 -33.93 -18.81 -28.14
CA MET K 98 -33.42 -20.14 -28.52
C MET K 98 -34.40 -20.94 -29.36
N GLU K 99 -33.96 -22.13 -29.78
CA GLU K 99 -34.87 -23.07 -30.41
C GLU K 99 -35.66 -23.71 -29.28
N CYS K 100 -36.92 -24.04 -29.56
CA CYS K 100 -37.79 -24.51 -28.51
C CYS K 100 -37.70 -26.01 -28.31
N LEU K 101 -37.03 -26.44 -27.26
CA LEU K 101 -36.98 -27.86 -26.93
C LEU K 101 -38.27 -28.25 -26.23
N ASP K 102 -38.95 -29.29 -26.73
CA ASP K 102 -40.20 -29.74 -26.11
C ASP K 102 -40.20 -31.15 -25.54
N GLY K 103 -39.33 -32.01 -26.06
CA GLY K 103 -39.31 -33.37 -25.56
C GLY K 103 -39.20 -33.47 -24.05
N GLY K 104 -38.95 -32.35 -23.39
CA GLY K 104 -38.86 -32.34 -21.94
C GLY K 104 -37.57 -32.97 -21.44
N GLU K 105 -37.43 -33.06 -20.13
CA GLU K 105 -36.16 -33.45 -19.53
C GLU K 105 -35.80 -34.90 -19.78
N LEU K 106 -34.52 -35.22 -19.67
CA LEU K 106 -34.03 -36.56 -19.97
C LEU K 106 -34.70 -37.63 -19.13
N PHE K 107 -34.79 -37.41 -17.81
CA PHE K 107 -35.37 -38.42 -16.92
C PHE K 107 -36.88 -38.41 -16.96
N SER K 108 -37.45 -37.23 -17.18
CA SER K 108 -38.90 -37.09 -17.26
C SER K 108 -39.43 -37.96 -18.39
N ARG K 109 -38.64 -38.11 -19.43
CA ARG K 109 -39.03 -38.88 -20.59
C ARG K 109 -38.90 -40.37 -20.32
N ILE K 110 -37.75 -40.78 -19.82
CA ILE K 110 -37.42 -42.19 -19.64
C ILE K 110 -38.39 -42.88 -18.71
N GLN K 111 -38.85 -42.16 -17.69
CA GLN K 111 -39.80 -42.71 -16.74
C GLN K 111 -41.15 -42.93 -17.41
N ASP K 112 -41.53 -42.03 -18.31
CA ASP K 112 -42.84 -42.09 -18.93
C ASP K 112 -42.85 -42.84 -20.25
N ARG K 113 -41.83 -43.65 -20.47
CA ARG K 113 -41.88 -44.68 -21.49
C ARG K 113 -41.89 -46.05 -20.83
N GLY K 114 -43.08 -46.49 -20.43
CA GLY K 114 -43.24 -47.79 -19.82
C GLY K 114 -44.22 -48.68 -20.55
N ASP K 115 -44.10 -49.98 -20.34
CA ASP K 115 -43.03 -50.52 -19.52
C ASP K 115 -41.85 -50.90 -20.40
N GLN K 116 -41.45 -49.96 -21.27
CA GLN K 116 -40.28 -50.16 -22.11
C GLN K 116 -39.06 -50.46 -21.25
N ALA K 117 -38.52 -51.66 -21.39
CA ALA K 117 -37.30 -52.03 -20.69
C ALA K 117 -36.18 -51.14 -21.21
N PHE K 118 -35.92 -50.05 -20.49
CA PHE K 118 -34.77 -49.21 -20.79
C PHE K 118 -33.51 -50.07 -20.67
N THR K 119 -32.73 -50.11 -21.74
CA THR K 119 -31.56 -50.99 -21.78
C THR K 119 -30.30 -50.17 -21.56
N GLU K 120 -29.24 -50.83 -21.07
CA GLU K 120 -27.94 -50.18 -20.93
C GLU K 120 -27.28 -50.08 -22.30
N ARG K 121 -28.10 -50.13 -23.34
CA ARG K 121 -27.67 -49.77 -24.68
C ARG K 121 -28.22 -48.39 -25.02
N GLU K 122 -29.40 -48.10 -24.49
CA GLU K 122 -29.93 -46.75 -24.57
C GLU K 122 -29.18 -45.85 -23.60
N ALA K 123 -28.90 -46.36 -22.41
CA ALA K 123 -28.12 -45.64 -21.43
C ALA K 123 -26.80 -45.22 -22.04
N SER K 124 -26.12 -46.18 -22.65
CA SER K 124 -24.81 -45.96 -23.25
C SER K 124 -24.87 -44.99 -24.44
N GLU K 125 -25.88 -45.15 -25.28
CA GLU K 125 -26.06 -44.19 -26.36
C GLU K 125 -26.22 -42.81 -25.74
N ILE K 126 -27.29 -42.62 -24.99
CA ILE K 126 -27.56 -41.34 -24.34
C ILE K 126 -26.30 -40.69 -23.82
N MET K 127 -25.54 -41.39 -22.99
CA MET K 127 -24.31 -40.85 -22.45
C MET K 127 -23.38 -40.39 -23.56
N LYS K 128 -23.07 -41.29 -24.49
CA LYS K 128 -22.30 -40.93 -25.67
C LYS K 128 -22.78 -39.59 -26.20
N SER K 129 -24.09 -39.52 -26.46
CA SER K 129 -24.74 -38.29 -26.89
C SER K 129 -24.29 -37.08 -26.07
N ILE K 130 -24.31 -37.21 -24.74
CA ILE K 130 -23.98 -36.11 -23.85
C ILE K 130 -22.48 -35.84 -23.89
N GLY K 131 -21.70 -36.91 -23.96
CA GLY K 131 -20.25 -36.77 -23.94
C GLY K 131 -19.75 -36.01 -25.15
N GLU K 132 -20.57 -35.97 -26.20
CA GLU K 132 -20.18 -35.24 -27.41
C GLU K 132 -20.36 -33.75 -27.20
N ALA K 133 -21.40 -33.36 -26.46
CA ALA K 133 -21.59 -31.96 -26.14
C ALA K 133 -20.43 -31.47 -25.27
N ILE K 134 -20.00 -32.30 -24.34
CA ILE K 134 -18.97 -31.88 -23.39
C ILE K 134 -17.62 -31.88 -24.09
N GLN K 135 -17.46 -32.79 -25.06
CA GLN K 135 -16.20 -32.90 -25.77
C GLN K 135 -15.98 -31.68 -26.67
N TYR K 136 -17.02 -31.24 -27.37
CA TYR K 136 -16.88 -30.05 -28.19
C TYR K 136 -16.58 -28.86 -27.31
N LEU K 137 -17.34 -28.73 -26.23
CA LEU K 137 -17.16 -27.61 -25.32
C LEU K 137 -15.71 -27.57 -24.86
N HIS K 138 -15.22 -28.70 -24.37
CA HIS K 138 -13.86 -28.75 -23.83
C HIS K 138 -12.78 -28.54 -24.89
N SER K 139 -13.07 -28.88 -26.13
CA SER K 139 -12.10 -28.70 -27.19
C SER K 139 -11.98 -27.23 -27.57
N ILE K 140 -13.06 -26.47 -27.38
CA ILE K 140 -12.97 -25.01 -27.51
C ILE K 140 -12.82 -24.32 -26.15
N ASN K 141 -12.39 -25.07 -25.14
CA ASN K 141 -11.99 -24.53 -23.85
C ASN K 141 -13.10 -24.00 -22.96
N ILE K 142 -14.26 -24.65 -23.02
CA ILE K 142 -15.39 -24.22 -22.21
C ILE K 142 -15.90 -25.33 -21.30
N ALA K 143 -15.85 -25.09 -19.99
CA ALA K 143 -16.44 -26.02 -19.03
C ALA K 143 -17.85 -25.57 -18.77
N HIS K 144 -18.80 -26.51 -18.75
CA HIS K 144 -20.19 -26.14 -18.63
C HIS K 144 -20.50 -25.88 -17.16
N ARG K 145 -20.07 -26.78 -16.31
CA ARG K 145 -20.13 -26.53 -14.88
C ARG K 145 -21.55 -26.53 -14.34
N ASP K 146 -22.53 -26.83 -15.17
CA ASP K 146 -23.88 -27.01 -14.67
C ASP K 146 -24.60 -28.08 -15.48
N VAL K 147 -23.88 -29.16 -15.74
CA VAL K 147 -24.41 -30.30 -16.46
C VAL K 147 -25.16 -31.19 -15.49
N LYS K 148 -26.46 -30.95 -15.39
CA LYS K 148 -27.33 -31.75 -14.54
C LYS K 148 -28.55 -32.13 -15.34
N PRO K 149 -29.36 -33.07 -14.81
CA PRO K 149 -30.54 -33.57 -15.52
C PRO K 149 -31.44 -32.46 -16.08
N GLU K 150 -31.69 -31.42 -15.30
CA GLU K 150 -32.62 -30.40 -15.74
C GLU K 150 -32.08 -29.54 -16.88
N ASN K 151 -30.80 -29.70 -17.21
CA ASN K 151 -30.21 -28.97 -18.34
C ASN K 151 -29.99 -29.84 -19.56
N LEU K 152 -30.60 -31.03 -19.52
CA LEU K 152 -30.63 -31.92 -20.67
C LEU K 152 -32.09 -32.14 -21.05
N LEU K 153 -32.52 -31.62 -22.20
CA LEU K 153 -33.84 -31.95 -22.70
C LEU K 153 -33.98 -32.08 -24.21
N TYR K 154 -35.11 -32.65 -24.63
CA TYR K 154 -35.29 -33.15 -25.99
C TYR K 154 -35.95 -32.14 -26.91
N THR K 155 -35.64 -32.23 -28.20
CA THR K 155 -36.20 -31.29 -29.15
C THR K 155 -37.70 -31.45 -29.24
N SER K 156 -38.17 -32.62 -29.66
CA SER K 156 -39.60 -32.85 -29.85
C SER K 156 -40.12 -34.00 -29.01
N LYS K 157 -41.41 -34.27 -29.16
CA LYS K 157 -42.04 -35.37 -28.45
C LYS K 157 -41.86 -36.66 -29.23
N ARG K 158 -41.44 -36.53 -30.48
CA ARG K 158 -41.24 -37.68 -31.35
C ARG K 158 -40.28 -38.67 -30.71
N PRO K 159 -40.38 -39.95 -31.11
CA PRO K 159 -39.57 -41.04 -30.56
C PRO K 159 -38.10 -40.95 -30.95
N ASN K 160 -37.80 -40.02 -31.85
CA ASN K 160 -36.45 -39.89 -32.39
C ASN K 160 -35.83 -38.53 -32.08
N ALA K 161 -36.55 -37.72 -31.30
CA ALA K 161 -36.06 -36.39 -30.92
C ALA K 161 -34.68 -36.46 -30.32
N ILE K 162 -33.89 -35.40 -30.54
CA ILE K 162 -32.50 -35.36 -30.13
C ILE K 162 -32.33 -34.60 -28.81
N LEU K 163 -31.35 -35.03 -28.01
CA LEU K 163 -31.13 -34.48 -26.66
C LEU K 163 -30.08 -33.37 -26.66
N LYS K 164 -30.33 -32.28 -25.94
CA LYS K 164 -29.47 -31.11 -26.00
C LYS K 164 -29.18 -30.42 -24.69
N LEU K 165 -27.90 -30.08 -24.46
CA LEU K 165 -27.48 -29.37 -23.26
C LEU K 165 -27.90 -27.89 -23.28
N THR K 166 -28.37 -27.40 -22.12
CA THR K 166 -28.90 -26.05 -22.00
C THR K 166 -28.34 -25.32 -20.79
N ASP K 167 -28.67 -24.03 -20.69
CA ASP K 167 -28.32 -23.20 -19.56
C ASP K 167 -26.82 -23.03 -19.42
N PHE K 168 -26.32 -21.89 -19.89
CA PHE K 168 -24.89 -21.60 -19.84
C PHE K 168 -24.54 -20.47 -18.86
N GLY K 169 -25.27 -20.41 -17.76
CA GLY K 169 -25.02 -19.36 -16.78
C GLY K 169 -23.89 -19.67 -15.83
N PHE K 170 -23.28 -20.84 -15.95
CA PHE K 170 -22.15 -21.22 -15.09
C PHE K 170 -20.92 -21.50 -15.93
N ALA K 171 -21.05 -21.36 -17.25
CA ALA K 171 -19.97 -21.73 -18.16
C ALA K 171 -18.76 -20.80 -17.98
N LYS K 172 -17.57 -21.40 -17.97
CA LYS K 172 -16.34 -20.64 -17.91
C LYS K 172 -15.34 -21.11 -18.95
N GLU K 173 -14.52 -20.18 -19.44
CA GLU K 173 -13.39 -20.53 -20.27
C GLU K 173 -12.30 -21.07 -19.37
N THR K 174 -11.70 -22.18 -19.78
CA THR K 174 -10.64 -22.80 -19.01
C THR K 174 -9.33 -22.06 -19.23
N THR K 175 -9.02 -21.79 -20.49
CA THR K 175 -7.74 -21.20 -20.87
C THR K 175 -7.70 -19.70 -20.57
N SER K 176 -6.51 -19.22 -20.22
CA SER K 176 -6.30 -17.78 -20.03
C SER K 176 -5.56 -17.20 -21.23
N VAL K 190 4.97 -27.46 -26.28
CA VAL K 190 5.46 -28.37 -25.25
C VAL K 190 4.27 -29.02 -24.54
N ALA K 191 4.46 -29.44 -23.30
CA ALA K 191 3.42 -30.09 -22.53
C ALA K 191 2.19 -29.18 -22.40
N PRO K 192 0.98 -29.76 -22.48
CA PRO K 192 -0.23 -28.95 -22.42
C PRO K 192 -0.30 -28.14 -21.13
N GLU K 193 0.25 -28.70 -20.06
CA GLU K 193 0.39 -28.00 -18.79
C GLU K 193 1.09 -26.65 -18.95
N VAL K 194 1.55 -26.38 -20.16
CA VAL K 194 2.26 -25.13 -20.45
C VAL K 194 1.52 -24.38 -21.55
N LEU K 195 0.36 -24.90 -21.93
CA LEU K 195 -0.44 -24.28 -22.99
C LEU K 195 -1.51 -23.36 -22.41
N TYR K 200 -10.64 -28.79 -10.98
CA TYR K 200 -10.80 -27.67 -11.91
C TYR K 200 -12.14 -27.72 -12.65
N ASP K 201 -12.34 -26.77 -13.56
CA ASP K 201 -13.60 -26.59 -14.24
C ASP K 201 -13.97 -27.77 -15.12
N LYS K 202 -13.02 -28.26 -15.91
CA LYS K 202 -13.31 -29.29 -16.89
C LYS K 202 -13.70 -30.60 -16.23
N SER K 203 -12.94 -30.97 -15.19
CA SER K 203 -13.16 -32.22 -14.48
C SER K 203 -14.49 -32.18 -13.74
N CYS K 204 -14.97 -30.98 -13.49
CA CYS K 204 -16.28 -30.80 -12.90
C CYS K 204 -17.33 -31.36 -13.85
N ASP K 205 -17.16 -31.06 -15.15
CA ASP K 205 -18.07 -31.58 -16.16
C ASP K 205 -18.07 -33.11 -16.16
N MET K 206 -16.93 -33.70 -15.83
CA MET K 206 -16.74 -35.13 -15.93
C MET K 206 -17.37 -35.86 -14.76
N TRP K 207 -17.30 -35.23 -13.59
CA TRP K 207 -18.00 -35.71 -12.41
C TRP K 207 -19.51 -35.74 -12.68
N SER K 208 -20.03 -34.66 -13.25
CA SER K 208 -21.45 -34.59 -13.53
C SER K 208 -21.88 -35.75 -14.39
N LEU K 209 -21.05 -36.06 -15.38
CA LEU K 209 -21.34 -37.15 -16.31
C LEU K 209 -21.47 -38.44 -15.52
N GLY K 210 -20.53 -38.65 -14.60
CA GLY K 210 -20.60 -39.83 -13.75
C GLY K 210 -21.89 -39.93 -12.97
N VAL K 211 -22.40 -38.81 -12.48
CA VAL K 211 -23.65 -38.83 -11.73
C VAL K 211 -24.82 -39.15 -12.64
N ILE K 212 -24.93 -38.44 -13.75
CA ILE K 212 -26.02 -38.68 -14.69
C ILE K 212 -26.00 -40.13 -15.15
N MET K 213 -24.84 -40.58 -15.62
CA MET K 213 -24.67 -41.97 -16.04
C MET K 213 -25.24 -42.90 -14.98
N TYR K 214 -24.74 -42.78 -13.75
CA TYR K 214 -25.21 -43.57 -12.63
C TYR K 214 -26.73 -43.55 -12.52
N ILE K 215 -27.32 -42.38 -12.52
CA ILE K 215 -28.77 -42.30 -12.46
C ILE K 215 -29.37 -43.05 -13.63
N LEU K 216 -28.81 -42.84 -14.82
CA LEU K 216 -29.35 -43.48 -16.01
C LEU K 216 -29.51 -44.98 -15.83
N LEU K 217 -28.67 -45.58 -14.99
CA LEU K 217 -28.65 -47.03 -14.91
C LEU K 217 -29.58 -47.62 -13.87
N CYS K 218 -29.76 -46.93 -12.74
CA CYS K 218 -30.60 -47.48 -11.68
C CYS K 218 -31.84 -46.65 -11.37
N GLY K 219 -31.75 -45.33 -11.54
CA GLY K 219 -32.91 -44.50 -11.36
C GLY K 219 -32.81 -43.54 -10.18
N TYR K 220 -31.78 -43.72 -9.36
CA TYR K 220 -31.53 -42.82 -8.25
C TYR K 220 -30.07 -42.39 -8.27
N PRO K 221 -29.77 -41.19 -7.75
CA PRO K 221 -28.43 -40.63 -7.81
C PRO K 221 -27.48 -41.39 -6.88
N PRO K 222 -26.17 -41.29 -7.12
CA PRO K 222 -25.16 -42.00 -6.32
C PRO K 222 -25.15 -41.58 -4.86
N PHE K 223 -25.32 -40.29 -4.61
CA PHE K 223 -25.40 -39.77 -3.26
C PHE K 223 -26.82 -39.27 -3.03
N TYR K 224 -27.36 -39.54 -1.86
CA TYR K 224 -28.75 -39.23 -1.55
C TYR K 224 -28.95 -39.07 -0.05
N SER K 232 -29.07 -31.61 3.50
CA SER K 232 -28.67 -32.63 4.46
C SER K 232 -27.19 -32.57 4.78
N PRO K 233 -26.83 -32.74 6.05
CA PRO K 233 -25.42 -32.73 6.47
C PRO K 233 -24.68 -34.01 6.05
N GLY K 234 -25.36 -35.14 6.16
CA GLY K 234 -24.69 -36.42 6.00
C GLY K 234 -24.46 -36.84 4.57
N MET K 235 -25.18 -36.22 3.65
CA MET K 235 -24.96 -36.44 2.23
C MET K 235 -23.75 -35.64 1.80
N LYS K 236 -23.74 -34.37 2.17
CA LYS K 236 -22.62 -33.49 1.92
C LYS K 236 -21.33 -34.12 2.41
N THR K 237 -21.47 -35.13 3.28
CA THR K 237 -20.32 -35.88 3.77
C THR K 237 -20.04 -37.06 2.87
N ARG K 238 -21.09 -37.62 2.28
CA ARG K 238 -20.97 -38.78 1.42
C ARG K 238 -20.44 -38.39 0.05
N ILE K 239 -20.72 -37.16 -0.36
CA ILE K 239 -20.16 -36.64 -1.60
C ILE K 239 -18.68 -36.38 -1.41
N ARG K 240 -18.30 -35.92 -0.22
CA ARG K 240 -16.91 -35.60 0.06
C ARG K 240 -16.05 -36.83 0.34
N MET K 241 -16.62 -37.83 1.00
CA MET K 241 -15.87 -39.06 1.23
C MET K 241 -15.91 -39.92 -0.01
N GLY K 242 -16.94 -39.70 -0.84
CA GLY K 242 -17.10 -40.51 -2.03
C GLY K 242 -17.79 -41.82 -1.70
N GLN K 243 -18.59 -41.80 -0.64
CA GLN K 243 -19.23 -43.01 -0.15
C GLN K 243 -20.51 -43.31 -0.91
N TYR K 244 -20.48 -44.38 -1.71
CA TYR K 244 -21.64 -44.81 -2.48
C TYR K 244 -21.43 -46.27 -2.90
N GLU K 245 -22.49 -46.91 -3.38
CA GLU K 245 -22.44 -48.32 -3.73
C GLU K 245 -23.21 -48.57 -5.01
N PHE K 246 -23.06 -49.78 -5.55
CA PHE K 246 -23.90 -50.23 -6.66
C PHE K 246 -24.78 -51.39 -6.20
N PRO K 247 -25.88 -51.07 -5.51
CA PRO K 247 -26.67 -52.10 -4.83
C PRO K 247 -27.45 -52.99 -5.78
N ASN K 248 -27.71 -54.22 -5.36
CA ASN K 248 -28.67 -55.09 -6.03
C ASN K 248 -29.98 -54.94 -5.28
N PRO K 249 -31.12 -55.13 -5.97
CA PRO K 249 -31.27 -55.71 -7.31
C PRO K 249 -30.78 -54.77 -8.40
N GLU K 250 -30.86 -53.48 -8.11
CA GLU K 250 -30.60 -52.41 -9.07
C GLU K 250 -29.46 -52.68 -10.05
N TRP K 251 -28.27 -52.96 -9.51
CA TRP K 251 -27.05 -52.95 -10.31
C TRP K 251 -26.45 -54.33 -10.53
N SER K 252 -27.09 -55.37 -10.02
CA SER K 252 -26.57 -56.72 -10.17
C SER K 252 -26.46 -57.07 -11.65
N GLU K 253 -27.39 -56.56 -12.43
CA GLU K 253 -27.44 -56.86 -13.86
C GLU K 253 -26.35 -56.13 -14.64
N VAL K 254 -26.06 -54.89 -14.24
CA VAL K 254 -25.12 -54.03 -14.95
C VAL K 254 -23.71 -54.61 -14.94
N SER K 255 -22.96 -54.35 -16.01
CA SER K 255 -21.63 -54.95 -16.16
C SER K 255 -20.57 -54.29 -15.29
N GLU K 256 -19.70 -55.12 -14.73
CA GLU K 256 -18.57 -54.64 -13.93
C GLU K 256 -17.84 -53.50 -14.62
N GLU K 257 -17.95 -53.43 -15.94
CA GLU K 257 -17.19 -52.44 -16.70
C GLU K 257 -17.80 -51.04 -16.61
N VAL K 258 -19.12 -50.96 -16.74
CA VAL K 258 -19.78 -49.67 -16.65
C VAL K 258 -19.61 -49.14 -15.23
N LYS K 259 -19.74 -50.05 -14.26
CA LYS K 259 -19.49 -49.69 -12.87
C LYS K 259 -18.10 -49.11 -12.79
N MET K 260 -17.14 -49.79 -13.42
CA MET K 260 -15.74 -49.48 -13.25
C MET K 260 -15.41 -48.12 -13.84
N LEU K 261 -16.17 -47.74 -14.87
CA LEU K 261 -16.03 -46.42 -15.49
C LEU K 261 -16.72 -45.37 -14.64
N ILE K 262 -17.73 -45.80 -13.90
CA ILE K 262 -18.44 -44.91 -12.99
C ILE K 262 -17.61 -44.63 -11.77
N ARG K 263 -17.05 -45.68 -11.18
CA ARG K 263 -16.17 -45.51 -10.03
C ARG K 263 -15.07 -44.51 -10.37
N ASN K 264 -14.88 -44.26 -11.66
CA ASN K 264 -13.78 -43.41 -12.07
C ASN K 264 -14.18 -41.95 -12.22
N LEU K 265 -15.32 -41.70 -12.85
CA LEU K 265 -15.80 -40.34 -13.06
C LEU K 265 -16.16 -39.71 -11.73
N LEU K 266 -16.46 -40.55 -10.73
CA LEU K 266 -16.85 -40.07 -9.41
C LEU K 266 -15.69 -40.05 -8.45
N LYS K 267 -14.48 -40.19 -8.97
CA LYS K 267 -13.31 -40.07 -8.12
C LYS K 267 -13.35 -38.72 -7.41
N THR K 268 -12.98 -38.75 -6.14
CA THR K 268 -13.00 -37.57 -5.29
C THR K 268 -11.89 -36.59 -5.65
N GLU K 269 -10.68 -37.10 -5.74
CA GLU K 269 -9.56 -36.27 -6.19
C GLU K 269 -9.79 -35.93 -7.66
N PRO K 270 -10.16 -34.67 -7.95
CA PRO K 270 -10.59 -34.32 -9.30
C PRO K 270 -9.59 -34.69 -10.38
N THR K 271 -8.31 -34.44 -10.12
CA THR K 271 -7.27 -34.78 -11.08
C THR K 271 -7.14 -36.27 -11.31
N GLN K 272 -7.92 -37.09 -10.61
CA GLN K 272 -7.85 -38.52 -10.85
C GLN K 272 -8.83 -38.96 -11.94
N ARG K 273 -9.83 -38.14 -12.23
CA ARG K 273 -10.86 -38.53 -13.17
C ARG K 273 -10.34 -38.52 -14.60
N MET K 274 -11.06 -39.18 -15.49
CA MET K 274 -10.61 -39.26 -16.87
C MET K 274 -11.11 -38.05 -17.64
N THR K 275 -10.32 -37.57 -18.60
CA THR K 275 -10.76 -36.46 -19.41
C THR K 275 -11.96 -36.85 -20.27
N ILE K 276 -12.58 -35.87 -20.89
CA ILE K 276 -13.71 -36.14 -21.75
C ILE K 276 -13.25 -36.95 -22.95
N THR K 277 -12.00 -36.74 -23.36
CA THR K 277 -11.43 -37.49 -24.47
C THR K 277 -11.28 -38.97 -24.14
N GLU K 278 -10.66 -39.25 -22.99
CA GLU K 278 -10.58 -40.63 -22.50
C GLU K 278 -11.97 -41.23 -22.33
N PHE K 279 -12.91 -40.40 -21.91
CA PHE K 279 -14.28 -40.86 -21.75
C PHE K 279 -14.83 -41.35 -23.09
N MET K 280 -14.69 -40.53 -24.12
CA MET K 280 -15.25 -40.86 -25.43
C MET K 280 -14.51 -42.03 -26.08
N ASN K 281 -13.33 -42.37 -25.54
CA ASN K 281 -12.54 -43.47 -26.04
C ASN K 281 -12.67 -44.73 -25.17
N HIS K 282 -13.63 -44.71 -24.26
CA HIS K 282 -13.93 -45.91 -23.49
C HIS K 282 -14.85 -46.78 -24.34
N PRO K 283 -14.59 -48.09 -24.36
CA PRO K 283 -15.36 -49.08 -25.11
C PRO K 283 -16.86 -49.06 -24.83
N TRP K 284 -17.25 -48.74 -23.61
CA TRP K 284 -18.67 -48.73 -23.28
C TRP K 284 -19.36 -47.53 -23.91
N ILE K 285 -18.57 -46.53 -24.30
CA ILE K 285 -19.11 -45.37 -25.00
C ILE K 285 -18.76 -45.45 -26.49
N MET K 286 -17.55 -45.89 -26.78
CA MET K 286 -17.08 -45.97 -28.15
C MET K 286 -17.81 -47.08 -28.91
N GLN K 287 -17.56 -48.32 -28.50
CA GLN K 287 -18.29 -49.46 -29.07
C GLN K 287 -19.67 -49.55 -28.42
N SER K 288 -20.60 -48.75 -28.92
CA SER K 288 -21.89 -48.59 -28.27
C SER K 288 -22.75 -49.83 -28.44
N THR K 289 -22.96 -50.23 -29.68
CA THR K 289 -23.91 -51.29 -29.99
C THR K 289 -23.29 -52.64 -29.71
N LYS K 290 -22.17 -52.64 -29.00
CA LYS K 290 -21.53 -53.87 -28.55
C LYS K 290 -21.84 -54.06 -27.07
N VAL K 291 -22.73 -53.23 -26.54
CA VAL K 291 -23.14 -53.36 -25.15
C VAL K 291 -24.46 -54.11 -25.06
N PRO K 292 -24.67 -54.82 -23.94
CA PRO K 292 -25.87 -55.60 -23.67
C PRO K 292 -27.16 -54.77 -23.67
N GLN K 293 -28.17 -55.27 -24.36
CA GLN K 293 -29.51 -54.70 -24.27
C GLN K 293 -30.14 -55.08 -22.93
N THR K 294 -29.36 -55.69 -22.05
CA THR K 294 -29.85 -56.03 -20.73
C THR K 294 -30.61 -54.87 -20.11
N PRO K 295 -31.80 -55.17 -19.56
CA PRO K 295 -32.73 -54.16 -19.03
C PRO K 295 -32.27 -53.54 -17.71
N LEU K 296 -32.80 -52.36 -17.42
CA LEU K 296 -32.48 -51.60 -16.21
C LEU K 296 -33.78 -51.29 -15.50
N HIS K 297 -33.71 -51.03 -14.20
CA HIS K 297 -34.90 -50.69 -13.42
C HIS K 297 -35.23 -49.20 -13.49
N THR K 298 -34.39 -48.44 -14.17
CA THR K 298 -34.44 -46.98 -14.12
C THR K 298 -35.85 -46.41 -14.27
N SER K 299 -36.52 -46.74 -15.37
CA SER K 299 -37.80 -46.11 -15.67
C SER K 299 -38.82 -46.35 -14.57
N ARG K 300 -38.89 -47.58 -14.10
CA ARG K 300 -39.87 -47.91 -13.07
C ARG K 300 -39.47 -47.28 -11.74
N VAL K 301 -38.17 -47.22 -11.47
CA VAL K 301 -37.69 -46.57 -10.26
C VAL K 301 -37.90 -45.07 -10.34
N LEU K 302 -37.61 -44.51 -11.51
CA LEU K 302 -37.72 -43.07 -11.74
C LEU K 302 -39.08 -42.55 -11.26
N LYS K 303 -40.13 -43.32 -11.53
CA LYS K 303 -41.48 -42.94 -11.11
C LYS K 303 -41.53 -42.76 -9.60
N GLU K 304 -41.54 -41.49 -9.18
CA GLU K 304 -41.43 -41.13 -7.77
C GLU K 304 -41.46 -39.61 -7.56
N VAL L 8 -25.81 -36.13 18.45
CA VAL L 8 -25.63 -34.90 19.26
C VAL L 8 -24.96 -35.15 20.60
N LYS L 9 -23.81 -34.52 20.79
CA LYS L 9 -23.09 -34.67 22.03
C LYS L 9 -22.55 -33.35 22.55
N SER L 10 -22.17 -33.34 23.82
CA SER L 10 -21.91 -32.08 24.49
C SER L 10 -20.73 -31.36 23.88
N GLY L 11 -20.78 -30.02 23.92
CA GLY L 11 -19.64 -29.23 23.51
C GLY L 11 -18.58 -29.27 24.58
N LEU L 12 -17.39 -28.77 24.25
CA LEU L 12 -16.27 -28.83 25.16
C LEU L 12 -16.41 -27.76 26.22
N GLN L 13 -16.24 -28.14 27.47
CA GLN L 13 -16.44 -27.23 28.58
C GLN L 13 -15.18 -27.08 29.40
N ILE L 14 -14.28 -26.21 28.96
CA ILE L 14 -13.09 -25.84 29.72
C ILE L 14 -13.42 -25.49 31.17
N LYS L 15 -12.95 -26.31 32.11
CA LYS L 15 -13.12 -26.05 33.52
C LYS L 15 -12.12 -24.98 33.97
N LYS L 16 -12.48 -24.19 34.97
CA LYS L 16 -11.64 -23.08 35.37
C LYS L 16 -11.09 -23.29 36.76
N ASN L 17 -11.67 -24.25 37.49
CA ASN L 17 -11.25 -24.47 38.85
C ASN L 17 -9.87 -25.09 38.82
N ALA L 18 -9.12 -24.95 39.90
CA ALA L 18 -7.78 -25.54 39.95
C ALA L 18 -7.91 -27.03 39.66
N ILE L 19 -7.02 -27.54 38.82
CA ILE L 19 -7.09 -28.95 38.49
C ILE L 19 -6.83 -29.77 39.75
N ILE L 20 -6.14 -29.17 40.71
CA ILE L 20 -5.76 -29.92 41.91
C ILE L 20 -6.97 -30.17 42.80
N ASP L 21 -7.99 -29.34 42.66
CA ASP L 21 -9.28 -29.60 43.30
C ASP L 21 -9.79 -31.01 43.03
N ASP L 22 -9.55 -31.49 41.81
CA ASP L 22 -10.27 -32.64 41.30
C ASP L 22 -9.36 -33.84 41.12
N TYR L 23 -8.08 -33.57 40.90
CA TYR L 23 -7.10 -34.61 40.59
C TYR L 23 -5.90 -34.39 41.48
N LYS L 24 -5.15 -35.43 41.77
CA LYS L 24 -3.88 -35.25 42.46
C LYS L 24 -2.78 -34.94 41.47
N VAL L 25 -2.29 -33.70 41.51
CA VAL L 25 -1.20 -33.31 40.62
C VAL L 25 -0.06 -32.69 41.44
N THR L 26 1.09 -33.38 41.45
CA THR L 26 2.28 -32.88 42.12
C THR L 26 2.83 -31.65 41.40
N SER L 27 3.55 -30.81 42.14
CA SER L 27 4.30 -29.71 41.55
C SER L 27 5.40 -30.24 40.64
N GLN L 28 5.71 -31.52 40.75
CA GLN L 28 6.67 -32.14 39.86
C GLN L 28 6.03 -32.53 38.53
N VAL L 29 4.79 -33.01 38.58
CA VAL L 29 4.05 -33.29 37.34
C VAL L 29 3.88 -32.00 36.56
N LEU L 30 3.36 -30.96 37.22
CA LEU L 30 3.24 -29.65 36.61
C LEU L 30 4.58 -29.17 36.03
N GLY L 31 5.67 -29.65 36.60
CA GLY L 31 6.99 -29.23 36.15
C GLY L 31 7.45 -29.95 34.90
N LEU L 32 7.16 -31.23 34.79
CA LEU L 32 7.45 -31.98 33.58
C LEU L 32 6.37 -31.75 32.52
N GLY L 33 5.17 -31.41 32.99
CA GLY L 33 4.09 -31.09 32.08
C GLY L 33 4.52 -30.02 31.11
N ILE L 34 4.95 -28.88 31.66
CA ILE L 34 5.49 -27.78 30.85
C ILE L 34 6.55 -28.32 29.88
N ASN L 35 7.42 -29.18 30.39
CA ASN L 35 8.57 -29.67 29.65
C ASN L 35 8.10 -30.39 28.40
N GLY L 36 6.83 -30.79 28.41
CA GLY L 36 6.26 -31.44 27.25
C GLY L 36 6.00 -32.91 27.46
N LYS L 37 6.02 -33.35 28.73
CA LYS L 37 5.87 -34.76 29.04
C LYS L 37 4.44 -35.09 29.42
N VAL L 38 3.96 -36.25 28.98
CA VAL L 38 2.65 -36.70 29.42
C VAL L 38 2.78 -37.47 30.73
N LEU L 39 1.83 -37.26 31.61
CA LEU L 39 1.97 -37.74 32.98
C LEU L 39 0.72 -38.44 33.47
N GLN L 40 0.90 -39.33 34.45
CA GLN L 40 -0.22 -40.03 35.02
C GLN L 40 -0.69 -39.28 36.27
N ILE L 41 -2.00 -39.19 36.40
CA ILE L 41 -2.58 -38.55 37.56
C ILE L 41 -3.75 -39.39 38.05
N PHE L 42 -4.17 -39.15 39.29
CA PHE L 42 -5.30 -39.88 39.82
C PHE L 42 -6.47 -38.98 40.20
N ASN L 43 -7.62 -39.32 39.64
CA ASN L 43 -8.89 -38.76 40.08
C ASN L 43 -9.02 -38.89 41.61
N LYS L 44 -9.52 -37.84 42.27
CA LYS L 44 -9.57 -37.84 43.73
C LYS L 44 -10.67 -38.69 44.33
N ARG L 45 -11.90 -38.56 43.84
CA ARG L 45 -13.01 -39.31 44.41
C ARG L 45 -12.88 -40.78 44.06
N THR L 46 -12.13 -41.06 43.01
CA THR L 46 -12.20 -42.35 42.35
C THR L 46 -10.86 -43.06 42.31
N GLN L 47 -9.79 -42.30 42.57
CA GLN L 47 -8.46 -42.88 42.60
C GLN L 47 -8.12 -43.62 41.31
N GLU L 48 -8.93 -43.42 40.27
CA GLU L 48 -8.63 -43.99 38.96
C GLU L 48 -7.49 -43.22 38.28
N LYS L 49 -6.75 -43.90 37.42
CA LYS L 49 -5.57 -43.31 36.81
C LYS L 49 -5.89 -42.66 35.46
N PHE L 50 -5.21 -41.54 35.19
CA PHE L 50 -5.43 -40.79 33.96
C PHE L 50 -4.10 -40.23 33.48
N ALA L 51 -4.09 -39.71 32.25
CA ALA L 51 -2.90 -39.08 31.70
C ALA L 51 -3.09 -37.57 31.52
N LEU L 52 -2.04 -36.82 31.86
CA LEU L 52 -2.08 -35.37 31.85
C LEU L 52 -1.13 -34.86 30.79
N LYS L 53 -1.57 -33.87 30.02
CA LYS L 53 -0.66 -33.17 29.13
C LYS L 53 -0.94 -31.68 29.25
N MET L 54 0.14 -30.89 29.29
CA MET L 54 0.02 -29.46 29.53
C MET L 54 0.29 -28.62 28.28
N LEU L 55 -0.55 -27.63 28.05
CA LEU L 55 -0.27 -26.65 27.03
C LEU L 55 -0.24 -25.24 27.62
N GLN L 56 0.63 -24.41 27.09
CA GLN L 56 0.57 -22.98 27.41
C GLN L 56 -0.57 -22.40 26.59
N ASP L 57 -1.55 -21.80 27.26
CA ASP L 57 -2.73 -21.33 26.55
C ASP L 57 -2.34 -20.37 25.46
N CYS L 58 -2.99 -20.49 24.30
CA CYS L 58 -2.65 -19.71 23.13
C CYS L 58 -3.35 -20.33 21.94
N PRO L 59 -3.60 -19.54 20.89
CA PRO L 59 -4.58 -19.96 19.89
C PRO L 59 -4.29 -21.33 19.28
N LYS L 60 -3.02 -21.68 19.13
CA LYS L 60 -2.66 -22.98 18.58
C LYS L 60 -3.10 -24.09 19.52
N ALA L 61 -2.76 -23.94 20.80
CA ALA L 61 -3.18 -24.89 21.81
C ALA L 61 -4.69 -25.06 21.81
N ARG L 62 -5.42 -23.96 21.71
CA ARG L 62 -6.88 -24.02 21.70
C ARG L 62 -7.33 -24.87 20.52
N ARG L 63 -6.65 -24.70 19.40
CA ARG L 63 -6.95 -25.50 18.22
C ARG L 63 -6.91 -26.96 18.59
N GLU L 64 -5.76 -27.41 19.08
CA GLU L 64 -5.60 -28.80 19.47
C GLU L 64 -6.76 -29.29 20.32
N VAL L 65 -7.00 -28.62 21.44
CA VAL L 65 -8.04 -29.03 22.36
C VAL L 65 -9.38 -29.18 21.67
N GLU L 66 -9.66 -28.28 20.73
CA GLU L 66 -10.96 -28.24 20.07
C GLU L 66 -11.15 -29.34 19.03
N LEU L 67 -10.12 -29.60 18.23
CA LEU L 67 -10.19 -30.61 17.17
C LEU L 67 -10.11 -32.00 17.78
N HIS L 68 -9.41 -32.09 18.92
CA HIS L 68 -9.25 -33.36 19.59
C HIS L 68 -10.55 -33.72 20.27
N TRP L 69 -11.18 -32.73 20.91
CA TRP L 69 -12.45 -32.98 21.54
C TRP L 69 -13.42 -33.56 20.50
N ARG L 70 -13.43 -32.99 19.30
CA ARG L 70 -14.30 -33.49 18.25
C ARG L 70 -13.97 -34.93 17.87
N ALA L 71 -12.69 -35.22 17.74
CA ALA L 71 -12.27 -36.56 17.35
C ALA L 71 -12.63 -37.58 18.43
N SER L 72 -12.79 -37.13 19.67
CA SER L 72 -12.93 -38.05 20.79
C SER L 72 -14.13 -38.97 20.69
N GLN L 73 -15.15 -38.58 19.92
CA GLN L 73 -16.30 -39.44 19.75
C GLN L 73 -15.86 -40.79 19.20
N CYS L 74 -14.94 -40.77 18.23
CA CYS L 74 -14.39 -42.01 17.70
C CYS L 74 -13.51 -42.64 18.76
N PRO L 75 -13.90 -43.82 19.25
CA PRO L 75 -13.17 -44.50 20.34
C PRO L 75 -11.79 -45.03 19.95
N HIS L 76 -11.43 -44.95 18.69
CA HIS L 76 -10.07 -45.32 18.30
C HIS L 76 -9.12 -44.17 18.51
N ILE L 77 -9.69 -43.04 18.90
CA ILE L 77 -8.93 -41.86 19.27
C ILE L 77 -8.96 -41.78 20.79
N VAL L 78 -7.82 -41.55 21.42
CA VAL L 78 -7.78 -41.40 22.86
C VAL L 78 -8.82 -40.39 23.36
N ARG L 79 -9.47 -40.71 24.48
CA ARG L 79 -10.53 -39.85 25.00
C ARG L 79 -10.02 -38.70 25.88
N ILE L 80 -10.47 -37.49 25.56
CA ILE L 80 -10.31 -36.37 26.48
C ILE L 80 -11.41 -36.46 27.52
N VAL L 81 -11.02 -36.42 28.79
CA VAL L 81 -11.98 -36.48 29.87
C VAL L 81 -12.32 -35.10 30.39
N ASP L 82 -11.32 -34.27 30.62
CA ASP L 82 -11.62 -32.86 30.70
C ASP L 82 -10.44 -31.96 30.49
N VAL L 83 -10.75 -30.70 30.24
CA VAL L 83 -9.75 -29.67 29.97
C VAL L 83 -9.87 -28.60 31.03
N TYR L 84 -8.75 -28.20 31.63
CA TYR L 84 -8.75 -27.09 32.56
C TYR L 84 -7.96 -25.99 31.93
N GLU L 85 -8.37 -24.76 32.18
CA GLU L 85 -7.54 -23.60 31.93
C GLU L 85 -7.22 -23.05 33.32
N ASN L 86 -5.97 -23.17 33.73
CA ASN L 86 -5.56 -22.67 35.02
C ASN L 86 -4.41 -21.70 34.87
N LEU L 87 -4.10 -21.01 35.96
CA LEU L 87 -2.92 -20.14 36.03
C LEU L 87 -1.72 -20.97 36.50
N TYR L 88 -0.62 -20.90 35.75
CA TYR L 88 0.60 -21.56 36.17
C TYR L 88 1.79 -20.68 35.84
N ALA L 89 2.61 -20.40 36.85
CA ALA L 89 3.63 -19.34 36.74
C ALA L 89 2.90 -18.06 36.41
N GLY L 90 1.78 -17.85 37.09
CA GLY L 90 0.97 -16.66 36.86
C GLY L 90 0.62 -16.46 35.40
N ARG L 91 0.68 -17.52 34.62
CA ARG L 91 0.37 -17.46 33.20
C ARG L 91 -0.62 -18.55 32.77
N LYS L 92 -1.48 -18.23 31.82
CA LYS L 92 -2.55 -19.14 31.41
C LYS L 92 -2.03 -20.38 30.71
N CYS L 93 -2.59 -21.54 31.03
CA CYS L 93 -2.34 -22.72 30.23
C CYS L 93 -3.47 -23.75 30.25
N LEU L 94 -3.47 -24.58 29.22
CA LEU L 94 -4.46 -25.63 29.08
C LEU L 94 -3.94 -26.92 29.67
N LEU L 95 -4.74 -27.50 30.56
CA LEU L 95 -4.46 -28.81 31.11
C LEU L 95 -5.44 -29.84 30.57
N ILE L 96 -4.94 -30.78 29.78
CA ILE L 96 -5.79 -31.75 29.10
C ILE L 96 -5.73 -33.13 29.77
N VAL L 97 -6.75 -33.47 30.53
CA VAL L 97 -6.88 -34.79 31.14
C VAL L 97 -7.47 -35.86 30.18
N MET L 98 -6.68 -36.89 29.86
CA MET L 98 -7.15 -37.98 28.99
C MET L 98 -7.23 -39.33 29.71
N GLU L 99 -7.98 -40.26 29.14
CA GLU L 99 -7.89 -41.64 29.58
C GLU L 99 -6.43 -42.07 29.46
N CYS L 100 -5.94 -42.80 30.46
CA CYS L 100 -4.56 -43.28 30.44
C CYS L 100 -4.43 -44.55 29.59
N LEU L 101 -3.43 -44.56 28.72
CA LEU L 101 -3.17 -45.74 27.90
C LEU L 101 -1.90 -46.44 28.40
N ASP L 102 -2.08 -47.49 29.19
CA ASP L 102 -0.97 -48.19 29.83
C ASP L 102 -0.24 -49.21 28.95
N GLY L 103 -0.90 -49.65 27.88
CA GLY L 103 -0.34 -50.73 27.08
C GLY L 103 0.93 -50.44 26.28
N GLY L 104 1.31 -49.16 26.16
CA GLY L 104 2.52 -48.83 25.41
C GLY L 104 2.27 -48.56 23.94
N GLU L 105 3.35 -48.35 23.20
CA GLU L 105 3.26 -48.04 21.76
C GLU L 105 3.06 -49.27 20.87
N LEU L 106 2.45 -49.05 19.70
CA LEU L 106 2.13 -50.12 18.77
C LEU L 106 3.26 -51.13 18.60
N PHE L 107 4.42 -50.64 18.17
CA PHE L 107 5.53 -51.52 17.82
C PHE L 107 6.22 -52.12 19.03
N SER L 108 6.10 -51.45 20.17
CA SER L 108 6.63 -52.02 21.40
C SER L 108 5.92 -53.33 21.70
N ARG L 109 4.59 -53.32 21.66
CA ARG L 109 3.82 -54.53 21.94
C ARG L 109 4.02 -55.61 20.89
N ILE L 110 4.61 -55.23 19.76
CA ILE L 110 4.90 -56.20 18.71
C ILE L 110 6.30 -56.78 18.87
N GLN L 111 7.26 -55.96 19.28
CA GLN L 111 8.62 -56.43 19.42
C GLN L 111 8.90 -56.92 20.84
N ASP L 112 7.87 -57.47 21.48
CA ASP L 112 8.06 -58.11 22.78
C ASP L 112 7.42 -59.49 22.84
N ARG L 113 6.32 -59.68 22.14
CA ARG L 113 5.58 -60.94 22.20
C ARG L 113 6.51 -62.13 21.95
N GLY L 114 7.44 -61.95 21.02
CA GLY L 114 8.45 -62.97 20.81
C GLY L 114 7.96 -64.20 20.07
N ASP L 115 7.70 -64.04 18.77
CA ASP L 115 7.74 -65.13 17.81
C ASP L 115 7.38 -66.53 18.34
N GLN L 116 6.25 -66.68 19.05
CA GLN L 116 5.07 -65.81 18.97
C GLN L 116 5.05 -64.96 17.70
N ALA L 117 5.05 -65.62 16.56
CA ALA L 117 5.13 -64.94 15.27
C ALA L 117 4.01 -63.92 15.14
N PHE L 118 4.32 -62.83 14.45
CA PHE L 118 3.31 -61.82 14.16
C PHE L 118 2.66 -62.14 12.83
N THR L 119 1.35 -62.24 12.83
CA THR L 119 0.62 -62.63 11.62
C THR L 119 0.62 -61.48 10.61
N GLU L 120 0.25 -61.78 9.38
CA GLU L 120 -0.10 -60.74 8.42
C GLU L 120 -1.59 -60.45 8.55
N ARG L 121 -2.34 -61.49 8.93
CA ARG L 121 -3.75 -61.34 9.27
C ARG L 121 -3.87 -60.41 10.46
N GLU L 122 -2.83 -60.33 11.28
CA GLU L 122 -2.82 -59.42 12.41
C GLU L 122 -2.55 -57.99 11.96
N ALA L 123 -1.49 -57.79 11.18
CA ALA L 123 -1.16 -56.47 10.66
C ALA L 123 -2.37 -55.85 9.97
N SER L 124 -3.23 -56.69 9.40
CA SER L 124 -4.45 -56.21 8.78
C SER L 124 -5.39 -55.69 9.86
N GLU L 125 -5.49 -56.43 10.97
CA GLU L 125 -6.34 -56.02 12.08
C GLU L 125 -6.00 -54.59 12.50
N ILE L 126 -4.72 -54.34 12.73
CA ILE L 126 -4.22 -53.04 13.13
C ILE L 126 -4.47 -51.97 12.07
N MET L 127 -3.92 -52.17 10.88
CA MET L 127 -4.07 -51.23 9.79
C MET L 127 -5.51 -50.84 9.61
N LYS L 128 -6.42 -51.73 9.99
CA LYS L 128 -7.84 -51.44 9.84
C LYS L 128 -8.36 -50.61 11.00
N SER L 129 -7.83 -50.84 12.19
CA SER L 129 -8.26 -50.05 13.33
C SER L 129 -7.59 -48.68 13.33
N ILE L 130 -6.31 -48.62 12.95
CA ILE L 130 -5.69 -47.33 12.71
C ILE L 130 -6.47 -46.63 11.61
N GLY L 131 -6.77 -47.37 10.55
CA GLY L 131 -7.46 -46.80 9.42
C GLY L 131 -8.81 -46.25 9.78
N GLU L 132 -9.40 -46.76 10.86
CA GLU L 132 -10.74 -46.33 11.23
C GLU L 132 -10.72 -44.97 11.93
N ALA L 133 -9.66 -44.69 12.69
CA ALA L 133 -9.49 -43.36 13.27
C ALA L 133 -9.43 -42.34 12.15
N ILE L 134 -8.61 -42.62 11.14
CA ILE L 134 -8.40 -41.66 10.07
C ILE L 134 -9.71 -41.43 9.35
N GLN L 135 -10.49 -42.48 9.18
CA GLN L 135 -11.74 -42.38 8.44
C GLN L 135 -12.65 -41.37 9.15
N TYR L 136 -12.65 -41.40 10.48
CA TYR L 136 -13.53 -40.52 11.23
C TYR L 136 -13.11 -39.06 11.16
N LEU L 137 -11.83 -38.82 11.41
CA LEU L 137 -11.27 -37.48 11.29
C LEU L 137 -11.64 -36.89 9.93
N HIS L 138 -11.38 -37.66 8.87
CA HIS L 138 -11.58 -37.17 7.52
C HIS L 138 -13.05 -37.00 7.16
N SER L 139 -13.92 -37.77 7.79
CA SER L 139 -15.35 -37.54 7.57
C SER L 139 -15.79 -36.26 8.26
N ILE L 140 -15.16 -35.90 9.37
CA ILE L 140 -15.44 -34.61 10.01
C ILE L 140 -14.40 -33.57 9.66
N ASN L 141 -13.80 -33.73 8.48
CA ASN L 141 -12.91 -32.73 7.89
C ASN L 141 -11.74 -32.35 8.77
N ILE L 142 -11.17 -33.31 9.48
CA ILE L 142 -9.97 -33.05 10.25
C ILE L 142 -8.83 -33.92 9.74
N ALA L 143 -7.65 -33.33 9.65
CA ALA L 143 -6.45 -34.07 9.25
C ALA L 143 -5.51 -34.13 10.44
N HIS L 144 -5.09 -35.33 10.81
CA HIS L 144 -4.28 -35.45 12.01
C HIS L 144 -2.85 -34.99 11.77
N ARG L 145 -2.25 -35.45 10.67
CA ARG L 145 -1.01 -34.88 10.16
C ARG L 145 0.24 -35.26 10.94
N ASP L 146 0.06 -35.89 12.09
CA ASP L 146 1.20 -36.41 12.83
C ASP L 146 1.00 -37.89 13.12
N VAL L 147 0.52 -38.63 12.12
CA VAL L 147 0.15 -40.03 12.30
C VAL L 147 1.37 -40.93 12.23
N LYS L 148 2.13 -40.97 13.32
CA LYS L 148 3.35 -41.76 13.38
C LYS L 148 3.23 -42.82 14.46
N PRO L 149 4.22 -43.72 14.56
CA PRO L 149 4.09 -44.82 15.51
C PRO L 149 4.00 -44.45 16.99
N GLU L 150 4.77 -43.47 17.44
CA GLU L 150 4.74 -43.12 18.84
C GLU L 150 3.49 -42.32 19.21
N ASN L 151 2.57 -42.19 18.25
CA ASN L 151 1.25 -41.64 18.50
C ASN L 151 0.17 -42.72 18.42
N LEU L 152 0.59 -43.98 18.39
CA LEU L 152 -0.34 -45.11 18.48
C LEU L 152 -0.06 -45.92 19.76
N LEU L 153 -0.91 -45.78 20.78
CA LEU L 153 -0.74 -46.47 22.05
C LEU L 153 -1.86 -47.44 22.35
N TYR L 154 -1.56 -48.44 23.16
CA TYR L 154 -2.57 -49.39 23.64
C TYR L 154 -3.14 -48.96 24.98
N THR L 155 -4.45 -49.13 25.13
CA THR L 155 -5.11 -48.87 26.38
C THR L 155 -4.39 -49.64 27.48
N SER L 156 -4.56 -50.95 27.52
CA SER L 156 -3.96 -51.75 28.58
C SER L 156 -2.88 -52.68 28.08
N LYS L 157 -2.07 -53.18 29.00
CA LYS L 157 -1.02 -54.16 28.67
C LYS L 157 -1.62 -55.52 28.37
N ARG L 158 -2.94 -55.56 28.22
CA ARG L 158 -3.65 -56.82 28.10
C ARG L 158 -3.90 -57.19 26.65
N PRO L 159 -4.16 -58.49 26.39
CA PRO L 159 -4.24 -59.03 25.03
C PRO L 159 -5.29 -58.33 24.17
N ASN L 160 -6.45 -58.08 24.78
CA ASN L 160 -7.59 -57.55 24.05
C ASN L 160 -7.57 -56.02 23.95
N ALA L 161 -6.51 -55.41 24.48
CA ALA L 161 -6.39 -53.96 24.52
C ALA L 161 -6.72 -53.36 23.17
N ILE L 162 -7.28 -52.15 23.15
CA ILE L 162 -7.48 -51.45 21.89
C ILE L 162 -6.42 -50.38 21.64
N LEU L 163 -6.21 -50.07 20.37
CA LEU L 163 -5.15 -49.18 19.93
C LEU L 163 -5.75 -47.83 19.55
N LYS L 164 -5.14 -46.75 20.03
CA LYS L 164 -5.71 -45.43 19.82
C LYS L 164 -4.73 -44.42 19.25
N LEU L 165 -5.25 -43.49 18.46
CA LEU L 165 -4.45 -42.41 17.89
C LEU L 165 -4.31 -41.29 18.93
N THR L 166 -3.18 -40.60 18.93
CA THR L 166 -2.94 -39.56 19.92
C THR L 166 -2.24 -38.31 19.34
N ASP L 167 -2.16 -37.27 20.17
CA ASP L 167 -1.37 -36.08 19.88
C ASP L 167 -1.91 -35.33 18.68
N PHE L 168 -2.85 -34.42 18.94
CA PHE L 168 -3.52 -33.69 17.88
C PHE L 168 -2.93 -32.28 17.64
N GLY L 169 -1.72 -32.08 18.15
CA GLY L 169 -1.06 -30.80 18.02
C GLY L 169 -0.60 -30.44 16.62
N PHE L 170 -0.95 -31.23 15.64
CA PHE L 170 -0.73 -30.83 14.25
C PHE L 170 -2.00 -31.08 13.45
N ALA L 171 -3.04 -31.52 14.16
CA ALA L 171 -4.34 -31.69 13.55
C ALA L 171 -4.74 -30.33 13.03
N LYS L 172 -5.63 -30.32 12.04
CA LYS L 172 -5.92 -29.14 11.26
C LYS L 172 -7.21 -29.37 10.50
N GLU L 173 -8.17 -28.46 10.63
CA GLU L 173 -9.39 -28.52 9.83
C GLU L 173 -9.02 -28.42 8.37
N THR L 174 -9.56 -29.34 7.56
CA THR L 174 -9.18 -29.41 6.16
C THR L 174 -10.05 -28.49 5.31
N THR L 175 -11.11 -27.97 5.91
CA THR L 175 -11.96 -27.01 5.22
C THR L 175 -11.71 -25.58 5.72
N SER L 176 -12.80 -24.81 5.86
CA SER L 176 -12.69 -23.39 6.19
C SER L 176 -12.32 -23.18 7.66
N TYR L 189 -25.60 -33.65 -5.09
CA TYR L 189 -25.59 -33.86 -6.54
C TYR L 189 -24.55 -32.96 -7.20
N VAL L 190 -23.69 -32.37 -6.39
CA VAL L 190 -22.62 -31.49 -6.87
C VAL L 190 -21.28 -32.19 -6.84
N ALA L 191 -20.22 -31.44 -7.15
CA ALA L 191 -18.86 -31.99 -7.16
C ALA L 191 -18.15 -31.73 -5.83
N PRO L 192 -17.28 -32.66 -5.42
CA PRO L 192 -16.56 -32.60 -4.14
C PRO L 192 -15.61 -31.41 -4.01
N GLU L 193 -14.97 -31.03 -5.11
CA GLU L 193 -13.95 -29.98 -5.08
C GLU L 193 -14.49 -28.71 -4.43
N VAL L 194 -15.40 -28.04 -5.14
CA VAL L 194 -16.07 -26.87 -4.60
C VAL L 194 -17.57 -27.12 -4.51
N LEU L 195 -18.09 -27.02 -3.29
CA LEU L 195 -19.48 -27.39 -3.02
C LEU L 195 -20.34 -26.16 -2.73
N TYR L 200 -1.44 -32.34 0.22
CA TYR L 200 -2.66 -31.92 0.89
C TYR L 200 -2.82 -32.73 2.18
N ASP L 201 -3.35 -32.08 3.21
CA ASP L 201 -3.32 -32.63 4.56
C ASP L 201 -3.77 -34.09 4.70
N LYS L 202 -5.02 -34.38 4.39
CA LYS L 202 -5.50 -35.76 4.45
C LYS L 202 -4.52 -36.73 3.81
N SER L 203 -4.10 -36.41 2.59
CA SER L 203 -3.26 -37.31 1.82
C SER L 203 -1.91 -37.50 2.52
N CYS L 204 -1.65 -36.67 3.51
CA CYS L 204 -0.46 -36.84 4.34
C CYS L 204 -0.69 -37.98 5.32
N ASP L 205 -1.90 -38.05 5.87
CA ASP L 205 -2.32 -39.16 6.72
C ASP L 205 -2.21 -40.47 5.96
N MET L 206 -2.69 -40.47 4.71
CA MET L 206 -2.71 -41.69 3.92
C MET L 206 -1.31 -42.17 3.54
N TRP L 207 -0.41 -41.23 3.30
CA TRP L 207 1.00 -41.59 3.15
C TRP L 207 1.48 -42.26 4.42
N SER L 208 0.98 -41.78 5.55
CA SER L 208 1.48 -42.24 6.84
C SER L 208 1.03 -43.66 7.06
N LEU L 209 -0.20 -43.96 6.66
CA LEU L 209 -0.67 -45.31 6.80
C LEU L 209 0.28 -46.25 6.08
N GLY L 210 0.63 -45.92 4.84
CA GLY L 210 1.52 -46.74 4.07
C GLY L 210 2.83 -47.02 4.80
N VAL L 211 3.34 -46.03 5.50
CA VAL L 211 4.61 -46.20 6.19
C VAL L 211 4.48 -47.18 7.34
N ILE L 212 3.38 -47.07 8.08
CA ILE L 212 3.11 -48.00 9.15
C ILE L 212 2.86 -49.38 8.56
N MET L 213 2.02 -49.46 7.54
CA MET L 213 1.74 -50.75 6.92
C MET L 213 3.03 -51.46 6.53
N TYR L 214 3.95 -50.73 5.90
CA TYR L 214 5.25 -51.27 5.54
C TYR L 214 5.96 -51.82 6.79
N ILE L 215 6.14 -50.97 7.80
CA ILE L 215 6.86 -51.39 8.98
C ILE L 215 6.19 -52.58 9.64
N LEU L 216 4.87 -52.52 9.81
CA LEU L 216 4.14 -53.64 10.40
C LEU L 216 4.52 -54.97 9.77
N LEU L 217 4.61 -54.98 8.43
CA LEU L 217 4.85 -56.20 7.66
C LEU L 217 6.31 -56.64 7.58
N CYS L 218 7.25 -55.78 7.95
CA CYS L 218 8.65 -56.10 7.70
C CYS L 218 9.60 -55.73 8.84
N GLY L 219 9.20 -54.76 9.65
CA GLY L 219 10.02 -54.41 10.80
C GLY L 219 10.89 -53.19 10.61
N TYR L 220 11.07 -52.74 9.37
CA TYR L 220 11.88 -51.56 9.10
C TYR L 220 11.17 -50.59 8.16
N PRO L 221 11.55 -49.31 8.21
CA PRO L 221 11.00 -48.21 7.40
C PRO L 221 11.28 -48.38 5.90
N PRO L 222 10.31 -48.02 5.05
CA PRO L 222 10.53 -48.04 3.60
C PRO L 222 11.60 -47.04 3.18
N PHE L 223 11.90 -46.09 4.05
CA PHE L 223 13.02 -45.18 3.84
C PHE L 223 13.84 -45.16 5.12
N TYR L 224 15.16 -45.15 4.98
CA TYR L 224 16.03 -45.21 6.14
C TYR L 224 17.38 -44.55 5.92
N SER L 225 18.03 -44.15 7.02
CA SER L 225 19.06 -43.11 6.97
C SER L 225 20.36 -43.51 6.30
N ASN L 226 20.90 -42.57 5.52
CA ASN L 226 22.14 -42.78 4.78
C ASN L 226 22.64 -41.47 4.19
N SER L 232 19.85 -36.22 7.45
CA SER L 232 20.40 -37.30 6.65
C SER L 232 19.92 -37.17 5.21
N PRO L 233 20.77 -36.61 4.33
CA PRO L 233 20.42 -36.10 3.01
C PRO L 233 19.96 -37.16 1.99
N GLY L 234 20.73 -38.24 1.88
CA GLY L 234 20.38 -39.27 0.93
C GLY L 234 19.07 -39.96 1.22
N MET L 235 18.51 -39.71 2.39
CA MET L 235 17.23 -40.30 2.75
C MET L 235 16.12 -39.42 2.18
N LYS L 236 16.34 -38.11 2.20
CA LYS L 236 15.39 -37.16 1.65
C LYS L 236 15.30 -37.36 0.15
N THR L 237 16.41 -37.76 -0.45
CA THR L 237 16.46 -38.05 -1.87
C THR L 237 15.52 -39.21 -2.22
N ARG L 238 15.62 -40.29 -1.45
CA ARG L 238 14.83 -41.47 -1.76
C ARG L 238 13.36 -41.27 -1.48
N ILE L 239 13.03 -40.45 -0.48
CA ILE L 239 11.64 -40.14 -0.20
C ILE L 239 11.05 -39.32 -1.35
N ARG L 240 11.75 -38.27 -1.74
CA ARG L 240 11.33 -37.46 -2.88
C ARG L 240 11.25 -38.30 -4.14
N MET L 241 12.34 -39.00 -4.45
CA MET L 241 12.40 -39.84 -5.63
C MET L 241 11.41 -40.98 -5.51
N GLY L 242 11.00 -41.28 -4.28
CA GLY L 242 10.07 -42.37 -4.08
C GLY L 242 10.73 -43.69 -4.39
N GLN L 243 11.99 -43.83 -3.98
CA GLN L 243 12.71 -45.08 -4.22
C GLN L 243 12.91 -45.94 -2.98
N TYR L 244 12.40 -47.16 -3.06
CA TYR L 244 12.38 -48.12 -1.96
C TYR L 244 12.01 -49.49 -2.52
N GLU L 245 12.18 -50.54 -1.71
CA GLU L 245 12.00 -51.90 -2.19
C GLU L 245 11.19 -52.76 -1.23
N PHE L 246 10.71 -53.90 -1.72
CA PHE L 246 10.12 -54.93 -0.88
C PHE L 246 11.05 -56.14 -0.78
N PRO L 247 12.21 -55.99 -0.11
CA PRO L 247 13.29 -56.98 -0.08
C PRO L 247 12.93 -58.33 0.56
N ASN L 248 13.62 -59.38 0.12
CA ASN L 248 13.59 -60.67 0.81
C ASN L 248 14.69 -60.63 1.88
N PRO L 249 14.66 -61.55 2.85
CA PRO L 249 13.72 -62.63 3.09
C PRO L 249 12.41 -62.14 3.72
N GLU L 250 12.36 -60.83 3.97
CA GLU L 250 11.24 -60.22 4.69
C GLU L 250 9.94 -60.34 3.92
N TRP L 251 9.96 -59.90 2.66
CA TRP L 251 8.74 -59.64 1.90
C TRP L 251 8.30 -60.81 1.04
N SER L 252 9.05 -61.91 1.11
CA SER L 252 8.82 -63.05 0.24
C SER L 252 7.39 -63.57 0.34
N GLU L 253 6.89 -63.65 1.57
CA GLU L 253 5.60 -64.28 1.83
C GLU L 253 4.45 -63.29 1.84
N VAL L 254 4.75 -62.00 1.74
CA VAL L 254 3.71 -60.98 1.74
C VAL L 254 3.13 -60.79 0.34
N SER L 255 1.80 -60.91 0.25
CA SER L 255 1.13 -60.94 -1.04
C SER L 255 1.40 -59.68 -1.86
N GLU L 256 1.51 -59.86 -3.17
CA GLU L 256 1.60 -58.74 -4.09
C GLU L 256 0.46 -57.76 -3.79
N GLU L 257 -0.68 -58.31 -3.39
CA GLU L 257 -1.86 -57.50 -3.09
C GLU L 257 -1.53 -56.41 -2.07
N VAL L 258 -0.70 -56.75 -1.09
CA VAL L 258 -0.31 -55.79 -0.08
C VAL L 258 0.75 -54.85 -0.64
N LYS L 259 1.87 -55.43 -1.08
CA LYS L 259 2.92 -54.64 -1.70
C LYS L 259 2.33 -53.66 -2.69
N MET L 260 1.19 -54.05 -3.28
CA MET L 260 0.54 -53.20 -4.25
C MET L 260 -0.18 -52.04 -3.57
N LEU L 261 -0.92 -52.35 -2.51
CA LEU L 261 -1.60 -51.33 -1.73
C LEU L 261 -0.59 -50.31 -1.25
N ILE L 262 0.48 -50.79 -0.62
CA ILE L 262 1.52 -49.94 -0.10
C ILE L 262 2.02 -49.03 -1.22
N ARG L 263 2.34 -49.63 -2.36
CA ARG L 263 2.86 -48.86 -3.49
C ARG L 263 1.92 -47.69 -3.82
N ASN L 264 0.64 -47.86 -3.56
CA ASN L 264 -0.29 -46.77 -3.79
C ASN L 264 -0.11 -45.71 -2.72
N LEU L 265 -0.06 -46.13 -1.46
CA LEU L 265 -0.01 -45.17 -0.37
C LEU L 265 1.28 -44.37 -0.41
N LEU L 266 2.38 -45.03 -0.78
CA LEU L 266 3.69 -44.38 -0.76
C LEU L 266 3.95 -43.50 -1.97
N LYS L 267 2.97 -43.36 -2.85
CA LYS L 267 3.17 -42.58 -4.06
C LYS L 267 3.52 -41.12 -3.79
N THR L 268 4.52 -40.63 -4.51
CA THR L 268 5.10 -39.31 -4.28
C THR L 268 4.16 -38.17 -4.64
N GLU L 269 3.28 -38.39 -5.60
CA GLU L 269 2.36 -37.35 -6.02
C GLU L 269 1.08 -37.45 -5.21
N PRO L 270 0.87 -36.52 -4.26
CA PRO L 270 -0.16 -36.63 -3.23
C PRO L 270 -1.56 -36.94 -3.78
N THR L 271 -1.87 -36.34 -4.93
CA THR L 271 -3.17 -36.49 -5.55
C THR L 271 -3.36 -37.85 -6.19
N GLN L 272 -2.31 -38.66 -6.17
CA GLN L 272 -2.38 -39.99 -6.77
C GLN L 272 -2.66 -41.06 -5.73
N ARG L 273 -2.41 -40.75 -4.47
CA ARG L 273 -2.67 -41.71 -3.40
C ARG L 273 -4.16 -41.92 -3.31
N MET L 274 -4.56 -43.02 -2.68
CA MET L 274 -5.98 -43.35 -2.58
C MET L 274 -6.57 -42.73 -1.33
N THR L 275 -7.87 -42.46 -1.37
CA THR L 275 -8.59 -41.84 -0.26
C THR L 275 -8.85 -42.85 0.85
N ILE L 276 -8.98 -42.36 2.08
CA ILE L 276 -9.18 -43.26 3.22
C ILE L 276 -10.41 -44.12 3.02
N THR L 277 -11.38 -43.61 2.27
CA THR L 277 -12.59 -44.37 2.03
C THR L 277 -12.27 -45.56 1.14
N GLU L 278 -11.20 -45.45 0.37
CA GLU L 278 -10.81 -46.53 -0.53
C GLU L 278 -9.92 -47.52 0.19
N PHE L 279 -9.04 -47.01 1.04
CA PHE L 279 -8.28 -47.84 1.95
C PHE L 279 -9.26 -48.75 2.68
N MET L 280 -10.38 -48.19 3.09
CA MET L 280 -11.33 -48.89 3.94
C MET L 280 -12.04 -50.01 3.19
N ASN L 281 -12.10 -49.88 1.87
CA ASN L 281 -12.80 -50.87 1.05
C ASN L 281 -11.87 -51.70 0.22
N HIS L 282 -10.57 -51.56 0.46
CA HIS L 282 -9.63 -52.52 -0.08
C HIS L 282 -9.85 -53.86 0.63
N PRO L 283 -9.87 -54.94 -0.13
CA PRO L 283 -10.02 -56.31 0.38
C PRO L 283 -9.08 -56.65 1.53
N TRP L 284 -7.83 -56.18 1.46
CA TRP L 284 -6.85 -56.54 2.46
C TRP L 284 -7.16 -55.87 3.80
N ILE L 285 -7.93 -54.80 3.76
CA ILE L 285 -8.38 -54.13 4.98
C ILE L 285 -9.82 -54.53 5.29
N MET L 286 -10.70 -54.40 4.29
CA MET L 286 -12.12 -54.60 4.51
C MET L 286 -12.39 -55.98 5.08
N GLN L 287 -12.06 -57.02 4.31
CA GLN L 287 -12.30 -58.39 4.74
C GLN L 287 -11.09 -58.95 5.49
N SER L 288 -10.91 -58.49 6.73
CA SER L 288 -9.71 -58.79 7.50
C SER L 288 -9.68 -60.22 8.00
N THR L 289 -10.72 -60.98 7.71
CA THR L 289 -10.74 -62.41 8.00
C THR L 289 -10.07 -63.19 6.87
N LYS L 290 -10.63 -63.05 5.68
CA LYS L 290 -10.21 -63.84 4.54
C LYS L 290 -8.73 -63.65 4.22
N VAL L 291 -8.07 -62.76 4.97
CA VAL L 291 -6.64 -62.52 4.74
C VAL L 291 -5.80 -63.58 5.43
N PRO L 292 -4.81 -64.14 4.71
CA PRO L 292 -3.92 -65.22 5.17
C PRO L 292 -3.07 -64.89 6.37
N GLN L 293 -2.54 -65.92 7.03
CA GLN L 293 -1.89 -65.77 8.32
C GLN L 293 -0.39 -66.02 8.27
N THR L 294 0.23 -65.76 7.12
CA THR L 294 1.67 -65.95 6.97
C THR L 294 2.51 -65.09 7.91
N PRO L 295 3.53 -65.68 8.52
CA PRO L 295 4.42 -65.00 9.47
C PRO L 295 5.24 -63.90 8.82
N LEU L 296 5.46 -62.82 9.55
CA LEU L 296 6.36 -61.76 9.12
C LEU L 296 7.60 -61.79 9.99
N HIS L 297 8.73 -61.36 9.44
CA HIS L 297 9.97 -61.27 10.21
C HIS L 297 9.89 -60.09 11.18
N THR L 298 8.71 -59.47 11.23
CA THR L 298 8.53 -58.19 11.90
C THR L 298 9.19 -58.13 13.28
N SER L 299 8.78 -59.03 14.17
CA SER L 299 9.17 -58.96 15.58
C SER L 299 10.65 -59.17 15.79
N ARG L 300 11.25 -60.08 15.03
CA ARG L 300 12.69 -60.29 15.09
C ARG L 300 13.39 -59.05 14.54
N VAL L 301 12.90 -58.57 13.40
CA VAL L 301 13.46 -57.41 12.72
C VAL L 301 13.76 -56.25 13.67
N LEU L 302 12.84 -56.00 14.58
CA LEU L 302 13.00 -54.92 15.56
C LEU L 302 14.12 -55.25 16.56
N LYS L 303 15.25 -55.70 16.02
CA LYS L 303 16.40 -56.12 16.81
C LYS L 303 17.42 -54.99 16.88
N GLU L 304 17.02 -53.86 17.47
CA GLU L 304 17.92 -52.72 17.62
C GLU L 304 17.65 -51.96 18.92
#